data_1WJ1
#
_entry.id   1WJ1
#
_entity_poly.entity_id   1
_entity_poly.type   'polypeptide(L)'
_entity_poly.pdbx_seq_one_letter_code
;GSSGSSGASRPHQWQTDEEGVRTGKCSFPVKYLGHVEVDESRGMHICEDAVKRLKATGKKAVKAVLWVSADGLRVVDEKT
KDLIVDQTIEKVSFCAPDRNFDRAFSYICRDGTTRRWICHCFMAVKDTGERLSHAVGCAFAACLERKQKRSGPSSG
;
_entity_poly.pdbx_strand_id   A
#
# COMPACT_ATOMS: atom_id res chain seq x y z
N GLY A 1 -8.13 13.93 -22.17
CA GLY A 1 -8.31 14.12 -20.74
C GLY A 1 -8.76 12.81 -20.08
N SER A 2 -7.80 12.14 -19.47
CA SER A 2 -8.08 10.88 -18.79
C SER A 2 -7.45 10.89 -17.39
N SER A 3 -6.13 11.10 -17.37
CA SER A 3 -5.41 11.14 -16.12
C SER A 3 -3.93 11.45 -16.37
N GLY A 4 -3.34 10.68 -17.27
CA GLY A 4 -1.94 10.86 -17.62
C GLY A 4 -1.04 10.66 -16.39
N SER A 5 0.26 10.58 -16.65
CA SER A 5 1.22 10.40 -15.59
C SER A 5 2.48 11.24 -15.88
N SER A 6 3.31 11.33 -14.86
CA SER A 6 4.54 12.10 -14.99
C SER A 6 5.28 12.13 -13.64
N GLY A 7 6.36 11.35 -13.58
CA GLY A 7 7.15 11.28 -12.36
C GLY A 7 8.25 12.34 -12.36
N ALA A 8 8.62 12.78 -11.16
CA ALA A 8 9.65 13.79 -11.01
C ALA A 8 9.96 13.98 -9.53
N SER A 9 11.11 14.58 -9.27
CA SER A 9 11.53 14.84 -7.90
C SER A 9 10.48 15.67 -7.17
N ARG A 10 10.55 15.63 -5.84
CA ARG A 10 9.62 16.37 -5.02
C ARG A 10 10.27 16.78 -3.70
N PRO A 11 9.71 17.86 -3.09
CA PRO A 11 10.24 18.35 -1.82
C PRO A 11 9.84 17.43 -0.66
N HIS A 12 8.53 17.26 -0.51
CA HIS A 12 8.00 16.42 0.55
C HIS A 12 8.44 14.96 0.32
N GLN A 13 8.15 14.13 1.30
CA GLN A 13 8.51 12.73 1.22
C GLN A 13 7.28 11.85 1.43
N TRP A 14 6.46 12.25 2.40
CA TRP A 14 5.25 11.51 2.72
C TRP A 14 4.07 12.28 2.16
N GLN A 15 3.99 13.55 2.55
CA GLN A 15 2.91 14.41 2.09
C GLN A 15 2.74 14.28 0.58
N THR A 16 3.86 14.20 -0.12
CA THR A 16 3.84 14.08 -1.57
C THR A 16 2.98 12.89 -1.98
N ASP A 17 2.97 11.88 -1.12
CA ASP A 17 2.19 10.68 -1.40
C ASP A 17 0.73 10.93 -1.03
N GLU A 18 0.52 11.95 -0.22
CA GLU A 18 -0.82 12.30 0.22
C GLU A 18 -1.55 13.06 -0.90
N GLU A 19 -0.76 13.57 -1.84
CA GLU A 19 -1.32 14.31 -2.95
C GLU A 19 -1.51 13.39 -4.17
N GLY A 20 -0.44 12.69 -4.50
CA GLY A 20 -0.47 11.78 -5.63
C GLY A 20 -1.62 10.76 -5.49
N VAL A 21 -2.13 10.68 -4.27
CA VAL A 21 -3.22 9.76 -3.99
C VAL A 21 -4.55 10.44 -4.33
N ARG A 22 -4.53 11.76 -4.26
CA ARG A 22 -5.72 12.54 -4.55
C ARG A 22 -5.62 13.15 -5.95
N THR A 23 -4.43 13.62 -6.28
CA THR A 23 -4.18 14.23 -7.56
C THR A 23 -4.00 13.16 -8.64
N GLY A 24 -3.18 12.18 -8.32
CA GLY A 24 -2.91 11.09 -9.24
C GLY A 24 -1.44 11.05 -9.64
N LYS A 25 -0.60 10.79 -8.64
CA LYS A 25 0.84 10.72 -8.87
C LYS A 25 1.53 10.28 -7.58
N CYS A 26 0.96 9.26 -6.95
CA CYS A 26 1.51 8.74 -5.71
C CYS A 26 2.05 7.34 -5.99
N SER A 27 3.13 7.29 -6.76
CA SER A 27 3.75 6.03 -7.10
C SER A 27 5.25 6.09 -6.81
N PHE A 28 5.77 4.97 -6.33
CA PHE A 28 7.18 4.88 -6.01
C PHE A 28 7.76 3.55 -6.45
N PRO A 29 9.13 3.48 -6.48
CA PRO A 29 9.82 2.27 -6.88
C PRO A 29 9.76 1.22 -5.77
N VAL A 30 9.12 0.10 -6.09
CA VAL A 30 9.00 -0.98 -5.13
C VAL A 30 9.06 -2.32 -5.86
N LYS A 31 9.02 -3.39 -5.09
CA LYS A 31 9.07 -4.73 -5.65
C LYS A 31 7.81 -5.50 -5.26
N TYR A 32 7.34 -6.32 -6.18
CA TYR A 32 6.15 -7.12 -5.93
C TYR A 32 6.51 -8.53 -5.46
N LEU A 33 6.31 -8.76 -4.17
CA LEU A 33 6.62 -10.05 -3.59
C LEU A 33 5.56 -11.06 -4.02
N GLY A 34 4.30 -10.67 -3.83
CA GLY A 34 3.19 -11.52 -4.20
C GLY A 34 2.06 -11.41 -3.17
N HIS A 35 1.12 -12.34 -3.27
CA HIS A 35 -0.02 -12.35 -2.36
C HIS A 35 -0.04 -13.68 -1.59
N VAL A 36 -0.27 -13.55 -0.29
CA VAL A 36 -0.31 -14.73 0.56
C VAL A 36 -1.67 -14.79 1.26
N GLU A 37 -1.98 -15.97 1.79
CA GLU A 37 -3.24 -16.17 2.49
C GLU A 37 -3.08 -15.84 3.97
N VAL A 38 -4.20 -15.49 4.59
CA VAL A 38 -4.21 -15.15 6.00
C VAL A 38 -5.27 -15.99 6.72
N ASP A 39 -5.49 -15.65 7.98
CA ASP A 39 -6.46 -16.36 8.79
C ASP A 39 -7.30 -15.34 9.57
N GLU A 40 -6.60 -14.41 10.20
CA GLU A 40 -7.27 -13.38 10.99
C GLU A 40 -7.81 -12.28 10.08
N SER A 41 -6.96 -11.87 9.14
CA SER A 41 -7.34 -10.82 8.20
C SER A 41 -7.09 -9.44 8.82
N ARG A 42 -6.54 -9.46 10.03
CA ARG A 42 -6.23 -8.24 10.74
C ARG A 42 -5.21 -8.49 11.84
N GLY A 43 -4.07 -7.81 11.72
CA GLY A 43 -3.01 -7.96 12.69
C GLY A 43 -1.69 -7.39 12.15
N MET A 44 -1.19 -6.38 12.84
CA MET A 44 0.05 -5.74 12.44
C MET A 44 1.19 -6.77 12.34
N HIS A 45 1.01 -7.87 13.07
CA HIS A 45 2.00 -8.93 13.07
C HIS A 45 1.73 -9.88 11.91
N ILE A 46 0.53 -9.79 11.38
CA ILE A 46 0.13 -10.64 10.27
C ILE A 46 0.92 -10.24 9.02
N CYS A 47 0.76 -8.97 8.65
CA CYS A 47 1.45 -8.46 7.47
C CYS A 47 2.88 -9.02 7.46
N GLU A 48 3.56 -8.85 8.58
CA GLU A 48 4.92 -9.33 8.71
C GLU A 48 4.99 -10.83 8.42
N ASP A 49 4.07 -11.56 9.05
CA ASP A 49 4.01 -13.00 8.87
C ASP A 49 3.88 -13.31 7.37
N ALA A 50 3.32 -12.36 6.64
CA ALA A 50 3.13 -12.52 5.21
C ALA A 50 4.50 -12.57 4.52
N VAL A 51 5.22 -11.46 4.64
CA VAL A 51 6.53 -11.35 4.04
C VAL A 51 7.32 -12.64 4.31
N LYS A 52 7.50 -12.93 5.59
CA LYS A 52 8.23 -14.13 5.99
C LYS A 52 7.76 -15.31 5.14
N ARG A 53 6.44 -15.43 5.03
CA ARG A 53 5.85 -16.51 4.25
C ARG A 53 6.49 -16.57 2.86
N LEU A 54 6.44 -15.44 2.17
CA LEU A 54 7.01 -15.34 0.84
C LEU A 54 8.53 -15.52 0.91
N LYS A 55 9.06 -15.21 2.08
CA LYS A 55 10.50 -15.32 2.31
C LYS A 55 10.87 -16.80 2.47
N ALA A 56 9.85 -17.59 2.76
CA ALA A 56 10.06 -19.02 2.94
C ALA A 56 9.55 -19.77 1.71
N THR A 57 8.76 -19.06 0.91
CA THR A 57 8.21 -19.64 -0.30
C THR A 57 9.31 -19.83 -1.35
N GLY A 58 10.42 -19.14 -1.13
CA GLY A 58 11.54 -19.23 -2.05
C GLY A 58 11.15 -18.76 -3.46
N LYS A 59 10.89 -17.45 -3.56
CA LYS A 59 10.49 -16.88 -4.83
C LYS A 59 11.37 -15.66 -5.11
N LYS A 60 10.78 -14.70 -5.83
CA LYS A 60 11.50 -13.48 -6.18
C LYS A 60 10.50 -12.34 -6.31
N ALA A 61 11.04 -11.13 -6.37
CA ALA A 61 10.21 -9.94 -6.50
C ALA A 61 10.30 -9.41 -7.94
N VAL A 62 9.38 -8.53 -8.26
CA VAL A 62 9.35 -7.93 -9.59
C VAL A 62 9.60 -6.43 -9.49
N LYS A 63 10.40 -5.93 -10.43
CA LYS A 63 10.73 -4.52 -10.45
C LYS A 63 9.60 -3.74 -11.13
N ALA A 64 8.77 -3.13 -10.30
CA ALA A 64 7.65 -2.35 -10.81
C ALA A 64 7.40 -1.16 -9.89
N VAL A 65 6.58 -0.23 -10.37
CA VAL A 65 6.26 0.95 -9.60
C VAL A 65 4.90 0.76 -8.92
N LEU A 66 4.89 0.97 -7.62
CA LEU A 66 3.68 0.83 -6.84
C LEU A 66 2.93 2.16 -6.82
N TRP A 67 1.76 2.16 -7.46
CA TRP A 67 0.95 3.35 -7.52
C TRP A 67 -0.07 3.29 -6.37
N VAL A 68 -0.34 4.45 -5.79
CA VAL A 68 -1.28 4.53 -4.70
C VAL A 68 -2.34 5.60 -5.02
N SER A 69 -3.60 5.19 -4.94
CA SER A 69 -4.69 6.09 -5.22
C SER A 69 -5.88 5.77 -4.30
N ALA A 70 -6.74 6.77 -4.16
CA ALA A 70 -7.92 6.61 -3.31
C ALA A 70 -8.70 5.37 -3.75
N ASP A 71 -8.64 5.10 -5.05
CA ASP A 71 -9.33 3.96 -5.60
C ASP A 71 -8.65 2.68 -5.12
N GLY A 72 -7.43 2.83 -4.62
CA GLY A 72 -6.67 1.71 -4.13
C GLY A 72 -5.20 1.83 -4.53
N LEU A 73 -4.72 0.78 -5.19
CA LEU A 73 -3.33 0.76 -5.64
C LEU A 73 -3.28 0.26 -7.09
N ARG A 74 -2.08 0.28 -7.64
CA ARG A 74 -1.87 -0.17 -9.01
C ARG A 74 -0.41 -0.55 -9.23
N VAL A 75 -0.19 -1.84 -9.40
CA VAL A 75 1.15 -2.35 -9.62
C VAL A 75 1.49 -2.28 -11.10
N VAL A 76 2.13 -1.19 -11.49
CA VAL A 76 2.51 -0.98 -12.87
C VAL A 76 3.82 -1.72 -13.15
N ASP A 77 4.00 -2.09 -14.41
CA ASP A 77 5.21 -2.79 -14.83
C ASP A 77 6.17 -1.79 -15.48
N GLU A 78 7.19 -1.43 -14.71
CA GLU A 78 8.18 -0.49 -15.21
C GLU A 78 8.53 -0.79 -16.66
N LYS A 79 8.38 -2.06 -17.02
CA LYS A 79 8.66 -2.49 -18.38
C LYS A 79 8.08 -1.48 -19.36
N THR A 80 6.76 -1.50 -19.45
CA THR A 80 6.06 -0.59 -20.35
C THR A 80 5.05 0.25 -19.57
N LYS A 81 5.23 0.29 -18.26
CA LYS A 81 4.35 1.06 -17.40
C LYS A 81 2.96 0.40 -17.39
N ASP A 82 2.90 -0.77 -18.00
CA ASP A 82 1.64 -1.50 -18.07
C ASP A 82 1.09 -1.69 -16.66
N LEU A 83 0.05 -2.50 -16.57
CA LEU A 83 -0.59 -2.78 -15.29
C LEU A 83 -0.39 -4.25 -14.93
N ILE A 84 0.27 -4.47 -13.80
CA ILE A 84 0.53 -5.82 -13.33
C ILE A 84 -0.65 -6.30 -12.49
N VAL A 85 -1.06 -5.45 -11.56
CA VAL A 85 -2.17 -5.78 -10.68
C VAL A 85 -2.97 -4.50 -10.38
N ASP A 86 -4.23 -4.69 -10.05
CA ASP A 86 -5.12 -3.57 -9.73
C ASP A 86 -5.86 -3.87 -8.44
N GLN A 87 -5.34 -3.29 -7.36
CA GLN A 87 -5.94 -3.48 -6.04
C GLN A 87 -6.78 -2.25 -5.67
N THR A 88 -7.91 -2.52 -5.02
CA THR A 88 -8.80 -1.45 -4.59
C THR A 88 -8.73 -1.28 -3.08
N ILE A 89 -8.72 -0.02 -2.67
CA ILE A 89 -8.65 0.30 -1.25
C ILE A 89 -9.78 -0.43 -0.52
N GLU A 90 -10.92 -0.52 -1.18
CA GLU A 90 -12.07 -1.18 -0.61
C GLU A 90 -11.65 -2.52 0.02
N LYS A 91 -11.31 -3.46 -0.85
CA LYS A 91 -10.89 -4.78 -0.40
C LYS A 91 -9.94 -4.63 0.79
N VAL A 92 -8.86 -3.89 0.56
CA VAL A 92 -7.87 -3.67 1.60
C VAL A 92 -8.59 -3.44 2.94
N SER A 93 -8.46 -4.42 3.81
CA SER A 93 -9.09 -4.34 5.12
C SER A 93 -8.17 -3.62 6.10
N PHE A 94 -6.91 -4.03 6.10
CA PHE A 94 -5.92 -3.44 6.98
C PHE A 94 -4.56 -3.34 6.28
N CYS A 95 -3.72 -2.48 6.84
CA CYS A 95 -2.39 -2.28 6.28
C CYS A 95 -1.48 -1.76 7.40
N ALA A 96 -0.53 -2.60 7.78
CA ALA A 96 0.42 -2.24 8.83
C ALA A 96 1.84 -2.31 8.27
N PRO A 97 2.74 -1.50 8.89
CA PRO A 97 4.13 -1.46 8.46
C PRO A 97 4.88 -2.70 8.95
N ASP A 98 6.20 -2.62 8.88
CA ASP A 98 7.04 -3.73 9.30
C ASP A 98 8.07 -3.22 10.32
N ARG A 99 8.94 -4.13 10.73
CA ARG A 99 9.97 -3.78 11.69
C ARG A 99 10.95 -4.95 11.85
N ASN A 100 11.59 -5.31 10.75
CA ASN A 100 12.55 -6.40 10.75
C ASN A 100 13.43 -6.30 9.51
N PHE A 101 12.79 -6.04 8.38
CA PHE A 101 13.50 -5.92 7.12
C PHE A 101 13.95 -4.48 6.88
N ASP A 102 14.43 -4.24 5.67
CA ASP A 102 14.89 -2.91 5.30
C ASP A 102 13.73 -2.11 4.70
N ARG A 103 12.82 -2.84 4.06
CA ARG A 103 11.67 -2.22 3.45
C ARG A 103 10.70 -3.29 2.95
N ALA A 104 9.90 -3.80 3.88
CA ALA A 104 8.93 -4.83 3.55
C ALA A 104 7.54 -4.37 4.01
N PHE A 105 6.71 -4.00 3.04
CA PHE A 105 5.37 -3.55 3.35
C PHE A 105 4.32 -4.54 2.82
N SER A 106 3.27 -4.71 3.61
CA SER A 106 2.21 -5.63 3.23
C SER A 106 0.87 -5.11 3.77
N TYR A 107 -0.20 -5.65 3.21
CA TYR A 107 -1.55 -5.27 3.63
C TYR A 107 -2.55 -6.38 3.35
N ILE A 108 -3.56 -6.45 4.21
CA ILE A 108 -4.58 -7.47 4.08
C ILE A 108 -5.68 -6.95 3.16
N CYS A 109 -6.27 -7.88 2.41
CA CYS A 109 -7.33 -7.53 1.47
C CYS A 109 -8.16 -8.79 1.21
N ARG A 110 -9.41 -8.56 0.83
CA ARG A 110 -10.32 -9.66 0.54
C ARG A 110 -10.12 -10.14 -0.90
N ASP A 111 -9.67 -11.38 -1.01
CA ASP A 111 -9.44 -11.97 -2.33
C ASP A 111 -10.60 -11.61 -3.25
N GLY A 112 -10.31 -11.63 -4.54
CA GLY A 112 -11.31 -11.31 -5.54
C GLY A 112 -11.37 -12.38 -6.63
N THR A 113 -11.22 -13.62 -6.20
CA THR A 113 -11.25 -14.74 -7.13
C THR A 113 -11.95 -15.94 -6.49
N THR A 114 -11.50 -16.29 -5.29
CA THR A 114 -12.08 -17.41 -4.57
C THR A 114 -13.19 -16.92 -3.63
N ARG A 115 -12.86 -16.86 -2.35
CA ARG A 115 -13.81 -16.41 -1.35
C ARG A 115 -13.15 -16.38 0.03
N ARG A 116 -11.97 -15.80 0.08
CA ARG A 116 -11.23 -15.70 1.32
C ARG A 116 -10.49 -14.35 1.41
N TRP A 117 -9.61 -14.25 2.39
CA TRP A 117 -8.84 -13.04 2.57
C TRP A 117 -7.41 -13.29 2.09
N ILE A 118 -6.86 -12.29 1.43
CA ILE A 118 -5.50 -12.38 0.91
C ILE A 118 -4.70 -11.16 1.35
N CYS A 119 -3.41 -11.39 1.55
CA CYS A 119 -2.52 -10.32 1.98
C CYS A 119 -1.45 -10.13 0.89
N HIS A 120 -1.10 -8.87 0.67
CA HIS A 120 -0.11 -8.53 -0.33
C HIS A 120 1.14 -7.95 0.36
N CYS A 121 2.26 -8.08 -0.33
CA CYS A 121 3.52 -7.57 0.20
C CYS A 121 4.27 -6.87 -0.93
N PHE A 122 5.09 -5.90 -0.54
CA PHE A 122 5.87 -5.15 -1.51
C PHE A 122 7.21 -4.72 -0.91
N MET A 123 8.27 -5.13 -1.58
CA MET A 123 9.62 -4.78 -1.12
C MET A 123 10.10 -3.48 -1.76
N ALA A 124 9.98 -2.41 -1.00
CA ALA A 124 10.41 -1.09 -1.48
C ALA A 124 11.77 -1.22 -2.16
N VAL A 125 12.05 -0.26 -3.02
CA VAL A 125 13.32 -0.25 -3.73
C VAL A 125 14.33 0.61 -2.97
N LYS A 126 14.03 1.90 -2.89
CA LYS A 126 14.89 2.83 -2.20
C LYS A 126 14.07 3.62 -1.17
N ASP A 127 13.19 2.90 -0.49
CA ASP A 127 12.34 3.52 0.52
C ASP A 127 12.10 2.51 1.65
N THR A 128 11.22 2.90 2.56
CA THR A 128 10.89 2.06 3.69
C THR A 128 9.39 1.80 3.75
N GLY A 129 9.03 0.63 4.26
CA GLY A 129 7.65 0.25 4.37
C GLY A 129 6.81 1.39 4.95
N GLU A 130 7.39 2.06 5.94
CA GLU A 130 6.71 3.16 6.59
C GLU A 130 6.04 4.07 5.54
N ARG A 131 6.88 4.62 4.67
CA ARG A 131 6.41 5.51 3.63
C ARG A 131 5.24 4.86 2.88
N LEU A 132 5.43 3.59 2.54
CA LEU A 132 4.42 2.84 1.81
C LEU A 132 3.16 2.75 2.68
N SER A 133 3.37 2.69 3.98
CA SER A 133 2.26 2.60 4.92
C SER A 133 1.51 3.92 4.96
N HIS A 134 2.20 4.97 4.54
CA HIS A 134 1.60 6.31 4.52
C HIS A 134 0.72 6.45 3.28
N ALA A 135 1.29 6.06 2.15
CA ALA A 135 0.57 6.15 0.88
C ALA A 135 -0.70 5.29 0.95
N VAL A 136 -0.50 4.03 1.35
CA VAL A 136 -1.61 3.11 1.47
C VAL A 136 -2.62 3.65 2.49
N GLY A 137 -2.07 4.21 3.56
CA GLY A 137 -2.91 4.77 4.61
C GLY A 137 -3.49 6.12 4.20
N CYS A 138 -2.91 6.68 3.14
CA CYS A 138 -3.36 7.96 2.63
C CYS A 138 -4.66 7.74 1.85
N ALA A 139 -4.58 6.87 0.86
CA ALA A 139 -5.73 6.57 0.03
C ALA A 139 -6.89 6.13 0.93
N PHE A 140 -6.57 5.24 1.86
CA PHE A 140 -7.58 4.74 2.78
C PHE A 140 -8.32 5.88 3.46
N ALA A 141 -7.55 6.77 4.07
CA ALA A 141 -8.11 7.91 4.77
C ALA A 141 -8.96 8.73 3.78
N ALA A 142 -8.44 8.85 2.56
CA ALA A 142 -9.14 9.60 1.53
C ALA A 142 -10.45 8.90 1.19
N CYS A 143 -10.33 7.65 0.76
CA CYS A 143 -11.50 6.86 0.41
C CYS A 143 -12.48 6.89 1.59
N LEU A 144 -11.94 6.59 2.76
CA LEU A 144 -12.74 6.57 3.97
C LEU A 144 -13.40 7.95 4.16
N GLU A 145 -12.57 8.98 4.06
CA GLU A 145 -13.05 10.34 4.22
C GLU A 145 -14.43 10.49 3.58
N ARG A 146 -14.51 10.16 2.30
CA ARG A 146 -15.76 10.26 1.58
C ARG A 146 -16.91 9.70 2.42
N LYS A 147 -16.65 8.56 3.03
CA LYS A 147 -17.64 7.93 3.87
C LYS A 147 -17.67 8.59 5.24
N GLN A 148 -16.50 8.59 5.89
CA GLN A 148 -16.38 9.20 7.20
C GLN A 148 -16.66 10.70 7.13
N LYS A 149 -16.42 11.37 8.24
CA LYS A 149 -16.65 12.81 8.31
C LYS A 149 -15.35 13.50 8.72
N ARG A 150 -15.19 14.72 8.23
CA ARG A 150 -14.01 15.51 8.53
C ARG A 150 -14.38 16.72 9.38
N SER A 151 -13.58 16.94 10.42
CA SER A 151 -13.80 18.06 11.32
C SER A 151 -12.89 19.22 10.95
N GLY A 152 -13.47 20.41 10.92
CA GLY A 152 -12.73 21.61 10.58
C GLY A 152 -12.13 21.50 9.17
N PRO A 153 -11.86 22.70 8.57
CA PRO A 153 -11.30 22.75 7.24
C PRO A 153 -9.82 22.38 7.25
N SER A 154 -9.41 21.66 6.22
CA SER A 154 -8.02 21.24 6.09
C SER A 154 -7.62 21.19 4.63
N SER A 155 -7.37 22.36 4.07
CA SER A 155 -6.98 22.46 2.68
C SER A 155 -5.47 22.27 2.55
N GLY A 156 -4.74 23.16 3.21
CA GLY A 156 -3.28 23.10 3.18
C GLY A 156 -2.70 24.32 2.48
N GLY A 1 -15.74 22.69 3.76
CA GLY A 1 -14.74 23.44 4.50
C GLY A 1 -13.69 22.52 5.12
N SER A 2 -13.74 22.43 6.45
CA SER A 2 -12.80 21.58 7.16
C SER A 2 -11.37 22.04 6.89
N SER A 3 -10.93 23.01 7.67
CA SER A 3 -9.58 23.54 7.53
C SER A 3 -8.55 22.49 7.94
N GLY A 4 -7.39 22.57 7.32
CA GLY A 4 -6.31 21.64 7.62
C GLY A 4 -6.72 20.20 7.28
N SER A 5 -5.76 19.30 7.38
CA SER A 5 -6.01 17.90 7.09
C SER A 5 -5.91 17.07 8.37
N SER A 6 -4.74 17.14 9.00
CA SER A 6 -4.50 16.41 10.23
C SER A 6 -3.23 16.92 10.91
N GLY A 7 -3.44 17.62 12.02
CA GLY A 7 -2.32 18.17 12.76
C GLY A 7 -2.03 19.61 12.34
N ALA A 8 -0.85 19.80 11.76
CA ALA A 8 -0.44 21.11 11.30
C ALA A 8 0.90 21.00 10.58
N SER A 9 0.84 21.20 9.27
CA SER A 9 2.03 21.13 8.45
C SER A 9 2.63 19.71 8.51
N ARG A 10 3.01 19.22 7.34
CA ARG A 10 3.58 17.89 7.25
C ARG A 10 4.93 17.94 6.51
N PRO A 11 5.80 16.95 6.84
CA PRO A 11 7.11 16.87 6.22
C PRO A 11 7.01 16.36 4.78
N HIS A 12 8.15 16.30 4.12
CA HIS A 12 8.21 15.83 2.74
C HIS A 12 8.46 14.32 2.73
N GLN A 13 8.28 13.73 1.55
CA GLN A 13 8.48 12.30 1.38
C GLN A 13 7.19 11.55 1.70
N TRP A 14 6.49 12.03 2.72
CA TRP A 14 5.25 11.40 3.13
C TRP A 14 4.10 12.19 2.50
N GLN A 15 4.08 13.48 2.79
CA GLN A 15 3.05 14.36 2.26
C GLN A 15 2.86 14.11 0.77
N THR A 16 3.98 13.88 0.09
CA THR A 16 3.95 13.62 -1.34
C THR A 16 2.99 12.47 -1.66
N ASP A 17 3.09 11.42 -0.86
CA ASP A 17 2.24 10.26 -1.05
C ASP A 17 0.80 10.62 -0.68
N GLU A 18 0.66 11.79 -0.08
CA GLU A 18 -0.66 12.26 0.32
C GLU A 18 -1.28 13.12 -0.78
N GLU A 19 -0.41 13.79 -1.51
CA GLU A 19 -0.86 14.65 -2.60
C GLU A 19 -1.02 13.83 -3.88
N GLY A 20 -0.07 12.95 -4.11
CA GLY A 20 -0.09 12.11 -5.30
C GLY A 20 -1.33 11.20 -5.30
N VAL A 21 -2.00 11.17 -4.16
CA VAL A 21 -3.19 10.35 -4.01
C VAL A 21 -4.43 11.23 -4.21
N ARG A 22 -4.23 12.53 -4.03
CA ARG A 22 -5.31 13.49 -4.20
C ARG A 22 -5.29 14.09 -5.60
N THR A 23 -4.14 13.97 -6.24
CA THR A 23 -3.98 14.49 -7.59
C THR A 23 -3.87 13.34 -8.60
N GLY A 24 -3.23 12.27 -8.16
CA GLY A 24 -3.05 11.10 -9.01
C GLY A 24 -1.62 11.01 -9.52
N LYS A 25 -0.72 10.67 -8.60
CA LYS A 25 0.68 10.53 -8.94
C LYS A 25 1.47 10.10 -7.70
N CYS A 26 0.84 9.24 -6.92
CA CYS A 26 1.46 8.74 -5.70
C CYS A 26 2.01 7.33 -5.98
N SER A 27 3.10 7.31 -6.73
CA SER A 27 3.74 6.04 -7.09
C SER A 27 5.23 6.09 -6.76
N PHE A 28 5.75 4.96 -6.29
CA PHE A 28 7.15 4.87 -5.95
C PHE A 28 7.74 3.53 -6.39
N PRO A 29 9.09 3.48 -6.43
CA PRO A 29 9.79 2.28 -6.84
C PRO A 29 9.75 1.22 -5.73
N VAL A 30 9.11 0.10 -6.04
CA VAL A 30 8.99 -0.99 -5.08
C VAL A 30 9.14 -2.33 -5.81
N LYS A 31 9.00 -3.40 -5.05
CA LYS A 31 9.11 -4.74 -5.61
C LYS A 31 7.86 -5.54 -5.27
N TYR A 32 7.44 -6.35 -6.23
CA TYR A 32 6.25 -7.17 -6.03
C TYR A 32 6.63 -8.57 -5.55
N LEU A 33 6.35 -8.82 -4.27
CA LEU A 33 6.65 -10.10 -3.67
C LEU A 33 5.61 -11.12 -4.11
N GLY A 34 4.35 -10.77 -3.92
CA GLY A 34 3.25 -11.65 -4.29
C GLY A 34 2.09 -11.53 -3.30
N HIS A 35 1.23 -12.54 -3.32
CA HIS A 35 0.09 -12.55 -2.43
C HIS A 35 0.13 -13.82 -1.57
N VAL A 36 -0.31 -13.66 -0.32
CA VAL A 36 -0.32 -14.77 0.61
C VAL A 36 -1.66 -14.80 1.35
N GLU A 37 -2.02 -15.98 1.83
CA GLU A 37 -3.27 -16.15 2.54
C GLU A 37 -3.04 -15.96 4.05
N VAL A 38 -3.65 -14.91 4.58
CA VAL A 38 -3.53 -14.62 6.00
C VAL A 38 -4.26 -15.68 6.81
N ASP A 39 -4.41 -15.40 8.10
CA ASP A 39 -5.09 -16.33 8.99
C ASP A 39 -6.07 -15.54 9.88
N GLU A 40 -5.59 -14.41 10.36
CA GLU A 40 -6.40 -13.57 11.22
C GLU A 40 -7.08 -12.47 10.40
N SER A 41 -6.33 -11.93 9.46
CA SER A 41 -6.84 -10.88 8.60
C SER A 41 -6.65 -9.53 9.27
N ARG A 42 -5.99 -9.55 10.42
CA ARG A 42 -5.74 -8.33 11.18
C ARG A 42 -4.59 -8.55 12.16
N GLY A 43 -3.68 -7.59 12.17
CA GLY A 43 -2.53 -7.66 13.06
C GLY A 43 -1.28 -7.12 12.38
N MET A 44 -0.63 -6.18 13.07
CA MET A 44 0.57 -5.57 12.55
C MET A 44 1.67 -6.62 12.33
N HIS A 45 1.66 -7.63 13.19
CA HIS A 45 2.64 -8.70 13.11
C HIS A 45 2.24 -9.66 11.99
N ILE A 46 1.00 -9.54 11.55
CA ILE A 46 0.49 -10.40 10.49
C ILE A 46 1.13 -9.99 9.16
N CYS A 47 0.91 -8.74 8.78
CA CYS A 47 1.46 -8.22 7.55
C CYS A 47 2.89 -8.73 7.41
N GLU A 48 3.67 -8.51 8.45
CA GLU A 48 5.06 -8.94 8.45
C GLU A 48 5.15 -10.44 8.18
N ASP A 49 4.33 -11.20 8.90
CA ASP A 49 4.30 -12.64 8.74
C ASP A 49 4.05 -12.98 7.28
N ALA A 50 3.37 -12.07 6.59
CA ALA A 50 3.05 -12.26 5.18
C ALA A 50 4.35 -12.32 4.38
N VAL A 51 5.23 -11.37 4.67
CA VAL A 51 6.51 -11.30 3.97
C VAL A 51 7.29 -12.59 4.24
N LYS A 52 7.48 -12.88 5.52
CA LYS A 52 8.20 -14.08 5.91
C LYS A 52 7.73 -15.26 5.07
N ARG A 53 6.42 -15.34 4.89
CA ARG A 53 5.83 -16.42 4.11
C ARG A 53 6.47 -16.47 2.72
N LEU A 54 6.43 -15.33 2.04
CA LEU A 54 7.00 -15.24 0.71
C LEU A 54 8.52 -15.33 0.80
N LYS A 55 9.01 -15.27 2.02
CA LYS A 55 10.44 -15.35 2.26
C LYS A 55 10.85 -16.82 2.41
N ALA A 56 9.86 -17.64 2.73
CA ALA A 56 10.10 -19.06 2.91
C ALA A 56 9.43 -19.84 1.78
N THR A 57 8.71 -19.10 0.95
CA THR A 57 8.02 -19.69 -0.18
C THR A 57 9.02 -20.14 -1.25
N GLY A 58 10.08 -19.35 -1.40
CA GLY A 58 11.11 -19.65 -2.37
C GLY A 58 10.78 -19.03 -3.73
N LYS A 59 10.49 -17.73 -3.69
CA LYS A 59 10.16 -17.01 -4.91
C LYS A 59 11.13 -15.84 -5.08
N LYS A 60 10.65 -14.82 -5.79
CA LYS A 60 11.46 -13.64 -6.03
C LYS A 60 10.55 -12.42 -6.18
N ALA A 61 11.18 -11.25 -6.21
CA ALA A 61 10.43 -10.01 -6.35
C ALA A 61 10.67 -9.44 -7.74
N VAL A 62 9.69 -8.66 -8.19
CA VAL A 62 9.77 -8.04 -9.52
C VAL A 62 10.03 -6.54 -9.36
N LYS A 63 10.51 -5.94 -10.43
CA LYS A 63 10.80 -4.51 -10.42
C LYS A 63 9.65 -3.76 -11.10
N ALA A 64 8.77 -3.23 -10.26
CA ALA A 64 7.63 -2.48 -10.75
C ALA A 64 7.39 -1.26 -9.86
N VAL A 65 6.54 -0.37 -10.34
CA VAL A 65 6.21 0.84 -9.59
C VAL A 65 4.86 0.66 -8.91
N LEU A 66 4.84 0.92 -7.61
CA LEU A 66 3.62 0.80 -6.83
C LEU A 66 2.89 2.15 -6.83
N TRP A 67 1.69 2.13 -7.39
CA TRP A 67 0.88 3.34 -7.45
C TRP A 67 -0.14 3.29 -6.32
N VAL A 68 -0.43 4.46 -5.77
CA VAL A 68 -1.39 4.56 -4.68
C VAL A 68 -2.39 5.66 -5.00
N SER A 69 -3.66 5.28 -4.98
CA SER A 69 -4.74 6.22 -5.26
C SER A 69 -5.95 5.90 -4.39
N ALA A 70 -6.85 6.87 -4.31
CA ALA A 70 -8.06 6.71 -3.52
C ALA A 70 -8.82 5.47 -4.01
N ASP A 71 -8.62 5.16 -5.27
CA ASP A 71 -9.28 4.02 -5.88
C ASP A 71 -8.59 2.73 -5.41
N GLY A 72 -7.45 2.91 -4.75
CA GLY A 72 -6.69 1.78 -4.25
C GLY A 72 -5.23 1.86 -4.70
N LEU A 73 -4.71 0.73 -5.14
CA LEU A 73 -3.33 0.66 -5.60
C LEU A 73 -3.31 0.16 -7.05
N ARG A 74 -2.12 0.17 -7.62
CA ARG A 74 -1.94 -0.28 -8.99
C ARG A 74 -0.48 -0.69 -9.23
N VAL A 75 -0.27 -2.00 -9.32
CA VAL A 75 1.07 -2.51 -9.54
C VAL A 75 1.38 -2.46 -11.04
N VAL A 76 2.09 -1.42 -11.43
CA VAL A 76 2.46 -1.23 -12.81
C VAL A 76 3.77 -1.97 -13.09
N ASP A 77 3.95 -2.34 -14.35
CA ASP A 77 5.16 -3.05 -14.76
C ASP A 77 6.12 -2.07 -15.43
N GLU A 78 7.15 -1.70 -14.68
CA GLU A 78 8.15 -0.78 -15.18
C GLU A 78 8.46 -1.08 -16.65
N LYS A 79 8.31 -2.34 -17.02
CA LYS A 79 8.56 -2.77 -18.38
C LYS A 79 7.93 -1.76 -19.34
N THR A 80 6.62 -1.87 -19.49
CA THR A 80 5.89 -0.98 -20.37
C THR A 80 4.87 -0.15 -19.58
N LYS A 81 5.08 -0.12 -18.27
CA LYS A 81 4.19 0.63 -17.39
C LYS A 81 2.82 -0.04 -17.37
N ASP A 82 2.76 -1.21 -17.98
CA ASP A 82 1.52 -1.96 -18.04
C ASP A 82 0.97 -2.13 -16.62
N LEU A 83 -0.15 -2.84 -16.53
CA LEU A 83 -0.79 -3.07 -15.25
C LEU A 83 -0.57 -4.53 -14.83
N ILE A 84 0.05 -4.69 -13.68
CA ILE A 84 0.33 -6.02 -13.16
C ILE A 84 -0.84 -6.47 -12.28
N VAL A 85 -1.21 -5.61 -11.34
CA VAL A 85 -2.30 -5.91 -10.44
C VAL A 85 -3.14 -4.65 -10.21
N ASP A 86 -4.41 -4.86 -9.91
CA ASP A 86 -5.32 -3.75 -9.67
C ASP A 86 -6.07 -3.98 -8.36
N GLN A 87 -5.55 -3.38 -7.31
CA GLN A 87 -6.15 -3.51 -5.99
C GLN A 87 -6.95 -2.25 -5.65
N THR A 88 -8.05 -2.47 -4.94
CA THR A 88 -8.91 -1.36 -4.54
C THR A 88 -8.81 -1.13 -3.04
N ILE A 89 -8.76 0.14 -2.67
CA ILE A 89 -8.67 0.52 -1.26
C ILE A 89 -9.81 -0.16 -0.49
N GLU A 90 -10.88 -0.44 -1.21
CA GLU A 90 -12.04 -1.07 -0.60
C GLU A 90 -11.66 -2.42 0.01
N LYS A 91 -11.26 -3.34 -0.87
CA LYS A 91 -10.86 -4.66 -0.43
C LYS A 91 -9.90 -4.54 0.76
N VAL A 92 -8.90 -3.69 0.57
CA VAL A 92 -7.90 -3.48 1.61
C VAL A 92 -8.61 -3.20 2.93
N SER A 93 -8.51 -4.16 3.84
CA SER A 93 -9.14 -4.02 5.14
C SER A 93 -8.13 -3.46 6.15
N PHE A 94 -6.95 -4.05 6.15
CA PHE A 94 -5.90 -3.61 7.05
C PHE A 94 -4.56 -3.50 6.33
N CYS A 95 -3.70 -2.64 6.86
CA CYS A 95 -2.39 -2.44 6.27
C CYS A 95 -1.45 -1.91 7.36
N ALA A 96 -0.35 -2.61 7.55
CA ALA A 96 0.63 -2.22 8.55
C ALA A 96 2.04 -2.46 7.99
N PRO A 97 3.00 -1.64 8.49
CA PRO A 97 4.38 -1.75 8.06
C PRO A 97 5.06 -2.98 8.67
N ASP A 98 6.38 -3.00 8.58
CA ASP A 98 7.16 -4.10 9.11
C ASP A 98 8.33 -3.55 9.93
N ARG A 99 8.93 -4.44 10.71
CA ARG A 99 10.06 -4.06 11.54
C ARG A 99 11.27 -4.95 11.23
N ASN A 100 10.99 -6.24 11.10
CA ASN A 100 12.04 -7.21 10.82
C ASN A 100 12.92 -6.68 9.68
N PHE A 101 12.25 -6.32 8.58
CA PHE A 101 12.96 -5.81 7.41
C PHE A 101 13.10 -4.29 7.49
N ASP A 102 13.59 -3.71 6.41
CA ASP A 102 13.77 -2.28 6.34
C ASP A 102 12.77 -1.67 5.35
N ARG A 103 12.52 -2.42 4.28
CA ARG A 103 11.59 -1.99 3.26
C ARG A 103 10.66 -3.13 2.86
N ALA A 104 9.75 -3.45 3.77
CA ALA A 104 8.79 -4.53 3.53
C ALA A 104 7.40 -4.07 3.96
N PHE A 105 6.57 -3.78 2.96
CA PHE A 105 5.22 -3.34 3.23
C PHE A 105 4.20 -4.31 2.63
N SER A 106 3.29 -4.75 3.49
CA SER A 106 2.25 -5.68 3.07
C SER A 106 0.91 -5.27 3.66
N TYR A 107 -0.15 -5.61 2.93
CA TYR A 107 -1.49 -5.28 3.36
C TYR A 107 -2.47 -6.42 3.05
N ILE A 108 -3.52 -6.50 3.85
CA ILE A 108 -4.53 -7.53 3.67
C ILE A 108 -5.64 -7.00 2.77
N CYS A 109 -6.24 -7.91 2.01
CA CYS A 109 -7.31 -7.54 1.11
C CYS A 109 -8.15 -8.80 0.82
N ARG A 110 -9.45 -8.61 0.78
CA ARG A 110 -10.36 -9.71 0.52
C ARG A 110 -10.42 -10.00 -0.98
N ASP A 111 -9.63 -10.98 -1.39
CA ASP A 111 -9.58 -11.37 -2.79
C ASP A 111 -11.01 -11.54 -3.32
N GLY A 112 -11.23 -11.03 -4.52
CA GLY A 112 -12.53 -11.12 -5.15
C GLY A 112 -12.57 -12.25 -6.18
N THR A 113 -11.40 -12.54 -6.74
CA THR A 113 -11.29 -13.58 -7.74
C THR A 113 -11.52 -14.96 -7.11
N THR A 114 -11.02 -15.09 -5.88
CA THR A 114 -11.16 -16.35 -5.16
C THR A 114 -12.19 -16.20 -4.03
N ARG A 115 -12.45 -14.94 -3.68
CA ARG A 115 -13.40 -14.65 -2.61
C ARG A 115 -12.87 -15.14 -1.27
N ARG A 116 -11.66 -14.69 -0.96
CA ARG A 116 -11.02 -15.07 0.29
C ARG A 116 -10.17 -13.91 0.83
N TRP A 117 -9.38 -14.21 1.85
CA TRP A 117 -8.54 -13.22 2.47
C TRP A 117 -7.13 -13.37 1.88
N ILE A 118 -6.71 -12.37 1.12
CA ILE A 118 -5.40 -12.38 0.51
C ILE A 118 -4.62 -11.15 0.96
N CYS A 119 -3.34 -11.36 1.23
CA CYS A 119 -2.48 -10.28 1.68
C CYS A 119 -1.38 -10.08 0.61
N HIS A 120 -1.13 -8.82 0.31
CA HIS A 120 -0.12 -8.48 -0.68
C HIS A 120 1.10 -7.88 0.02
N CYS A 121 2.27 -8.27 -0.46
CA CYS A 121 3.52 -7.78 0.11
C CYS A 121 4.28 -7.03 -0.98
N PHE A 122 5.02 -6.02 -0.55
CA PHE A 122 5.79 -5.21 -1.47
C PHE A 122 7.12 -4.78 -0.84
N MET A 123 8.20 -5.05 -1.56
CA MET A 123 9.52 -4.69 -1.08
C MET A 123 10.01 -3.39 -1.72
N ALA A 124 9.86 -2.31 -0.97
CA ALA A 124 10.27 -1.00 -1.45
C ALA A 124 11.67 -1.11 -2.07
N VAL A 125 11.96 -0.18 -2.96
CA VAL A 125 13.25 -0.15 -3.64
C VAL A 125 14.21 0.75 -2.85
N LYS A 126 13.85 2.01 -2.77
CA LYS A 126 14.67 2.98 -2.05
C LYS A 126 13.79 3.77 -1.08
N ASP A 127 12.90 3.04 -0.43
CA ASP A 127 12.00 3.65 0.53
C ASP A 127 11.78 2.70 1.71
N THR A 128 11.16 3.22 2.75
CA THR A 128 10.89 2.42 3.94
C THR A 128 9.44 1.93 3.93
N GLY A 129 9.23 0.81 4.59
CA GLY A 129 7.89 0.22 4.66
C GLY A 129 6.89 1.22 5.22
N GLU A 130 7.37 2.03 6.15
CA GLU A 130 6.53 3.03 6.79
C GLU A 130 5.90 3.94 5.72
N ARG A 131 6.77 4.52 4.90
CA ARG A 131 6.32 5.41 3.85
C ARG A 131 5.20 4.75 3.03
N LEU A 132 5.35 3.45 2.84
CA LEU A 132 4.37 2.68 2.09
C LEU A 132 3.07 2.58 2.90
N SER A 133 3.23 2.53 4.22
CA SER A 133 2.09 2.43 5.11
C SER A 133 1.31 3.75 5.11
N HIS A 134 2.01 4.81 4.71
CA HIS A 134 1.38 6.12 4.66
C HIS A 134 0.50 6.22 3.42
N ALA A 135 1.12 6.06 2.27
CA ALA A 135 0.40 6.12 1.00
C ALA A 135 -0.88 5.31 1.11
N VAL A 136 -0.70 4.03 1.44
CA VAL A 136 -1.84 3.13 1.57
C VAL A 136 -2.80 3.68 2.62
N GLY A 137 -2.22 4.36 3.61
CA GLY A 137 -3.02 4.94 4.68
C GLY A 137 -3.58 6.31 4.26
N CYS A 138 -3.14 6.76 3.09
CA CYS A 138 -3.59 8.03 2.57
C CYS A 138 -4.88 7.80 1.78
N ALA A 139 -4.76 7.01 0.73
CA ALA A 139 -5.89 6.70 -0.12
C ALA A 139 -7.07 6.26 0.76
N PHE A 140 -6.73 5.58 1.84
CA PHE A 140 -7.73 5.09 2.77
C PHE A 140 -8.44 6.25 3.48
N ALA A 141 -7.63 7.12 4.08
CA ALA A 141 -8.17 8.27 4.79
C ALA A 141 -8.95 9.15 3.80
N ALA A 142 -8.62 8.99 2.53
CA ALA A 142 -9.28 9.77 1.49
C ALA A 142 -10.58 9.07 1.09
N CYS A 143 -10.45 7.83 0.64
CA CYS A 143 -11.60 7.05 0.22
C CYS A 143 -12.62 7.06 1.36
N LEU A 144 -12.12 6.84 2.56
CA LEU A 144 -12.97 6.82 3.74
C LEU A 144 -13.53 8.23 3.99
N GLU A 145 -12.68 9.22 3.75
CA GLU A 145 -13.07 10.60 3.94
C GLU A 145 -14.45 10.86 3.31
N ARG A 146 -14.76 10.04 2.30
CA ARG A 146 -16.03 10.16 1.61
C ARG A 146 -17.16 9.64 2.49
N LYS A 147 -16.86 8.56 3.20
CA LYS A 147 -17.85 7.95 4.07
C LYS A 147 -17.75 8.59 5.46
N GLN A 148 -16.54 8.63 5.98
CA GLN A 148 -16.31 9.21 7.29
C GLN A 148 -15.67 10.60 7.16
N LYS A 149 -15.58 11.29 8.28
CA LYS A 149 -15.01 12.62 8.30
C LYS A 149 -13.96 12.71 9.41
N ARG A 150 -13.03 13.65 9.24
CA ARG A 150 -11.97 13.84 10.21
C ARG A 150 -11.72 15.33 10.44
N SER A 151 -11.39 15.66 11.67
CA SER A 151 -11.11 17.04 12.04
C SER A 151 -12.24 17.95 11.53
N GLY A 152 -13.20 18.17 12.40
CA GLY A 152 -14.34 19.02 12.06
C GLY A 152 -13.95 20.50 12.08
N PRO A 153 -14.74 21.30 11.32
CA PRO A 153 -14.49 22.74 11.25
C PRO A 153 -14.94 23.43 12.52
N SER A 154 -14.09 24.33 13.02
CA SER A 154 -14.38 25.07 14.22
C SER A 154 -13.19 25.93 14.61
N SER A 155 -12.76 26.76 13.68
CA SER A 155 -11.63 27.64 13.91
C SER A 155 -10.33 26.84 13.87
N GLY A 156 -10.25 25.85 14.76
CA GLY A 156 -9.07 25.01 14.84
C GLY A 156 -8.65 24.78 16.30
N GLY A 1 -5.82 1.50 14.78
CA GLY A 1 -4.39 1.26 14.67
C GLY A 1 -3.62 2.58 14.69
N SER A 2 -3.73 3.31 13.58
CA SER A 2 -3.04 4.58 13.45
C SER A 2 -3.66 5.40 12.31
N SER A 3 -3.68 6.71 12.50
CA SER A 3 -4.23 7.60 11.50
C SER A 3 -3.23 8.71 11.17
N GLY A 4 -2.86 9.46 12.20
CA GLY A 4 -1.91 10.54 12.03
C GLY A 4 -2.30 11.42 10.84
N SER A 5 -1.28 11.86 10.12
CA SER A 5 -1.50 12.72 8.97
C SER A 5 -2.12 14.04 9.40
N SER A 6 -1.70 15.11 8.72
CA SER A 6 -2.21 16.43 9.03
C SER A 6 -1.58 16.96 10.32
N GLY A 7 -1.03 18.16 10.23
CA GLY A 7 -0.39 18.79 11.37
C GLY A 7 1.14 18.72 11.25
N ALA A 8 1.77 19.85 11.54
CA ALA A 8 3.22 19.94 11.46
C ALA A 8 3.65 19.84 10.00
N SER A 9 4.46 20.80 9.59
CA SER A 9 4.95 20.83 8.22
C SER A 9 5.97 19.70 8.01
N ARG A 10 6.00 19.22 6.77
CA ARG A 10 6.91 18.14 6.43
C ARG A 10 7.55 18.40 5.05
N PRO A 11 8.69 17.72 4.81
CA PRO A 11 9.40 17.86 3.55
C PRO A 11 8.67 17.12 2.42
N HIS A 12 9.31 17.11 1.26
CA HIS A 12 8.73 16.44 0.10
C HIS A 12 9.03 14.94 0.18
N GLN A 13 8.10 14.22 0.81
CA GLN A 13 8.24 12.78 0.96
C GLN A 13 6.87 12.13 1.15
N TRP A 14 6.26 12.43 2.29
CA TRP A 14 4.96 11.89 2.61
C TRP A 14 3.89 12.77 1.95
N GLN A 15 3.97 14.06 2.26
CA GLN A 15 3.02 15.02 1.71
C GLN A 15 2.93 14.85 0.19
N THR A 16 4.09 14.83 -0.44
CA THR A 16 4.16 14.69 -1.88
C THR A 16 3.46 13.40 -2.32
N ASP A 17 3.35 12.48 -1.37
CA ASP A 17 2.70 11.21 -1.65
C ASP A 17 1.23 11.28 -1.23
N GLU A 18 0.92 12.32 -0.48
CA GLU A 18 -0.44 12.53 -0.01
C GLU A 18 -1.27 13.27 -1.06
N GLU A 19 -0.55 13.86 -2.01
CA GLU A 19 -1.21 14.60 -3.08
C GLU A 19 -1.42 13.70 -4.29
N GLY A 20 -0.37 12.96 -4.63
CA GLY A 20 -0.42 12.05 -5.76
C GLY A 20 -1.56 11.04 -5.59
N VAL A 21 -2.09 10.98 -4.38
CA VAL A 21 -3.18 10.06 -4.08
C VAL A 21 -4.51 10.72 -4.45
N ARG A 22 -4.50 12.04 -4.44
CA ARG A 22 -5.70 12.80 -4.77
C ARG A 22 -5.60 13.37 -6.18
N THR A 23 -4.37 13.63 -6.60
CA THR A 23 -4.12 14.17 -7.91
C THR A 23 -3.99 13.04 -8.94
N GLY A 24 -3.17 12.07 -8.59
CA GLY A 24 -2.94 10.93 -9.47
C GLY A 24 -1.48 10.82 -9.88
N LYS A 25 -0.64 10.50 -8.90
CA LYS A 25 0.78 10.37 -9.16
C LYS A 25 1.49 10.01 -7.85
N CYS A 26 0.86 9.13 -7.08
CA CYS A 26 1.41 8.71 -5.81
C CYS A 26 1.97 7.29 -5.98
N SER A 27 3.07 7.20 -6.72
CA SER A 27 3.70 5.92 -6.97
C SER A 27 5.19 6.01 -6.65
N PHE A 28 5.74 4.88 -6.22
CA PHE A 28 7.15 4.81 -5.86
C PHE A 28 7.75 3.47 -6.27
N PRO A 29 9.12 3.43 -6.27
CA PRO A 29 9.82 2.21 -6.65
C PRO A 29 9.77 1.18 -5.52
N VAL A 30 9.09 0.07 -5.81
CA VAL A 30 8.94 -0.99 -4.83
C VAL A 30 9.00 -2.34 -5.55
N LYS A 31 9.10 -3.40 -4.75
CA LYS A 31 9.17 -4.74 -5.30
C LYS A 31 7.92 -5.53 -4.86
N TYR A 32 7.48 -6.41 -5.73
CA TYR A 32 6.31 -7.23 -5.45
C TYR A 32 6.72 -8.62 -4.96
N LEU A 33 6.51 -8.84 -3.67
CA LEU A 33 6.85 -10.12 -3.06
C LEU A 33 5.82 -11.16 -3.49
N GLY A 34 4.58 -10.73 -3.60
CA GLY A 34 3.51 -11.62 -4.00
C GLY A 34 2.34 -11.55 -3.01
N HIS A 35 1.35 -12.41 -3.25
CA HIS A 35 0.19 -12.46 -2.38
C HIS A 35 0.12 -13.83 -1.70
N VAL A 36 -0.23 -13.79 -0.42
CA VAL A 36 -0.34 -15.01 0.36
C VAL A 36 -1.69 -15.03 1.08
N GLU A 37 -2.03 -16.21 1.59
CA GLU A 37 -3.29 -16.37 2.31
C GLU A 37 -3.08 -16.19 3.81
N VAL A 38 -4.05 -15.55 4.43
CA VAL A 38 -3.99 -15.30 5.87
C VAL A 38 -5.06 -16.14 6.57
N ASP A 39 -5.21 -15.88 7.86
CA ASP A 39 -6.20 -16.59 8.65
C ASP A 39 -6.97 -15.60 9.52
N GLU A 40 -6.22 -14.70 10.15
CA GLU A 40 -6.81 -13.69 11.00
C GLU A 40 -7.37 -12.54 10.16
N SER A 41 -6.59 -12.16 9.16
CA SER A 41 -6.97 -11.07 8.28
C SER A 41 -6.69 -9.72 8.94
N ARG A 42 -6.15 -9.80 10.15
CA ARG A 42 -5.82 -8.60 10.91
C ARG A 42 -4.82 -8.93 12.02
N GLY A 43 -3.65 -8.33 11.91
CA GLY A 43 -2.60 -8.54 12.89
C GLY A 43 -1.25 -8.06 12.38
N MET A 44 -0.63 -7.20 13.16
CA MET A 44 0.67 -6.65 12.79
C MET A 44 1.70 -7.76 12.62
N HIS A 45 1.45 -8.88 13.29
CA HIS A 45 2.34 -10.01 13.21
C HIS A 45 2.02 -10.85 11.97
N ILE A 46 0.91 -10.50 11.34
CA ILE A 46 0.48 -11.20 10.15
C ILE A 46 1.23 -10.66 8.94
N CYS A 47 1.27 -9.33 8.85
CA CYS A 47 1.96 -8.68 7.75
C CYS A 47 3.33 -9.35 7.57
N GLU A 48 4.10 -9.35 8.64
CA GLU A 48 5.42 -9.96 8.62
C GLU A 48 5.33 -11.41 8.18
N ASP A 49 4.56 -12.18 8.94
CA ASP A 49 4.39 -13.59 8.65
C ASP A 49 4.14 -13.77 7.14
N ALA A 50 3.58 -12.72 6.54
CA ALA A 50 3.29 -12.75 5.12
C ALA A 50 4.61 -12.72 4.33
N VAL A 51 5.39 -11.69 4.59
CA VAL A 51 6.68 -11.54 3.93
C VAL A 51 7.44 -12.86 4.00
N LYS A 52 7.73 -13.26 5.23
CA LYS A 52 8.47 -14.51 5.46
C LYS A 52 7.97 -15.58 4.49
N ARG A 53 6.65 -15.66 4.37
CA ARG A 53 6.03 -16.62 3.48
C ARG A 53 6.61 -16.49 2.07
N LEU A 54 6.55 -15.27 1.55
CA LEU A 54 7.07 -15.01 0.22
C LEU A 54 8.60 -15.11 0.23
N LYS A 55 9.14 -15.14 1.44
CA LYS A 55 10.59 -15.24 1.61
C LYS A 55 10.99 -16.71 1.65
N ALA A 56 10.01 -17.55 1.94
CA ALA A 56 10.25 -18.99 2.02
C ALA A 56 9.50 -19.69 0.87
N THR A 57 8.83 -18.88 0.07
CA THR A 57 8.08 -19.40 -1.05
C THR A 57 9.03 -19.90 -2.14
N GLY A 58 10.21 -19.30 -2.17
CA GLY A 58 11.21 -19.67 -3.15
C GLY A 58 10.97 -18.95 -4.48
N LYS A 59 10.80 -17.64 -4.38
CA LYS A 59 10.56 -16.83 -5.57
C LYS A 59 11.55 -15.66 -5.58
N LYS A 60 11.06 -14.51 -6.04
CA LYS A 60 11.88 -13.32 -6.11
C LYS A 60 10.98 -12.10 -6.31
N ALA A 61 11.43 -10.97 -5.76
CA ALA A 61 10.68 -9.74 -5.87
C ALA A 61 10.82 -9.18 -7.28
N VAL A 62 9.72 -8.67 -7.80
CA VAL A 62 9.71 -8.10 -9.14
C VAL A 62 9.96 -6.60 -9.05
N LYS A 63 10.45 -6.05 -10.15
CA LYS A 63 10.74 -4.63 -10.22
C LYS A 63 9.58 -3.90 -10.88
N ALA A 64 8.74 -3.29 -10.06
CA ALA A 64 7.59 -2.56 -10.55
C ALA A 64 7.36 -1.33 -9.68
N VAL A 65 6.50 -0.45 -10.18
CA VAL A 65 6.19 0.78 -9.45
C VAL A 65 4.83 0.62 -8.77
N LEU A 66 4.83 0.84 -7.46
CA LEU A 66 3.62 0.73 -6.68
C LEU A 66 2.88 2.07 -6.70
N TRP A 67 1.70 2.05 -7.33
CA TRP A 67 0.89 3.25 -7.42
C TRP A 67 -0.15 3.21 -6.30
N VAL A 68 -0.42 4.39 -5.75
CA VAL A 68 -1.39 4.51 -4.66
C VAL A 68 -2.40 5.60 -5.01
N SER A 69 -3.67 5.22 -4.95
CA SER A 69 -4.75 6.16 -5.25
C SER A 69 -5.94 5.88 -4.34
N ALA A 70 -6.81 6.88 -4.25
CA ALA A 70 -7.99 6.76 -3.42
C ALA A 70 -8.82 5.56 -3.87
N ASP A 71 -8.58 5.15 -5.12
CA ASP A 71 -9.29 4.01 -5.67
C ASP A 71 -8.59 2.72 -5.24
N GLY A 72 -7.52 2.89 -4.48
CA GLY A 72 -6.77 1.75 -4.00
C GLY A 72 -5.30 1.84 -4.44
N LEU A 73 -4.79 0.72 -4.92
CA LEU A 73 -3.41 0.66 -5.38
C LEU A 73 -3.37 0.18 -6.83
N ARG A 74 -2.19 0.20 -7.40
CA ARG A 74 -2.00 -0.22 -8.77
C ARG A 74 -0.54 -0.62 -9.02
N VAL A 75 -0.31 -1.92 -9.00
CA VAL A 75 1.03 -2.45 -9.22
C VAL A 75 1.32 -2.48 -10.72
N VAL A 76 2.05 -1.46 -11.18
CA VAL A 76 2.39 -1.36 -12.58
C VAL A 76 3.71 -2.11 -12.82
N ASP A 77 3.88 -2.55 -14.06
CA ASP A 77 5.08 -3.27 -14.45
C ASP A 77 6.03 -2.33 -15.17
N GLU A 78 7.06 -1.90 -14.46
CA GLU A 78 8.05 -1.00 -15.03
C GLU A 78 8.35 -1.38 -16.47
N LYS A 79 8.21 -2.67 -16.75
CA LYS A 79 8.46 -3.17 -18.09
C LYS A 79 7.84 -2.21 -19.11
N THR A 80 6.53 -2.29 -19.24
CA THR A 80 5.81 -1.45 -20.18
C THR A 80 4.83 -0.54 -19.43
N LYS A 81 5.03 -0.46 -18.12
CA LYS A 81 4.17 0.37 -17.29
C LYS A 81 2.77 -0.26 -17.21
N ASP A 82 2.67 -1.45 -17.78
CA ASP A 82 1.40 -2.18 -17.78
C ASP A 82 0.88 -2.28 -16.34
N LEU A 83 -0.18 -3.04 -16.20
CA LEU A 83 -0.80 -3.24 -14.89
C LEU A 83 -0.58 -4.68 -14.44
N ILE A 84 0.02 -4.81 -13.27
CA ILE A 84 0.29 -6.13 -12.71
C ILE A 84 -0.87 -6.55 -11.83
N VAL A 85 -1.25 -5.65 -10.93
CA VAL A 85 -2.35 -5.92 -10.02
C VAL A 85 -3.17 -4.64 -9.83
N ASP A 86 -4.46 -4.83 -9.54
CA ASP A 86 -5.35 -3.71 -9.33
C ASP A 86 -6.15 -3.93 -8.04
N GLN A 87 -5.63 -3.38 -6.96
CA GLN A 87 -6.27 -3.50 -5.67
C GLN A 87 -7.06 -2.24 -5.34
N THR A 88 -8.21 -2.44 -4.69
CA THR A 88 -9.07 -1.33 -4.32
C THR A 88 -9.03 -1.11 -2.81
N ILE A 89 -8.94 0.15 -2.43
CA ILE A 89 -8.91 0.50 -1.02
C ILE A 89 -10.13 -0.09 -0.31
N GLU A 90 -11.16 -0.36 -1.10
CA GLU A 90 -12.38 -0.92 -0.58
C GLU A 90 -12.10 -2.27 0.10
N LYS A 91 -11.65 -3.22 -0.71
CA LYS A 91 -11.33 -4.54 -0.21
C LYS A 91 -10.37 -4.43 0.97
N VAL A 92 -9.26 -3.74 0.73
CA VAL A 92 -8.25 -3.55 1.75
C VAL A 92 -8.94 -3.26 3.09
N SER A 93 -8.78 -4.20 4.01
CA SER A 93 -9.37 -4.05 5.33
C SER A 93 -8.35 -3.48 6.31
N PHE A 94 -7.19 -4.09 6.32
CA PHE A 94 -6.11 -3.65 7.21
C PHE A 94 -4.78 -3.57 6.47
N CYS A 95 -3.90 -2.71 6.96
CA CYS A 95 -2.60 -2.52 6.36
C CYS A 95 -1.65 -1.98 7.43
N ALA A 96 -0.65 -2.79 7.74
CA ALA A 96 0.33 -2.40 8.74
C ALA A 96 1.74 -2.65 8.19
N PRO A 97 2.70 -1.82 8.67
CA PRO A 97 4.08 -1.94 8.24
C PRO A 97 4.76 -3.16 8.88
N ASP A 98 6.08 -3.16 8.84
CA ASP A 98 6.85 -4.24 9.40
C ASP A 98 8.04 -3.68 10.18
N ARG A 99 8.84 -4.58 10.73
CA ARG A 99 10.01 -4.18 11.50
C ARG A 99 11.18 -5.13 11.22
N ASN A 100 10.87 -6.42 11.32
CA ASN A 100 11.89 -7.44 11.07
C ASN A 100 12.76 -7.01 9.90
N PHE A 101 12.11 -6.48 8.87
CA PHE A 101 12.82 -6.04 7.69
C PHE A 101 13.07 -4.53 7.74
N ASP A 102 13.71 -4.03 6.68
CA ASP A 102 14.01 -2.62 6.59
C ASP A 102 12.87 -1.90 5.86
N ARG A 103 12.41 -2.52 4.79
CA ARG A 103 11.33 -1.96 4.00
C ARG A 103 10.44 -3.07 3.46
N ALA A 104 9.54 -3.55 4.31
CA ALA A 104 8.63 -4.61 3.92
C ALA A 104 7.21 -4.26 4.39
N PHE A 105 6.41 -3.81 3.44
CA PHE A 105 5.03 -3.44 3.74
C PHE A 105 4.04 -4.40 3.07
N SER A 106 2.90 -4.58 3.73
CA SER A 106 1.87 -5.46 3.22
C SER A 106 0.50 -4.98 3.68
N TYR A 107 -0.52 -5.47 2.99
CA TYR A 107 -1.89 -5.10 3.31
C TYR A 107 -2.84 -6.26 3.06
N ILE A 108 -3.80 -6.42 3.97
CA ILE A 108 -4.78 -7.48 3.86
C ILE A 108 -5.99 -6.98 3.08
N CYS A 109 -6.60 -7.89 2.34
CA CYS A 109 -7.76 -7.55 1.54
C CYS A 109 -8.56 -8.83 1.30
N ARG A 110 -9.72 -8.66 0.66
CA ARG A 110 -10.59 -9.79 0.37
C ARG A 110 -10.56 -10.10 -1.12
N ASP A 111 -9.66 -11.01 -1.48
CA ASP A 111 -9.52 -11.41 -2.88
C ASP A 111 -10.90 -11.65 -3.47
N GLY A 112 -10.96 -11.57 -4.79
CA GLY A 112 -12.21 -11.77 -5.50
C GLY A 112 -12.15 -13.02 -6.37
N THR A 113 -11.00 -13.21 -7.00
CA THR A 113 -10.81 -14.38 -7.86
C THR A 113 -11.02 -15.66 -7.08
N THR A 114 -10.36 -15.75 -5.93
CA THR A 114 -10.48 -16.92 -5.09
C THR A 114 -11.65 -16.77 -4.11
N ARG A 115 -12.09 -15.52 -3.96
CA ARG A 115 -13.19 -15.23 -3.07
C ARG A 115 -12.81 -15.55 -1.62
N ARG A 116 -11.64 -15.06 -1.23
CA ARG A 116 -11.16 -15.29 0.13
C ARG A 116 -10.31 -14.12 0.59
N TRP A 117 -9.59 -14.34 1.67
CA TRP A 117 -8.72 -13.31 2.23
C TRP A 117 -7.30 -13.55 1.73
N ILE A 118 -6.67 -12.47 1.29
CA ILE A 118 -5.31 -12.56 0.79
C ILE A 118 -4.50 -11.38 1.33
N CYS A 119 -3.19 -11.60 1.42
CA CYS A 119 -2.29 -10.59 1.93
C CYS A 119 -1.20 -10.36 0.89
N HIS A 120 -0.91 -9.08 0.65
CA HIS A 120 0.12 -8.71 -0.31
C HIS A 120 1.22 -7.93 0.39
N CYS A 121 2.45 -8.15 -0.07
CA CYS A 121 3.60 -7.48 0.50
C CYS A 121 4.32 -6.73 -0.62
N PHE A 122 5.13 -5.76 -0.22
CA PHE A 122 5.88 -4.96 -1.17
C PHE A 122 7.20 -4.49 -0.57
N MET A 123 8.29 -4.99 -1.14
CA MET A 123 9.61 -4.63 -0.67
C MET A 123 10.11 -3.35 -1.35
N ALA A 124 9.93 -2.24 -0.66
CA ALA A 124 10.35 -0.95 -1.19
C ALA A 124 11.75 -1.08 -1.81
N VAL A 125 12.02 -0.21 -2.75
CA VAL A 125 13.32 -0.22 -3.43
C VAL A 125 14.31 0.64 -2.64
N LYS A 126 14.01 1.93 -2.57
CA LYS A 126 14.87 2.86 -1.85
C LYS A 126 14.01 3.71 -0.91
N ASP A 127 13.06 3.05 -0.28
CA ASP A 127 12.17 3.73 0.65
C ASP A 127 11.96 2.86 1.89
N THR A 128 11.06 3.31 2.75
CA THR A 128 10.76 2.58 3.97
C THR A 128 9.28 2.25 4.05
N GLY A 129 8.98 1.10 4.64
CA GLY A 129 7.61 0.65 4.79
C GLY A 129 6.72 1.78 5.34
N GLU A 130 7.36 2.68 6.07
CA GLU A 130 6.65 3.80 6.66
C GLU A 130 5.90 4.58 5.57
N ARG A 131 6.67 5.23 4.71
CA ARG A 131 6.09 6.00 3.63
C ARG A 131 5.05 5.18 2.88
N LEU A 132 5.35 3.89 2.72
CA LEU A 132 4.44 2.99 2.03
C LEU A 132 3.08 3.01 2.73
N SER A 133 3.09 2.61 3.99
CA SER A 133 1.87 2.57 4.77
C SER A 133 1.20 3.94 4.75
N HIS A 134 1.99 4.95 4.42
CA HIS A 134 1.49 6.31 4.37
C HIS A 134 0.70 6.52 3.08
N ALA A 135 1.32 6.13 1.97
CA ALA A 135 0.70 6.27 0.67
C ALA A 135 -0.65 5.54 0.68
N VAL A 136 -0.62 4.30 1.15
CA VAL A 136 -1.81 3.49 1.21
C VAL A 136 -2.75 4.06 2.29
N GLY A 137 -2.14 4.61 3.33
CA GLY A 137 -2.90 5.19 4.43
C GLY A 137 -3.47 6.55 4.03
N CYS A 138 -3.06 7.02 2.87
CA CYS A 138 -3.52 8.31 2.36
C CYS A 138 -4.83 8.08 1.60
N ALA A 139 -4.77 7.16 0.64
CA ALA A 139 -5.94 6.86 -0.17
C ALA A 139 -7.09 6.46 0.76
N PHE A 140 -6.74 5.82 1.86
CA PHE A 140 -7.74 5.40 2.83
C PHE A 140 -8.45 6.60 3.45
N ALA A 141 -7.65 7.49 4.04
CA ALA A 141 -8.19 8.68 4.67
C ALA A 141 -8.97 9.50 3.63
N ALA A 142 -8.62 9.27 2.37
CA ALA A 142 -9.27 9.98 1.28
C ALA A 142 -10.57 9.26 0.92
N CYS A 143 -10.44 7.99 0.61
CA CYS A 143 -11.60 7.19 0.24
C CYS A 143 -12.60 7.25 1.39
N LEU A 144 -12.10 7.07 2.59
CA LEU A 144 -12.94 7.12 3.78
C LEU A 144 -13.52 8.52 3.93
N GLU A 145 -12.70 9.51 3.63
CA GLU A 145 -13.12 10.89 3.73
C GLU A 145 -14.49 11.08 3.08
N ARG A 146 -14.76 10.24 2.09
CA ARG A 146 -16.02 10.31 1.38
C ARG A 146 -17.16 9.75 2.25
N LYS A 147 -16.81 8.72 3.01
CA LYS A 147 -17.78 8.08 3.90
C LYS A 147 -17.79 8.81 5.24
N GLN A 148 -16.62 8.86 5.86
CA GLN A 148 -16.49 9.53 7.15
C GLN A 148 -15.79 10.88 6.97
N LYS A 149 -15.58 11.54 8.11
CA LYS A 149 -14.93 12.84 8.09
C LYS A 149 -13.51 12.71 8.66
N ARG A 150 -12.67 13.66 8.29
CA ARG A 150 -11.29 13.66 8.74
C ARG A 150 -11.24 13.55 10.27
N SER A 151 -10.76 12.41 10.74
CA SER A 151 -10.65 12.18 12.17
C SER A 151 -9.20 11.96 12.56
N GLY A 152 -8.57 13.03 13.02
CA GLY A 152 -7.18 12.97 13.43
C GLY A 152 -6.95 13.78 14.71
N PRO A 153 -5.86 13.40 15.43
CA PRO A 153 -5.51 14.07 16.68
C PRO A 153 -4.91 15.45 16.41
N SER A 154 -4.54 16.11 17.49
CA SER A 154 -3.95 17.44 17.38
C SER A 154 -3.06 17.71 18.60
N SER A 155 -1.89 17.10 18.58
CA SER A 155 -0.94 17.26 19.67
C SER A 155 -0.53 18.74 19.79
N GLY A 156 0.05 19.24 18.71
CA GLY A 156 0.50 20.63 18.67
C GLY A 156 1.40 20.95 19.87
N GLY A 1 -17.08 22.00 4.36
CA GLY A 1 -17.46 20.83 5.12
C GLY A 1 -16.88 20.88 6.53
N SER A 2 -17.42 20.04 7.40
CA SER A 2 -16.97 19.98 8.78
C SER A 2 -15.46 19.73 8.81
N SER A 3 -14.73 20.79 9.12
CA SER A 3 -13.28 20.71 9.19
C SER A 3 -12.74 21.75 10.17
N GLY A 4 -11.55 21.49 10.67
CA GLY A 4 -10.91 22.40 11.60
C GLY A 4 -9.84 23.25 10.91
N SER A 5 -8.60 22.77 10.99
CA SER A 5 -7.49 23.47 10.38
C SER A 5 -6.24 22.59 10.41
N SER A 6 -5.86 22.10 9.23
CA SER A 6 -4.69 21.25 9.12
C SER A 6 -3.70 21.86 8.13
N GLY A 7 -2.43 21.80 8.50
CA GLY A 7 -1.38 22.34 7.65
C GLY A 7 0.01 21.93 8.16
N ALA A 8 0.84 21.50 7.23
CA ALA A 8 2.18 21.08 7.57
C ALA A 8 3.12 21.37 6.40
N SER A 9 4.42 21.37 6.70
CA SER A 9 5.42 21.62 5.68
C SER A 9 6.37 20.43 5.56
N ARG A 10 5.77 19.26 5.41
CA ARG A 10 6.55 18.03 5.29
C ARG A 10 7.26 18.00 3.93
N PRO A 11 8.41 17.27 3.90
CA PRO A 11 9.19 17.15 2.69
C PRO A 11 8.53 16.19 1.70
N HIS A 12 9.21 15.94 0.60
CA HIS A 12 8.70 15.05 -0.42
C HIS A 12 8.93 13.60 0.00
N GLN A 13 7.99 13.08 0.78
CA GLN A 13 8.08 11.71 1.25
C GLN A 13 6.68 11.18 1.59
N TRP A 14 6.09 11.76 2.63
CA TRP A 14 4.76 11.35 3.05
C TRP A 14 3.74 12.25 2.34
N GLN A 15 3.86 13.54 2.61
CA GLN A 15 2.95 14.51 2.00
C GLN A 15 2.86 14.27 0.49
N THR A 16 4.02 14.11 -0.12
CA THR A 16 4.08 13.88 -1.56
C THR A 16 3.20 12.69 -1.94
N ASP A 17 3.10 11.74 -1.02
CA ASP A 17 2.29 10.55 -1.25
C ASP A 17 0.83 10.86 -0.90
N GLU A 18 0.65 11.95 -0.17
CA GLU A 18 -0.69 12.36 0.23
C GLU A 18 -1.35 13.17 -0.89
N GLU A 19 -0.52 13.71 -1.77
CA GLU A 19 -1.01 14.50 -2.87
C GLU A 19 -1.11 13.65 -4.14
N GLY A 20 -0.05 12.90 -4.39
CA GLY A 20 0.00 12.02 -5.56
C GLY A 20 -1.20 11.08 -5.58
N VAL A 21 -1.86 10.97 -4.43
CA VAL A 21 -3.02 10.11 -4.31
C VAL A 21 -4.27 10.88 -4.72
N ARG A 22 -4.40 12.08 -4.17
CA ARG A 22 -5.54 12.92 -4.47
C ARG A 22 -5.35 13.59 -5.83
N THR A 23 -4.23 13.31 -6.45
CA THR A 23 -3.92 13.87 -7.76
C THR A 23 -3.82 12.75 -8.80
N GLY A 24 -2.95 11.80 -8.51
CA GLY A 24 -2.76 10.68 -9.42
C GLY A 24 -1.28 10.57 -9.84
N LYS A 25 -0.42 10.42 -8.84
CA LYS A 25 1.00 10.31 -9.09
C LYS A 25 1.71 9.91 -7.80
N CYS A 26 1.01 9.12 -6.99
CA CYS A 26 1.55 8.67 -5.73
C CYS A 26 2.08 7.24 -5.92
N SER A 27 3.15 7.14 -6.68
CA SER A 27 3.75 5.84 -6.95
C SER A 27 5.25 5.89 -6.67
N PHE A 28 5.77 4.78 -6.17
CA PHE A 28 7.19 4.69 -5.85
C PHE A 28 7.76 3.34 -6.28
N PRO A 29 9.11 3.28 -6.33
CA PRO A 29 9.79 2.06 -6.72
C PRO A 29 9.76 1.02 -5.59
N VAL A 30 9.09 -0.08 -5.86
CA VAL A 30 8.97 -1.15 -4.89
C VAL A 30 9.13 -2.51 -5.59
N LYS A 31 8.96 -3.56 -4.80
CA LYS A 31 9.09 -4.91 -5.34
C LYS A 31 7.86 -5.73 -4.93
N TYR A 32 7.26 -6.38 -5.91
CA TYR A 32 6.09 -7.20 -5.66
C TYR A 32 6.49 -8.60 -5.21
N LEU A 33 6.26 -8.85 -3.92
CA LEU A 33 6.59 -10.14 -3.35
C LEU A 33 5.55 -11.17 -3.78
N GLY A 34 4.30 -10.76 -3.75
CA GLY A 34 3.20 -11.62 -4.14
C GLY A 34 2.04 -11.53 -3.14
N HIS A 35 1.19 -12.55 -3.18
CA HIS A 35 0.04 -12.60 -2.29
C HIS A 35 0.06 -13.91 -1.50
N VAL A 36 -0.54 -13.86 -0.32
CA VAL A 36 -0.60 -15.04 0.53
C VAL A 36 -1.90 -15.00 1.35
N GLU A 37 -2.36 -16.19 1.70
CA GLU A 37 -3.59 -16.31 2.48
C GLU A 37 -3.29 -16.20 3.97
N VAL A 38 -3.76 -15.11 4.56
CA VAL A 38 -3.56 -14.88 5.98
C VAL A 38 -4.29 -15.96 6.79
N ASP A 39 -4.34 -15.73 8.09
CA ASP A 39 -5.00 -16.66 8.98
C ASP A 39 -5.99 -15.91 9.88
N GLU A 40 -5.51 -14.78 10.39
CA GLU A 40 -6.34 -13.96 11.26
C GLU A 40 -6.98 -12.81 10.46
N SER A 41 -6.28 -12.41 9.41
CA SER A 41 -6.76 -11.33 8.57
C SER A 41 -6.55 -9.98 9.26
N ARG A 42 -5.89 -10.04 10.41
CA ARG A 42 -5.63 -8.84 11.18
C ARG A 42 -4.49 -9.08 12.17
N GLY A 43 -3.50 -8.20 12.12
CA GLY A 43 -2.36 -8.31 13.00
C GLY A 43 -1.09 -7.77 12.33
N MET A 44 -0.43 -6.86 13.02
CA MET A 44 0.78 -6.26 12.50
C MET A 44 1.86 -7.32 12.24
N HIS A 45 1.80 -8.37 13.05
CA HIS A 45 2.76 -9.46 12.91
C HIS A 45 2.31 -10.39 11.79
N ILE A 46 1.09 -10.19 11.34
CA ILE A 46 0.53 -11.01 10.27
C ILE A 46 1.13 -10.55 8.93
N CYS A 47 0.76 -9.35 8.53
CA CYS A 47 1.25 -8.79 7.28
C CYS A 47 2.74 -9.11 7.16
N GLU A 48 3.43 -8.93 8.28
CA GLU A 48 4.86 -9.19 8.31
C GLU A 48 5.15 -10.65 7.98
N ASP A 49 4.63 -11.53 8.82
CA ASP A 49 4.82 -12.96 8.63
C ASP A 49 4.64 -13.30 7.15
N ALA A 50 3.67 -12.63 6.54
CA ALA A 50 3.38 -12.86 5.13
C ALA A 50 4.68 -12.70 4.33
N VAL A 51 5.31 -11.55 4.50
CA VAL A 51 6.55 -11.26 3.80
C VAL A 51 7.42 -12.53 3.77
N LYS A 52 7.79 -12.97 4.96
CA LYS A 52 8.62 -14.16 5.09
C LYS A 52 8.07 -15.26 4.17
N ARG A 53 6.78 -15.54 4.34
CA ARG A 53 6.12 -16.56 3.53
C ARG A 53 6.56 -16.44 2.08
N LEU A 54 6.42 -15.24 1.53
CA LEU A 54 6.80 -14.99 0.15
C LEU A 54 8.33 -15.05 0.03
N LYS A 55 9.00 -14.72 1.12
CA LYS A 55 10.45 -14.73 1.14
C LYS A 55 10.94 -16.18 1.21
N ALA A 56 10.00 -17.07 1.47
CA ALA A 56 10.32 -18.49 1.56
C ALA A 56 9.56 -19.26 0.48
N THR A 57 8.72 -18.52 -0.24
CA THR A 57 7.94 -19.11 -1.31
C THR A 57 8.82 -19.38 -2.54
N GLY A 58 9.85 -18.56 -2.67
CA GLY A 58 10.77 -18.70 -3.79
C GLY A 58 10.42 -17.71 -4.91
N LYS A 59 9.12 -17.48 -5.06
CA LYS A 59 8.65 -16.56 -6.09
C LYS A 59 9.59 -15.35 -6.17
N LYS A 60 9.90 -14.80 -5.01
CA LYS A 60 10.78 -13.65 -4.93
C LYS A 60 9.97 -12.37 -5.17
N ALA A 61 10.69 -11.29 -5.42
CA ALA A 61 10.06 -10.01 -5.67
C ALA A 61 10.34 -9.57 -7.10
N VAL A 62 9.37 -8.87 -7.68
CA VAL A 62 9.50 -8.38 -9.04
C VAL A 62 9.81 -6.89 -9.01
N LYS A 63 10.35 -6.42 -10.14
CA LYS A 63 10.71 -5.01 -10.26
C LYS A 63 9.54 -4.25 -10.91
N ALA A 64 8.77 -3.60 -10.06
CA ALA A 64 7.63 -2.83 -10.53
C ALA A 64 7.42 -1.62 -9.63
N VAL A 65 6.57 -0.71 -10.09
CA VAL A 65 6.28 0.49 -9.33
C VAL A 65 4.92 0.35 -8.66
N LEU A 66 4.87 0.74 -7.39
CA LEU A 66 3.65 0.64 -6.62
C LEU A 66 2.93 2.00 -6.65
N TRP A 67 1.75 2.00 -7.26
CA TRP A 67 0.97 3.21 -7.36
C TRP A 67 -0.08 3.20 -6.25
N VAL A 68 -0.32 4.37 -5.68
CA VAL A 68 -1.30 4.50 -4.62
C VAL A 68 -2.29 5.60 -4.97
N SER A 69 -3.57 5.23 -4.95
CA SER A 69 -4.62 6.18 -5.27
C SER A 69 -5.85 5.90 -4.40
N ALA A 70 -6.72 6.89 -4.32
CA ALA A 70 -7.93 6.76 -3.53
C ALA A 70 -8.68 5.51 -3.94
N ASP A 71 -8.63 5.22 -5.24
CA ASP A 71 -9.29 4.04 -5.77
C ASP A 71 -8.63 2.78 -5.21
N GLY A 72 -7.42 2.96 -4.70
CA GLY A 72 -6.68 1.85 -4.12
C GLY A 72 -5.21 1.90 -4.53
N LEU A 73 -4.73 0.78 -5.04
CA LEU A 73 -3.35 0.68 -5.48
C LEU A 73 -3.31 0.18 -6.93
N ARG A 74 -2.11 0.16 -7.48
CA ARG A 74 -1.93 -0.30 -8.85
C ARG A 74 -0.48 -0.73 -9.07
N VAL A 75 -0.30 -2.05 -9.13
CA VAL A 75 1.04 -2.60 -9.34
C VAL A 75 1.37 -2.56 -10.83
N VAL A 76 2.14 -1.54 -11.20
CA VAL A 76 2.54 -1.36 -12.58
C VAL A 76 3.84 -2.14 -12.83
N ASP A 77 4.04 -2.50 -14.09
CA ASP A 77 5.23 -3.24 -14.47
C ASP A 77 6.23 -2.29 -15.13
N GLU A 78 7.26 -1.94 -14.35
CA GLU A 78 8.28 -1.04 -14.84
C GLU A 78 8.61 -1.34 -16.30
N LYS A 79 8.43 -2.60 -16.67
CA LYS A 79 8.70 -3.03 -18.03
C LYS A 79 8.15 -1.99 -19.00
N THR A 80 6.83 -2.02 -19.17
CA THR A 80 6.17 -1.10 -20.07
C THR A 80 5.17 -0.23 -19.30
N LYS A 81 5.34 -0.23 -17.98
CA LYS A 81 4.47 0.56 -17.13
C LYS A 81 3.06 -0.06 -17.14
N ASP A 82 2.97 -1.22 -17.76
CA ASP A 82 1.71 -1.93 -17.84
C ASP A 82 1.10 -2.08 -16.44
N LEU A 83 0.01 -2.81 -16.37
CA LEU A 83 -0.66 -3.04 -15.10
C LEU A 83 -0.51 -4.51 -14.71
N ILE A 84 0.09 -4.71 -13.54
CA ILE A 84 0.29 -6.07 -13.03
C ILE A 84 -0.91 -6.49 -12.19
N VAL A 85 -1.30 -5.60 -11.29
CA VAL A 85 -2.43 -5.87 -10.43
C VAL A 85 -3.20 -4.56 -10.18
N ASP A 86 -4.48 -4.72 -9.88
CA ASP A 86 -5.33 -3.57 -9.63
C ASP A 86 -6.12 -3.80 -8.33
N GLN A 87 -5.53 -3.33 -7.24
CA GLN A 87 -6.16 -3.48 -5.93
C GLN A 87 -6.91 -2.20 -5.56
N THR A 88 -8.09 -2.40 -4.97
CA THR A 88 -8.91 -1.27 -4.57
C THR A 88 -8.82 -1.06 -3.05
N ILE A 89 -8.74 0.20 -2.66
CA ILE A 89 -8.64 0.55 -1.26
C ILE A 89 -9.73 -0.20 -0.48
N GLU A 90 -10.84 -0.45 -1.16
CA GLU A 90 -11.95 -1.15 -0.55
C GLU A 90 -11.47 -2.45 0.10
N LYS A 91 -11.07 -3.39 -0.76
CA LYS A 91 -10.60 -4.68 -0.28
C LYS A 91 -9.65 -4.46 0.90
N VAL A 92 -8.68 -3.60 0.69
CA VAL A 92 -7.70 -3.29 1.73
C VAL A 92 -8.44 -3.07 3.06
N SER A 93 -8.30 -4.06 3.94
CA SER A 93 -8.94 -3.99 5.24
C SER A 93 -7.96 -3.46 6.28
N PHE A 94 -6.75 -3.98 6.22
CA PHE A 94 -5.71 -3.57 7.16
C PHE A 94 -4.36 -3.41 6.43
N CYS A 95 -3.51 -2.59 7.02
CA CYS A 95 -2.20 -2.34 6.46
C CYS A 95 -1.25 -1.91 7.59
N ALA A 96 -0.27 -2.75 7.84
CA ALA A 96 0.70 -2.48 8.89
C ALA A 96 2.11 -2.51 8.30
N PRO A 97 3.02 -1.75 8.95
CA PRO A 97 4.41 -1.67 8.50
C PRO A 97 5.16 -2.96 8.85
N ASP A 98 6.48 -2.85 8.82
CA ASP A 98 7.33 -3.99 9.12
C ASP A 98 8.41 -3.57 10.12
N ARG A 99 9.09 -4.57 10.68
CA ARG A 99 10.14 -4.31 11.64
C ARG A 99 11.41 -5.08 11.26
N ASN A 100 11.23 -6.37 11.06
CA ASN A 100 12.35 -7.24 10.70
C ASN A 100 13.14 -6.58 9.56
N PHE A 101 12.40 -6.21 8.51
CA PHE A 101 13.02 -5.58 7.36
C PHE A 101 12.99 -4.06 7.49
N ASP A 102 13.60 -3.40 6.51
CA ASP A 102 13.65 -1.95 6.50
C ASP A 102 12.72 -1.42 5.39
N ARG A 103 12.38 -2.31 4.48
CA ARG A 103 11.51 -1.95 3.38
C ARG A 103 10.57 -3.12 3.03
N ALA A 104 9.65 -3.38 3.95
CA ALA A 104 8.69 -4.46 3.75
C ALA A 104 7.29 -3.96 4.13
N PHE A 105 6.51 -3.65 3.10
CA PHE A 105 5.16 -3.18 3.32
C PHE A 105 4.13 -4.21 2.84
N SER A 106 3.34 -4.69 3.78
CA SER A 106 2.31 -5.67 3.46
C SER A 106 1.00 -5.29 4.15
N TYR A 107 -0.10 -5.56 3.45
CA TYR A 107 -1.42 -5.25 3.97
C TYR A 107 -2.39 -6.40 3.69
N ILE A 108 -3.41 -6.50 4.54
CA ILE A 108 -4.41 -7.53 4.40
C ILE A 108 -5.62 -6.96 3.64
N CYS A 109 -6.20 -7.81 2.81
CA CYS A 109 -7.36 -7.40 2.02
C CYS A 109 -8.13 -8.66 1.63
N ARG A 110 -9.45 -8.52 1.57
CA ARG A 110 -10.32 -9.62 1.20
C ARG A 110 -10.40 -9.76 -0.31
N ASP A 111 -9.52 -10.60 -0.85
CA ASP A 111 -9.48 -10.83 -2.29
C ASP A 111 -10.92 -10.89 -2.82
N GLY A 112 -11.21 -10.00 -3.76
CA GLY A 112 -12.52 -9.95 -4.36
C GLY A 112 -12.57 -10.74 -5.67
N THR A 113 -12.64 -12.05 -5.53
CA THR A 113 -12.68 -12.92 -6.69
C THR A 113 -12.90 -14.38 -6.26
N THR A 114 -11.95 -14.88 -5.49
CA THR A 114 -12.03 -16.25 -5.00
C THR A 114 -12.87 -16.32 -3.73
N ARG A 115 -13.18 -15.14 -3.20
CA ARG A 115 -13.97 -15.05 -1.99
C ARG A 115 -13.17 -15.55 -0.79
N ARG A 116 -12.03 -14.92 -0.56
CA ARG A 116 -11.16 -15.29 0.54
C ARG A 116 -10.31 -14.10 0.98
N TRP A 117 -9.46 -14.34 1.95
CA TRP A 117 -8.58 -13.31 2.48
C TRP A 117 -7.21 -13.47 1.81
N ILE A 118 -6.68 -12.36 1.34
CA ILE A 118 -5.39 -12.37 0.68
C ILE A 118 -4.55 -11.19 1.20
N CYS A 119 -3.29 -11.47 1.45
CA CYS A 119 -2.37 -10.45 1.94
C CYS A 119 -1.37 -10.12 0.83
N HIS A 120 -1.15 -8.83 0.64
CA HIS A 120 -0.23 -8.37 -0.38
C HIS A 120 1.00 -7.74 0.29
N CYS A 121 2.16 -8.24 -0.09
CA CYS A 121 3.41 -7.73 0.46
C CYS A 121 4.15 -6.97 -0.64
N PHE A 122 4.94 -5.99 -0.22
CA PHE A 122 5.70 -5.18 -1.15
C PHE A 122 7.04 -4.76 -0.55
N MET A 123 8.10 -5.11 -1.25
CA MET A 123 9.45 -4.77 -0.79
C MET A 123 9.94 -3.49 -1.45
N ALA A 124 9.80 -2.39 -0.74
CA ALA A 124 10.23 -1.10 -1.24
C ALA A 124 11.62 -1.24 -1.86
N VAL A 125 11.91 -0.35 -2.80
CA VAL A 125 13.20 -0.37 -3.48
C VAL A 125 14.16 0.54 -2.72
N LYS A 126 13.83 1.82 -2.68
CA LYS A 126 14.66 2.80 -2.00
C LYS A 126 13.79 3.64 -1.07
N ASP A 127 12.95 2.95 -0.31
CA ASP A 127 12.06 3.62 0.62
C ASP A 127 11.83 2.71 1.84
N THR A 128 11.13 3.27 2.81
CA THR A 128 10.83 2.53 4.03
C THR A 128 9.34 2.23 4.13
N GLY A 129 9.03 1.03 4.60
CA GLY A 129 7.65 0.60 4.74
C GLY A 129 6.79 1.74 5.30
N GLU A 130 7.33 2.44 6.28
CA GLU A 130 6.63 3.54 6.90
C GLU A 130 5.85 4.33 5.85
N ARG A 131 6.59 5.07 5.03
CA ARG A 131 5.98 5.87 3.98
C ARG A 131 4.92 5.05 3.23
N LEU A 132 5.31 3.84 2.86
CA LEU A 132 4.41 2.95 2.15
C LEU A 132 3.11 2.79 2.95
N SER A 133 3.27 2.78 4.27
CA SER A 133 2.13 2.63 5.16
C SER A 133 1.31 3.93 5.18
N HIS A 134 1.97 5.01 4.74
CA HIS A 134 1.31 6.31 4.71
C HIS A 134 0.49 6.44 3.43
N ALA A 135 1.17 6.29 2.30
CA ALA A 135 0.51 6.37 1.01
C ALA A 135 -0.80 5.58 1.05
N VAL A 136 -0.69 4.37 1.58
CA VAL A 136 -1.86 3.51 1.68
C VAL A 136 -2.86 4.10 2.68
N GLY A 137 -2.30 4.65 3.75
CA GLY A 137 -3.13 5.26 4.78
C GLY A 137 -3.66 6.63 4.33
N CYS A 138 -3.17 7.07 3.17
CA CYS A 138 -3.57 8.35 2.63
C CYS A 138 -4.85 8.12 1.80
N ALA A 139 -4.74 7.24 0.82
CA ALA A 139 -5.86 6.93 -0.05
C ALA A 139 -7.06 6.54 0.81
N PHE A 140 -6.79 5.73 1.82
CA PHE A 140 -7.84 5.27 2.72
C PHE A 140 -8.64 6.45 3.27
N ALA A 141 -7.92 7.36 3.91
CA ALA A 141 -8.54 8.54 4.49
C ALA A 141 -9.32 9.29 3.40
N ALA A 142 -8.74 9.28 2.21
CA ALA A 142 -9.35 9.97 1.08
C ALA A 142 -10.63 9.22 0.70
N CYS A 143 -10.46 7.96 0.32
CA CYS A 143 -11.59 7.14 -0.08
C CYS A 143 -12.64 7.19 1.04
N LEU A 144 -12.16 7.06 2.26
CA LEU A 144 -13.04 7.09 3.42
C LEU A 144 -13.67 8.48 3.54
N GLU A 145 -12.85 9.48 3.25
CA GLU A 145 -13.31 10.86 3.34
C GLU A 145 -14.66 11.01 2.65
N ARG A 146 -14.89 10.16 1.66
CA ARG A 146 -16.14 10.18 0.92
C ARG A 146 -17.27 9.60 1.77
N LYS A 147 -16.93 8.58 2.53
CA LYS A 147 -17.90 7.92 3.40
C LYS A 147 -17.97 8.66 4.74
N GLN A 148 -16.81 8.75 5.39
CA GLN A 148 -16.72 9.43 6.67
C GLN A 148 -16.01 10.77 6.52
N LYS A 149 -15.85 11.45 7.64
CA LYS A 149 -15.18 12.74 7.65
C LYS A 149 -13.80 12.60 8.31
N ARG A 150 -12.87 13.39 7.82
CA ARG A 150 -11.51 13.36 8.35
C ARG A 150 -11.35 14.41 9.45
N SER A 151 -10.57 14.05 10.46
CA SER A 151 -10.33 14.95 11.58
C SER A 151 -9.40 14.29 12.59
N GLY A 152 -8.96 15.09 13.56
CA GLY A 152 -8.07 14.58 14.59
C GLY A 152 -6.61 14.84 14.21
N PRO A 153 -6.03 15.90 14.83
CA PRO A 153 -4.64 16.26 14.57
C PRO A 153 -3.68 15.29 15.27
N SER A 154 -2.39 15.53 15.08
CA SER A 154 -1.38 14.69 15.67
C SER A 154 -0.21 15.55 16.16
N SER A 155 0.34 16.32 15.25
CA SER A 155 1.47 17.19 15.58
C SER A 155 1.62 18.27 14.51
N GLY A 156 1.78 17.83 13.28
CA GLY A 156 1.94 18.75 12.16
C GLY A 156 3.42 18.87 11.76
N GLY A 1 3.34 -1.02 -28.79
CA GLY A 1 2.08 -0.29 -28.89
C GLY A 1 1.83 0.53 -27.62
N SER A 2 1.96 1.84 -27.77
CA SER A 2 1.76 2.74 -26.65
C SER A 2 2.78 2.46 -25.55
N SER A 3 3.62 3.44 -25.30
CA SER A 3 4.65 3.31 -24.27
C SER A 3 4.53 4.46 -23.27
N GLY A 4 5.29 4.32 -22.18
CA GLY A 4 5.28 5.34 -21.14
C GLY A 4 6.70 5.70 -20.72
N SER A 5 6.84 6.94 -20.26
CA SER A 5 8.15 7.43 -19.83
C SER A 5 7.97 8.68 -18.97
N SER A 6 7.93 8.46 -17.66
CA SER A 6 7.77 9.56 -16.73
C SER A 6 8.62 9.30 -15.48
N GLY A 7 9.79 9.90 -15.47
CA GLY A 7 10.71 9.76 -14.35
C GLY A 7 11.29 11.12 -13.94
N ALA A 8 10.74 11.66 -12.87
CA ALA A 8 11.19 12.94 -12.36
C ALA A 8 11.00 12.99 -10.84
N SER A 9 12.07 13.32 -10.15
CA SER A 9 12.03 13.40 -8.69
C SER A 9 11.07 14.52 -8.26
N ARG A 10 10.69 14.46 -7.00
CA ARG A 10 9.78 15.45 -6.45
C ARG A 10 10.13 15.73 -4.99
N PRO A 11 9.63 16.90 -4.49
CA PRO A 11 9.88 17.30 -3.11
C PRO A 11 9.01 16.48 -2.15
N HIS A 12 9.14 16.80 -0.87
CA HIS A 12 8.39 16.11 0.15
C HIS A 12 8.68 14.62 0.10
N GLN A 13 8.36 13.94 1.20
CA GLN A 13 8.58 12.50 1.28
C GLN A 13 7.27 11.77 1.57
N TRP A 14 6.60 12.21 2.63
CA TRP A 14 5.34 11.62 3.01
C TRP A 14 4.21 12.44 2.40
N GLN A 15 4.30 13.75 2.60
CA GLN A 15 3.30 14.66 2.08
C GLN A 15 3.03 14.36 0.59
N THR A 16 4.11 14.10 -0.12
CA THR A 16 4.01 13.79 -1.54
C THR A 16 3.13 12.56 -1.76
N ASP A 17 2.90 11.84 -0.67
CA ASP A 17 2.08 10.64 -0.73
C ASP A 17 0.63 11.00 -0.37
N GLU A 18 0.47 12.19 0.17
CA GLU A 18 -0.84 12.66 0.56
C GLU A 18 -1.50 13.42 -0.58
N GLU A 19 -0.67 13.95 -1.46
CA GLU A 19 -1.15 14.70 -2.61
C GLU A 19 -1.30 13.79 -3.83
N GLY A 20 -0.26 12.99 -4.05
CA GLY A 20 -0.26 12.06 -5.17
C GLY A 20 -1.45 11.11 -5.09
N VAL A 21 -2.12 11.13 -3.94
CA VAL A 21 -3.27 10.27 -3.73
C VAL A 21 -4.54 11.02 -4.15
N ARG A 22 -4.56 12.31 -3.83
CA ARG A 22 -5.69 13.15 -4.16
C ARG A 22 -5.54 13.72 -5.57
N THR A 23 -4.37 13.50 -6.14
CA THR A 23 -4.08 13.98 -7.48
C THR A 23 -4.00 12.82 -8.47
N GLY A 24 -3.26 11.79 -8.06
CA GLY A 24 -3.09 10.62 -8.90
C GLY A 24 -1.65 10.51 -9.41
N LYS A 25 -0.72 10.49 -8.46
CA LYS A 25 0.69 10.39 -8.80
C LYS A 25 1.47 9.93 -7.56
N CYS A 26 0.79 9.18 -6.72
CA CYS A 26 1.41 8.68 -5.50
C CYS A 26 1.95 7.28 -5.77
N SER A 27 3.09 7.24 -6.45
CA SER A 27 3.72 5.97 -6.79
C SER A 27 5.22 6.03 -6.46
N PHE A 28 5.77 4.86 -6.20
CA PHE A 28 7.19 4.76 -5.87
C PHE A 28 7.76 3.42 -6.33
N PRO A 29 9.12 3.35 -6.36
CA PRO A 29 9.80 2.14 -6.77
C PRO A 29 9.74 1.08 -5.68
N VAL A 30 9.09 -0.03 -6.01
CA VAL A 30 8.95 -1.12 -5.06
C VAL A 30 9.01 -2.46 -5.81
N LYS A 31 9.05 -3.53 -5.05
CA LYS A 31 9.12 -4.86 -5.63
C LYS A 31 7.87 -5.65 -5.21
N TYR A 32 7.42 -6.50 -6.12
CA TYR A 32 6.25 -7.32 -5.87
C TYR A 32 6.65 -8.72 -5.39
N LEU A 33 6.52 -8.92 -4.09
CA LEU A 33 6.87 -10.20 -3.48
C LEU A 33 5.85 -11.25 -3.94
N GLY A 34 4.59 -10.85 -3.93
CA GLY A 34 3.52 -11.74 -4.34
C GLY A 34 2.30 -11.60 -3.42
N HIS A 35 1.50 -12.66 -3.38
CA HIS A 35 0.32 -12.66 -2.55
C HIS A 35 0.31 -13.92 -1.67
N VAL A 36 -0.08 -13.72 -0.42
CA VAL A 36 -0.14 -14.82 0.53
C VAL A 36 -1.50 -14.83 1.22
N GLU A 37 -1.84 -15.98 1.76
CA GLU A 37 -3.11 -16.14 2.45
C GLU A 37 -2.95 -15.91 3.95
N VAL A 38 -3.56 -14.83 4.42
CA VAL A 38 -3.48 -14.47 5.83
C VAL A 38 -4.20 -15.55 6.66
N ASP A 39 -4.41 -15.22 7.92
CA ASP A 39 -5.09 -16.15 8.83
C ASP A 39 -6.07 -15.36 9.69
N GLU A 40 -5.60 -14.22 10.18
CA GLU A 40 -6.43 -13.38 11.03
C GLU A 40 -7.00 -12.21 10.23
N SER A 41 -6.28 -11.86 9.17
CA SER A 41 -6.69 -10.76 8.31
C SER A 41 -6.65 -9.44 9.08
N ARG A 42 -6.05 -9.50 10.27
CA ARG A 42 -5.93 -8.33 11.11
C ARG A 42 -4.84 -8.54 12.15
N GLY A 43 -3.81 -7.70 12.06
CA GLY A 43 -2.69 -7.78 12.99
C GLY A 43 -1.40 -7.31 12.32
N MET A 44 -0.71 -6.41 13.01
CA MET A 44 0.54 -5.88 12.51
C MET A 44 1.59 -6.98 12.34
N HIS A 45 1.47 -7.99 13.19
CA HIS A 45 2.39 -9.11 13.14
C HIS A 45 2.03 -10.03 11.97
N ILE A 46 0.88 -9.75 11.38
CA ILE A 46 0.40 -10.55 10.25
C ILE A 46 1.12 -10.09 8.98
N CYS A 47 1.02 -8.80 8.70
CA CYS A 47 1.65 -8.24 7.52
C CYS A 47 3.06 -8.84 7.40
N GLU A 48 3.87 -8.57 8.41
CA GLU A 48 5.23 -9.08 8.43
C GLU A 48 5.23 -10.59 8.22
N ASP A 49 4.39 -11.27 8.98
CA ASP A 49 4.29 -12.71 8.89
C ASP A 49 4.15 -13.12 7.42
N ALA A 50 3.51 -12.24 6.66
CA ALA A 50 3.31 -12.49 5.23
C ALA A 50 4.66 -12.61 4.54
N VAL A 51 5.45 -11.55 4.65
CA VAL A 51 6.76 -11.53 4.04
C VAL A 51 7.48 -12.85 4.33
N LYS A 52 7.64 -13.13 5.61
CA LYS A 52 8.30 -14.36 6.02
C LYS A 52 7.80 -15.52 5.16
N ARG A 53 6.49 -15.57 5.00
CA ARG A 53 5.89 -16.62 4.20
C ARG A 53 6.54 -16.69 2.82
N LEU A 54 6.51 -15.56 2.13
CA LEU A 54 7.09 -15.48 0.81
C LEU A 54 8.60 -15.71 0.90
N LYS A 55 9.17 -15.24 2.00
CA LYS A 55 10.60 -15.38 2.23
C LYS A 55 10.92 -16.86 2.47
N ALA A 56 9.89 -17.60 2.84
CA ALA A 56 10.05 -19.02 3.11
C ALA A 56 9.52 -19.83 1.91
N THR A 57 8.81 -19.13 1.04
CA THR A 57 8.25 -19.77 -0.14
C THR A 57 9.33 -20.00 -1.19
N GLY A 58 10.40 -19.23 -1.07
CA GLY A 58 11.52 -19.34 -1.99
C GLY A 58 11.15 -18.78 -3.36
N LYS A 59 10.78 -17.51 -3.37
CA LYS A 59 10.39 -16.84 -4.60
C LYS A 59 11.32 -15.65 -4.84
N LYS A 60 10.84 -14.70 -5.63
CA LYS A 60 11.63 -13.52 -5.94
C LYS A 60 10.69 -12.31 -6.04
N ALA A 61 11.30 -11.15 -6.18
CA ALA A 61 10.54 -9.91 -6.28
C ALA A 61 10.66 -9.35 -7.70
N VAL A 62 9.57 -8.77 -8.17
CA VAL A 62 9.53 -8.19 -9.50
C VAL A 62 9.83 -6.70 -9.42
N LYS A 63 10.29 -6.15 -10.53
CA LYS A 63 10.60 -4.73 -10.59
C LYS A 63 9.43 -3.98 -11.21
N ALA A 64 8.67 -3.32 -10.34
CA ALA A 64 7.51 -2.57 -10.78
C ALA A 64 7.33 -1.35 -9.87
N VAL A 65 6.47 -0.44 -10.31
CA VAL A 65 6.19 0.76 -9.54
C VAL A 65 4.84 0.61 -8.84
N LEU A 66 4.85 0.84 -7.54
CA LEU A 66 3.64 0.75 -6.75
C LEU A 66 2.92 2.10 -6.75
N TRP A 67 1.73 2.10 -7.31
CA TRP A 67 0.94 3.32 -7.39
C TRP A 67 -0.11 3.26 -6.28
N VAL A 68 -0.40 4.42 -5.70
CA VAL A 68 -1.37 4.52 -4.63
C VAL A 68 -2.39 5.61 -4.98
N SER A 69 -3.66 5.23 -4.93
CA SER A 69 -4.73 6.16 -5.24
C SER A 69 -5.94 5.87 -4.34
N ALA A 70 -6.80 6.88 -4.24
CA ALA A 70 -7.99 6.74 -3.41
C ALA A 70 -8.77 5.49 -3.85
N ASP A 71 -8.69 5.20 -5.13
CA ASP A 71 -9.37 4.04 -5.68
C ASP A 71 -8.71 2.76 -5.14
N GLY A 72 -7.50 2.94 -4.62
CA GLY A 72 -6.75 1.81 -4.08
C GLY A 72 -5.28 1.88 -4.50
N LEU A 73 -4.81 0.77 -5.04
CA LEU A 73 -3.42 0.69 -5.48
C LEU A 73 -3.38 0.23 -6.94
N ARG A 74 -2.19 0.22 -7.50
CA ARG A 74 -2.01 -0.21 -8.87
C ARG A 74 -0.55 -0.63 -9.11
N VAL A 75 -0.36 -1.93 -9.23
CA VAL A 75 0.96 -2.48 -9.47
C VAL A 75 1.28 -2.44 -10.96
N VAL A 76 1.97 -1.38 -11.36
CA VAL A 76 2.35 -1.22 -12.75
C VAL A 76 3.63 -1.98 -13.03
N ASP A 77 3.80 -2.35 -14.29
CA ASP A 77 4.99 -3.09 -14.70
C ASP A 77 5.97 -2.13 -15.39
N GLU A 78 7.02 -1.76 -14.65
CA GLU A 78 8.02 -0.86 -15.18
C GLU A 78 8.30 -1.18 -16.64
N LYS A 79 8.15 -2.45 -16.99
CA LYS A 79 8.38 -2.90 -18.35
C LYS A 79 7.79 -1.88 -19.32
N THR A 80 6.47 -1.90 -19.43
CA THR A 80 5.78 -0.99 -20.32
C THR A 80 4.77 -0.14 -19.54
N LYS A 81 4.97 -0.10 -18.23
CA LYS A 81 4.09 0.66 -17.36
C LYS A 81 2.71 -0.01 -17.31
N ASP A 82 2.65 -1.19 -17.93
CA ASP A 82 1.41 -1.94 -17.96
C ASP A 82 0.86 -2.10 -16.54
N LEU A 83 -0.28 -2.76 -16.45
CA LEU A 83 -0.91 -2.98 -15.15
C LEU A 83 -0.72 -4.45 -14.75
N ILE A 84 -0.11 -4.64 -13.59
CA ILE A 84 0.13 -5.98 -13.09
C ILE A 84 -1.05 -6.41 -12.21
N VAL A 85 -1.37 -5.56 -11.25
CA VAL A 85 -2.47 -5.85 -10.34
C VAL A 85 -3.29 -4.57 -10.13
N ASP A 86 -4.56 -4.77 -9.81
CA ASP A 86 -5.45 -3.64 -9.57
C ASP A 86 -6.22 -3.87 -8.27
N GLN A 87 -5.65 -3.35 -7.19
CA GLN A 87 -6.25 -3.49 -5.88
C GLN A 87 -7.03 -2.22 -5.52
N THR A 88 -8.16 -2.42 -4.86
CA THR A 88 -8.99 -1.30 -4.44
C THR A 88 -8.88 -1.07 -2.93
N ILE A 89 -8.85 0.20 -2.56
CA ILE A 89 -8.74 0.56 -1.16
C ILE A 89 -9.87 -0.13 -0.37
N GLU A 90 -10.97 -0.37 -1.07
CA GLU A 90 -12.10 -1.03 -0.45
C GLU A 90 -11.69 -2.38 0.14
N LYS A 91 -11.34 -3.29 -0.75
CA LYS A 91 -10.94 -4.62 -0.33
C LYS A 91 -9.95 -4.50 0.83
N VAL A 92 -8.93 -3.68 0.62
CA VAL A 92 -7.91 -3.47 1.63
C VAL A 92 -8.59 -3.27 2.99
N SER A 93 -8.59 -4.34 3.78
CA SER A 93 -9.18 -4.30 5.11
C SER A 93 -8.21 -3.69 6.11
N PHE A 94 -6.99 -4.20 6.08
CA PHE A 94 -5.95 -3.72 6.98
C PHE A 94 -4.62 -3.54 6.24
N CYS A 95 -3.82 -2.63 6.77
CA CYS A 95 -2.52 -2.34 6.17
C CYS A 95 -1.61 -1.77 7.26
N ALA A 96 -0.54 -2.51 7.54
CA ALA A 96 0.41 -2.09 8.56
C ALA A 96 1.82 -2.25 8.00
N PRO A 97 2.75 -1.42 8.55
CA PRO A 97 4.14 -1.47 8.13
C PRO A 97 4.86 -2.70 8.70
N ASP A 98 6.18 -2.65 8.68
CA ASP A 98 6.98 -3.75 9.19
C ASP A 98 8.19 -3.18 9.93
N ARG A 99 8.89 -4.07 10.62
CA ARG A 99 10.08 -3.67 11.37
C ARG A 99 11.21 -4.68 11.14
N ASN A 100 10.86 -5.95 11.21
CA ASN A 100 11.83 -7.01 11.02
C ASN A 100 12.79 -6.62 9.88
N PHE A 101 12.18 -6.31 8.73
CA PHE A 101 12.96 -5.92 7.57
C PHE A 101 13.24 -4.41 7.57
N ASP A 102 13.70 -3.93 6.43
CA ASP A 102 14.01 -2.52 6.29
C ASP A 102 13.01 -1.87 5.33
N ARG A 103 12.61 -2.66 4.33
CA ARG A 103 11.66 -2.18 3.34
C ARG A 103 10.72 -3.31 2.92
N ALA A 104 9.81 -3.65 3.82
CA ALA A 104 8.86 -4.72 3.55
C ALA A 104 7.46 -4.26 3.98
N PHE A 105 6.64 -3.95 2.98
CA PHE A 105 5.28 -3.49 3.24
C PHE A 105 4.26 -4.46 2.64
N SER A 106 3.28 -4.82 3.46
CA SER A 106 2.24 -5.73 3.02
C SER A 106 0.89 -5.28 3.58
N TYR A 107 -0.15 -5.51 2.77
CA TYR A 107 -1.49 -5.13 3.17
C TYR A 107 -2.48 -6.27 2.90
N ILE A 108 -3.45 -6.39 3.81
CA ILE A 108 -4.46 -7.43 3.69
C ILE A 108 -5.63 -6.90 2.87
N CYS A 109 -6.21 -7.79 2.08
CA CYS A 109 -7.34 -7.43 1.25
C CYS A 109 -8.14 -8.70 0.92
N ARG A 110 -9.46 -8.56 0.97
CA ARG A 110 -10.33 -9.68 0.69
C ARG A 110 -10.42 -9.93 -0.82
N ASP A 111 -9.59 -10.84 -1.29
CA ASP A 111 -9.57 -11.18 -2.70
C ASP A 111 -10.99 -11.44 -3.19
N GLY A 112 -11.18 -11.24 -4.48
CA GLY A 112 -12.49 -11.46 -5.08
C GLY A 112 -12.45 -12.60 -6.10
N THR A 113 -11.39 -12.61 -6.89
CA THR A 113 -11.22 -13.64 -7.90
C THR A 113 -11.27 -15.03 -7.26
N THR A 114 -10.49 -15.19 -6.21
CA THR A 114 -10.44 -16.46 -5.49
C THR A 114 -11.56 -16.54 -4.45
N ARG A 115 -12.01 -15.36 -4.04
CA ARG A 115 -13.07 -15.28 -3.05
C ARG A 115 -12.53 -15.67 -1.67
N ARG A 116 -11.44 -15.03 -1.30
CA ARG A 116 -10.82 -15.30 0.00
C ARG A 116 -9.98 -14.10 0.44
N TRP A 117 -9.24 -14.30 1.52
CA TRP A 117 -8.39 -13.25 2.06
C TRP A 117 -6.99 -13.43 1.47
N ILE A 118 -6.51 -12.37 0.83
CA ILE A 118 -5.19 -12.40 0.23
C ILE A 118 -4.43 -11.14 0.64
N CYS A 119 -3.17 -11.34 1.03
CA CYS A 119 -2.33 -10.23 1.45
C CYS A 119 -1.27 -10.01 0.37
N HIS A 120 -1.01 -8.74 0.08
CA HIS A 120 -0.02 -8.39 -0.92
C HIS A 120 1.18 -7.72 -0.24
N CYS A 121 2.34 -8.32 -0.44
CA CYS A 121 3.57 -7.78 0.14
C CYS A 121 4.35 -7.08 -0.96
N PHE A 122 5.17 -6.12 -0.54
CA PHE A 122 5.98 -5.36 -1.47
C PHE A 122 7.29 -4.91 -0.82
N MET A 123 8.38 -5.23 -1.49
CA MET A 123 9.70 -4.87 -0.99
C MET A 123 10.19 -3.57 -1.62
N ALA A 124 9.98 -2.49 -0.90
CA ALA A 124 10.40 -1.17 -1.38
C ALA A 124 11.79 -1.28 -2.01
N VAL A 125 12.04 -0.39 -2.95
CA VAL A 125 13.33 -0.38 -3.64
C VAL A 125 14.31 0.49 -2.85
N LYS A 126 13.97 1.77 -2.75
CA LYS A 126 14.81 2.72 -2.03
C LYS A 126 13.94 3.55 -1.10
N ASP A 127 13.00 2.88 -0.45
CA ASP A 127 12.10 3.53 0.48
C ASP A 127 11.96 2.70 1.74
N THR A 128 10.89 2.94 2.47
CA THR A 128 10.62 2.22 3.70
C THR A 128 9.13 1.97 3.87
N GLY A 129 8.80 0.77 4.34
CA GLY A 129 7.41 0.39 4.54
C GLY A 129 6.62 1.55 5.16
N GLU A 130 7.30 2.29 6.03
CA GLU A 130 6.67 3.42 6.70
C GLU A 130 5.97 4.31 5.68
N ARG A 131 6.75 4.82 4.73
CA ARG A 131 6.21 5.69 3.70
C ARG A 131 5.13 4.95 2.90
N LEU A 132 5.35 3.65 2.72
CA LEU A 132 4.41 2.83 1.98
C LEU A 132 3.08 2.78 2.74
N SER A 133 3.17 2.55 4.04
CA SER A 133 1.99 2.49 4.87
C SER A 133 1.26 3.83 4.86
N HIS A 134 2.01 4.88 4.55
CA HIS A 134 1.46 6.21 4.50
C HIS A 134 0.53 6.34 3.28
N ALA A 135 1.12 6.11 2.11
CA ALA A 135 0.37 6.19 0.86
C ALA A 135 -0.94 5.40 1.00
N VAL A 136 -0.78 4.11 1.26
CA VAL A 136 -1.93 3.24 1.42
C VAL A 136 -2.83 3.78 2.53
N GLY A 137 -2.19 4.42 3.50
CA GLY A 137 -2.93 4.99 4.62
C GLY A 137 -3.49 6.37 4.26
N CYS A 138 -3.10 6.85 3.09
CA CYS A 138 -3.55 8.15 2.62
C CYS A 138 -4.85 7.95 1.85
N ALA A 139 -4.78 7.13 0.81
CA ALA A 139 -5.94 6.85 -0.01
C ALA A 139 -7.09 6.37 0.88
N PHE A 140 -6.72 5.62 1.91
CA PHE A 140 -7.71 5.09 2.83
C PHE A 140 -8.47 6.23 3.52
N ALA A 141 -7.71 7.12 4.12
CA ALA A 141 -8.30 8.26 4.82
C ALA A 141 -9.12 9.09 3.83
N ALA A 142 -8.66 9.10 2.59
CA ALA A 142 -9.34 9.85 1.53
C ALA A 142 -10.64 9.13 1.17
N CYS A 143 -10.48 7.94 0.60
CA CYS A 143 -11.63 7.15 0.21
C CYS A 143 -12.65 7.17 1.35
N LEU A 144 -12.14 7.01 2.56
CA LEU A 144 -12.99 7.01 3.75
C LEU A 144 -13.57 8.40 3.94
N GLU A 145 -12.71 9.40 3.78
CA GLU A 145 -13.13 10.78 3.95
C GLU A 145 -14.46 11.02 3.25
N ARG A 146 -14.65 10.32 2.13
CA ARG A 146 -15.87 10.45 1.36
C ARG A 146 -17.06 9.91 2.15
N LYS A 147 -16.79 8.85 2.91
CA LYS A 147 -17.83 8.23 3.72
C LYS A 147 -17.80 8.84 5.12
N GLN A 148 -16.66 8.72 5.77
CA GLN A 148 -16.50 9.25 7.11
C GLN A 148 -15.79 10.61 7.06
N LYS A 149 -15.60 11.19 8.24
CA LYS A 149 -14.95 12.47 8.33
C LYS A 149 -13.87 12.40 9.43
N ARG A 150 -13.03 13.43 9.45
CA ARG A 150 -11.96 13.50 10.43
C ARG A 150 -11.23 12.16 10.50
N SER A 151 -10.18 12.05 9.69
CA SER A 151 -9.38 10.83 9.65
C SER A 151 -8.05 11.06 10.36
N GLY A 152 -7.99 10.59 11.60
CA GLY A 152 -6.78 10.74 12.41
C GLY A 152 -6.02 9.42 12.47
N PRO A 153 -4.70 9.54 12.79
CA PRO A 153 -3.85 8.37 12.89
C PRO A 153 -4.12 7.60 14.19
N SER A 154 -3.51 6.43 14.29
CA SER A 154 -3.69 5.59 15.46
C SER A 154 -2.32 5.09 15.95
N SER A 155 -1.61 4.44 15.05
CA SER A 155 -0.30 3.90 15.37
C SER A 155 0.51 3.68 14.09
N GLY A 156 -0.03 2.83 13.23
CA GLY A 156 0.62 2.52 11.97
C GLY A 156 -0.41 2.28 10.87
N GLY A 1 -6.82 5.60 26.35
CA GLY A 1 -6.72 6.46 25.18
C GLY A 1 -5.95 5.76 24.05
N SER A 2 -6.00 6.38 22.89
CA SER A 2 -5.31 5.83 21.72
C SER A 2 -3.80 5.86 21.94
N SER A 3 -3.29 7.06 22.18
CA SER A 3 -1.86 7.23 22.41
C SER A 3 -1.08 6.84 21.16
N GLY A 4 -0.21 7.76 20.74
CA GLY A 4 0.61 7.53 19.56
C GLY A 4 1.95 8.24 19.68
N SER A 5 3.01 7.44 19.64
CA SER A 5 4.36 7.97 19.74
C SER A 5 4.67 8.84 18.52
N SER A 6 5.21 10.02 18.79
CA SER A 6 5.55 10.94 17.72
C SER A 6 7.07 11.15 17.69
N GLY A 7 7.54 11.66 16.56
CA GLY A 7 8.95 11.91 16.39
C GLY A 7 9.20 13.28 15.75
N ALA A 8 9.78 13.27 14.57
CA ALA A 8 10.06 14.50 13.86
C ALA A 8 9.98 14.24 12.34
N SER A 9 8.98 14.85 11.73
CA SER A 9 8.78 14.69 10.30
C SER A 9 8.21 15.98 9.71
N ARG A 10 8.34 16.10 8.40
CA ARG A 10 7.85 17.28 7.70
C ARG A 10 7.11 16.87 6.42
N PRO A 11 6.10 17.70 6.06
CA PRO A 11 5.30 17.43 4.86
C PRO A 11 6.09 17.77 3.60
N HIS A 12 6.59 16.74 2.94
CA HIS A 12 7.36 16.91 1.72
C HIS A 12 7.70 15.55 1.13
N GLN A 13 8.09 14.64 2.01
CA GLN A 13 8.45 13.29 1.58
C GLN A 13 7.22 12.39 1.60
N TRP A 14 6.37 12.60 2.60
CA TRP A 14 5.16 11.82 2.74
C TRP A 14 3.99 12.65 2.19
N GLN A 15 4.02 13.94 2.52
CA GLN A 15 2.98 14.84 2.08
C GLN A 15 2.87 14.82 0.54
N THR A 16 4.03 14.74 -0.09
CA THR A 16 4.08 14.71 -1.54
C THR A 16 3.29 13.52 -2.08
N ASP A 17 3.13 12.53 -1.23
CA ASP A 17 2.40 11.33 -1.60
C ASP A 17 0.94 11.48 -1.19
N GLU A 18 0.69 12.48 -0.36
CA GLU A 18 -0.66 12.75 0.11
C GLU A 18 -1.50 13.40 -0.99
N GLU A 19 -0.80 14.05 -1.91
CA GLU A 19 -1.46 14.72 -3.01
C GLU A 19 -1.60 13.77 -4.20
N GLY A 20 -0.54 12.99 -4.43
CA GLY A 20 -0.53 12.04 -5.53
C GLY A 20 -1.66 11.02 -5.38
N VAL A 21 -2.24 11.00 -4.19
CA VAL A 21 -3.34 10.09 -3.91
C VAL A 21 -4.67 10.75 -4.27
N ARG A 22 -4.67 12.08 -4.18
CA ARG A 22 -5.86 12.85 -4.50
C ARG A 22 -5.74 13.47 -5.89
N THR A 23 -4.54 13.36 -6.46
CA THR A 23 -4.30 13.90 -7.78
C THR A 23 -4.11 12.78 -8.79
N GLY A 24 -3.08 11.97 -8.56
CA GLY A 24 -2.79 10.86 -9.44
C GLY A 24 -1.30 10.80 -9.78
N LYS A 25 -0.50 10.56 -8.74
CA LYS A 25 0.94 10.48 -8.92
C LYS A 25 1.59 10.07 -7.59
N CYS A 26 0.90 9.18 -6.88
CA CYS A 26 1.39 8.70 -5.60
C CYS A 26 1.95 7.30 -5.81
N SER A 27 3.00 7.21 -6.60
CA SER A 27 3.64 5.94 -6.88
C SER A 27 5.13 6.00 -6.53
N PHE A 28 5.66 4.87 -6.09
CA PHE A 28 7.05 4.78 -5.72
C PHE A 28 7.67 3.46 -6.17
N PRO A 29 9.02 3.42 -6.18
CA PRO A 29 9.73 2.21 -6.58
C PRO A 29 9.68 1.15 -5.49
N VAL A 30 9.04 0.04 -5.82
CA VAL A 30 8.91 -1.05 -4.87
C VAL A 30 9.01 -2.39 -5.62
N LYS A 31 9.02 -3.46 -4.86
CA LYS A 31 9.11 -4.79 -5.43
C LYS A 31 7.87 -5.60 -5.05
N TYR A 32 7.39 -6.38 -6.00
CA TYR A 32 6.22 -7.21 -5.78
C TYR A 32 6.61 -8.61 -5.30
N LEU A 33 6.38 -8.85 -4.02
CA LEU A 33 6.71 -10.14 -3.44
C LEU A 33 5.67 -11.17 -3.87
N GLY A 34 4.41 -10.76 -3.80
CA GLY A 34 3.32 -11.64 -4.18
C GLY A 34 2.12 -11.46 -3.25
N HIS A 35 1.30 -12.51 -3.18
CA HIS A 35 0.12 -12.47 -2.34
C HIS A 35 0.02 -13.77 -1.54
N VAL A 36 -0.36 -13.62 -0.27
CA VAL A 36 -0.48 -14.76 0.61
C VAL A 36 -1.84 -14.71 1.31
N GLU A 37 -2.29 -15.88 1.74
CA GLU A 37 -3.58 -15.99 2.42
C GLU A 37 -3.39 -15.84 3.93
N VAL A 38 -3.86 -14.71 4.45
CA VAL A 38 -3.76 -14.43 5.87
C VAL A 38 -4.50 -15.52 6.65
N ASP A 39 -4.71 -15.23 7.93
CA ASP A 39 -5.41 -16.17 8.79
C ASP A 39 -6.36 -15.40 9.71
N GLU A 40 -5.84 -14.33 10.28
CA GLU A 40 -6.63 -13.50 11.18
C GLU A 40 -7.28 -12.35 10.42
N SER A 41 -6.53 -11.81 9.47
CA SER A 41 -7.01 -10.71 8.66
C SER A 41 -6.73 -9.38 9.35
N ARG A 42 -6.15 -9.48 10.54
CA ARG A 42 -5.81 -8.31 11.32
C ARG A 42 -4.69 -8.62 12.30
N GLY A 43 -3.70 -7.73 12.33
CA GLY A 43 -2.56 -7.90 13.21
C GLY A 43 -1.28 -7.39 12.56
N MET A 44 -0.56 -6.55 13.29
CA MET A 44 0.68 -5.99 12.80
C MET A 44 1.71 -7.10 12.52
N HIS A 45 1.67 -8.12 13.37
CA HIS A 45 2.59 -9.23 13.23
C HIS A 45 2.16 -10.11 12.06
N ILE A 46 0.95 -9.85 11.58
CA ILE A 46 0.41 -10.62 10.47
C ILE A 46 1.06 -10.15 9.17
N CYS A 47 1.00 -8.85 8.94
CA CYS A 47 1.58 -8.26 7.75
C CYS A 47 2.94 -8.92 7.51
N GLU A 48 3.81 -8.80 8.49
CA GLU A 48 5.14 -9.37 8.40
C GLU A 48 5.05 -10.87 8.08
N ASP A 49 4.24 -11.56 8.87
CA ASP A 49 4.05 -12.99 8.68
C ASP A 49 3.85 -13.29 7.19
N ALA A 50 3.26 -12.32 6.50
CA ALA A 50 3.01 -12.46 5.08
C ALA A 50 4.35 -12.55 4.33
N VAL A 51 5.11 -11.48 4.45
CA VAL A 51 6.41 -11.41 3.80
C VAL A 51 7.14 -12.75 3.98
N LYS A 52 7.43 -13.06 5.24
CA LYS A 52 8.12 -14.29 5.57
C LYS A 52 7.57 -15.42 4.69
N ARG A 53 6.26 -15.54 4.68
CA ARG A 53 5.60 -16.57 3.89
C ARG A 53 6.22 -16.63 2.49
N LEU A 54 6.25 -15.49 1.84
CA LEU A 54 6.81 -15.41 0.49
C LEU A 54 8.32 -15.65 0.56
N LYS A 55 8.90 -15.27 1.69
CA LYS A 55 10.33 -15.44 1.89
C LYS A 55 10.63 -16.91 2.15
N ALA A 56 9.57 -17.67 2.39
CA ALA A 56 9.71 -19.09 2.66
C ALA A 56 9.10 -19.88 1.49
N THR A 57 8.38 -19.16 0.64
CA THR A 57 7.76 -19.77 -0.52
C THR A 57 8.81 -20.18 -1.54
N GLY A 58 9.89 -19.43 -1.58
CA GLY A 58 10.97 -19.69 -2.50
C GLY A 58 10.74 -19.00 -3.84
N LYS A 59 10.44 -17.71 -3.76
CA LYS A 59 10.18 -16.93 -4.96
C LYS A 59 11.12 -15.72 -4.99
N LYS A 60 10.74 -14.73 -5.78
CA LYS A 60 11.54 -13.52 -5.90
C LYS A 60 10.61 -12.31 -6.02
N ALA A 61 11.22 -11.14 -6.07
CA ALA A 61 10.47 -9.90 -6.19
C ALA A 61 10.66 -9.32 -7.58
N VAL A 62 9.63 -8.65 -8.07
CA VAL A 62 9.67 -8.05 -9.38
C VAL A 62 9.90 -6.54 -9.25
N LYS A 63 10.47 -5.97 -10.28
CA LYS A 63 10.76 -4.55 -10.29
C LYS A 63 9.60 -3.79 -10.95
N ALA A 64 8.77 -3.18 -10.11
CA ALA A 64 7.63 -2.43 -10.61
C ALA A 64 7.38 -1.24 -9.69
N VAL A 65 6.53 -0.34 -10.17
CA VAL A 65 6.20 0.86 -9.41
C VAL A 65 4.82 0.67 -8.76
N LEU A 66 4.79 0.87 -7.45
CA LEU A 66 3.56 0.74 -6.70
C LEU A 66 2.82 2.08 -6.69
N TRP A 67 1.66 2.08 -7.31
CA TRP A 67 0.85 3.28 -7.39
C TRP A 67 -0.19 3.22 -6.27
N VAL A 68 -0.48 4.39 -5.71
CA VAL A 68 -1.45 4.48 -4.63
C VAL A 68 -2.47 5.57 -4.97
N SER A 69 -3.74 5.17 -4.92
CA SER A 69 -4.83 6.10 -5.22
C SER A 69 -6.02 5.79 -4.32
N ALA A 70 -6.85 6.82 -4.14
CA ALA A 70 -8.04 6.68 -3.31
C ALA A 70 -8.89 5.52 -3.83
N ASP A 71 -8.71 5.23 -5.11
CA ASP A 71 -9.46 4.15 -5.75
C ASP A 71 -8.79 2.81 -5.43
N GLY A 72 -7.64 2.91 -4.77
CA GLY A 72 -6.89 1.72 -4.39
C GLY A 72 -5.42 1.84 -4.82
N LEU A 73 -4.85 0.70 -5.20
CA LEU A 73 -3.47 0.67 -5.63
C LEU A 73 -3.39 0.12 -7.05
N ARG A 74 -2.19 0.14 -7.61
CA ARG A 74 -1.98 -0.34 -8.95
C ARG A 74 -0.50 -0.72 -9.15
N VAL A 75 -0.26 -2.01 -9.28
CA VAL A 75 1.09 -2.52 -9.48
C VAL A 75 1.44 -2.45 -10.96
N VAL A 76 2.10 -1.35 -11.33
CA VAL A 76 2.50 -1.14 -12.71
C VAL A 76 3.81 -1.88 -12.96
N ASP A 77 4.02 -2.23 -14.23
CA ASP A 77 5.22 -2.94 -14.61
C ASP A 77 6.20 -1.95 -15.26
N GLU A 78 7.21 -1.58 -14.48
CA GLU A 78 8.22 -0.65 -14.97
C GLU A 78 8.56 -0.93 -16.43
N LYS A 79 8.42 -2.19 -16.80
CA LYS A 79 8.70 -2.61 -18.16
C LYS A 79 8.10 -1.59 -19.13
N THR A 80 6.79 -1.67 -19.29
CA THR A 80 6.09 -0.76 -20.19
C THR A 80 5.06 0.07 -19.41
N LYS A 81 5.24 0.09 -18.09
CA LYS A 81 4.35 0.83 -17.22
C LYS A 81 2.97 0.17 -17.22
N ASP A 82 2.91 -1.00 -17.86
CA ASP A 82 1.67 -1.74 -17.94
C ASP A 82 1.11 -1.94 -16.53
N LEU A 83 0.01 -2.68 -16.45
CA LEU A 83 -0.64 -2.95 -15.18
C LEU A 83 -0.43 -4.42 -14.81
N ILE A 84 0.19 -4.62 -13.65
CA ILE A 84 0.45 -5.96 -13.17
C ILE A 84 -0.74 -6.45 -12.34
N VAL A 85 -1.13 -5.60 -11.39
CA VAL A 85 -2.25 -5.92 -10.53
C VAL A 85 -3.06 -4.65 -10.24
N ASP A 86 -4.33 -4.85 -9.92
CA ASP A 86 -5.22 -3.74 -9.64
C ASP A 86 -5.97 -4.01 -8.33
N GLN A 87 -5.43 -3.46 -7.25
CA GLN A 87 -6.04 -3.64 -5.95
C GLN A 87 -6.88 -2.42 -5.58
N THR A 88 -8.00 -2.67 -4.92
CA THR A 88 -8.89 -1.60 -4.50
C THR A 88 -8.75 -1.35 -3.00
N ILE A 89 -8.80 -0.07 -2.64
CA ILE A 89 -8.69 0.32 -1.24
C ILE A 89 -9.78 -0.37 -0.44
N GLU A 90 -10.89 -0.65 -1.11
CA GLU A 90 -12.01 -1.31 -0.46
C GLU A 90 -11.55 -2.60 0.23
N LYS A 91 -11.19 -3.57 -0.60
CA LYS A 91 -10.74 -4.85 -0.10
C LYS A 91 -9.78 -4.62 1.07
N VAL A 92 -8.84 -3.71 0.86
CA VAL A 92 -7.87 -3.40 1.89
C VAL A 92 -8.60 -3.04 3.19
N SER A 93 -8.34 -3.86 4.21
CA SER A 93 -8.96 -3.65 5.50
C SER A 93 -7.93 -3.16 6.51
N PHE A 94 -6.76 -3.80 6.47
CA PHE A 94 -5.69 -3.44 7.37
C PHE A 94 -4.36 -3.29 6.61
N CYS A 95 -3.48 -2.47 7.17
CA CYS A 95 -2.19 -2.23 6.56
C CYS A 95 -1.21 -1.79 7.66
N ALA A 96 -0.22 -2.63 7.90
CA ALA A 96 0.78 -2.33 8.91
C ALA A 96 2.17 -2.55 8.33
N PRO A 97 3.17 -1.84 8.93
CA PRO A 97 4.54 -1.96 8.47
C PRO A 97 5.16 -3.27 8.94
N ASP A 98 6.49 -3.31 8.87
CA ASP A 98 7.21 -4.52 9.28
C ASP A 98 8.19 -4.15 10.41
N ARG A 99 8.95 -5.14 10.83
CA ARG A 99 9.91 -4.95 11.89
C ARG A 99 10.97 -6.06 11.87
N ASN A 100 11.40 -6.39 10.66
CA ASN A 100 12.40 -7.42 10.48
C ASN A 100 13.28 -7.08 9.27
N PHE A 101 12.60 -6.71 8.19
CA PHE A 101 13.31 -6.35 6.96
C PHE A 101 13.60 -4.85 6.92
N ASP A 102 14.42 -4.48 5.94
CA ASP A 102 14.78 -3.07 5.77
C ASP A 102 13.57 -2.30 5.27
N ARG A 103 12.90 -2.88 4.28
CA ARG A 103 11.73 -2.25 3.70
C ARG A 103 10.75 -3.32 3.19
N ALA A 104 9.94 -3.81 4.12
CA ALA A 104 8.96 -4.83 3.77
C ALA A 104 7.58 -4.37 4.23
N PHE A 105 6.75 -4.03 3.24
CA PHE A 105 5.40 -3.58 3.52
C PHE A 105 4.36 -4.54 2.93
N SER A 106 3.33 -4.80 3.73
CA SER A 106 2.26 -5.70 3.30
C SER A 106 0.94 -5.25 3.90
N TYR A 107 -0.13 -5.47 3.14
CA TYR A 107 -1.46 -5.10 3.57
C TYR A 107 -2.46 -6.22 3.30
N ILE A 108 -3.48 -6.28 4.14
CA ILE A 108 -4.51 -7.29 4.00
C ILE A 108 -5.69 -6.71 3.22
N CYS A 109 -6.29 -7.56 2.40
CA CYS A 109 -7.43 -7.15 1.59
C CYS A 109 -8.24 -8.39 1.22
N ARG A 110 -9.54 -8.20 1.11
CA ARG A 110 -10.43 -9.29 0.76
C ARG A 110 -10.53 -9.43 -0.76
N ASP A 111 -9.68 -10.28 -1.30
CA ASP A 111 -9.66 -10.50 -2.74
C ASP A 111 -11.10 -10.69 -3.24
N GLY A 112 -11.30 -10.38 -4.51
CA GLY A 112 -12.61 -10.51 -5.12
C GLY A 112 -12.64 -11.66 -6.12
N THR A 113 -11.62 -11.72 -6.95
CA THR A 113 -11.52 -12.76 -7.96
C THR A 113 -11.78 -14.13 -7.33
N THR A 114 -11.31 -14.28 -6.10
CA THR A 114 -11.48 -15.52 -5.38
C THR A 114 -12.46 -15.33 -4.21
N ARG A 115 -12.66 -14.08 -3.85
CA ARG A 115 -13.55 -13.75 -2.75
C ARG A 115 -13.02 -14.33 -1.44
N ARG A 116 -11.82 -13.91 -1.09
CA ARG A 116 -11.20 -14.38 0.13
C ARG A 116 -10.26 -13.30 0.70
N TRP A 117 -9.48 -13.70 1.70
CA TRP A 117 -8.54 -12.79 2.33
C TRP A 117 -7.17 -13.02 1.71
N ILE A 118 -6.65 -11.98 1.08
CA ILE A 118 -5.34 -12.06 0.44
C ILE A 118 -4.49 -10.87 0.89
N CYS A 119 -3.27 -11.19 1.31
CA CYS A 119 -2.34 -10.16 1.76
C CYS A 119 -1.28 -9.96 0.68
N HIS A 120 -1.05 -8.69 0.35
CA HIS A 120 -0.06 -8.36 -0.65
C HIS A 120 1.18 -7.76 0.01
N CYS A 121 2.30 -8.40 -0.23
CA CYS A 121 3.56 -7.95 0.35
C CYS A 121 4.37 -7.25 -0.75
N PHE A 122 5.02 -6.16 -0.36
CA PHE A 122 5.82 -5.39 -1.29
C PHE A 122 7.15 -4.98 -0.67
N MET A 123 8.22 -5.18 -1.43
CA MET A 123 9.55 -4.84 -0.96
C MET A 123 10.03 -3.53 -1.57
N ALA A 124 9.93 -2.47 -0.78
CA ALA A 124 10.35 -1.15 -1.24
C ALA A 124 11.72 -1.27 -1.93
N VAL A 125 12.05 -0.22 -2.68
CA VAL A 125 13.31 -0.19 -3.39
C VAL A 125 14.31 0.67 -2.61
N LYS A 126 14.05 1.97 -2.62
CA LYS A 126 14.92 2.91 -1.92
C LYS A 126 14.16 3.49 -0.73
N ASP A 127 12.85 3.51 -0.85
CA ASP A 127 12.00 4.04 0.20
C ASP A 127 11.95 3.03 1.37
N THR A 128 11.13 3.36 2.35
CA THR A 128 10.98 2.50 3.51
C THR A 128 9.52 2.04 3.65
N GLY A 129 9.37 0.85 4.20
CA GLY A 129 8.03 0.29 4.40
C GLY A 129 7.08 1.33 4.99
N GLU A 130 7.66 2.25 5.75
CA GLU A 130 6.87 3.30 6.38
C GLU A 130 6.11 4.09 5.31
N ARG A 131 6.87 4.82 4.50
CA ARG A 131 6.29 5.62 3.45
C ARG A 131 5.10 4.89 2.81
N LEU A 132 5.38 3.68 2.34
CA LEU A 132 4.36 2.87 1.72
C LEU A 132 3.10 2.86 2.60
N SER A 133 3.27 2.34 3.81
CA SER A 133 2.16 2.28 4.75
C SER A 133 1.49 3.64 4.87
N HIS A 134 2.26 4.68 4.58
CA HIS A 134 1.76 6.04 4.65
C HIS A 134 0.91 6.33 3.41
N ALA A 135 1.48 6.04 2.25
CA ALA A 135 0.80 6.27 0.99
C ALA A 135 -0.54 5.52 1.00
N VAL A 136 -0.45 4.22 1.22
CA VAL A 136 -1.64 3.38 1.27
C VAL A 136 -2.58 3.89 2.37
N GLY A 137 -1.98 4.50 3.38
CA GLY A 137 -2.75 5.03 4.48
C GLY A 137 -3.33 6.41 4.14
N CYS A 138 -2.89 6.94 3.01
CA CYS A 138 -3.35 8.23 2.55
C CYS A 138 -4.70 8.04 1.84
N ALA A 139 -4.67 7.18 0.82
CA ALA A 139 -5.87 6.89 0.05
C ALA A 139 -6.99 6.48 1.00
N PHE A 140 -6.66 5.56 1.91
CA PHE A 140 -7.62 5.07 2.87
C PHE A 140 -8.38 6.23 3.53
N ALA A 141 -7.62 7.14 4.11
CA ALA A 141 -8.20 8.29 4.77
C ALA A 141 -9.10 9.04 3.79
N ALA A 142 -8.68 9.04 2.53
CA ALA A 142 -9.43 9.71 1.49
C ALA A 142 -10.71 8.91 1.19
N CYS A 143 -10.50 7.67 0.77
CA CYS A 143 -11.62 6.80 0.45
C CYS A 143 -12.58 6.80 1.64
N LEU A 144 -12.02 6.52 2.80
CA LEU A 144 -12.82 6.48 4.02
C LEU A 144 -13.51 7.83 4.21
N GLU A 145 -12.83 8.88 3.78
CA GLU A 145 -13.36 10.23 3.89
C GLU A 145 -14.58 10.40 2.98
N ARG A 146 -14.75 9.45 2.09
CA ARG A 146 -15.86 9.47 1.16
C ARG A 146 -17.02 8.64 1.70
N LYS A 147 -16.68 7.68 2.53
CA LYS A 147 -17.69 6.80 3.12
C LYS A 147 -18.04 7.31 4.52
N GLN A 148 -17.00 7.52 5.32
CA GLN A 148 -17.18 8.01 6.68
C GLN A 148 -17.79 9.40 6.66
N LYS A 149 -17.81 10.02 7.84
CA LYS A 149 -18.35 11.36 7.98
C LYS A 149 -17.45 12.19 8.87
N ARG A 150 -17.47 13.50 8.63
CA ARG A 150 -16.64 14.42 9.42
C ARG A 150 -16.96 14.26 10.90
N SER A 151 -15.91 14.34 11.71
CA SER A 151 -16.06 14.21 13.15
C SER A 151 -14.72 14.46 13.84
N GLY A 152 -13.72 13.69 13.42
CA GLY A 152 -12.39 13.82 13.98
C GLY A 152 -11.62 12.50 13.88
N PRO A 153 -10.62 12.49 12.96
CA PRO A 153 -9.80 11.30 12.75
C PRO A 153 -8.81 11.11 13.89
N SER A 154 -8.02 10.05 13.79
CA SER A 154 -7.03 9.75 14.80
C SER A 154 -5.93 8.86 14.20
N SER A 155 -6.36 7.71 13.70
CA SER A 155 -5.42 6.77 13.10
C SER A 155 -4.66 6.02 14.20
N GLY A 156 -3.98 6.79 15.04
CA GLY A 156 -3.21 6.23 16.12
C GLY A 156 -4.04 6.15 17.41
N GLY A 1 -8.37 26.08 -5.24
CA GLY A 1 -7.00 26.06 -5.73
C GLY A 1 -6.66 24.71 -6.37
N SER A 2 -5.60 24.71 -7.15
CA SER A 2 -5.17 23.49 -7.82
C SER A 2 -3.64 23.37 -7.73
N SER A 3 -3.21 22.41 -6.92
CA SER A 3 -1.79 22.17 -6.74
C SER A 3 -1.12 23.44 -6.19
N GLY A 4 0.11 23.26 -5.71
CA GLY A 4 0.87 24.36 -5.17
C GLY A 4 1.22 24.11 -3.69
N SER A 5 2.51 24.23 -3.40
CA SER A 5 2.98 24.02 -2.04
C SER A 5 4.51 24.15 -2.00
N SER A 6 4.98 24.97 -1.07
CA SER A 6 6.40 25.18 -0.91
C SER A 6 6.70 25.78 0.47
N GLY A 7 7.98 25.82 0.81
CA GLY A 7 8.40 26.36 2.09
C GLY A 7 9.32 25.38 2.81
N ALA A 8 10.10 25.93 3.75
CA ALA A 8 11.02 25.11 4.51
C ALA A 8 12.07 24.51 3.57
N SER A 9 13.22 24.22 4.14
CA SER A 9 14.31 23.65 3.36
C SER A 9 13.96 22.21 2.95
N ARG A 10 14.18 21.93 1.67
CA ARG A 10 13.90 20.62 1.13
C ARG A 10 12.39 20.32 1.23
N PRO A 11 11.89 19.57 0.22
CA PRO A 11 10.48 19.21 0.18
C PRO A 11 10.18 18.11 1.19
N HIS A 12 9.04 17.46 0.98
CA HIS A 12 8.61 16.39 1.86
C HIS A 12 8.89 15.03 1.20
N GLN A 13 8.79 13.99 2.00
CA GLN A 13 9.02 12.64 1.50
C GLN A 13 7.72 11.83 1.55
N TRP A 14 6.85 12.22 2.47
CA TRP A 14 5.57 11.53 2.62
C TRP A 14 4.51 12.34 1.87
N GLN A 15 4.19 13.49 2.42
CA GLN A 15 3.20 14.36 1.81
C GLN A 15 3.40 14.42 0.29
N THR A 16 4.64 14.68 -0.10
CA THR A 16 4.97 14.77 -1.52
C THR A 16 4.30 13.64 -2.28
N ASP A 17 4.32 12.45 -1.70
CA ASP A 17 3.71 11.29 -2.32
C ASP A 17 2.23 11.22 -1.93
N GLU A 18 1.91 11.84 -0.80
CA GLU A 18 0.55 11.86 -0.32
C GLU A 18 -0.38 12.50 -1.36
N GLU A 19 -0.13 13.78 -1.63
CA GLU A 19 -0.93 14.51 -2.59
C GLU A 19 -1.17 13.65 -3.83
N GLY A 20 -0.12 12.94 -4.23
CA GLY A 20 -0.21 12.07 -5.40
C GLY A 20 -1.45 11.18 -5.33
N VAL A 21 -1.96 11.01 -4.13
CA VAL A 21 -3.13 10.18 -3.91
C VAL A 21 -4.38 10.96 -4.37
N ARG A 22 -4.29 12.27 -4.27
CA ARG A 22 -5.40 13.12 -4.67
C ARG A 22 -5.12 13.74 -6.05
N THR A 23 -3.87 14.09 -6.27
CA THR A 23 -3.46 14.68 -7.54
C THR A 23 -3.35 13.61 -8.61
N GLY A 24 -2.85 12.45 -8.22
CA GLY A 24 -2.69 11.34 -9.13
C GLY A 24 -1.22 11.13 -9.49
N LYS A 25 -0.43 10.80 -8.47
CA LYS A 25 0.99 10.56 -8.67
C LYS A 25 1.61 10.13 -7.34
N CYS A 26 0.89 9.27 -6.64
CA CYS A 26 1.35 8.76 -5.35
C CYS A 26 1.91 7.36 -5.56
N SER A 27 2.96 7.28 -6.36
CA SER A 27 3.60 6.01 -6.65
C SER A 27 5.08 6.07 -6.30
N PHE A 28 5.65 4.90 -6.08
CA PHE A 28 7.06 4.80 -5.72
C PHE A 28 7.65 3.47 -6.20
N PRO A 29 9.02 3.41 -6.19
CA PRO A 29 9.72 2.21 -6.62
C PRO A 29 9.62 1.13 -5.55
N VAL A 30 8.88 0.07 -5.87
CA VAL A 30 8.71 -1.04 -4.95
C VAL A 30 8.71 -2.34 -5.74
N LYS A 31 9.18 -3.40 -5.08
CA LYS A 31 9.24 -4.71 -5.71
C LYS A 31 8.05 -5.55 -5.22
N TYR A 32 7.37 -6.18 -6.17
CA TYR A 32 6.23 -7.01 -5.85
C TYR A 32 6.68 -8.38 -5.34
N LEU A 33 6.33 -8.65 -4.08
CA LEU A 33 6.68 -9.92 -3.46
C LEU A 33 5.70 -11.00 -3.91
N GLY A 34 4.43 -10.64 -3.91
CA GLY A 34 3.39 -11.57 -4.32
C GLY A 34 2.16 -11.45 -3.42
N HIS A 35 1.42 -12.55 -3.34
CA HIS A 35 0.22 -12.58 -2.52
C HIS A 35 0.12 -13.92 -1.79
N VAL A 36 -0.18 -13.85 -0.50
CA VAL A 36 -0.30 -15.04 0.30
C VAL A 36 -1.65 -15.04 1.03
N GLU A 37 -2.02 -16.20 1.53
CA GLU A 37 -3.29 -16.34 2.24
C GLU A 37 -3.06 -16.20 3.75
N VAL A 38 -4.00 -15.51 4.38
CA VAL A 38 -3.93 -15.28 5.81
C VAL A 38 -5.02 -16.10 6.51
N ASP A 39 -5.24 -15.78 7.78
CA ASP A 39 -6.25 -16.47 8.56
C ASP A 39 -7.01 -15.46 9.42
N GLU A 40 -6.24 -14.58 10.05
CA GLU A 40 -6.83 -13.55 10.90
C GLU A 40 -7.41 -12.42 10.04
N SER A 41 -6.65 -12.04 9.04
CA SER A 41 -7.07 -10.98 8.14
C SER A 41 -6.69 -9.61 8.73
N ARG A 42 -6.12 -9.66 9.92
CA ARG A 42 -5.70 -8.44 10.60
C ARG A 42 -4.68 -8.77 11.69
N GLY A 43 -3.57 -8.03 11.66
CA GLY A 43 -2.52 -8.23 12.64
C GLY A 43 -1.17 -7.74 12.09
N MET A 44 -0.52 -6.91 12.89
CA MET A 44 0.77 -6.36 12.51
C MET A 44 1.77 -7.49 12.23
N HIS A 45 1.60 -8.60 12.93
CA HIS A 45 2.47 -9.74 12.76
C HIS A 45 2.05 -10.53 11.53
N ILE A 46 0.86 -10.21 11.04
CA ILE A 46 0.33 -10.89 9.86
C ILE A 46 1.06 -10.38 8.62
N CYS A 47 0.81 -9.12 8.30
CA CYS A 47 1.43 -8.51 7.13
C CYS A 47 2.90 -8.92 7.11
N GLU A 48 3.50 -8.92 8.29
CA GLU A 48 4.91 -9.29 8.41
C GLU A 48 5.09 -10.79 8.15
N ASP A 49 4.17 -11.57 8.70
CA ASP A 49 4.22 -13.01 8.54
C ASP A 49 4.12 -13.36 7.05
N ALA A 50 3.40 -12.50 6.32
CA ALA A 50 3.22 -12.70 4.90
C ALA A 50 4.59 -12.68 4.21
N VAL A 51 5.34 -11.64 4.48
CA VAL A 51 6.66 -11.49 3.90
C VAL A 51 7.43 -12.80 4.07
N LYS A 52 7.61 -13.20 5.32
CA LYS A 52 8.32 -14.42 5.62
C LYS A 52 7.83 -15.54 4.71
N ARG A 53 6.52 -15.73 4.70
CA ARG A 53 5.91 -16.75 3.87
C ARG A 53 6.51 -16.73 2.46
N LEU A 54 6.60 -15.52 1.92
CA LEU A 54 7.15 -15.33 0.59
C LEU A 54 8.67 -15.51 0.64
N LYS A 55 9.23 -15.22 1.81
CA LYS A 55 10.66 -15.35 2.00
C LYS A 55 11.03 -16.82 2.12
N ALA A 56 10.02 -17.64 2.37
CA ALA A 56 10.22 -19.07 2.50
C ALA A 56 9.65 -19.79 1.28
N THR A 57 8.86 -19.04 0.52
CA THR A 57 8.24 -19.59 -0.67
C THR A 57 9.29 -19.83 -1.76
N GLY A 58 10.43 -19.16 -1.59
CA GLY A 58 11.51 -19.30 -2.54
C GLY A 58 11.14 -18.71 -3.91
N LYS A 59 10.93 -17.39 -3.91
CA LYS A 59 10.56 -16.71 -5.13
C LYS A 59 11.50 -15.52 -5.35
N LYS A 60 10.93 -14.45 -5.89
CA LYS A 60 11.71 -13.24 -6.14
C LYS A 60 10.75 -12.05 -6.26
N ALA A 61 11.32 -10.86 -6.07
CA ALA A 61 10.53 -9.65 -6.16
C ALA A 61 10.71 -9.02 -7.54
N VAL A 62 9.58 -8.68 -8.15
CA VAL A 62 9.59 -8.08 -9.47
C VAL A 62 9.75 -6.57 -9.34
N LYS A 63 10.40 -5.98 -10.33
CA LYS A 63 10.62 -4.54 -10.34
C LYS A 63 9.43 -3.85 -11.00
N ALA A 64 8.65 -3.18 -10.18
CA ALA A 64 7.48 -2.47 -10.67
C ALA A 64 7.25 -1.21 -9.82
N VAL A 65 6.36 -0.36 -10.30
CA VAL A 65 6.04 0.87 -9.61
C VAL A 65 4.68 0.74 -8.92
N LEU A 66 4.70 0.91 -7.61
CA LEU A 66 3.48 0.80 -6.82
C LEU A 66 2.77 2.16 -6.82
N TRP A 67 1.50 2.12 -7.20
CA TRP A 67 0.69 3.33 -7.24
C TRP A 67 -0.33 3.27 -6.11
N VAL A 68 -0.57 4.41 -5.50
CA VAL A 68 -1.52 4.50 -4.40
C VAL A 68 -2.54 5.61 -4.70
N SER A 69 -3.80 5.20 -4.77
CA SER A 69 -4.87 6.15 -5.05
C SER A 69 -6.11 5.78 -4.23
N ALA A 70 -7.04 6.71 -4.16
CA ALA A 70 -8.28 6.50 -3.43
C ALA A 70 -8.96 5.25 -3.96
N ASP A 71 -8.68 4.94 -5.21
CA ASP A 71 -9.26 3.76 -5.85
C ASP A 71 -8.58 2.50 -5.30
N GLY A 72 -7.50 2.73 -4.56
CA GLY A 72 -6.76 1.62 -3.99
C GLY A 72 -5.29 1.68 -4.41
N LEU A 73 -4.82 0.58 -4.98
CA LEU A 73 -3.44 0.50 -5.43
C LEU A 73 -3.41 -0.03 -6.86
N ARG A 74 -2.21 -0.01 -7.43
CA ARG A 74 -2.02 -0.49 -8.79
C ARG A 74 -0.56 -0.86 -9.03
N VAL A 75 -0.32 -2.17 -9.08
CA VAL A 75 1.03 -2.67 -9.31
C VAL A 75 1.34 -2.62 -10.79
N VAL A 76 1.91 -1.49 -11.21
CA VAL A 76 2.27 -1.30 -12.61
C VAL A 76 3.58 -2.04 -12.90
N ASP A 77 3.74 -2.42 -14.15
CA ASP A 77 4.95 -3.12 -14.57
C ASP A 77 5.89 -2.15 -15.27
N GLU A 78 6.93 -1.75 -14.56
CA GLU A 78 7.90 -0.82 -15.09
C GLU A 78 8.18 -1.15 -16.57
N LYS A 79 8.03 -2.42 -16.91
CA LYS A 79 8.26 -2.86 -18.27
C LYS A 79 7.64 -1.86 -19.24
N THR A 80 6.31 -1.93 -19.34
CA THR A 80 5.58 -1.04 -20.23
C THR A 80 4.61 -0.17 -19.42
N LYS A 81 4.83 -0.14 -18.12
CA LYS A 81 3.99 0.64 -17.23
C LYS A 81 2.61 -0.01 -17.14
N ASP A 82 2.51 -1.19 -17.75
CA ASP A 82 1.26 -1.92 -17.74
C ASP A 82 0.80 -2.14 -16.30
N LEU A 83 -0.26 -2.92 -16.15
CA LEU A 83 -0.80 -3.21 -14.84
C LEU A 83 -0.55 -4.69 -14.51
N ILE A 84 0.09 -4.90 -13.38
CA ILE A 84 0.40 -6.26 -12.94
C ILE A 84 -0.73 -6.77 -12.05
N VAL A 85 -1.18 -5.89 -11.16
CA VAL A 85 -2.25 -6.24 -10.24
C VAL A 85 -3.16 -5.02 -10.04
N ASP A 86 -4.40 -5.30 -9.66
CA ASP A 86 -5.36 -4.24 -9.43
C ASP A 86 -6.04 -4.47 -8.07
N GLN A 87 -5.69 -3.60 -7.13
CA GLN A 87 -6.26 -3.68 -5.80
C GLN A 87 -7.08 -2.42 -5.49
N THR A 88 -8.10 -2.62 -4.65
CA THR A 88 -8.97 -1.52 -4.26
C THR A 88 -8.87 -1.27 -2.76
N ILE A 89 -8.85 0.01 -2.41
CA ILE A 89 -8.77 0.41 -1.02
C ILE A 89 -9.89 -0.28 -0.23
N GLU A 90 -10.98 -0.57 -0.95
CA GLU A 90 -12.12 -1.21 -0.33
C GLU A 90 -11.70 -2.52 0.34
N LYS A 91 -11.29 -3.47 -0.49
CA LYS A 91 -10.87 -4.77 0.00
C LYS A 91 -9.88 -4.56 1.17
N VAL A 92 -8.87 -3.76 0.90
CA VAL A 92 -7.85 -3.47 1.90
C VAL A 92 -8.55 -3.08 3.22
N SER A 93 -8.50 -4.01 4.16
CA SER A 93 -9.11 -3.78 5.46
C SER A 93 -8.05 -3.26 6.45
N PHE A 94 -6.91 -3.92 6.45
CA PHE A 94 -5.81 -3.54 7.33
C PHE A 94 -4.50 -3.41 6.56
N CYS A 95 -3.63 -2.56 7.08
CA CYS A 95 -2.33 -2.35 6.45
C CYS A 95 -1.37 -1.83 7.51
N ALA A 96 -0.31 -2.58 7.72
CA ALA A 96 0.71 -2.22 8.70
C ALA A 96 2.06 -2.08 8.01
N PRO A 97 2.93 -1.24 8.62
CA PRO A 97 4.26 -1.01 8.08
C PRO A 97 5.17 -2.22 8.34
N ASP A 98 6.47 -1.98 8.22
CA ASP A 98 7.45 -3.03 8.43
C ASP A 98 7.98 -2.95 9.87
N ARG A 99 8.90 -3.84 10.18
CA ARG A 99 9.49 -3.88 11.51
C ARG A 99 10.66 -4.86 11.54
N ASN A 100 10.46 -6.00 10.91
CA ASN A 100 11.49 -7.02 10.85
C ASN A 100 12.49 -6.68 9.74
N PHE A 101 11.93 -6.27 8.60
CA PHE A 101 12.76 -5.91 7.46
C PHE A 101 12.99 -4.39 7.40
N ASP A 102 13.93 -4.01 6.54
CA ASP A 102 14.25 -2.61 6.38
C ASP A 102 13.13 -1.90 5.62
N ARG A 103 12.61 -2.59 4.61
CA ARG A 103 11.54 -2.05 3.80
C ARG A 103 10.64 -3.17 3.30
N ALA A 104 9.76 -3.62 4.19
CA ALA A 104 8.83 -4.69 3.84
C ALA A 104 7.43 -4.32 4.34
N PHE A 105 6.61 -3.84 3.40
CA PHE A 105 5.26 -3.44 3.74
C PHE A 105 4.24 -4.39 3.09
N SER A 106 3.26 -4.77 3.87
CA SER A 106 2.21 -5.67 3.39
C SER A 106 0.87 -5.27 3.98
N TYR A 107 -0.18 -5.51 3.22
CA TYR A 107 -1.53 -5.20 3.65
C TYR A 107 -2.50 -6.34 3.33
N ILE A 108 -3.53 -6.44 4.15
CA ILE A 108 -4.54 -7.48 3.97
C ILE A 108 -5.69 -6.92 3.14
N CYS A 109 -6.29 -7.81 2.34
CA CYS A 109 -7.41 -7.41 1.50
C CYS A 109 -8.21 -8.67 1.16
N ARG A 110 -9.51 -8.48 1.02
CA ARG A 110 -10.40 -9.58 0.70
C ARG A 110 -10.45 -9.81 -0.81
N ASP A 111 -9.61 -10.74 -1.27
CA ASP A 111 -9.54 -11.05 -2.68
C ASP A 111 -10.95 -11.05 -3.27
N GLY A 112 -11.19 -10.10 -4.15
CA GLY A 112 -12.49 -9.97 -4.79
C GLY A 112 -12.54 -10.76 -6.09
N THR A 113 -12.09 -12.01 -6.02
CA THR A 113 -12.08 -12.87 -7.18
C THR A 113 -12.58 -14.27 -6.81
N THR A 114 -11.85 -14.90 -5.89
CA THR A 114 -12.22 -16.24 -5.45
C THR A 114 -13.31 -16.17 -4.39
N ARG A 115 -12.87 -16.07 -3.14
CA ARG A 115 -13.80 -15.99 -2.02
C ARG A 115 -13.05 -16.18 -0.69
N ARG A 116 -11.92 -15.51 -0.59
CA ARG A 116 -11.11 -15.59 0.61
C ARG A 116 -10.30 -14.30 0.80
N TRP A 117 -9.50 -14.29 1.86
CA TRP A 117 -8.68 -13.13 2.17
C TRP A 117 -7.27 -13.40 1.65
N ILE A 118 -6.62 -12.34 1.20
CA ILE A 118 -5.27 -12.45 0.67
C ILE A 118 -4.41 -11.34 1.28
N CYS A 119 -3.11 -11.60 1.32
CA CYS A 119 -2.17 -10.64 1.87
C CYS A 119 -1.18 -10.25 0.76
N HIS A 120 -0.98 -8.95 0.63
CA HIS A 120 -0.07 -8.43 -0.38
C HIS A 120 1.12 -7.74 0.30
N CYS A 121 2.31 -8.13 -0.13
CA CYS A 121 3.52 -7.55 0.43
C CYS A 121 4.23 -6.75 -0.67
N PHE A 122 5.04 -5.80 -0.24
CA PHE A 122 5.78 -4.96 -1.18
C PHE A 122 7.12 -4.55 -0.60
N MET A 123 8.18 -4.98 -1.25
CA MET A 123 9.53 -4.66 -0.80
C MET A 123 10.02 -3.36 -1.43
N ALA A 124 9.86 -2.28 -0.68
CA ALA A 124 10.28 -0.97 -1.15
C ALA A 124 11.66 -1.08 -1.82
N VAL A 125 11.96 -0.09 -2.64
CA VAL A 125 13.23 -0.07 -3.34
C VAL A 125 14.23 0.79 -2.56
N LYS A 126 14.02 2.09 -2.62
CA LYS A 126 14.89 3.03 -1.94
C LYS A 126 14.11 3.70 -0.81
N ASP A 127 12.82 3.42 -0.78
CA ASP A 127 11.95 4.00 0.25
C ASP A 127 11.86 3.04 1.43
N THR A 128 10.89 3.29 2.29
CA THR A 128 10.69 2.46 3.46
C THR A 128 9.21 2.10 3.62
N GLY A 129 8.97 0.98 4.27
CA GLY A 129 7.62 0.51 4.49
C GLY A 129 6.78 1.60 5.17
N GLU A 130 7.46 2.45 5.92
CA GLU A 130 6.78 3.53 6.62
C GLU A 130 6.00 4.40 5.64
N ARG A 131 6.73 5.08 4.78
CA ARG A 131 6.12 5.95 3.80
C ARG A 131 5.01 5.20 3.05
N LEU A 132 5.28 3.92 2.78
CA LEU A 132 4.33 3.09 2.08
C LEU A 132 3.04 2.98 2.92
N SER A 133 3.23 2.75 4.20
CA SER A 133 2.11 2.62 5.11
C SER A 133 1.36 3.95 5.22
N HIS A 134 2.06 5.02 4.86
CA HIS A 134 1.48 6.35 4.90
C HIS A 134 0.59 6.56 3.68
N ALA A 135 1.14 6.22 2.52
CA ALA A 135 0.41 6.37 1.27
C ALA A 135 -0.92 5.61 1.36
N VAL A 136 -0.80 4.32 1.66
CA VAL A 136 -1.97 3.47 1.77
C VAL A 136 -2.97 4.12 2.74
N GLY A 137 -2.41 4.79 3.75
CA GLY A 137 -3.23 5.45 4.74
C GLY A 137 -3.82 6.75 4.19
N CYS A 138 -3.30 7.16 3.05
CA CYS A 138 -3.77 8.38 2.41
C CYS A 138 -5.04 8.05 1.63
N ALA A 139 -4.89 7.16 0.66
CA ALA A 139 -6.01 6.75 -0.17
C ALA A 139 -7.18 6.36 0.74
N PHE A 140 -6.86 5.63 1.80
CA PHE A 140 -7.88 5.20 2.74
C PHE A 140 -8.66 6.38 3.29
N ALA A 141 -7.93 7.27 3.96
CA ALA A 141 -8.55 8.46 4.54
C ALA A 141 -9.34 9.20 3.46
N ALA A 142 -8.84 9.11 2.24
CA ALA A 142 -9.49 9.76 1.11
C ALA A 142 -10.79 9.04 0.79
N CYS A 143 -10.66 7.78 0.40
CA CYS A 143 -11.81 6.97 0.05
C CYS A 143 -12.81 7.02 1.21
N LEU A 144 -12.26 6.95 2.42
CA LEU A 144 -13.07 6.98 3.62
C LEU A 144 -13.69 8.38 3.76
N GLU A 145 -12.90 9.38 3.45
CA GLU A 145 -13.35 10.76 3.53
C GLU A 145 -14.72 10.91 2.87
N ARG A 146 -14.96 10.04 1.90
CA ARG A 146 -16.23 10.06 1.18
C ARG A 146 -17.33 9.43 2.02
N LYS A 147 -16.96 8.42 2.78
CA LYS A 147 -17.91 7.73 3.64
C LYS A 147 -18.00 8.46 4.98
N GLN A 148 -16.85 8.59 5.63
CA GLN A 148 -16.78 9.26 6.92
C GLN A 148 -16.15 10.65 6.75
N LYS A 149 -16.02 11.33 7.89
CA LYS A 149 -15.43 12.66 7.89
C LYS A 149 -14.04 12.60 8.51
N ARG A 150 -13.17 13.47 8.03
CA ARG A 150 -11.80 13.53 8.53
C ARG A 150 -11.61 14.77 9.40
N SER A 151 -11.06 14.54 10.58
CA SER A 151 -10.81 15.63 11.51
C SER A 151 -9.32 15.72 11.83
N GLY A 152 -8.91 16.90 12.26
CA GLY A 152 -7.51 17.14 12.60
C GLY A 152 -6.74 17.68 11.39
N PRO A 153 -6.57 19.04 11.38
CA PRO A 153 -5.86 19.68 10.30
C PRO A 153 -4.35 19.44 10.41
N SER A 154 -3.62 19.97 9.44
CA SER A 154 -2.17 19.83 9.41
C SER A 154 -1.56 20.91 8.53
N SER A 155 -1.99 20.94 7.27
CA SER A 155 -1.50 21.91 6.32
C SER A 155 -2.59 22.28 5.33
N GLY A 156 -3.45 23.21 5.75
CA GLY A 156 -4.54 23.65 4.91
C GLY A 156 -4.85 25.13 5.14
N GLY A 1 23.11 14.66 4.30
CA GLY A 1 22.98 14.52 2.86
C GLY A 1 22.35 13.18 2.48
N SER A 2 22.54 12.80 1.24
CA SER A 2 22.02 11.54 0.74
C SER A 2 23.15 10.66 0.23
N SER A 3 22.82 9.39 0.01
CA SER A 3 23.80 8.43 -0.47
C SER A 3 23.10 7.14 -0.89
N GLY A 4 23.27 6.80 -2.16
CA GLY A 4 22.67 5.59 -2.69
C GLY A 4 21.56 5.94 -3.70
N SER A 5 20.43 6.37 -3.16
CA SER A 5 19.29 6.73 -3.99
C SER A 5 19.78 7.49 -5.22
N SER A 6 20.47 8.59 -4.97
CA SER A 6 20.98 9.42 -6.05
C SER A 6 19.83 9.95 -6.91
N GLY A 7 19.70 11.26 -6.92
CA GLY A 7 18.64 11.90 -7.69
C GLY A 7 17.26 11.50 -7.16
N ALA A 8 16.78 12.28 -6.21
CA ALA A 8 15.47 12.02 -5.62
C ALA A 8 14.39 12.63 -6.51
N SER A 9 13.51 11.77 -7.00
CA SER A 9 12.42 12.20 -7.85
C SER A 9 11.47 13.11 -7.07
N ARG A 10 11.62 14.41 -7.30
CA ARG A 10 10.79 15.39 -6.63
C ARG A 10 11.00 15.32 -5.11
N PRO A 11 10.73 16.46 -4.44
CA PRO A 11 10.88 16.54 -2.99
C PRO A 11 9.75 15.82 -2.28
N HIS A 12 9.71 15.99 -0.97
CA HIS A 12 8.68 15.35 -0.16
C HIS A 12 8.86 13.83 -0.20
N GLN A 13 8.66 13.22 0.96
CA GLN A 13 8.81 11.78 1.07
C GLN A 13 7.46 11.14 1.40
N TRP A 14 6.83 11.65 2.44
CA TRP A 14 5.53 11.15 2.87
C TRP A 14 4.45 12.04 2.25
N GLN A 15 4.54 13.32 2.57
CA GLN A 15 3.58 14.29 2.06
C GLN A 15 3.34 14.06 0.57
N THR A 16 4.42 13.73 -0.13
CA THR A 16 4.34 13.49 -1.57
C THR A 16 3.29 12.43 -1.86
N ASP A 17 3.24 11.42 -1.01
CA ASP A 17 2.28 10.33 -1.18
C ASP A 17 0.89 10.83 -0.78
N GLU A 18 0.87 12.02 -0.19
CA GLU A 18 -0.39 12.62 0.25
C GLU A 18 -1.03 13.39 -0.90
N GLU A 19 -0.18 14.00 -1.72
CA GLU A 19 -0.64 14.77 -2.85
C GLU A 19 -0.94 13.84 -4.04
N GLY A 20 -0.09 12.85 -4.20
CA GLY A 20 -0.25 11.90 -5.29
C GLY A 20 -1.50 11.04 -5.07
N VAL A 21 -1.98 11.04 -3.84
CA VAL A 21 -3.15 10.26 -3.50
C VAL A 21 -4.39 11.16 -3.56
N ARG A 22 -4.14 12.47 -3.58
CA ARG A 22 -5.20 13.44 -3.64
C ARG A 22 -5.37 13.98 -5.06
N THR A 23 -4.29 13.87 -5.81
CA THR A 23 -4.29 14.34 -7.20
C THR A 23 -4.30 13.15 -8.16
N GLY A 24 -3.58 12.11 -7.77
CA GLY A 24 -3.50 10.91 -8.59
C GLY A 24 -2.11 10.76 -9.22
N LYS A 25 -1.16 10.43 -8.36
CA LYS A 25 0.21 10.25 -8.81
C LYS A 25 1.10 9.89 -7.63
N CYS A 26 0.54 9.06 -6.75
CA CYS A 26 1.26 8.63 -5.56
C CYS A 26 1.85 7.24 -5.84
N SER A 27 2.85 7.22 -6.71
CA SER A 27 3.50 5.97 -7.06
C SER A 27 4.98 6.03 -6.70
N PHE A 28 5.47 4.93 -6.15
CA PHE A 28 6.87 4.84 -5.75
C PHE A 28 7.50 3.52 -6.22
N PRO A 29 8.85 3.51 -6.24
CA PRO A 29 9.58 2.32 -6.66
C PRO A 29 9.55 1.24 -5.57
N VAL A 30 8.94 0.12 -5.92
CA VAL A 30 8.83 -0.99 -4.99
C VAL A 30 8.94 -2.31 -5.76
N LYS A 31 8.90 -3.40 -5.00
CA LYS A 31 8.99 -4.72 -5.60
C LYS A 31 7.77 -5.56 -5.19
N TYR A 32 7.31 -6.38 -6.12
CA TYR A 32 6.17 -7.24 -5.86
C TYR A 32 6.60 -8.62 -5.39
N LEU A 33 6.44 -8.86 -4.11
CA LEU A 33 6.81 -10.13 -3.52
C LEU A 33 5.81 -11.21 -3.98
N GLY A 34 4.54 -10.85 -3.89
CA GLY A 34 3.48 -11.77 -4.29
C GLY A 34 2.25 -11.59 -3.41
N HIS A 35 1.55 -12.69 -3.19
CA HIS A 35 0.35 -12.67 -2.37
C HIS A 35 0.25 -13.97 -1.58
N VAL A 36 -0.09 -13.83 -0.30
CA VAL A 36 -0.22 -14.97 0.57
C VAL A 36 -1.57 -14.91 1.30
N GLU A 37 -2.00 -16.07 1.79
CA GLU A 37 -3.26 -16.16 2.50
C GLU A 37 -3.05 -15.87 3.99
N VAL A 38 -4.10 -15.36 4.61
CA VAL A 38 -4.05 -15.04 6.03
C VAL A 38 -5.05 -15.91 6.78
N ASP A 39 -5.32 -15.51 8.02
CA ASP A 39 -6.26 -16.25 8.86
C ASP A 39 -7.04 -15.26 9.73
N GLU A 40 -6.30 -14.33 10.32
CA GLU A 40 -6.90 -13.33 11.17
C GLU A 40 -7.46 -12.17 10.33
N SER A 41 -6.69 -11.80 9.32
CA SER A 41 -7.08 -10.71 8.44
C SER A 41 -6.63 -9.38 9.02
N ARG A 42 -6.03 -9.45 10.20
CA ARG A 42 -5.55 -8.27 10.88
C ARG A 42 -4.51 -8.63 11.94
N GLY A 43 -3.43 -7.87 11.95
CA GLY A 43 -2.36 -8.12 12.91
C GLY A 43 -1.03 -7.55 12.40
N MET A 44 -0.47 -6.65 13.19
CA MET A 44 0.80 -6.03 12.84
C MET A 44 1.86 -7.09 12.54
N HIS A 45 1.68 -8.25 13.14
CA HIS A 45 2.62 -9.35 12.94
C HIS A 45 2.16 -10.20 11.76
N ILE A 46 0.89 -10.06 11.43
CA ILE A 46 0.31 -10.82 10.32
C ILE A 46 0.93 -10.33 9.01
N CYS A 47 0.70 -9.05 8.73
CA CYS A 47 1.22 -8.45 7.51
C CYS A 47 2.64 -8.98 7.29
N GLU A 48 3.52 -8.66 8.23
CA GLU A 48 4.90 -9.09 8.15
C GLU A 48 4.98 -10.60 7.94
N ASP A 49 4.24 -11.32 8.77
CA ASP A 49 4.22 -12.77 8.69
C ASP A 49 4.14 -13.19 7.23
N ALA A 50 3.41 -12.40 6.45
CA ALA A 50 3.25 -12.68 5.04
C ALA A 50 4.63 -12.72 4.37
N VAL A 51 5.33 -11.60 4.47
CA VAL A 51 6.67 -11.51 3.89
C VAL A 51 7.43 -12.79 4.15
N LYS A 52 7.69 -13.04 5.44
CA LYS A 52 8.42 -14.23 5.83
C LYS A 52 7.96 -15.42 4.98
N ARG A 53 6.66 -15.44 4.71
CA ARG A 53 6.08 -16.51 3.92
C ARG A 53 6.70 -16.51 2.51
N LEU A 54 6.67 -15.35 1.88
CA LEU A 54 7.23 -15.20 0.54
C LEU A 54 8.75 -15.29 0.62
N LYS A 55 9.26 -15.30 1.84
CA LYS A 55 10.69 -15.37 2.05
C LYS A 55 11.11 -16.84 2.18
N ALA A 56 10.12 -17.67 2.49
CA ALA A 56 10.37 -19.10 2.64
C ALA A 56 9.74 -19.85 1.48
N THR A 57 9.02 -19.10 0.65
CA THR A 57 8.36 -19.68 -0.51
C THR A 57 9.39 -20.09 -1.56
N GLY A 58 10.47 -19.33 -1.59
CA GLY A 58 11.54 -19.60 -2.55
C GLY A 58 11.23 -18.96 -3.91
N LYS A 59 10.89 -17.68 -3.87
CA LYS A 59 10.58 -16.95 -5.07
C LYS A 59 11.49 -15.73 -5.19
N LYS A 60 10.94 -14.65 -5.71
CA LYS A 60 11.69 -13.42 -5.88
C LYS A 60 10.72 -12.24 -5.97
N ALA A 61 11.30 -11.06 -6.11
CA ALA A 61 10.50 -9.84 -6.20
C ALA A 61 10.65 -9.26 -7.61
N VAL A 62 9.55 -8.69 -8.10
CA VAL A 62 9.54 -8.10 -9.43
C VAL A 62 9.82 -6.60 -9.30
N LYS A 63 10.32 -6.02 -10.38
CA LYS A 63 10.61 -4.60 -10.41
C LYS A 63 9.45 -3.85 -11.07
N ALA A 64 8.65 -3.21 -10.23
CA ALA A 64 7.51 -2.45 -10.70
C ALA A 64 7.29 -1.25 -9.79
N VAL A 65 6.44 -0.35 -10.26
CA VAL A 65 6.12 0.85 -9.49
C VAL A 65 4.75 0.68 -8.83
N LEU A 66 4.73 0.89 -7.52
CA LEU A 66 3.49 0.77 -6.76
C LEU A 66 2.77 2.11 -6.74
N TRP A 67 1.62 2.13 -7.41
CA TRP A 67 0.82 3.34 -7.48
C TRP A 67 -0.22 3.29 -6.36
N VAL A 68 -0.50 4.46 -5.80
CA VAL A 68 -1.47 4.57 -4.72
C VAL A 68 -2.47 5.68 -5.05
N SER A 69 -3.74 5.33 -4.92
CA SER A 69 -4.81 6.28 -5.19
C SER A 69 -5.97 6.06 -4.23
N ALA A 70 -6.84 7.07 -4.15
CA ALA A 70 -7.99 6.99 -3.27
C ALA A 70 -8.78 5.72 -3.59
N ASP A 71 -8.73 5.32 -4.85
CA ASP A 71 -9.43 4.14 -5.29
C ASP A 71 -8.74 2.89 -4.72
N GLY A 72 -7.52 3.10 -4.24
CA GLY A 72 -6.75 2.02 -3.68
C GLY A 72 -5.28 2.09 -4.14
N LEU A 73 -4.79 0.97 -4.63
CA LEU A 73 -3.42 0.89 -5.10
C LEU A 73 -3.40 0.37 -6.54
N ARG A 74 -2.22 0.38 -7.13
CA ARG A 74 -2.05 -0.08 -8.49
C ARG A 74 -0.60 -0.46 -8.76
N VAL A 75 -0.39 -1.74 -9.02
CA VAL A 75 0.95 -2.25 -9.28
C VAL A 75 1.21 -2.21 -10.79
N VAL A 76 1.98 -1.22 -11.21
CA VAL A 76 2.32 -1.07 -12.61
C VAL A 76 3.60 -1.85 -12.91
N ASP A 77 3.72 -2.25 -14.17
CA ASP A 77 4.89 -2.99 -14.61
C ASP A 77 5.86 -2.06 -15.33
N GLU A 78 6.92 -1.69 -14.63
CA GLU A 78 7.92 -0.80 -15.18
C GLU A 78 8.18 -1.15 -16.65
N LYS A 79 7.98 -2.42 -16.97
CA LYS A 79 8.19 -2.89 -18.33
C LYS A 79 7.58 -1.89 -19.31
N THR A 80 6.25 -1.91 -19.37
CA THR A 80 5.52 -1.02 -20.26
C THR A 80 4.57 -0.13 -19.46
N LYS A 81 4.81 -0.08 -18.17
CA LYS A 81 3.99 0.73 -17.28
C LYS A 81 2.59 0.11 -17.18
N ASP A 82 2.47 -1.08 -17.77
CA ASP A 82 1.20 -1.78 -17.76
C ASP A 82 0.71 -1.93 -16.31
N LEU A 83 -0.38 -2.65 -16.17
CA LEU A 83 -0.96 -2.88 -14.85
C LEU A 83 -0.77 -4.34 -14.46
N ILE A 84 -0.10 -4.54 -13.33
CA ILE A 84 0.16 -5.89 -12.84
C ILE A 84 -0.99 -6.31 -11.92
N VAL A 85 -1.34 -5.42 -10.99
CA VAL A 85 -2.41 -5.69 -10.05
C VAL A 85 -3.16 -4.38 -9.76
N ASP A 86 -4.42 -4.54 -9.38
CA ASP A 86 -5.25 -3.39 -9.06
C ASP A 86 -5.94 -3.62 -7.71
N GLN A 87 -5.37 -3.02 -6.68
CA GLN A 87 -5.92 -3.14 -5.34
C GLN A 87 -6.79 -1.93 -5.00
N THR A 88 -7.92 -2.20 -4.38
CA THR A 88 -8.85 -1.15 -3.99
C THR A 88 -8.75 -0.87 -2.50
N ILE A 89 -8.89 0.40 -2.16
CA ILE A 89 -8.82 0.82 -0.76
C ILE A 89 -9.97 0.17 0.02
N GLU A 90 -10.98 -0.27 -0.73
CA GLU A 90 -12.13 -0.91 -0.12
C GLU A 90 -11.73 -2.22 0.55
N LYS A 91 -11.33 -3.17 -0.28
CA LYS A 91 -10.91 -4.48 0.20
C LYS A 91 -9.89 -4.29 1.33
N VAL A 92 -8.84 -3.54 1.02
CA VAL A 92 -7.80 -3.27 1.98
C VAL A 92 -8.42 -3.04 3.36
N SER A 93 -8.40 -4.09 4.17
CA SER A 93 -8.97 -4.01 5.50
C SER A 93 -7.90 -3.55 6.50
N PHE A 94 -6.73 -4.15 6.38
CA PHE A 94 -5.62 -3.82 7.26
C PHE A 94 -4.33 -3.62 6.46
N CYS A 95 -3.44 -2.81 7.03
CA CYS A 95 -2.17 -2.53 6.38
C CYS A 95 -1.16 -2.16 7.46
N ALA A 96 -0.02 -2.84 7.42
CA ALA A 96 1.04 -2.58 8.38
C ALA A 96 2.33 -2.22 7.64
N PRO A 97 3.18 -1.43 8.34
CA PRO A 97 4.44 -1.01 7.76
C PRO A 97 5.45 -2.15 7.74
N ASP A 98 6.21 -2.25 8.82
CA ASP A 98 7.22 -3.29 8.94
C ASP A 98 7.84 -3.23 10.34
N ARG A 99 8.96 -3.92 10.49
CA ARG A 99 9.67 -3.96 11.75
C ARG A 99 10.86 -4.91 11.68
N ASN A 100 10.63 -6.04 11.01
CA ASN A 100 11.68 -7.03 10.86
C ASN A 100 12.68 -6.56 9.82
N PHE A 101 12.14 -6.08 8.70
CA PHE A 101 12.98 -5.60 7.62
C PHE A 101 13.07 -4.07 7.64
N ASP A 102 13.67 -3.53 6.59
CA ASP A 102 13.83 -2.09 6.48
C ASP A 102 12.88 -1.56 5.39
N ARG A 103 12.54 -2.44 4.47
CA ARG A 103 11.65 -2.08 3.38
C ARG A 103 10.75 -3.26 3.02
N ALA A 104 9.86 -3.59 3.94
CA ALA A 104 8.93 -4.69 3.73
C ALA A 104 7.53 -4.27 4.18
N PHE A 105 6.73 -3.87 3.21
CA PHE A 105 5.37 -3.44 3.48
C PHE A 105 4.36 -4.41 2.89
N SER A 106 3.37 -4.76 3.70
CA SER A 106 2.33 -5.68 3.27
C SER A 106 0.99 -5.30 3.91
N TYR A 107 -0.06 -5.47 3.12
CA TYR A 107 -1.40 -5.15 3.60
C TYR A 107 -2.38 -6.29 3.31
N ILE A 108 -3.35 -6.43 4.19
CA ILE A 108 -4.35 -7.48 4.04
C ILE A 108 -5.51 -6.95 3.18
N CYS A 109 -6.06 -7.84 2.38
CA CYS A 109 -7.18 -7.48 1.51
C CYS A 109 -7.96 -8.75 1.18
N ARG A 110 -9.14 -8.55 0.63
CA ARG A 110 -10.00 -9.67 0.26
C ARG A 110 -9.93 -9.91 -1.26
N ASP A 111 -9.08 -10.85 -1.64
CA ASP A 111 -8.91 -11.19 -3.04
C ASP A 111 -10.28 -11.29 -3.71
N GLY A 112 -10.42 -10.58 -4.81
CA GLY A 112 -11.67 -10.57 -5.55
C GLY A 112 -11.65 -11.61 -6.67
N THR A 113 -10.54 -12.33 -6.75
CA THR A 113 -10.38 -13.36 -7.76
C THR A 113 -10.70 -14.74 -7.18
N THR A 114 -10.18 -14.97 -5.98
CA THR A 114 -10.39 -16.24 -5.31
C THR A 114 -11.58 -16.14 -4.34
N ARG A 115 -11.92 -14.90 -4.00
CA ARG A 115 -13.03 -14.66 -3.09
C ARG A 115 -12.64 -15.05 -1.66
N ARG A 116 -11.46 -14.61 -1.26
CA ARG A 116 -10.97 -14.90 0.07
C ARG A 116 -10.08 -13.77 0.58
N TRP A 117 -9.50 -13.99 1.75
CA TRP A 117 -8.63 -12.98 2.35
C TRP A 117 -7.19 -13.30 1.94
N ILE A 118 -6.58 -12.34 1.27
CA ILE A 118 -5.21 -12.49 0.82
C ILE A 118 -4.38 -11.28 1.27
N CYS A 119 -3.10 -11.53 1.50
CA CYS A 119 -2.20 -10.48 1.92
C CYS A 119 -1.17 -10.25 0.82
N HIS A 120 -0.86 -8.98 0.59
CA HIS A 120 0.09 -8.61 -0.43
C HIS A 120 1.28 -7.89 0.21
N CYS A 121 2.47 -8.35 -0.15
CA CYS A 121 3.69 -7.76 0.40
C CYS A 121 4.39 -7.00 -0.73
N PHE A 122 5.20 -6.02 -0.34
CA PHE A 122 5.94 -5.22 -1.30
C PHE A 122 7.26 -4.74 -0.71
N MET A 123 8.34 -5.21 -1.32
CA MET A 123 9.67 -4.85 -0.88
C MET A 123 10.14 -3.55 -1.55
N ALA A 124 9.99 -2.46 -0.81
CA ALA A 124 10.38 -1.15 -1.31
C ALA A 124 11.72 -1.27 -2.04
N VAL A 125 12.00 -0.30 -2.88
CA VAL A 125 13.24 -0.28 -3.64
C VAL A 125 14.26 0.61 -2.92
N LYS A 126 13.89 1.87 -2.76
CA LYS A 126 14.77 2.81 -2.09
C LYS A 126 13.96 3.60 -1.05
N ASP A 127 13.08 2.89 -0.36
CA ASP A 127 12.25 3.51 0.66
C ASP A 127 11.93 2.48 1.74
N THR A 128 11.14 2.92 2.71
CA THR A 128 10.75 2.05 3.81
C THR A 128 9.25 1.79 3.77
N GLY A 129 8.89 0.55 4.12
CA GLY A 129 7.49 0.15 4.13
C GLY A 129 6.61 1.25 4.73
N GLU A 130 7.20 1.98 5.68
CA GLU A 130 6.48 3.05 6.34
C GLU A 130 5.81 3.95 5.31
N ARG A 131 6.63 4.60 4.50
CA ARG A 131 6.12 5.49 3.46
C ARG A 131 5.08 4.78 2.61
N LEU A 132 5.33 3.49 2.38
CA LEU A 132 4.43 2.69 1.58
C LEU A 132 3.07 2.61 2.27
N SER A 133 3.12 2.55 3.61
CA SER A 133 1.91 2.48 4.40
C SER A 133 1.28 3.87 4.53
N HIS A 134 2.11 4.89 4.35
CA HIS A 134 1.65 6.26 4.44
C HIS A 134 0.75 6.58 3.25
N ALA A 135 0.69 5.65 2.32
CA ALA A 135 -0.13 5.81 1.13
C ALA A 135 -1.47 5.11 1.34
N VAL A 136 -1.39 3.80 1.57
CA VAL A 136 -2.57 3.00 1.78
C VAL A 136 -3.44 3.66 2.87
N GLY A 137 -2.77 4.07 3.94
CA GLY A 137 -3.47 4.71 5.04
C GLY A 137 -4.01 6.08 4.63
N CYS A 138 -3.23 6.76 3.81
CA CYS A 138 -3.62 8.08 3.33
C CYS A 138 -4.84 7.92 2.42
N ALA A 139 -4.64 7.18 1.34
CA ALA A 139 -5.71 6.95 0.39
C ALA A 139 -6.99 6.59 1.15
N PHE A 140 -6.80 5.83 2.21
CA PHE A 140 -7.93 5.40 3.03
C PHE A 140 -8.70 6.61 3.57
N ALA A 141 -8.00 7.45 4.31
CA ALA A 141 -8.61 8.63 4.88
C ALA A 141 -9.22 9.47 3.76
N ALA A 142 -8.63 9.37 2.59
CA ALA A 142 -9.11 10.11 1.43
C ALA A 142 -10.41 9.47 0.92
N CYS A 143 -10.32 8.18 0.63
CA CYS A 143 -11.48 7.45 0.14
C CYS A 143 -12.61 7.60 1.16
N LEU A 144 -12.28 7.31 2.41
CA LEU A 144 -13.25 7.40 3.48
C LEU A 144 -13.87 8.81 3.47
N GLU A 145 -13.00 9.81 3.40
CA GLU A 145 -13.45 11.18 3.38
C GLU A 145 -14.60 11.37 2.38
N ARG A 146 -14.64 10.46 1.41
CA ARG A 146 -15.68 10.50 0.40
C ARG A 146 -16.84 9.58 0.78
N LYS A 147 -16.51 8.54 1.52
CA LYS A 147 -17.52 7.58 1.96
C LYS A 147 -18.14 8.06 3.28
N GLN A 148 -17.28 8.23 4.27
CA GLN A 148 -17.73 8.69 5.57
C GLN A 148 -18.43 10.04 5.45
N LYS A 149 -19.41 10.24 6.32
CA LYS A 149 -20.17 11.48 6.31
C LYS A 149 -19.22 12.65 6.09
N ARG A 150 -19.73 13.67 5.41
CA ARG A 150 -18.94 14.85 5.13
C ARG A 150 -18.10 15.24 6.34
N SER A 151 -16.87 15.67 6.07
CA SER A 151 -15.96 16.06 7.13
C SER A 151 -14.73 16.75 6.52
N GLY A 152 -14.93 17.96 6.06
CA GLY A 152 -13.86 18.73 5.47
C GLY A 152 -13.65 18.34 4.00
N PRO A 153 -13.00 19.27 3.25
CA PRO A 153 -12.74 19.04 1.84
C PRO A 153 -11.59 18.04 1.65
N SER A 154 -11.43 17.59 0.42
CA SER A 154 -10.38 16.64 0.09
C SER A 154 -9.47 17.21 -1.00
N SER A 155 -10.06 17.39 -2.18
CA SER A 155 -9.32 17.92 -3.32
C SER A 155 -10.27 18.20 -4.47
N GLY A 156 -10.92 17.15 -4.94
CA GLY A 156 -11.87 17.26 -6.03
C GLY A 156 -13.18 17.89 -5.57
N GLY A 1 -22.71 23.92 4.16
CA GLY A 1 -23.05 22.56 4.54
C GLY A 1 -21.80 21.76 4.86
N SER A 2 -21.02 21.47 3.83
CA SER A 2 -19.79 20.71 3.99
C SER A 2 -18.71 21.25 3.05
N SER A 3 -17.53 21.46 3.61
CA SER A 3 -16.42 21.97 2.83
C SER A 3 -15.09 21.65 3.54
N GLY A 4 -14.03 21.63 2.76
CA GLY A 4 -12.71 21.35 3.30
C GLY A 4 -12.43 19.85 3.31
N SER A 5 -11.17 19.51 3.11
CA SER A 5 -10.76 18.12 3.10
C SER A 5 -9.30 17.99 3.55
N SER A 6 -9.15 17.55 4.78
CA SER A 6 -7.82 17.38 5.35
C SER A 6 -7.04 18.70 5.28
N GLY A 7 -5.92 18.73 5.97
CA GLY A 7 -5.08 19.92 5.99
C GLY A 7 -4.06 19.85 7.13
N ALA A 8 -3.26 18.80 7.10
CA ALA A 8 -2.24 18.60 8.12
C ALA A 8 -0.88 19.06 7.57
N SER A 9 0.09 19.14 8.47
CA SER A 9 1.42 19.56 8.09
C SER A 9 2.36 18.35 8.04
N ARG A 10 3.30 18.41 7.13
CA ARG A 10 4.27 17.32 6.96
C ARG A 10 5.29 17.68 5.88
N PRO A 11 6.49 17.05 5.99
CA PRO A 11 7.55 17.28 5.03
C PRO A 11 7.26 16.57 3.70
N HIS A 12 8.24 16.64 2.81
CA HIS A 12 8.10 16.01 1.51
C HIS A 12 8.31 14.50 1.65
N GLN A 13 8.20 13.81 0.51
CA GLN A 13 8.37 12.38 0.50
C GLN A 13 7.09 11.68 0.95
N TRP A 14 6.57 12.14 2.09
CA TRP A 14 5.36 11.57 2.64
C TRP A 14 4.18 12.38 2.11
N GLN A 15 4.16 13.66 2.46
CA GLN A 15 3.10 14.55 2.03
C GLN A 15 2.83 14.36 0.54
N THR A 16 3.91 14.29 -0.23
CA THR A 16 3.80 14.12 -1.66
C THR A 16 2.79 13.01 -1.99
N ASP A 17 2.91 11.90 -1.27
CA ASP A 17 2.04 10.78 -1.47
C ASP A 17 0.59 11.20 -1.19
N GLU A 18 0.46 12.15 -0.27
CA GLU A 18 -0.86 12.65 0.11
C GLU A 18 -1.50 13.37 -1.08
N GLU A 19 -0.65 13.80 -2.01
CA GLU A 19 -1.13 14.50 -3.19
C GLU A 19 -1.33 13.52 -4.34
N GLY A 20 -0.25 12.83 -4.70
CA GLY A 20 -0.31 11.86 -5.78
C GLY A 20 -1.52 10.94 -5.63
N VAL A 21 -2.02 10.87 -4.41
CA VAL A 21 -3.17 10.04 -4.12
C VAL A 21 -4.46 10.74 -4.59
N ARG A 22 -4.46 12.06 -4.41
CA ARG A 22 -5.60 12.86 -4.81
C ARG A 22 -5.41 13.39 -6.22
N THR A 23 -4.19 13.78 -6.52
CA THR A 23 -3.86 14.31 -7.83
C THR A 23 -3.78 13.18 -8.85
N GLY A 24 -3.20 12.06 -8.42
CA GLY A 24 -3.04 10.91 -9.28
C GLY A 24 -1.59 10.75 -9.74
N LYS A 25 -0.72 10.58 -8.76
CA LYS A 25 0.70 10.42 -9.05
C LYS A 25 1.45 10.07 -7.76
N CYS A 26 0.84 9.18 -6.99
CA CYS A 26 1.42 8.75 -5.73
C CYS A 26 2.00 7.35 -5.92
N SER A 27 3.00 7.26 -6.78
CA SER A 27 3.64 5.99 -7.06
C SER A 27 5.13 6.06 -6.71
N PHE A 28 5.65 4.96 -6.21
CA PHE A 28 7.05 4.88 -5.84
C PHE A 28 7.66 3.55 -6.26
N PRO A 29 9.02 3.52 -6.29
CA PRO A 29 9.74 2.32 -6.67
C PRO A 29 9.70 1.28 -5.54
N VAL A 30 9.09 0.14 -5.84
CA VAL A 30 8.98 -0.93 -4.87
C VAL A 30 9.10 -2.27 -5.58
N LYS A 31 9.03 -3.34 -4.79
CA LYS A 31 9.13 -4.68 -5.34
C LYS A 31 7.86 -5.46 -4.99
N TYR A 32 7.38 -6.21 -5.97
CA TYR A 32 6.18 -7.00 -5.79
C TYR A 32 6.53 -8.39 -5.24
N LEU A 33 6.26 -8.57 -3.95
CA LEU A 33 6.54 -9.84 -3.31
C LEU A 33 5.49 -10.87 -3.74
N GLY A 34 4.24 -10.42 -3.75
CA GLY A 34 3.14 -11.30 -4.15
C GLY A 34 2.00 -11.22 -3.14
N HIS A 35 1.37 -12.36 -2.92
CA HIS A 35 0.25 -12.44 -1.98
C HIS A 35 0.25 -13.81 -1.30
N VAL A 36 -0.33 -13.85 -0.11
CA VAL A 36 -0.40 -15.09 0.65
C VAL A 36 -1.76 -15.16 1.35
N GLU A 37 -2.04 -16.33 1.90
CA GLU A 37 -3.30 -16.55 2.59
C GLU A 37 -3.12 -16.31 4.10
N VAL A 38 -4.11 -15.66 4.68
CA VAL A 38 -4.08 -15.37 6.10
C VAL A 38 -5.13 -16.21 6.82
N ASP A 39 -5.23 -16.00 8.13
CA ASP A 39 -6.18 -16.73 8.93
C ASP A 39 -6.94 -15.75 9.83
N GLU A 40 -6.20 -14.83 10.41
CA GLU A 40 -6.79 -13.82 11.29
C GLU A 40 -7.37 -12.68 10.46
N SER A 41 -6.58 -12.23 9.50
CA SER A 41 -7.02 -11.15 8.62
C SER A 41 -6.67 -9.80 9.27
N ARG A 42 -6.03 -9.88 10.43
CA ARG A 42 -5.64 -8.68 11.16
C ARG A 42 -4.55 -9.00 12.18
N GLY A 43 -3.42 -8.33 12.02
CA GLY A 43 -2.30 -8.54 12.92
C GLY A 43 -1.02 -7.93 12.34
N MET A 44 -0.46 -6.99 13.09
CA MET A 44 0.76 -6.33 12.68
C MET A 44 1.88 -7.34 12.41
N HIS A 45 1.73 -8.50 13.01
CA HIS A 45 2.71 -9.56 12.84
C HIS A 45 2.31 -10.44 11.66
N ILE A 46 1.05 -10.35 11.28
CA ILE A 46 0.53 -11.13 10.17
C ILE A 46 1.20 -10.67 8.87
N CYS A 47 0.99 -9.41 8.55
CA CYS A 47 1.56 -8.84 7.35
C CYS A 47 2.99 -9.35 7.20
N GLU A 48 3.77 -9.16 8.25
CA GLU A 48 5.15 -9.60 8.25
C GLU A 48 5.22 -11.10 7.99
N ASP A 49 4.52 -11.85 8.82
CA ASP A 49 4.50 -13.30 8.70
C ASP A 49 4.34 -13.68 7.22
N ALA A 50 3.67 -12.81 6.49
CA ALA A 50 3.44 -13.04 5.07
C ALA A 50 4.79 -13.02 4.34
N VAL A 51 5.47 -11.88 4.43
CA VAL A 51 6.76 -11.74 3.78
C VAL A 51 7.56 -13.03 3.93
N LYS A 52 7.88 -13.34 5.19
CA LYS A 52 8.65 -14.54 5.49
C LYS A 52 8.15 -15.69 4.60
N ARG A 53 6.83 -15.78 4.50
CA ARG A 53 6.23 -16.83 3.69
C ARG A 53 6.70 -16.71 2.23
N LEU A 54 6.47 -15.55 1.65
CA LEU A 54 6.87 -15.30 0.28
C LEU A 54 8.40 -15.40 0.18
N LYS A 55 9.04 -15.38 1.33
CA LYS A 55 10.49 -15.46 1.38
C LYS A 55 10.92 -16.92 1.37
N ALA A 56 9.96 -17.79 1.67
CA ALA A 56 10.22 -19.22 1.69
C ALA A 56 9.39 -19.92 0.61
N THR A 57 8.62 -19.11 -0.10
CA THR A 57 7.78 -19.62 -1.17
C THR A 57 8.61 -19.88 -2.43
N GLY A 58 9.65 -19.08 -2.57
CA GLY A 58 10.53 -19.21 -3.73
C GLY A 58 9.91 -18.56 -4.97
N LYS A 59 9.45 -17.34 -4.79
CA LYS A 59 8.83 -16.60 -5.88
C LYS A 59 9.69 -15.39 -6.22
N LYS A 60 10.23 -14.78 -5.17
CA LYS A 60 11.08 -13.60 -5.35
C LYS A 60 10.20 -12.40 -5.71
N ALA A 61 10.73 -11.22 -5.47
CA ALA A 61 10.02 -9.99 -5.78
C ALA A 61 10.28 -9.61 -7.24
N VAL A 62 9.54 -8.60 -7.69
CA VAL A 62 9.68 -8.12 -9.05
C VAL A 62 9.95 -6.61 -9.04
N LYS A 63 10.47 -6.12 -10.15
CA LYS A 63 10.77 -4.71 -10.28
C LYS A 63 9.58 -4.00 -10.92
N ALA A 64 8.80 -3.33 -10.07
CA ALA A 64 7.63 -2.60 -10.54
C ALA A 64 7.41 -1.38 -9.66
N VAL A 65 6.54 -0.50 -10.13
CA VAL A 65 6.24 0.72 -9.41
C VAL A 65 4.88 0.58 -8.73
N LEU A 66 4.86 0.86 -7.44
CA LEU A 66 3.63 0.77 -6.66
C LEU A 66 2.92 2.13 -6.69
N TRP A 67 1.75 2.13 -7.31
CA TRP A 67 0.96 3.34 -7.42
C TRP A 67 -0.10 3.32 -6.30
N VAL A 68 -0.40 4.51 -5.79
CA VAL A 68 -1.38 4.63 -4.73
C VAL A 68 -2.40 5.71 -5.11
N SER A 69 -3.67 5.32 -5.05
CA SER A 69 -4.75 6.25 -5.39
C SER A 69 -5.95 5.98 -4.48
N ALA A 70 -6.78 7.01 -4.36
CA ALA A 70 -7.96 6.91 -3.53
C ALA A 70 -8.82 5.73 -3.99
N ASP A 71 -8.60 5.34 -5.24
CA ASP A 71 -9.34 4.24 -5.82
C ASP A 71 -8.68 2.92 -5.40
N GLY A 72 -7.56 3.05 -4.71
CA GLY A 72 -6.83 1.88 -4.24
C GLY A 72 -5.36 1.96 -4.66
N LEU A 73 -4.82 0.81 -5.05
CA LEU A 73 -3.43 0.74 -5.47
C LEU A 73 -3.37 0.18 -6.89
N ARG A 74 -2.16 0.17 -7.43
CA ARG A 74 -1.94 -0.32 -8.78
C ARG A 74 -0.48 -0.72 -8.97
N VAL A 75 -0.27 -2.03 -9.11
CA VAL A 75 1.07 -2.55 -9.30
C VAL A 75 1.42 -2.51 -10.78
N VAL A 76 2.11 -1.45 -11.17
CA VAL A 76 2.51 -1.28 -12.56
C VAL A 76 3.79 -2.06 -12.80
N ASP A 77 3.99 -2.44 -14.06
CA ASP A 77 5.17 -3.19 -14.45
C ASP A 77 6.17 -2.25 -15.13
N GLU A 78 7.20 -1.89 -14.39
CA GLU A 78 8.23 -1.00 -14.91
C GLU A 78 8.52 -1.33 -16.37
N LYS A 79 8.35 -2.61 -16.70
CA LYS A 79 8.60 -3.06 -18.05
C LYS A 79 8.03 -2.05 -19.05
N THR A 80 6.71 -2.04 -19.16
CA THR A 80 6.04 -1.13 -20.06
C THR A 80 5.03 -0.27 -19.30
N LYS A 81 5.21 -0.22 -17.99
CA LYS A 81 4.33 0.55 -17.13
C LYS A 81 2.95 -0.12 -17.11
N ASP A 82 2.88 -1.30 -17.71
CA ASP A 82 1.63 -2.05 -17.76
C ASP A 82 1.09 -2.21 -16.33
N LEU A 83 -0.06 -2.86 -16.24
CA LEU A 83 -0.69 -3.08 -14.96
C LEU A 83 -0.52 -4.56 -14.56
N ILE A 84 0.10 -4.75 -13.40
CA ILE A 84 0.34 -6.09 -12.90
C ILE A 84 -0.85 -6.52 -12.04
N VAL A 85 -1.22 -5.66 -11.11
CA VAL A 85 -2.34 -5.94 -10.22
C VAL A 85 -3.12 -4.66 -9.98
N ASP A 86 -4.40 -4.83 -9.66
CA ASP A 86 -5.27 -3.70 -9.40
C ASP A 86 -6.03 -3.94 -8.09
N GLN A 87 -5.50 -3.38 -7.02
CA GLN A 87 -6.12 -3.53 -5.71
C GLN A 87 -6.91 -2.27 -5.35
N THR A 88 -8.05 -2.48 -4.72
CA THR A 88 -8.90 -1.37 -4.31
C THR A 88 -8.74 -1.09 -2.82
N ILE A 89 -8.82 0.18 -2.47
CA ILE A 89 -8.69 0.59 -1.08
C ILE A 89 -9.80 -0.06 -0.26
N GLU A 90 -10.92 -0.30 -0.91
CA GLU A 90 -12.06 -0.92 -0.25
C GLU A 90 -11.64 -2.24 0.41
N LYS A 91 -11.31 -3.20 -0.43
CA LYS A 91 -10.89 -4.51 0.05
C LYS A 91 -9.89 -4.33 1.20
N VAL A 92 -8.86 -3.55 0.92
CA VAL A 92 -7.83 -3.28 1.92
C VAL A 92 -8.49 -3.10 3.29
N SER A 93 -8.46 -4.17 4.07
CA SER A 93 -9.05 -4.14 5.40
C SER A 93 -8.09 -3.48 6.39
N PHE A 94 -6.85 -3.93 6.35
CA PHE A 94 -5.82 -3.38 7.23
C PHE A 94 -4.47 -3.33 6.52
N CYS A 95 -3.58 -2.51 7.08
CA CYS A 95 -2.25 -2.36 6.52
C CYS A 95 -1.31 -1.88 7.64
N ALA A 96 -0.31 -2.69 7.92
CA ALA A 96 0.66 -2.36 8.95
C ALA A 96 2.07 -2.42 8.36
N PRO A 97 2.98 -1.65 8.99
CA PRO A 97 4.36 -1.61 8.55
C PRO A 97 5.11 -2.89 8.92
N ASP A 98 6.44 -2.80 8.90
CA ASP A 98 7.27 -3.94 9.24
C ASP A 98 8.33 -3.51 10.26
N ARG A 99 8.89 -4.50 10.93
CA ARG A 99 9.91 -4.24 11.94
C ARG A 99 11.15 -5.08 11.66
N ASN A 100 10.91 -6.34 11.34
CA ASN A 100 12.00 -7.26 11.05
C ASN A 100 12.81 -6.74 9.86
N PHE A 101 12.09 -6.37 8.81
CA PHE A 101 12.72 -5.86 7.61
C PHE A 101 12.90 -4.33 7.70
N ASP A 102 13.52 -3.79 6.67
CA ASP A 102 13.76 -2.35 6.61
C ASP A 102 12.75 -1.72 5.65
N ARG A 103 12.38 -2.48 4.64
CA ARG A 103 11.43 -2.00 3.65
C ARG A 103 10.49 -3.13 3.22
N ALA A 104 9.57 -3.47 4.10
CA ALA A 104 8.62 -4.52 3.82
C ALA A 104 7.22 -4.06 4.23
N PHE A 105 6.42 -3.70 3.23
CA PHE A 105 5.07 -3.25 3.48
C PHE A 105 4.04 -4.25 2.96
N SER A 106 3.16 -4.66 3.85
CA SER A 106 2.13 -5.62 3.49
C SER A 106 0.78 -5.18 4.06
N TYR A 107 -0.28 -5.61 3.39
CA TYR A 107 -1.63 -5.28 3.83
C TYR A 107 -2.61 -6.40 3.49
N ILE A 108 -3.61 -6.54 4.35
CA ILE A 108 -4.62 -7.57 4.17
C ILE A 108 -5.75 -7.01 3.30
N CYS A 109 -6.32 -7.90 2.50
CA CYS A 109 -7.41 -7.51 1.61
C CYS A 109 -8.21 -8.76 1.26
N ARG A 110 -9.38 -8.53 0.68
CA ARG A 110 -10.25 -9.63 0.30
C ARG A 110 -10.09 -9.93 -1.20
N ASP A 111 -9.18 -10.85 -1.50
CA ASP A 111 -8.93 -11.23 -2.87
C ASP A 111 -10.25 -11.39 -3.61
N GLY A 112 -10.22 -11.08 -4.90
CA GLY A 112 -11.41 -11.19 -5.73
C GLY A 112 -11.26 -12.31 -6.76
N THR A 113 -11.24 -13.54 -6.25
CA THR A 113 -11.10 -14.70 -7.11
C THR A 113 -11.14 -15.98 -6.28
N THR A 114 -10.20 -16.06 -5.34
CA THR A 114 -10.10 -17.23 -4.48
C THR A 114 -11.30 -17.29 -3.54
N ARG A 115 -12.02 -16.17 -3.45
CA ARG A 115 -13.18 -16.08 -2.59
C ARG A 115 -12.78 -16.24 -1.13
N ARG A 116 -11.67 -15.61 -0.78
CA ARG A 116 -11.16 -15.68 0.58
C ARG A 116 -10.33 -14.43 0.90
N TRP A 117 -9.69 -14.47 2.06
CA TRP A 117 -8.87 -13.35 2.50
C TRP A 117 -7.44 -13.61 2.02
N ILE A 118 -6.82 -12.56 1.51
CA ILE A 118 -5.46 -12.66 1.03
C ILE A 118 -4.64 -11.48 1.56
N CYS A 119 -3.35 -11.72 1.71
CA CYS A 119 -2.45 -10.68 2.20
C CYS A 119 -1.41 -10.38 1.12
N HIS A 120 -1.06 -9.10 1.02
CA HIS A 120 -0.09 -8.67 0.04
C HIS A 120 1.16 -8.12 0.74
N CYS A 121 2.24 -8.07 -0.01
CA CYS A 121 3.50 -7.55 0.54
C CYS A 121 4.23 -6.82 -0.58
N PHE A 122 5.06 -5.86 -0.16
CA PHE A 122 5.82 -5.07 -1.12
C PHE A 122 7.16 -4.62 -0.51
N MET A 123 8.24 -5.01 -1.17
CA MET A 123 9.57 -4.67 -0.70
C MET A 123 10.05 -3.37 -1.36
N ALA A 124 9.83 -2.27 -0.66
CA ALA A 124 10.24 -0.97 -1.16
C ALA A 124 11.62 -1.08 -1.80
N VAL A 125 11.81 -0.33 -2.88
CA VAL A 125 13.08 -0.34 -3.59
C VAL A 125 14.10 0.47 -2.81
N LYS A 126 13.81 1.76 -2.65
CA LYS A 126 14.69 2.65 -1.93
C LYS A 126 13.87 3.50 -0.95
N ASP A 127 12.92 2.85 -0.31
CA ASP A 127 12.06 3.53 0.65
C ASP A 127 11.87 2.64 1.87
N THR A 128 10.96 3.08 2.75
CA THR A 128 10.67 2.33 3.96
C THR A 128 9.17 2.07 4.09
N GLY A 129 8.85 0.88 4.58
CA GLY A 129 7.46 0.50 4.75
C GLY A 129 6.65 1.64 5.36
N GLU A 130 7.26 2.32 6.31
CA GLU A 130 6.61 3.44 6.97
C GLU A 130 6.01 4.39 5.94
N ARG A 131 6.78 4.64 4.89
CA ARG A 131 6.34 5.53 3.83
C ARG A 131 5.17 4.91 3.07
N LEU A 132 5.35 3.67 2.67
CA LEU A 132 4.33 2.94 1.93
C LEU A 132 3.04 2.92 2.76
N SER A 133 3.22 2.92 4.07
CA SER A 133 2.08 2.89 4.98
C SER A 133 1.34 4.23 4.92
N HIS A 134 2.07 5.26 4.54
CA HIS A 134 1.50 6.59 4.44
C HIS A 134 0.63 6.68 3.19
N ALA A 135 1.24 6.40 2.05
CA ALA A 135 0.53 6.44 0.78
C ALA A 135 -0.77 5.67 0.91
N VAL A 136 -0.66 4.43 1.35
CA VAL A 136 -1.83 3.58 1.52
C VAL A 136 -2.76 4.22 2.56
N GLY A 137 -2.15 4.86 3.54
CA GLY A 137 -2.91 5.51 4.60
C GLY A 137 -3.47 6.85 4.13
N CYS A 138 -3.05 7.24 2.93
CA CYS A 138 -3.49 8.50 2.35
C CYS A 138 -4.80 8.25 1.59
N ALA A 139 -4.71 7.35 0.62
CA ALA A 139 -5.87 7.01 -0.18
C ALA A 139 -7.03 6.62 0.74
N PHE A 140 -6.68 5.90 1.80
CA PHE A 140 -7.68 5.46 2.77
C PHE A 140 -8.44 6.65 3.35
N ALA A 141 -7.69 7.58 3.91
CA ALA A 141 -8.28 8.77 4.51
C ALA A 141 -9.13 9.48 3.46
N ALA A 142 -8.68 9.40 2.22
CA ALA A 142 -9.39 10.03 1.12
C ALA A 142 -10.66 9.24 0.81
N CYS A 143 -10.46 8.01 0.38
CA CYS A 143 -11.57 7.13 0.05
C CYS A 143 -12.56 7.16 1.21
N LEU A 144 -12.02 7.09 2.42
CA LEU A 144 -12.85 7.12 3.61
C LEU A 144 -13.47 8.50 3.77
N GLU A 145 -12.70 9.51 3.42
CA GLU A 145 -13.16 10.88 3.53
C GLU A 145 -14.49 11.05 2.77
N ARG A 146 -14.75 10.10 1.89
CA ARG A 146 -15.98 10.13 1.11
C ARG A 146 -17.13 9.48 1.88
N LYS A 147 -16.77 8.45 2.66
CA LYS A 147 -17.76 7.74 3.45
C LYS A 147 -17.88 8.41 4.82
N GLN A 148 -16.72 8.59 5.45
CA GLN A 148 -16.69 9.22 6.76
C GLN A 148 -16.09 10.63 6.67
N LYS A 149 -16.16 11.33 7.79
CA LYS A 149 -15.62 12.68 7.84
C LYS A 149 -14.38 12.71 8.73
N ARG A 150 -13.41 13.51 8.30
CA ARG A 150 -12.15 13.62 9.04
C ARG A 150 -12.34 14.53 10.26
N SER A 151 -11.41 14.40 11.19
CA SER A 151 -11.46 15.19 12.40
C SER A 151 -10.34 14.77 13.35
N GLY A 152 -9.45 15.72 13.63
CA GLY A 152 -8.33 15.45 14.52
C GLY A 152 -7.35 16.64 14.54
N PRO A 153 -6.34 16.53 15.45
CA PRO A 153 -5.35 17.58 15.57
C PRO A 153 -4.36 17.53 14.40
N SER A 154 -3.44 18.48 14.41
CA SER A 154 -2.43 18.57 13.37
C SER A 154 -1.13 19.14 13.94
N SER A 155 -1.24 20.31 14.54
CA SER A 155 -0.09 20.98 15.13
C SER A 155 -0.54 21.92 16.24
N GLY A 156 -0.31 21.50 17.46
CA GLY A 156 -0.69 22.30 18.62
C GLY A 156 0.35 22.18 19.74
N GLY A 1 2.63 10.53 -24.04
CA GLY A 1 3.77 11.39 -24.28
C GLY A 1 4.86 11.15 -23.23
N SER A 2 5.74 12.13 -23.12
CA SER A 2 6.84 12.04 -22.15
C SER A 2 7.44 13.43 -21.93
N SER A 3 8.29 13.51 -20.92
CA SER A 3 8.95 14.75 -20.58
C SER A 3 10.43 14.69 -20.96
N GLY A 4 11.12 13.72 -20.37
CA GLY A 4 12.54 13.55 -20.63
C GLY A 4 13.39 14.29 -19.60
N SER A 5 14.02 13.53 -18.74
CA SER A 5 14.86 14.10 -17.70
C SER A 5 14.02 14.99 -16.77
N SER A 6 14.51 15.13 -15.55
CA SER A 6 13.82 15.95 -14.57
C SER A 6 14.64 16.02 -13.28
N GLY A 7 14.95 14.86 -12.74
CA GLY A 7 15.73 14.77 -11.51
C GLY A 7 14.90 14.16 -10.38
N ALA A 8 15.10 14.72 -9.19
CA ALA A 8 14.39 14.24 -8.01
C ALA A 8 12.93 13.97 -8.39
N SER A 9 12.29 13.12 -7.59
CA SER A 9 10.89 12.78 -7.82
C SER A 9 9.99 13.63 -6.93
N ARG A 10 9.83 14.89 -7.33
CA ARG A 10 8.99 15.80 -6.58
C ARG A 10 9.49 15.92 -5.13
N PRO A 11 9.12 17.06 -4.50
CA PRO A 11 9.53 17.31 -3.12
C PRO A 11 8.71 16.45 -2.15
N HIS A 12 8.90 16.73 -0.87
CA HIS A 12 8.19 16.00 0.17
C HIS A 12 8.56 14.52 0.09
N GLN A 13 8.00 13.75 1.02
CA GLN A 13 8.26 12.32 1.05
C GLN A 13 6.97 11.56 1.36
N TRP A 14 6.31 11.97 2.43
CA TRP A 14 5.07 11.33 2.84
C TRP A 14 3.91 12.11 2.21
N GLN A 15 3.80 13.36 2.60
CA GLN A 15 2.74 14.22 2.08
C GLN A 15 2.61 14.04 0.57
N THR A 16 3.75 13.99 -0.10
CA THR A 16 3.78 13.82 -1.54
C THR A 16 2.80 12.72 -1.96
N ASP A 17 2.57 11.80 -1.05
CA ASP A 17 1.66 10.69 -1.31
C ASP A 17 0.22 11.18 -1.17
N GLU A 18 -0.01 11.96 -0.13
CA GLU A 18 -1.32 12.50 0.14
C GLU A 18 -1.86 13.24 -1.09
N GLU A 19 -0.93 13.61 -1.96
CA GLU A 19 -1.29 14.32 -3.18
C GLU A 19 -1.47 13.33 -4.33
N GLY A 20 -0.35 12.75 -4.74
CA GLY A 20 -0.37 11.79 -5.84
C GLY A 20 -1.58 10.86 -5.73
N VAL A 21 -2.05 10.69 -4.51
CA VAL A 21 -3.19 9.83 -4.25
C VAL A 21 -4.45 10.50 -4.77
N ARG A 22 -4.64 11.75 -4.36
CA ARG A 22 -5.80 12.52 -4.78
C ARG A 22 -5.63 12.98 -6.22
N THR A 23 -4.42 13.41 -6.54
CA THR A 23 -4.12 13.88 -7.88
C THR A 23 -3.99 12.71 -8.85
N GLY A 24 -2.94 11.94 -8.66
CA GLY A 24 -2.68 10.78 -9.50
C GLY A 24 -1.20 10.66 -9.85
N LYS A 25 -0.38 10.62 -8.80
CA LYS A 25 1.05 10.52 -8.99
C LYS A 25 1.70 10.10 -7.67
N CYS A 26 1.00 9.24 -6.94
CA CYS A 26 1.49 8.75 -5.66
C CYS A 26 2.04 7.34 -5.86
N SER A 27 3.07 7.27 -6.70
CA SER A 27 3.71 5.99 -6.98
C SER A 27 5.20 6.08 -6.68
N PHE A 28 5.73 4.96 -6.19
CA PHE A 28 7.15 4.90 -5.85
C PHE A 28 7.76 3.55 -6.29
N PRO A 29 9.12 3.53 -6.33
CA PRO A 29 9.82 2.32 -6.73
C PRO A 29 9.79 1.28 -5.62
N VAL A 30 9.14 0.16 -5.91
CA VAL A 30 9.03 -0.92 -4.95
C VAL A 30 9.15 -2.26 -5.67
N LYS A 31 8.99 -3.33 -4.91
CA LYS A 31 9.08 -4.67 -5.46
C LYS A 31 7.83 -5.46 -5.07
N TYR A 32 7.32 -6.21 -6.03
CA TYR A 32 6.13 -7.02 -5.80
C TYR A 32 6.50 -8.41 -5.30
N LEU A 33 6.23 -8.64 -4.02
CA LEU A 33 6.52 -9.92 -3.40
C LEU A 33 5.45 -10.94 -3.80
N GLY A 34 4.21 -10.46 -3.84
CA GLY A 34 3.09 -11.30 -4.20
C GLY A 34 1.94 -11.14 -3.20
N HIS A 35 1.18 -12.20 -3.04
CA HIS A 35 0.05 -12.18 -2.13
C HIS A 35 -0.10 -13.56 -1.47
N VAL A 36 -0.40 -13.53 -0.18
CA VAL A 36 -0.58 -14.77 0.57
C VAL A 36 -1.95 -14.75 1.26
N GLU A 37 -2.30 -15.88 1.85
CA GLU A 37 -3.57 -16.00 2.54
C GLU A 37 -3.39 -15.77 4.04
N VAL A 38 -4.34 -15.06 4.61
CA VAL A 38 -4.29 -14.75 6.03
C VAL A 38 -5.19 -15.74 6.80
N ASP A 39 -5.05 -15.72 8.11
CA ASP A 39 -5.83 -16.60 8.96
C ASP A 39 -6.57 -15.77 10.01
N GLU A 40 -6.33 -14.46 9.96
CA GLU A 40 -6.95 -13.55 10.90
C GLU A 40 -7.54 -12.34 10.16
N SER A 41 -6.75 -11.80 9.25
CA SER A 41 -7.17 -10.65 8.47
C SER A 41 -6.88 -9.37 9.24
N ARG A 42 -6.23 -9.52 10.39
CA ARG A 42 -5.90 -8.38 11.23
C ARG A 42 -4.77 -8.76 12.20
N GLY A 43 -3.72 -7.95 12.18
CA GLY A 43 -2.59 -8.18 13.05
C GLY A 43 -1.29 -7.75 12.39
N MET A 44 -0.56 -6.89 13.08
CA MET A 44 0.71 -6.39 12.57
C MET A 44 1.71 -7.53 12.39
N HIS A 45 1.53 -8.56 13.19
CA HIS A 45 2.41 -9.72 13.14
C HIS A 45 2.10 -10.55 11.89
N ILE A 46 0.98 -10.22 11.26
CA ILE A 46 0.56 -10.91 10.06
C ILE A 46 1.40 -10.45 8.88
N CYS A 47 1.37 -9.14 8.66
CA CYS A 47 2.12 -8.55 7.56
C CYS A 47 3.48 -9.25 7.48
N GLU A 48 4.22 -9.14 8.58
CA GLU A 48 5.54 -9.76 8.65
C GLU A 48 5.44 -11.25 8.32
N ASP A 49 4.61 -11.94 9.08
CA ASP A 49 4.42 -13.37 8.87
C ASP A 49 4.23 -13.65 7.38
N ALA A 50 3.68 -12.66 6.70
CA ALA A 50 3.44 -12.79 5.27
C ALA A 50 4.78 -12.83 4.53
N VAL A 51 5.51 -11.74 4.63
CA VAL A 51 6.81 -11.64 3.98
C VAL A 51 7.56 -12.96 4.14
N LYS A 52 7.89 -13.27 5.40
CA LYS A 52 8.60 -14.50 5.70
C LYS A 52 8.05 -15.63 4.84
N ARG A 53 6.74 -15.65 4.71
CA ARG A 53 6.07 -16.68 3.92
C ARG A 53 6.54 -16.60 2.47
N LEU A 54 6.37 -15.42 1.89
CA LEU A 54 6.77 -15.21 0.50
C LEU A 54 8.28 -15.37 0.39
N LYS A 55 8.94 -15.30 1.53
CA LYS A 55 10.39 -15.44 1.56
C LYS A 55 10.76 -16.93 1.51
N ALA A 56 9.77 -17.75 1.81
CA ALA A 56 9.97 -19.19 1.80
C ALA A 56 9.11 -19.82 0.70
N THR A 57 8.33 -18.97 0.06
CA THR A 57 7.45 -19.44 -1.01
C THR A 57 8.27 -19.75 -2.27
N GLY A 58 9.37 -19.03 -2.43
CA GLY A 58 10.24 -19.22 -3.57
C GLY A 58 9.64 -18.57 -4.83
N LYS A 59 9.37 -17.27 -4.72
CA LYS A 59 8.80 -16.53 -5.83
C LYS A 59 9.72 -15.35 -6.16
N LYS A 60 10.13 -14.64 -5.12
CA LYS A 60 11.00 -13.49 -5.28
C LYS A 60 10.15 -12.26 -5.61
N ALA A 61 10.80 -11.10 -5.53
CA ALA A 61 10.12 -9.85 -5.81
C ALA A 61 10.40 -9.44 -7.26
N VAL A 62 9.55 -8.56 -7.77
CA VAL A 62 9.69 -8.08 -9.13
C VAL A 62 9.97 -6.58 -9.11
N LYS A 63 10.52 -6.10 -10.23
CA LYS A 63 10.85 -4.69 -10.35
C LYS A 63 9.66 -3.95 -11.00
N ALA A 64 8.88 -3.31 -10.15
CA ALA A 64 7.72 -2.57 -10.63
C ALA A 64 7.50 -1.35 -9.72
N VAL A 65 6.64 -0.46 -10.18
CA VAL A 65 6.32 0.74 -9.44
C VAL A 65 4.96 0.58 -8.77
N LEU A 66 4.92 0.89 -7.47
CA LEU A 66 3.70 0.79 -6.71
C LEU A 66 2.97 2.13 -6.74
N TRP A 67 1.79 2.12 -7.38
CA TRP A 67 1.00 3.33 -7.48
C TRP A 67 -0.07 3.28 -6.39
N VAL A 68 -0.34 4.44 -5.81
CA VAL A 68 -1.34 4.54 -4.76
C VAL A 68 -2.35 5.63 -5.12
N SER A 69 -3.62 5.28 -5.04
CA SER A 69 -4.69 6.21 -5.36
C SER A 69 -5.88 5.96 -4.44
N ALA A 70 -6.65 7.03 -4.23
CA ALA A 70 -7.83 6.94 -3.37
C ALA A 70 -8.76 5.85 -3.92
N ASP A 71 -8.59 5.53 -5.18
CA ASP A 71 -9.40 4.51 -5.82
C ASP A 71 -8.79 3.13 -5.57
N GLY A 72 -7.65 3.15 -4.89
CA GLY A 72 -6.94 1.92 -4.58
C GLY A 72 -5.47 2.01 -4.97
N LEU A 73 -4.89 0.85 -5.20
CA LEU A 73 -3.48 0.78 -5.58
C LEU A 73 -3.37 0.30 -7.02
N ARG A 74 -2.15 0.29 -7.53
CA ARG A 74 -1.90 -0.14 -8.89
C ARG A 74 -0.43 -0.56 -9.05
N VAL A 75 -0.26 -1.85 -9.32
CA VAL A 75 1.08 -2.40 -9.50
C VAL A 75 1.45 -2.36 -10.99
N VAL A 76 2.18 -1.33 -11.36
CA VAL A 76 2.60 -1.16 -12.74
C VAL A 76 3.91 -1.91 -12.96
N ASP A 77 4.13 -2.30 -14.21
CA ASP A 77 5.34 -3.03 -14.57
C ASP A 77 6.33 -2.07 -15.22
N GLU A 78 7.34 -1.69 -14.45
CA GLU A 78 8.36 -0.78 -14.94
C GLU A 78 8.70 -1.10 -16.40
N LYS A 79 8.56 -2.37 -16.74
CA LYS A 79 8.85 -2.82 -18.09
C LYS A 79 8.28 -1.81 -19.08
N THR A 80 6.96 -1.87 -19.26
CA THR A 80 6.29 -0.97 -20.18
C THR A 80 5.28 -0.10 -19.43
N LYS A 81 5.43 -0.07 -18.11
CA LYS A 81 4.54 0.71 -17.27
C LYS A 81 3.15 0.08 -17.29
N ASP A 82 3.07 -1.10 -17.90
CA ASP A 82 1.81 -1.81 -17.99
C ASP A 82 1.21 -1.96 -16.59
N LEU A 83 0.12 -2.71 -16.52
CA LEU A 83 -0.55 -2.94 -15.26
C LEU A 83 -0.37 -4.41 -14.84
N ILE A 84 0.24 -4.59 -13.68
CA ILE A 84 0.47 -5.93 -13.17
C ILE A 84 -0.74 -6.37 -12.34
N VAL A 85 -1.16 -5.49 -11.45
CA VAL A 85 -2.30 -5.78 -10.60
C VAL A 85 -3.13 -4.50 -10.40
N ASP A 86 -4.39 -4.69 -10.08
CA ASP A 86 -5.29 -3.56 -9.86
C ASP A 86 -6.00 -3.73 -8.52
N GLN A 87 -5.39 -3.16 -7.49
CA GLN A 87 -5.95 -3.24 -6.15
C GLN A 87 -6.91 -2.08 -5.90
N THR A 88 -7.94 -2.37 -5.12
CA THR A 88 -8.94 -1.35 -4.80
C THR A 88 -8.93 -1.05 -3.30
N ILE A 89 -8.92 0.22 -2.97
CA ILE A 89 -8.92 0.65 -1.59
C ILE A 89 -10.08 -0.02 -0.85
N GLU A 90 -11.05 -0.48 -1.63
CA GLU A 90 -12.22 -1.14 -1.06
C GLU A 90 -11.79 -2.41 -0.31
N LYS A 91 -11.35 -3.40 -1.09
CA LYS A 91 -10.91 -4.65 -0.51
C LYS A 91 -10.07 -4.38 0.73
N VAL A 92 -8.99 -3.64 0.52
CA VAL A 92 -8.09 -3.31 1.61
C VAL A 92 -8.91 -3.01 2.87
N SER A 93 -8.42 -3.51 4.00
CA SER A 93 -9.10 -3.30 5.26
C SER A 93 -8.10 -2.80 6.31
N PHE A 94 -6.93 -3.43 6.32
CA PHE A 94 -5.89 -3.07 7.26
C PHE A 94 -4.52 -3.08 6.59
N CYS A 95 -3.64 -2.24 7.11
CA CYS A 95 -2.29 -2.15 6.58
C CYS A 95 -1.34 -1.71 7.71
N ALA A 96 -0.34 -2.53 7.94
CA ALA A 96 0.63 -2.25 8.98
C ALA A 96 2.04 -2.29 8.39
N PRO A 97 2.97 -1.53 9.04
CA PRO A 97 4.35 -1.48 8.58
C PRO A 97 5.09 -2.77 8.97
N ASP A 98 6.42 -2.68 8.91
CA ASP A 98 7.25 -3.82 9.25
C ASP A 98 8.31 -3.39 10.27
N ARG A 99 8.96 -4.39 10.85
CA ARG A 99 9.99 -4.13 11.85
C ARG A 99 11.23 -4.96 11.54
N ASN A 100 11.01 -6.23 11.24
CA ASN A 100 12.09 -7.14 10.93
C ASN A 100 12.89 -6.60 9.73
N PHE A 101 12.16 -6.22 8.70
CA PHE A 101 12.78 -5.69 7.50
C PHE A 101 12.88 -4.16 7.57
N ASP A 102 13.53 -3.60 6.56
CA ASP A 102 13.71 -2.16 6.50
C ASP A 102 12.76 -1.57 5.45
N ARG A 103 12.37 -2.42 4.50
CA ARG A 103 11.48 -2.01 3.45
C ARG A 103 10.53 -3.15 3.07
N ALA A 104 9.60 -3.43 3.97
CA ALA A 104 8.64 -4.49 3.75
C ALA A 104 7.24 -4.00 4.15
N PHE A 105 6.46 -3.67 3.15
CA PHE A 105 5.11 -3.18 3.38
C PHE A 105 4.07 -4.19 2.88
N SER A 106 3.10 -4.47 3.76
CA SER A 106 2.05 -5.41 3.41
C SER A 106 0.71 -4.92 3.97
N TYR A 107 -0.36 -5.44 3.39
CA TYR A 107 -1.70 -5.06 3.82
C TYR A 107 -2.70 -6.20 3.55
N ILE A 108 -3.74 -6.22 4.37
CA ILE A 108 -4.77 -7.24 4.24
C ILE A 108 -5.89 -6.71 3.35
N CYS A 109 -6.54 -7.64 2.65
CA CYS A 109 -7.63 -7.28 1.76
C CYS A 109 -8.51 -8.52 1.56
N ARG A 110 -9.67 -8.29 0.96
CA ARG A 110 -10.60 -9.37 0.71
C ARG A 110 -10.41 -9.91 -0.72
N ASP A 111 -9.93 -11.14 -0.78
CA ASP A 111 -9.70 -11.79 -2.07
C ASP A 111 -10.84 -11.42 -3.03
N GLY A 112 -10.51 -11.38 -4.31
CA GLY A 112 -11.49 -11.06 -5.33
C GLY A 112 -11.76 -12.27 -6.22
N THR A 113 -11.90 -13.42 -5.60
CA THR A 113 -12.16 -14.65 -6.32
C THR A 113 -13.10 -15.57 -5.52
N THR A 114 -12.79 -15.68 -4.24
CA THR A 114 -13.59 -16.51 -3.34
C THR A 114 -14.30 -15.65 -2.30
N ARG A 115 -14.22 -16.10 -1.06
CA ARG A 115 -14.84 -15.38 0.04
C ARG A 115 -13.88 -15.27 1.23
N ARG A 116 -12.60 -15.31 0.90
CA ARG A 116 -11.57 -15.21 1.93
C ARG A 116 -10.84 -13.88 1.83
N TRP A 117 -9.74 -13.78 2.57
CA TRP A 117 -8.94 -12.57 2.57
C TRP A 117 -7.57 -12.89 1.98
N ILE A 118 -6.85 -11.84 1.64
CA ILE A 118 -5.52 -12.00 1.06
C ILE A 118 -4.57 -10.98 1.68
N CYS A 119 -3.30 -11.36 1.74
CA CYS A 119 -2.28 -10.49 2.30
C CYS A 119 -1.26 -10.18 1.21
N HIS A 120 -1.05 -8.88 0.99
CA HIS A 120 -0.10 -8.44 -0.01
C HIS A 120 1.15 -7.89 0.67
N CYS A 121 2.27 -8.04 -0.01
CA CYS A 121 3.54 -7.55 0.51
C CYS A 121 4.29 -6.84 -0.61
N PHE A 122 5.12 -5.88 -0.22
CA PHE A 122 5.89 -5.11 -1.18
C PHE A 122 7.23 -4.67 -0.59
N MET A 123 8.30 -5.07 -1.25
CA MET A 123 9.63 -4.72 -0.79
C MET A 123 10.13 -3.44 -1.48
N ALA A 124 9.93 -2.32 -0.81
CA ALA A 124 10.36 -1.04 -1.33
C ALA A 124 11.74 -1.19 -1.99
N VAL A 125 11.97 -0.35 -2.98
CA VAL A 125 13.24 -0.38 -3.70
C VAL A 125 14.27 0.45 -2.93
N LYS A 126 13.97 1.73 -2.79
CA LYS A 126 14.86 2.64 -2.09
C LYS A 126 14.04 3.50 -1.12
N ASP A 127 13.15 2.84 -0.39
CA ASP A 127 12.30 3.52 0.57
C ASP A 127 12.07 2.62 1.77
N THR A 128 11.23 3.09 2.68
CA THR A 128 10.91 2.34 3.88
C THR A 128 9.40 2.10 3.97
N GLY A 129 9.05 0.88 4.39
CA GLY A 129 7.65 0.52 4.53
C GLY A 129 6.84 1.65 5.14
N GLU A 130 7.41 2.26 6.16
CA GLU A 130 6.76 3.37 6.85
C GLU A 130 6.06 4.27 5.82
N ARG A 131 6.83 4.73 4.86
CA ARG A 131 6.29 5.60 3.82
C ARG A 131 5.20 4.88 3.04
N LEU A 132 5.46 3.61 2.75
CA LEU A 132 4.51 2.81 2.01
C LEU A 132 3.21 2.69 2.81
N SER A 133 3.37 2.62 4.13
CA SER A 133 2.22 2.50 5.01
C SER A 133 1.43 3.81 5.02
N HIS A 134 2.09 4.87 4.56
CA HIS A 134 1.47 6.18 4.52
C HIS A 134 0.61 6.29 3.27
N ALA A 135 1.27 6.20 2.12
CA ALA A 135 0.58 6.29 0.85
C ALA A 135 -0.72 5.49 0.92
N VAL A 136 -0.58 4.24 1.33
CA VAL A 136 -1.74 3.36 1.45
C VAL A 136 -2.76 4.00 2.38
N GLY A 137 -2.26 4.59 3.45
CA GLY A 137 -3.11 5.24 4.42
C GLY A 137 -3.68 6.56 3.88
N CYS A 138 -3.07 7.01 2.78
CA CYS A 138 -3.51 8.24 2.15
C CYS A 138 -4.78 7.96 1.36
N ALA A 139 -4.69 6.97 0.48
CA ALA A 139 -5.83 6.59 -0.34
C ALA A 139 -6.98 6.15 0.56
N PHE A 140 -6.69 5.18 1.42
CA PHE A 140 -7.69 4.66 2.33
C PHE A 140 -8.39 5.80 3.08
N ALA A 141 -7.59 6.65 3.69
CA ALA A 141 -8.13 7.78 4.43
C ALA A 141 -8.97 8.65 3.49
N ALA A 142 -8.47 8.81 2.28
CA ALA A 142 -9.16 9.60 1.29
C ALA A 142 -10.47 8.92 0.92
N CYS A 143 -10.36 7.68 0.48
CA CYS A 143 -11.54 6.92 0.09
C CYS A 143 -12.52 6.92 1.27
N LEU A 144 -11.99 6.62 2.45
CA LEU A 144 -12.79 6.58 3.64
C LEU A 144 -13.42 7.97 3.88
N GLU A 145 -12.58 8.98 3.81
CA GLU A 145 -13.03 10.35 4.02
C GLU A 145 -14.39 10.55 3.34
N ARG A 146 -14.47 10.15 2.08
CA ARG A 146 -15.70 10.29 1.32
C ARG A 146 -16.88 9.73 2.13
N LYS A 147 -16.65 8.58 2.73
CA LYS A 147 -17.67 7.94 3.53
C LYS A 147 -17.71 8.57 4.93
N GLN A 148 -16.56 8.53 5.59
CA GLN A 148 -16.46 9.10 6.92
C GLN A 148 -16.78 10.60 6.89
N LYS A 149 -16.56 11.23 8.03
CA LYS A 149 -16.83 12.66 8.14
C LYS A 149 -15.56 13.45 7.79
N ARG A 150 -15.67 14.76 7.91
CA ARG A 150 -14.55 15.63 7.61
C ARG A 150 -13.47 15.51 8.68
N SER A 151 -12.24 15.80 8.28
CA SER A 151 -11.11 15.72 9.20
C SER A 151 -9.80 15.91 8.44
N GLY A 152 -8.81 16.42 9.16
CA GLY A 152 -7.51 16.66 8.57
C GLY A 152 -6.41 15.95 9.35
N PRO A 153 -5.29 15.65 8.63
CA PRO A 153 -4.16 14.98 9.25
C PRO A 153 -3.37 15.93 10.16
N SER A 154 -2.28 15.41 10.69
CA SER A 154 -1.44 16.21 11.57
C SER A 154 0.01 16.18 11.06
N SER A 155 0.52 14.96 10.90
CA SER A 155 1.88 14.79 10.42
C SER A 155 2.87 15.27 11.49
N GLY A 156 2.90 16.58 11.69
CA GLY A 156 3.78 17.17 12.67
C GLY A 156 4.79 18.11 12.00
N GLY A 1 -15.43 10.48 -9.04
CA GLY A 1 -15.83 11.75 -8.46
C GLY A 1 -14.61 12.65 -8.22
N SER A 2 -14.79 13.93 -8.49
CA SER A 2 -13.71 14.89 -8.33
C SER A 2 -14.29 16.31 -8.33
N SER A 3 -13.44 17.25 -7.94
CA SER A 3 -13.84 18.65 -7.89
C SER A 3 -12.70 19.54 -8.40
N GLY A 4 -13.04 20.81 -8.61
CA GLY A 4 -12.05 21.77 -9.09
C GLY A 4 -12.03 23.02 -8.22
N SER A 5 -10.84 23.37 -7.76
CA SER A 5 -10.67 24.54 -6.92
C SER A 5 -9.19 24.76 -6.63
N SER A 6 -8.91 25.90 -5.99
CA SER A 6 -7.53 26.23 -5.65
C SER A 6 -6.96 25.21 -4.67
N GLY A 7 -5.65 25.12 -4.65
CA GLY A 7 -4.96 24.19 -3.76
C GLY A 7 -3.62 24.75 -3.31
N ALA A 8 -2.65 24.69 -4.22
CA ALA A 8 -1.31 25.19 -3.93
C ALA A 8 -0.72 24.38 -2.77
N SER A 9 0.32 23.63 -3.08
CA SER A 9 0.99 22.82 -2.08
C SER A 9 2.36 22.38 -2.59
N ARG A 10 3.07 21.65 -1.74
CA ARG A 10 4.40 21.16 -2.09
C ARG A 10 4.65 19.82 -1.43
N PRO A 11 5.66 19.09 -1.97
CA PRO A 11 6.02 17.79 -1.44
C PRO A 11 6.79 17.92 -0.13
N HIS A 12 7.16 16.78 0.44
CA HIS A 12 7.90 16.76 1.69
C HIS A 12 8.02 15.32 2.18
N GLN A 13 8.32 15.20 3.47
CA GLN A 13 8.47 13.89 4.09
C GLN A 13 7.10 13.20 4.20
N TRP A 14 6.81 12.39 3.19
CA TRP A 14 5.55 11.67 3.16
C TRP A 14 4.50 12.56 2.50
N GLN A 15 4.75 13.86 2.57
CA GLN A 15 3.85 14.84 1.99
C GLN A 15 3.82 14.70 0.46
N THR A 16 4.97 14.31 -0.07
CA THR A 16 5.09 14.13 -1.51
C THR A 16 4.18 13.00 -1.99
N ASP A 17 3.83 12.13 -1.06
CA ASP A 17 2.97 11.00 -1.37
C ASP A 17 1.52 11.37 -1.07
N GLU A 18 1.36 12.46 -0.33
CA GLU A 18 0.04 12.94 0.05
C GLU A 18 -0.65 13.56 -1.16
N GLU A 19 0.15 14.25 -1.96
CA GLU A 19 -0.38 14.92 -3.15
C GLU A 19 -0.80 13.88 -4.19
N GLY A 20 0.08 12.90 -4.40
CA GLY A 20 -0.19 11.85 -5.36
C GLY A 20 -1.55 11.20 -5.10
N VAL A 21 -1.92 11.16 -3.83
CA VAL A 21 -3.20 10.57 -3.44
C VAL A 21 -4.29 11.64 -3.52
N ARG A 22 -3.85 12.89 -3.56
CA ARG A 22 -4.77 14.01 -3.63
C ARG A 22 -5.15 14.29 -5.09
N THR A 23 -4.18 14.09 -5.97
CA THR A 23 -4.39 14.33 -7.39
C THR A 23 -4.50 12.99 -8.13
N GLY A 24 -3.50 12.15 -7.92
CA GLY A 24 -3.47 10.84 -8.57
C GLY A 24 -2.09 10.56 -9.17
N LYS A 25 -1.12 10.38 -8.28
CA LYS A 25 0.24 10.10 -8.72
C LYS A 25 1.11 9.80 -7.49
N CYS A 26 0.56 9.00 -6.60
CA CYS A 26 1.27 8.65 -5.38
C CYS A 26 1.86 7.25 -5.57
N SER A 27 2.77 7.16 -6.53
CA SER A 27 3.43 5.89 -6.83
C SER A 27 4.91 5.98 -6.50
N PHE A 28 5.49 4.85 -6.16
CA PHE A 28 6.91 4.79 -5.82
C PHE A 28 7.52 3.46 -6.27
N PRO A 29 8.88 3.44 -6.29
CA PRO A 29 9.59 2.25 -6.70
C PRO A 29 9.56 1.17 -5.60
N VAL A 30 8.95 0.04 -5.93
CA VAL A 30 8.85 -1.06 -4.99
C VAL A 30 9.02 -2.38 -5.74
N LYS A 31 8.86 -3.46 -4.99
CA LYS A 31 8.99 -4.79 -5.57
C LYS A 31 7.78 -5.63 -5.18
N TYR A 32 7.29 -6.39 -6.15
CA TYR A 32 6.13 -7.24 -5.92
C TYR A 32 6.56 -8.62 -5.41
N LEU A 33 6.33 -8.83 -4.12
CA LEU A 33 6.69 -10.10 -3.49
C LEU A 33 5.71 -11.17 -3.94
N GLY A 34 4.44 -10.79 -3.95
CA GLY A 34 3.39 -11.72 -4.37
C GLY A 34 2.17 -11.61 -3.43
N HIS A 35 1.49 -12.73 -3.25
CA HIS A 35 0.32 -12.76 -2.41
C HIS A 35 0.36 -14.03 -1.55
N VAL A 36 -0.02 -13.86 -0.29
CA VAL A 36 -0.04 -14.97 0.65
C VAL A 36 -1.38 -15.02 1.36
N GLU A 37 -1.75 -16.20 1.82
CA GLU A 37 -3.00 -16.39 2.51
C GLU A 37 -2.82 -16.16 4.02
N VAL A 38 -3.64 -15.26 4.55
CA VAL A 38 -3.57 -14.94 5.97
C VAL A 38 -4.37 -15.98 6.76
N ASP A 39 -4.40 -15.78 8.07
CA ASP A 39 -5.12 -16.69 8.95
C ASP A 39 -5.79 -15.87 10.06
N GLU A 40 -5.82 -14.57 9.87
CA GLU A 40 -6.42 -13.68 10.84
C GLU A 40 -7.23 -12.59 10.14
N SER A 41 -6.61 -12.00 9.13
CA SER A 41 -7.24 -10.93 8.37
C SER A 41 -6.99 -9.59 9.04
N ARG A 42 -6.34 -9.64 10.19
CA ARG A 42 -6.03 -8.45 10.95
C ARG A 42 -4.91 -8.71 11.96
N GLY A 43 -3.87 -7.91 11.85
CA GLY A 43 -2.73 -8.05 12.75
C GLY A 43 -1.48 -7.40 12.14
N MET A 44 -0.86 -6.53 12.93
CA MET A 44 0.34 -5.86 12.48
C MET A 44 1.48 -6.84 12.26
N HIS A 45 1.43 -7.94 13.00
CA HIS A 45 2.45 -8.97 12.91
C HIS A 45 2.15 -9.87 11.71
N ILE A 46 0.93 -9.74 11.19
CA ILE A 46 0.51 -10.54 10.06
C ILE A 46 1.20 -10.03 8.79
N CYS A 47 1.02 -8.74 8.54
CA CYS A 47 1.62 -8.12 7.38
C CYS A 47 3.04 -8.65 7.22
N GLU A 48 3.79 -8.60 8.31
CA GLU A 48 5.16 -9.08 8.31
C GLU A 48 5.19 -10.60 8.12
N ASP A 49 4.50 -11.29 9.01
CA ASP A 49 4.43 -12.74 8.95
C ASP A 49 4.31 -13.18 7.49
N ALA A 50 3.68 -12.33 6.70
CA ALA A 50 3.49 -12.61 5.29
C ALA A 50 4.86 -12.72 4.60
N VAL A 51 5.62 -11.64 4.71
CA VAL A 51 6.94 -11.60 4.11
C VAL A 51 7.67 -12.91 4.41
N LYS A 52 7.86 -13.17 5.69
CA LYS A 52 8.54 -14.39 6.12
C LYS A 52 8.01 -15.57 5.31
N ARG A 53 6.74 -15.49 4.96
CA ARG A 53 6.11 -16.55 4.20
C ARG A 53 6.72 -16.62 2.79
N LEU A 54 6.64 -15.50 2.08
CA LEU A 54 7.19 -15.43 0.74
C LEU A 54 8.70 -15.62 0.79
N LYS A 55 9.24 -15.44 1.99
CA LYS A 55 10.67 -15.59 2.20
C LYS A 55 11.02 -17.07 2.35
N ALA A 56 10.00 -17.85 2.64
CA ALA A 56 10.18 -19.28 2.82
C ALA A 56 9.52 -20.02 1.66
N THR A 57 8.81 -19.27 0.83
CA THR A 57 8.13 -19.85 -0.31
C THR A 57 9.13 -20.09 -1.45
N GLY A 58 10.27 -19.43 -1.35
CA GLY A 58 11.31 -19.58 -2.36
C GLY A 58 10.89 -18.91 -3.67
N LYS A 59 10.65 -17.61 -3.58
CA LYS A 59 10.24 -16.84 -4.75
C LYS A 59 11.21 -15.66 -4.93
N LYS A 60 10.69 -14.62 -5.57
CA LYS A 60 11.48 -13.43 -5.82
C LYS A 60 10.55 -12.22 -5.93
N ALA A 61 11.16 -11.06 -6.12
CA ALA A 61 10.41 -9.82 -6.24
C ALA A 61 10.59 -9.25 -7.66
N VAL A 62 9.54 -8.63 -8.15
CA VAL A 62 9.58 -8.04 -9.49
C VAL A 62 9.85 -6.54 -9.36
N LYS A 63 10.31 -5.96 -10.47
CA LYS A 63 10.61 -4.54 -10.49
C LYS A 63 9.43 -3.78 -11.13
N ALA A 64 8.61 -3.21 -10.26
CA ALA A 64 7.45 -2.46 -10.71
C ALA A 64 7.23 -1.26 -9.78
N VAL A 65 6.36 -0.37 -10.23
CA VAL A 65 6.05 0.82 -9.46
C VAL A 65 4.69 0.64 -8.78
N LEU A 66 4.68 0.86 -7.48
CA LEU A 66 3.47 0.73 -6.70
C LEU A 66 2.75 2.08 -6.64
N TRP A 67 1.58 2.12 -7.26
CA TRP A 67 0.79 3.34 -7.30
C TRP A 67 -0.24 3.26 -6.17
N VAL A 68 -0.58 4.43 -5.64
CA VAL A 68 -1.55 4.51 -4.57
C VAL A 68 -2.52 5.65 -4.84
N SER A 69 -3.81 5.31 -4.87
CA SER A 69 -4.84 6.29 -5.11
C SER A 69 -6.09 5.96 -4.29
N ALA A 70 -6.98 6.94 -4.22
CA ALA A 70 -8.22 6.77 -3.47
C ALA A 70 -8.97 5.55 -4.01
N ASP A 71 -8.75 5.28 -5.30
CA ASP A 71 -9.41 4.16 -5.94
C ASP A 71 -8.76 2.85 -5.46
N GLY A 72 -7.63 3.01 -4.78
CA GLY A 72 -6.91 1.86 -4.26
C GLY A 72 -5.43 1.90 -4.69
N LEU A 73 -4.90 0.72 -4.97
CA LEU A 73 -3.52 0.60 -5.39
C LEU A 73 -3.47 0.10 -6.84
N ARG A 74 -2.26 0.10 -7.39
CA ARG A 74 -2.06 -0.36 -8.75
C ARG A 74 -0.60 -0.75 -8.97
N VAL A 75 -0.40 -2.04 -9.20
CA VAL A 75 0.94 -2.56 -9.42
C VAL A 75 1.28 -2.45 -10.91
N VAL A 76 1.90 -1.33 -11.26
CA VAL A 76 2.28 -1.08 -12.64
C VAL A 76 3.59 -1.82 -12.93
N ASP A 77 3.77 -2.15 -14.21
CA ASP A 77 4.97 -2.85 -14.64
C ASP A 77 5.94 -1.86 -15.28
N GLU A 78 6.96 -1.51 -14.53
CA GLU A 78 7.97 -0.57 -15.02
C GLU A 78 8.26 -0.83 -16.50
N LYS A 79 8.10 -2.08 -16.90
CA LYS A 79 8.34 -2.48 -18.28
C LYS A 79 7.76 -1.41 -19.20
N THR A 80 6.44 -1.40 -19.30
CA THR A 80 5.76 -0.44 -20.16
C THR A 80 4.76 0.38 -19.33
N LYS A 81 4.95 0.36 -18.03
CA LYS A 81 4.08 1.08 -17.13
C LYS A 81 2.71 0.42 -17.10
N ASP A 82 2.63 -0.73 -17.76
CA ASP A 82 1.38 -1.48 -17.81
C ASP A 82 0.92 -1.81 -16.38
N LEU A 83 -0.29 -2.32 -16.30
CA LEU A 83 -0.86 -2.68 -15.00
C LEU A 83 -0.65 -4.17 -14.76
N ILE A 84 -0.05 -4.48 -13.63
CA ILE A 84 0.21 -5.87 -13.26
C ILE A 84 -0.97 -6.40 -12.45
N VAL A 85 -1.38 -5.61 -11.47
CA VAL A 85 -2.49 -5.99 -10.62
C VAL A 85 -3.35 -4.76 -10.32
N ASP A 86 -4.58 -5.02 -9.91
CA ASP A 86 -5.51 -3.94 -9.59
C ASP A 86 -6.09 -4.18 -8.20
N GLN A 87 -5.75 -3.28 -7.29
CA GLN A 87 -6.23 -3.37 -5.92
C GLN A 87 -7.06 -2.14 -5.57
N THR A 88 -8.18 -2.39 -4.89
CA THR A 88 -9.07 -1.31 -4.48
C THR A 88 -8.96 -1.06 -2.98
N ILE A 89 -8.95 0.22 -2.62
CA ILE A 89 -8.84 0.60 -1.22
C ILE A 89 -9.98 -0.06 -0.43
N GLU A 90 -11.08 -0.30 -1.12
CA GLU A 90 -12.24 -0.92 -0.50
C GLU A 90 -11.84 -2.25 0.13
N LYS A 91 -11.51 -3.21 -0.73
CA LYS A 91 -11.12 -4.53 -0.27
C LYS A 91 -10.14 -4.39 0.90
N VAL A 92 -9.08 -3.62 0.65
CA VAL A 92 -8.07 -3.40 1.67
C VAL A 92 -8.74 -3.24 3.03
N SER A 93 -8.76 -4.33 3.78
CA SER A 93 -9.36 -4.32 5.10
C SER A 93 -8.43 -3.66 6.11
N PHE A 94 -7.18 -4.09 6.07
CA PHE A 94 -6.16 -3.55 6.97
C PHE A 94 -4.82 -3.42 6.27
N CYS A 95 -4.02 -2.47 6.75
CA CYS A 95 -2.71 -2.23 6.18
C CYS A 95 -1.81 -1.65 7.27
N ALA A 96 -0.77 -2.40 7.60
CA ALA A 96 0.16 -1.98 8.63
C ALA A 96 1.59 -2.05 8.06
N PRO A 97 2.49 -1.25 8.69
CA PRO A 97 3.88 -1.21 8.26
C PRO A 97 4.63 -2.46 8.72
N ASP A 98 5.95 -2.36 8.69
CA ASP A 98 6.79 -3.48 9.11
C ASP A 98 7.77 -3.01 10.18
N ARG A 99 8.61 -3.94 10.62
CA ARG A 99 9.59 -3.63 11.64
C ARG A 99 10.83 -4.52 11.46
N ASN A 100 10.57 -5.80 11.26
CA ASN A 100 11.64 -6.77 11.08
C ASN A 100 12.51 -6.33 9.89
N PHE A 101 11.83 -5.96 8.81
CA PHE A 101 12.53 -5.53 7.61
C PHE A 101 12.72 -4.01 7.60
N ASP A 102 13.37 -3.54 6.54
CA ASP A 102 13.62 -2.11 6.41
C ASP A 102 12.70 -1.53 5.33
N ARG A 103 12.31 -2.40 4.41
CA ARG A 103 11.43 -1.99 3.33
C ARG A 103 10.51 -3.16 2.92
N ALA A 104 9.59 -3.48 3.82
CA ALA A 104 8.65 -4.56 3.58
C ALA A 104 7.24 -4.11 3.97
N PHE A 105 6.46 -3.75 2.97
CA PHE A 105 5.10 -3.30 3.20
C PHE A 105 4.08 -4.30 2.64
N SER A 106 3.16 -4.71 3.50
CA SER A 106 2.14 -5.66 3.11
C SER A 106 0.79 -5.24 3.68
N TYR A 107 -0.27 -5.65 3.00
CA TYR A 107 -1.62 -5.32 3.43
C TYR A 107 -2.57 -6.49 3.17
N ILE A 108 -3.63 -6.54 3.97
CA ILE A 108 -4.62 -7.60 3.83
C ILE A 108 -5.70 -7.14 2.84
N CYS A 109 -6.21 -8.12 2.09
CA CYS A 109 -7.25 -7.84 1.12
C CYS A 109 -8.05 -9.11 0.90
N ARG A 110 -9.36 -8.94 0.79
CA ARG A 110 -10.26 -10.06 0.58
C ARG A 110 -10.37 -10.38 -0.91
N ASP A 111 -9.54 -11.31 -1.35
CA ASP A 111 -9.53 -11.71 -2.75
C ASP A 111 -10.97 -11.98 -3.20
N GLY A 112 -11.19 -11.82 -4.50
CA GLY A 112 -12.51 -12.04 -5.07
C GLY A 112 -12.53 -13.30 -5.94
N THR A 113 -11.86 -13.21 -7.08
CA THR A 113 -11.79 -14.32 -8.00
C THR A 113 -11.54 -15.63 -7.24
N THR A 114 -10.71 -15.53 -6.23
CA THR A 114 -10.38 -16.68 -5.41
C THR A 114 -11.50 -16.97 -4.41
N ARG A 115 -12.03 -15.90 -3.84
CA ARG A 115 -13.10 -16.02 -2.86
C ARG A 115 -12.53 -16.33 -1.48
N ARG A 116 -11.47 -15.60 -1.15
CA ARG A 116 -10.82 -15.79 0.14
C ARG A 116 -10.02 -14.54 0.51
N TRP A 117 -9.36 -14.61 1.67
CA TRP A 117 -8.56 -13.51 2.14
C TRP A 117 -7.12 -13.72 1.63
N ILE A 118 -6.58 -12.66 1.04
CA ILE A 118 -5.23 -12.70 0.51
C ILE A 118 -4.44 -11.49 1.02
N CYS A 119 -3.16 -11.72 1.24
CA CYS A 119 -2.29 -10.65 1.73
C CYS A 119 -1.22 -10.38 0.66
N HIS A 120 -1.02 -9.11 0.38
CA HIS A 120 -0.03 -8.70 -0.60
C HIS A 120 1.15 -8.02 0.09
N CYS A 121 2.35 -8.46 -0.28
CA CYS A 121 3.56 -7.91 0.30
C CYS A 121 4.31 -7.15 -0.80
N PHE A 122 5.01 -6.11 -0.38
CA PHE A 122 5.78 -5.30 -1.31
C PHE A 122 7.09 -4.83 -0.68
N MET A 123 8.19 -5.18 -1.34
CA MET A 123 9.51 -4.80 -0.86
C MET A 123 9.99 -3.51 -1.52
N ALA A 124 9.79 -2.41 -0.81
CA ALA A 124 10.19 -1.11 -1.31
C ALA A 124 11.57 -1.22 -1.98
N VAL A 125 11.85 -0.27 -2.85
CA VAL A 125 13.13 -0.25 -3.55
C VAL A 125 14.12 0.62 -2.79
N LYS A 126 13.77 1.90 -2.68
CA LYS A 126 14.61 2.85 -1.98
C LYS A 126 13.76 3.69 -1.03
N ASP A 127 13.06 2.98 -0.14
CA ASP A 127 12.19 3.65 0.82
C ASP A 127 11.81 2.66 1.91
N THR A 128 11.27 3.21 3.00
CA THR A 128 10.84 2.38 4.12
C THR A 128 9.35 2.09 4.04
N GLY A 129 8.99 0.90 4.46
CA GLY A 129 7.59 0.48 4.44
C GLY A 129 6.68 1.57 5.02
N GLU A 130 7.28 2.37 5.90
CA GLU A 130 6.54 3.44 6.54
C GLU A 130 5.84 4.31 5.48
N ARG A 131 6.65 4.92 4.64
CA ARG A 131 6.13 5.77 3.59
C ARG A 131 5.00 5.06 2.84
N LEU A 132 5.26 3.79 2.52
CA LEU A 132 4.28 3.00 1.81
C LEU A 132 2.99 2.93 2.62
N SER A 133 3.14 2.50 3.87
CA SER A 133 2.00 2.38 4.76
C SER A 133 1.35 3.75 4.97
N HIS A 134 2.15 4.79 4.74
CA HIS A 134 1.67 6.15 4.90
C HIS A 134 0.82 6.55 3.68
N ALA A 135 1.16 5.94 2.55
CA ALA A 135 0.45 6.21 1.32
C ALA A 135 -0.87 5.43 1.31
N VAL A 136 -0.75 4.13 1.51
CA VAL A 136 -1.91 3.26 1.53
C VAL A 136 -2.90 3.76 2.59
N GLY A 137 -2.34 4.26 3.68
CA GLY A 137 -3.15 4.77 4.77
C GLY A 137 -3.66 6.19 4.46
N CYS A 138 -3.14 6.74 3.38
CA CYS A 138 -3.52 8.08 2.96
C CYS A 138 -4.75 7.97 2.08
N ALA A 139 -4.63 7.12 1.05
CA ALA A 139 -5.72 6.93 0.12
C ALA A 139 -6.97 6.47 0.88
N PHE A 140 -6.74 5.63 1.88
CA PHE A 140 -7.83 5.11 2.70
C PHE A 140 -8.62 6.26 3.33
N ALA A 141 -7.89 7.14 4.00
CA ALA A 141 -8.50 8.28 4.65
C ALA A 141 -9.29 9.10 3.62
N ALA A 142 -8.76 9.12 2.41
CA ALA A 142 -9.39 9.86 1.32
C ALA A 142 -10.70 9.16 0.95
N CYS A 143 -10.56 7.91 0.50
CA CYS A 143 -11.71 7.12 0.10
C CYS A 143 -12.74 7.15 1.24
N LEU A 144 -12.23 7.00 2.46
CA LEU A 144 -13.09 7.01 3.63
C LEU A 144 -13.65 8.42 3.84
N GLU A 145 -12.81 9.41 3.55
CA GLU A 145 -13.21 10.79 3.70
C GLU A 145 -14.58 11.02 3.06
N ARG A 146 -14.89 10.19 2.08
CA ARG A 146 -16.15 10.29 1.38
C ARG A 146 -17.25 9.54 2.15
N LYS A 147 -16.83 8.48 2.82
CA LYS A 147 -17.76 7.68 3.60
C LYS A 147 -17.92 8.30 4.99
N GLN A 148 -16.80 8.42 5.68
CA GLN A 148 -16.80 8.99 7.02
C GLN A 148 -16.08 10.35 7.01
N LYS A 149 -15.95 10.91 8.20
CA LYS A 149 -15.29 12.20 8.36
C LYS A 149 -13.92 12.00 9.01
N ARG A 150 -12.94 12.72 8.49
CA ARG A 150 -11.59 12.62 9.02
C ARG A 150 -11.48 13.37 10.35
N SER A 151 -10.45 13.02 11.10
CA SER A 151 -10.22 13.66 12.39
C SER A 151 -8.88 14.40 12.38
N GLY A 152 -8.75 15.33 13.32
CA GLY A 152 -7.53 16.11 13.43
C GLY A 152 -6.31 15.20 13.56
N PRO A 153 -5.17 15.68 12.99
CA PRO A 153 -3.93 14.92 13.03
C PRO A 153 -3.29 15.00 14.43
N SER A 154 -2.19 14.28 14.58
CA SER A 154 -1.49 14.25 15.84
C SER A 154 -0.01 14.57 15.63
N SER A 155 0.63 13.74 14.80
CA SER A 155 2.03 13.93 14.50
C SER A 155 2.48 12.92 13.45
N GLY A 156 2.73 13.44 12.25
CA GLY A 156 3.17 12.60 11.15
C GLY A 156 4.63 12.88 10.78
N GLY A 1 -14.92 11.60 15.87
CA GLY A 1 -14.80 12.98 16.34
C GLY A 1 -13.63 13.68 15.65
N SER A 2 -12.78 14.29 16.48
CA SER A 2 -11.62 15.00 15.97
C SER A 2 -10.62 15.23 17.10
N SER A 3 -9.37 15.44 16.70
CA SER A 3 -8.31 15.68 17.66
C SER A 3 -7.46 16.87 17.22
N GLY A 4 -6.87 16.73 16.04
CA GLY A 4 -6.04 17.79 15.49
C GLY A 4 -5.66 17.48 14.04
N SER A 5 -5.76 18.50 13.21
CA SER A 5 -5.43 18.35 11.80
C SER A 5 -4.84 19.67 11.26
N SER A 6 -4.18 19.56 10.13
CA SER A 6 -3.57 20.72 9.50
C SER A 6 -2.43 21.24 10.38
N GLY A 7 -1.42 21.80 9.71
CA GLY A 7 -0.28 22.35 10.42
C GLY A 7 0.93 21.40 10.34
N ALA A 8 2.07 21.91 10.75
CA ALA A 8 3.29 21.12 10.74
C ALA A 8 3.76 20.96 9.29
N SER A 9 4.96 21.48 9.03
CA SER A 9 5.54 21.40 7.70
C SER A 9 6.43 20.16 7.59
N ARG A 10 6.12 19.35 6.59
CA ARG A 10 6.88 18.13 6.36
C ARG A 10 7.63 18.21 5.02
N PRO A 11 8.77 17.48 4.96
CA PRO A 11 9.58 17.45 3.76
C PRO A 11 8.92 16.61 2.66
N HIS A 12 9.61 16.52 1.54
CA HIS A 12 9.11 15.75 0.41
C HIS A 12 9.39 14.27 0.64
N GLN A 13 8.33 13.47 0.53
CA GLN A 13 8.45 12.03 0.72
C GLN A 13 7.08 11.43 1.03
N TRP A 14 6.51 11.87 2.13
CA TRP A 14 5.20 11.38 2.54
C TRP A 14 4.13 12.27 1.90
N GLN A 15 4.17 13.54 2.27
CA GLN A 15 3.22 14.50 1.73
C GLN A 15 3.13 14.37 0.21
N THR A 16 4.29 14.37 -0.42
CA THR A 16 4.36 14.25 -1.86
C THR A 16 3.55 13.05 -2.34
N ASP A 17 3.37 12.10 -1.43
CA ASP A 17 2.61 10.89 -1.74
C ASP A 17 1.16 11.07 -1.30
N GLU A 18 0.98 11.99 -0.35
CA GLU A 18 -0.35 12.26 0.17
C GLU A 18 -1.18 13.00 -0.86
N GLU A 19 -0.48 13.65 -1.79
CA GLU A 19 -1.15 14.40 -2.84
C GLU A 19 -1.33 13.52 -4.08
N GLY A 20 -0.28 12.78 -4.40
CA GLY A 20 -0.31 11.91 -5.56
C GLY A 20 -1.47 10.92 -5.47
N VAL A 21 -2.05 10.83 -4.28
CA VAL A 21 -3.16 9.94 -4.04
C VAL A 21 -4.46 10.64 -4.44
N ARG A 22 -4.44 11.95 -4.35
CA ARG A 22 -5.61 12.75 -4.70
C ARG A 22 -5.43 13.36 -6.09
N THR A 23 -4.20 13.79 -6.37
CA THR A 23 -3.89 14.40 -7.65
C THR A 23 -3.73 13.32 -8.72
N GLY A 24 -2.88 12.36 -8.42
CA GLY A 24 -2.61 11.27 -9.34
C GLY A 24 -1.13 11.16 -9.67
N LYS A 25 -0.34 10.89 -8.63
CA LYS A 25 1.10 10.77 -8.81
C LYS A 25 1.72 10.32 -7.48
N CYS A 26 1.10 9.32 -6.88
CA CYS A 26 1.58 8.79 -5.62
C CYS A 26 2.13 7.39 -5.86
N SER A 27 3.15 7.32 -6.71
CA SER A 27 3.77 6.05 -7.05
C SER A 27 5.26 6.10 -6.72
N PHE A 28 5.77 4.98 -6.21
CA PHE A 28 7.17 4.89 -5.85
C PHE A 28 7.76 3.55 -6.30
N PRO A 29 9.12 3.50 -6.32
CA PRO A 29 9.82 2.29 -6.73
C PRO A 29 9.76 1.23 -5.63
N VAL A 30 9.10 0.12 -5.97
CA VAL A 30 8.96 -0.98 -5.03
C VAL A 30 9.09 -2.30 -5.79
N LYS A 31 9.00 -3.39 -5.02
CA LYS A 31 9.10 -4.72 -5.60
C LYS A 31 7.84 -5.52 -5.26
N TYR A 32 7.45 -6.37 -6.20
CA TYR A 32 6.27 -7.20 -6.01
C TYR A 32 6.66 -8.61 -5.54
N LEU A 33 6.38 -8.86 -4.27
CA LEU A 33 6.70 -10.16 -3.69
C LEU A 33 5.67 -11.18 -4.16
N GLY A 34 4.42 -10.89 -3.89
CA GLY A 34 3.33 -11.77 -4.28
C GLY A 34 2.13 -11.63 -3.34
N HIS A 35 1.38 -12.72 -3.24
CA HIS A 35 0.20 -12.73 -2.38
C HIS A 35 0.19 -14.01 -1.54
N VAL A 36 -0.07 -13.83 -0.25
CA VAL A 36 -0.11 -14.96 0.67
C VAL A 36 -1.49 -15.02 1.33
N GLU A 37 -1.84 -16.21 1.80
CA GLU A 37 -3.11 -16.42 2.46
C GLU A 37 -3.00 -16.11 3.95
N VAL A 38 -4.01 -15.42 4.47
CA VAL A 38 -4.03 -15.08 5.87
C VAL A 38 -5.09 -15.92 6.59
N ASP A 39 -5.22 -15.66 7.89
CA ASP A 39 -6.18 -16.40 8.70
C ASP A 39 -7.07 -15.40 9.45
N GLU A 40 -6.43 -14.40 10.01
CA GLU A 40 -7.14 -13.38 10.76
C GLU A 40 -7.58 -12.25 9.83
N SER A 41 -6.80 -12.05 8.78
CA SER A 41 -7.11 -11.01 7.81
C SER A 41 -6.95 -9.63 8.46
N ARG A 42 -6.41 -9.63 9.67
CA ARG A 42 -6.21 -8.40 10.40
C ARG A 42 -5.18 -8.61 11.51
N GLY A 43 -4.21 -7.70 11.57
CA GLY A 43 -3.17 -7.76 12.57
C GLY A 43 -1.87 -7.15 12.05
N MET A 44 -1.37 -6.18 12.80
CA MET A 44 -0.14 -5.50 12.43
C MET A 44 1.00 -6.51 12.27
N HIS A 45 0.91 -7.59 13.03
CA HIS A 45 1.94 -8.62 12.98
C HIS A 45 1.64 -9.58 11.83
N ILE A 46 0.41 -9.50 11.34
CA ILE A 46 -0.01 -10.36 10.25
C ILE A 46 0.71 -9.93 8.96
N CYS A 47 0.59 -8.64 8.67
CA CYS A 47 1.23 -8.09 7.47
C CYS A 47 2.61 -8.73 7.33
N GLU A 48 3.41 -8.57 8.38
CA GLU A 48 4.76 -9.12 8.39
C GLU A 48 4.72 -10.63 8.11
N ASP A 49 3.95 -11.33 8.94
CA ASP A 49 3.81 -12.78 8.79
C ASP A 49 3.64 -13.11 7.31
N ALA A 50 3.06 -12.17 6.58
CA ALA A 50 2.83 -12.37 5.16
C ALA A 50 4.18 -12.46 4.43
N VAL A 51 4.93 -11.37 4.52
CA VAL A 51 6.24 -11.31 3.88
C VAL A 51 7.00 -12.61 4.17
N LYS A 52 7.29 -12.81 5.45
CA LYS A 52 8.01 -14.01 5.87
C LYS A 52 7.53 -15.21 5.04
N ARG A 53 6.22 -15.41 5.06
CA ARG A 53 5.63 -16.51 4.32
C ARG A 53 6.24 -16.61 2.92
N LEU A 54 6.49 -15.44 2.35
CA LEU A 54 7.08 -15.38 1.01
C LEU A 54 8.59 -15.61 1.12
N LYS A 55 9.15 -15.15 2.23
CA LYS A 55 10.58 -15.30 2.46
C LYS A 55 10.92 -16.77 2.63
N ALA A 56 9.90 -17.55 2.96
CA ALA A 56 10.07 -18.98 3.14
C ALA A 56 9.61 -19.72 1.89
N THR A 57 8.81 -19.02 1.09
CA THR A 57 8.30 -19.60 -0.13
C THR A 57 9.40 -19.68 -1.19
N GLY A 58 10.49 -18.98 -0.92
CA GLY A 58 11.62 -18.97 -1.83
C GLY A 58 11.21 -18.42 -3.20
N LYS A 59 10.63 -17.23 -3.19
CA LYS A 59 10.20 -16.59 -4.41
C LYS A 59 11.16 -15.46 -4.77
N LYS A 60 10.70 -14.59 -5.65
CA LYS A 60 11.51 -13.47 -6.08
C LYS A 60 10.63 -12.22 -6.19
N ALA A 61 11.27 -11.06 -6.20
CA ALA A 61 10.56 -9.80 -6.30
C ALA A 61 10.76 -9.22 -7.70
N VAL A 62 9.71 -8.59 -8.19
CA VAL A 62 9.75 -7.98 -9.51
C VAL A 62 9.99 -6.48 -9.37
N LYS A 63 10.47 -5.89 -10.47
CA LYS A 63 10.73 -4.46 -10.47
C LYS A 63 9.56 -3.72 -11.13
N ALA A 64 8.76 -3.09 -10.30
CA ALA A 64 7.61 -2.34 -10.79
C ALA A 64 7.37 -1.13 -9.89
N VAL A 65 6.51 -0.24 -10.36
CA VAL A 65 6.17 0.96 -9.60
C VAL A 65 4.82 0.78 -8.93
N LEU A 66 4.82 0.97 -7.61
CA LEU A 66 3.61 0.83 -6.84
C LEU A 66 2.87 2.17 -6.81
N TRP A 67 1.67 2.16 -7.37
CA TRP A 67 0.86 3.36 -7.42
C TRP A 67 -0.14 3.30 -6.26
N VAL A 68 -0.45 4.47 -5.72
CA VAL A 68 -1.40 4.56 -4.62
C VAL A 68 -2.39 5.69 -4.88
N SER A 69 -3.66 5.32 -4.89
CA SER A 69 -4.72 6.29 -5.15
C SER A 69 -5.94 5.96 -4.29
N ALA A 70 -6.75 6.97 -4.07
CA ALA A 70 -7.96 6.80 -3.27
C ALA A 70 -8.82 5.71 -3.88
N ASP A 71 -8.57 5.44 -5.16
CA ASP A 71 -9.31 4.42 -5.88
C ASP A 71 -8.70 3.05 -5.58
N GLY A 72 -7.61 3.08 -4.83
CA GLY A 72 -6.92 1.85 -4.46
C GLY A 72 -5.44 1.92 -4.83
N LEU A 73 -4.92 0.80 -5.29
CA LEU A 73 -3.51 0.72 -5.69
C LEU A 73 -3.42 0.23 -7.13
N ARG A 74 -2.20 0.23 -7.64
CA ARG A 74 -1.96 -0.21 -9.00
C ARG A 74 -0.49 -0.61 -9.17
N VAL A 75 -0.28 -1.90 -9.39
CA VAL A 75 1.07 -2.41 -9.57
C VAL A 75 1.43 -2.35 -11.06
N VAL A 76 2.05 -1.23 -11.44
CA VAL A 76 2.45 -1.03 -12.82
C VAL A 76 3.76 -1.78 -13.07
N ASP A 77 3.96 -2.17 -14.33
CA ASP A 77 5.15 -2.89 -14.71
C ASP A 77 6.13 -1.93 -15.40
N GLU A 78 7.17 -1.58 -14.66
CA GLU A 78 8.18 -0.67 -15.17
C GLU A 78 8.47 -0.97 -16.65
N LYS A 79 8.28 -2.23 -17.00
CA LYS A 79 8.51 -2.66 -18.38
C LYS A 79 7.92 -1.63 -19.33
N THR A 80 6.60 -1.67 -19.47
CA THR A 80 5.91 -0.75 -20.34
C THR A 80 4.91 0.08 -19.55
N LYS A 81 5.12 0.11 -18.23
CA LYS A 81 4.24 0.87 -17.36
C LYS A 81 2.87 0.21 -17.31
N ASP A 82 2.79 -0.97 -17.91
CA ASP A 82 1.55 -1.72 -17.95
C ASP A 82 1.09 -2.01 -16.51
N LEU A 83 -0.13 -2.51 -16.41
CA LEU A 83 -0.70 -2.83 -15.11
C LEU A 83 -0.47 -4.32 -14.82
N ILE A 84 0.14 -4.58 -13.68
CA ILE A 84 0.41 -5.95 -13.27
C ILE A 84 -0.75 -6.46 -12.41
N VAL A 85 -1.18 -5.62 -11.48
CA VAL A 85 -2.28 -5.97 -10.60
C VAL A 85 -3.18 -4.75 -10.39
N ASP A 86 -4.42 -5.02 -10.03
CA ASP A 86 -5.38 -3.96 -9.79
C ASP A 86 -6.09 -4.21 -8.46
N GLN A 87 -5.77 -3.36 -7.49
CA GLN A 87 -6.36 -3.47 -6.18
C GLN A 87 -7.12 -2.19 -5.82
N THR A 88 -8.26 -2.38 -5.18
CA THR A 88 -9.10 -1.26 -4.78
C THR A 88 -8.96 -1.00 -3.29
N ILE A 89 -8.96 0.28 -2.93
CA ILE A 89 -8.84 0.68 -1.54
C ILE A 89 -9.96 0.01 -0.72
N GLU A 90 -10.98 -0.44 -1.45
CA GLU A 90 -12.10 -1.10 -0.81
C GLU A 90 -11.67 -2.44 -0.21
N LYS A 91 -11.31 -3.36 -1.08
CA LYS A 91 -10.87 -4.68 -0.65
C LYS A 91 -9.90 -4.53 0.52
N VAL A 92 -8.87 -3.72 0.30
CA VAL A 92 -7.87 -3.48 1.32
C VAL A 92 -8.56 -3.40 2.69
N SER A 93 -8.39 -4.47 3.46
CA SER A 93 -8.98 -4.55 4.78
C SER A 93 -8.13 -3.76 5.78
N PHE A 94 -6.84 -4.06 5.77
CA PHE A 94 -5.91 -3.39 6.66
C PHE A 94 -4.49 -3.38 6.08
N CYS A 95 -3.69 -2.46 6.58
CA CYS A 95 -2.32 -2.34 6.12
C CYS A 95 -1.45 -1.85 7.28
N ALA A 96 -0.38 -2.59 7.53
CA ALA A 96 0.53 -2.25 8.62
C ALA A 96 1.97 -2.36 8.12
N PRO A 97 2.88 -1.62 8.81
CA PRO A 97 4.29 -1.63 8.46
C PRO A 97 4.95 -2.94 8.89
N ASP A 98 6.28 -2.90 8.92
CA ASP A 98 7.05 -4.07 9.32
C ASP A 98 8.05 -3.68 10.41
N ARG A 99 8.82 -4.65 10.85
CA ARG A 99 9.81 -4.42 11.88
C ARG A 99 10.83 -5.56 11.90
N ASN A 100 11.03 -6.16 10.73
CA ASN A 100 11.97 -7.26 10.60
C ASN A 100 12.94 -6.95 9.46
N PHE A 101 12.38 -6.50 8.35
CA PHE A 101 13.18 -6.17 7.18
C PHE A 101 13.50 -4.67 7.14
N ASP A 102 14.17 -4.28 6.07
CA ASP A 102 14.52 -2.88 5.89
C ASP A 102 13.34 -2.12 5.31
N ARG A 103 12.68 -2.75 4.34
CA ARG A 103 11.53 -2.15 3.70
C ARG A 103 10.59 -3.23 3.17
N ALA A 104 9.80 -3.77 4.08
CA ALA A 104 8.84 -4.81 3.72
C ALA A 104 7.44 -4.38 4.16
N PHE A 105 6.67 -3.95 3.17
CA PHE A 105 5.30 -3.50 3.43
C PHE A 105 4.29 -4.47 2.81
N SER A 106 3.22 -4.70 3.55
CA SER A 106 2.17 -5.59 3.09
C SER A 106 0.82 -5.14 3.64
N TYR A 107 -0.24 -5.58 2.97
CA TYR A 107 -1.59 -5.23 3.38
C TYR A 107 -2.57 -6.37 3.09
N ILE A 108 -3.61 -6.45 3.91
CA ILE A 108 -4.61 -7.48 3.75
C ILE A 108 -5.73 -6.96 2.84
N CYS A 109 -6.33 -7.89 2.11
CA CYS A 109 -7.41 -7.54 1.20
C CYS A 109 -8.25 -8.79 0.95
N ARG A 110 -9.49 -8.57 0.55
CA ARG A 110 -10.40 -9.66 0.27
C ARG A 110 -10.32 -10.06 -1.20
N ASP A 111 -9.52 -11.09 -1.46
CA ASP A 111 -9.34 -11.58 -2.82
C ASP A 111 -10.71 -11.72 -3.49
N GLY A 112 -10.69 -11.79 -4.81
CA GLY A 112 -11.91 -11.93 -5.58
C GLY A 112 -12.02 -13.32 -6.20
N THR A 113 -10.95 -13.71 -6.89
CA THR A 113 -10.91 -15.02 -7.53
C THR A 113 -11.31 -16.11 -6.54
N THR A 114 -10.61 -16.12 -5.41
CA THR A 114 -10.88 -17.11 -4.39
C THR A 114 -11.78 -16.52 -3.29
N ARG A 115 -12.28 -15.32 -3.57
CA ARG A 115 -13.15 -14.63 -2.63
C ARG A 115 -12.73 -14.95 -1.20
N ARG A 116 -11.41 -15.02 -1.01
CA ARG A 116 -10.87 -15.31 0.31
C ARG A 116 -10.06 -14.12 0.82
N TRP A 117 -9.34 -14.36 1.91
CA TRP A 117 -8.51 -13.31 2.50
C TRP A 117 -7.08 -13.50 2.00
N ILE A 118 -6.63 -12.50 1.25
CA ILE A 118 -5.28 -12.54 0.70
C ILE A 118 -4.51 -11.30 1.17
N CYS A 119 -3.21 -11.50 1.35
CA CYS A 119 -2.35 -10.41 1.79
C CYS A 119 -1.29 -10.17 0.72
N HIS A 120 -1.06 -8.90 0.42
CA HIS A 120 -0.08 -8.52 -0.57
C HIS A 120 1.12 -7.86 0.11
N CYS A 121 2.31 -8.22 -0.36
CA CYS A 121 3.53 -7.67 0.20
C CYS A 121 4.27 -6.94 -0.91
N PHE A 122 5.08 -5.97 -0.51
CA PHE A 122 5.85 -5.18 -1.46
C PHE A 122 7.18 -4.73 -0.85
N MET A 123 8.25 -5.18 -1.45
CA MET A 123 9.58 -4.83 -0.97
C MET A 123 10.06 -3.51 -1.60
N ALA A 124 9.94 -2.45 -0.82
CA ALA A 124 10.35 -1.13 -1.28
C ALA A 124 11.73 -1.24 -1.93
N VAL A 125 11.97 -0.35 -2.88
CA VAL A 125 13.25 -0.32 -3.58
C VAL A 125 14.25 0.52 -2.80
N LYS A 126 13.92 1.80 -2.68
CA LYS A 126 14.78 2.72 -1.95
C LYS A 126 13.93 3.53 -0.97
N ASP A 127 13.01 2.84 -0.32
CA ASP A 127 12.14 3.48 0.65
C ASP A 127 11.87 2.52 1.80
N THR A 128 11.25 3.05 2.84
CA THR A 128 10.93 2.26 4.02
C THR A 128 9.44 1.90 4.03
N GLY A 129 9.16 0.72 4.57
CA GLY A 129 7.78 0.24 4.65
C GLY A 129 6.84 1.37 5.06
N GLU A 130 7.30 2.17 6.01
CA GLU A 130 6.50 3.28 6.50
C GLU A 130 5.94 4.09 5.33
N ARG A 131 6.84 4.77 4.64
CA ARG A 131 6.45 5.59 3.50
C ARG A 131 5.32 4.90 2.73
N LEU A 132 5.47 3.59 2.57
CA LEU A 132 4.48 2.81 1.84
C LEU A 132 3.18 2.76 2.66
N SER A 133 3.32 2.36 3.91
CA SER A 133 2.18 2.27 4.80
C SER A 133 1.51 3.63 4.94
N HIS A 134 2.27 4.67 4.58
CA HIS A 134 1.76 6.03 4.65
C HIS A 134 0.85 6.31 3.46
N ALA A 135 1.41 6.14 2.27
CA ALA A 135 0.67 6.37 1.04
C ALA A 135 -0.65 5.60 1.11
N VAL A 136 -0.53 4.29 1.24
CA VAL A 136 -1.71 3.43 1.31
C VAL A 136 -2.66 3.97 2.38
N GLY A 137 -2.07 4.48 3.45
CA GLY A 137 -2.85 5.03 4.55
C GLY A 137 -3.48 6.36 4.15
N CYS A 138 -2.96 6.94 3.08
CA CYS A 138 -3.46 8.21 2.59
C CYS A 138 -4.77 7.96 1.85
N ALA A 139 -4.70 7.08 0.86
CA ALA A 139 -5.87 6.73 0.07
C ALA A 139 -6.98 6.25 0.99
N PHE A 140 -6.63 5.33 1.87
CA PHE A 140 -7.59 4.78 2.81
C PHE A 140 -8.34 5.90 3.54
N ALA A 141 -7.58 6.75 4.19
CA ALA A 141 -8.16 7.87 4.93
C ALA A 141 -9.03 8.69 3.98
N ALA A 142 -8.56 8.83 2.75
CA ALA A 142 -9.28 9.59 1.75
C ALA A 142 -10.58 8.86 1.41
N CYS A 143 -10.42 7.66 0.87
CA CYS A 143 -11.57 6.85 0.49
C CYS A 143 -12.51 6.77 1.70
N LEU A 144 -11.93 6.55 2.86
CA LEU A 144 -12.70 6.46 4.09
C LEU A 144 -13.32 7.81 4.40
N GLU A 145 -12.55 8.86 4.16
CA GLU A 145 -13.01 10.21 4.42
C GLU A 145 -14.42 10.40 3.86
N ARG A 146 -14.72 9.65 2.81
CA ARG A 146 -16.02 9.74 2.17
C ARG A 146 -17.08 9.09 3.07
N LYS A 147 -16.68 8.01 3.72
CA LYS A 147 -17.58 7.29 4.61
C LYS A 147 -17.51 7.90 6.01
N GLN A 148 -16.29 7.91 6.54
CA GLN A 148 -16.05 8.45 7.87
C GLN A 148 -15.38 9.82 7.77
N LYS A 149 -15.27 10.47 8.91
CA LYS A 149 -14.65 11.78 8.98
C LYS A 149 -13.74 11.86 10.19
N ARG A 150 -12.82 10.91 10.27
CA ARG A 150 -11.88 10.86 11.37
C ARG A 150 -10.60 11.61 11.03
N SER A 151 -9.95 12.14 12.06
CA SER A 151 -8.72 12.88 11.87
C SER A 151 -7.54 11.92 11.73
N GLY A 152 -7.41 11.06 12.73
CA GLY A 152 -6.33 10.08 12.73
C GLY A 152 -5.04 10.69 12.17
N PRO A 153 -4.29 11.38 13.07
CA PRO A 153 -3.04 12.00 12.67
C PRO A 153 -1.94 10.96 12.49
N SER A 154 -0.78 11.44 12.06
CA SER A 154 0.36 10.56 11.85
C SER A 154 1.64 11.39 11.69
N SER A 155 2.16 11.83 12.83
CA SER A 155 3.38 12.63 12.82
C SER A 155 4.60 11.72 12.73
N GLY A 156 4.72 10.82 13.69
CA GLY A 156 5.83 9.89 13.71
C GLY A 156 6.21 9.53 15.14
N GLY A 1 -26.23 18.29 10.58
CA GLY A 1 -24.79 18.06 10.71
C GLY A 1 -24.00 19.19 10.03
N SER A 2 -23.60 20.15 10.84
CA SER A 2 -22.83 21.28 10.33
C SER A 2 -21.42 21.25 10.90
N SER A 3 -20.53 20.60 10.15
CA SER A 3 -19.14 20.50 10.57
C SER A 3 -18.30 19.93 9.43
N GLY A 4 -16.98 20.00 9.61
CA GLY A 4 -16.05 19.50 8.61
C GLY A 4 -14.73 20.25 8.68
N SER A 5 -13.66 19.48 8.89
CA SER A 5 -12.33 20.05 8.98
C SER A 5 -11.37 19.29 8.08
N SER A 6 -10.18 19.84 7.91
CA SER A 6 -9.17 19.22 7.08
C SER A 6 -7.85 19.99 7.19
N GLY A 7 -6.75 19.25 7.15
CA GLY A 7 -5.44 19.85 7.24
C GLY A 7 -4.45 18.87 7.89
N ALA A 8 -3.23 18.87 7.35
CA ALA A 8 -2.19 17.99 7.86
C ALA A 8 -0.89 18.79 8.01
N SER A 9 0.08 18.16 8.65
CA SER A 9 1.37 18.80 8.85
C SER A 9 2.49 17.75 8.78
N ARG A 10 2.86 17.41 7.56
CA ARG A 10 3.91 16.43 7.35
C ARG A 10 4.92 16.95 6.32
N PRO A 11 6.19 16.50 6.48
CA PRO A 11 7.25 16.90 5.58
C PRO A 11 7.13 16.20 4.23
N HIS A 12 8.22 16.25 3.48
CA HIS A 12 8.25 15.62 2.16
C HIS A 12 8.33 14.10 2.33
N GLN A 13 8.23 13.41 1.20
CA GLN A 13 8.28 11.96 1.20
C GLN A 13 6.91 11.38 1.55
N TRP A 14 6.34 11.89 2.63
CA TRP A 14 5.04 11.44 3.08
C TRP A 14 3.98 12.33 2.45
N GLN A 15 4.12 13.63 2.70
CA GLN A 15 3.18 14.60 2.17
C GLN A 15 2.94 14.34 0.68
N THR A 16 4.03 14.06 -0.02
CA THR A 16 3.96 13.80 -1.45
C THR A 16 2.98 12.66 -1.73
N ASP A 17 2.83 11.80 -0.74
CA ASP A 17 1.93 10.66 -0.86
C ASP A 17 0.50 11.12 -0.59
N GLU A 18 0.38 12.36 -0.16
CA GLU A 18 -0.91 12.93 0.15
C GLU A 18 -1.45 13.73 -1.05
N GLU A 19 -0.52 14.15 -1.89
CA GLU A 19 -0.87 14.92 -3.07
C GLU A 19 -1.05 13.99 -4.28
N GLY A 20 -0.13 13.04 -4.39
CA GLY A 20 -0.18 12.09 -5.48
C GLY A 20 -1.39 11.16 -5.35
N VAL A 21 -2.08 11.29 -4.22
CA VAL A 21 -3.25 10.47 -3.96
C VAL A 21 -4.50 11.27 -4.30
N ARG A 22 -4.37 12.59 -4.21
CA ARG A 22 -5.49 13.47 -4.49
C ARG A 22 -5.43 13.94 -5.94
N THR A 23 -4.24 13.86 -6.52
CA THR A 23 -4.05 14.27 -7.90
C THR A 23 -3.94 13.04 -8.81
N GLY A 24 -3.37 11.98 -8.26
CA GLY A 24 -3.21 10.75 -9.01
C GLY A 24 -1.77 10.61 -9.53
N LYS A 25 -0.87 10.33 -8.60
CA LYS A 25 0.53 10.17 -8.95
C LYS A 25 1.33 9.85 -7.68
N CYS A 26 0.72 9.05 -6.81
CA CYS A 26 1.36 8.66 -5.57
C CYS A 26 1.91 7.25 -5.73
N SER A 27 2.95 7.14 -6.54
CA SER A 27 3.58 5.85 -6.79
C SER A 27 5.08 5.93 -6.47
N PHE A 28 5.61 4.79 -6.04
CA PHE A 28 7.02 4.72 -5.70
C PHE A 28 7.62 3.39 -6.16
N PRO A 29 8.99 3.34 -6.14
CA PRO A 29 9.69 2.14 -6.55
C PRO A 29 9.60 1.05 -5.48
N VAL A 30 8.90 -0.02 -5.83
CA VAL A 30 8.73 -1.14 -4.92
C VAL A 30 8.72 -2.44 -5.70
N LYS A 31 9.17 -3.50 -5.05
CA LYS A 31 9.23 -4.81 -5.68
C LYS A 31 8.04 -5.64 -5.21
N TYR A 32 7.44 -6.35 -6.16
CA TYR A 32 6.28 -7.19 -5.85
C TYR A 32 6.73 -8.57 -5.38
N LEU A 33 6.42 -8.86 -4.12
CA LEU A 33 6.77 -10.14 -3.54
C LEU A 33 5.79 -11.20 -4.02
N GLY A 34 4.52 -10.82 -4.06
CA GLY A 34 3.47 -11.72 -4.48
C GLY A 34 2.22 -11.57 -3.60
N HIS A 35 1.57 -12.71 -3.36
CA HIS A 35 0.37 -12.71 -2.54
C HIS A 35 0.32 -14.01 -1.73
N VAL A 36 -0.02 -13.86 -0.46
CA VAL A 36 -0.12 -15.02 0.42
C VAL A 36 -1.46 -14.97 1.17
N GLU A 37 -1.93 -16.15 1.53
CA GLU A 37 -3.19 -16.25 2.25
C GLU A 37 -2.98 -16.01 3.74
N VAL A 38 -3.53 -14.90 4.21
CA VAL A 38 -3.41 -14.54 5.62
C VAL A 38 -3.97 -15.68 6.49
N ASP A 39 -4.17 -15.36 7.75
CA ASP A 39 -4.70 -16.33 8.69
C ASP A 39 -5.65 -15.63 9.66
N GLU A 40 -5.22 -14.47 10.13
CA GLU A 40 -6.02 -13.69 11.06
C GLU A 40 -6.80 -12.61 10.32
N SER A 41 -6.23 -12.15 9.21
CA SER A 41 -6.86 -11.13 8.40
C SER A 41 -6.70 -9.77 9.08
N ARG A 42 -6.02 -9.77 10.22
CA ARG A 42 -5.79 -8.54 10.97
C ARG A 42 -4.63 -8.73 11.94
N GLY A 43 -3.70 -7.79 11.89
CA GLY A 43 -2.54 -7.84 12.76
C GLY A 43 -1.28 -7.40 12.01
N MET A 44 -0.48 -6.59 12.68
CA MET A 44 0.75 -6.10 12.09
C MET A 44 1.74 -7.24 11.84
N HIS A 45 1.70 -8.21 12.74
CA HIS A 45 2.58 -9.37 12.62
C HIS A 45 2.28 -10.12 11.32
N ILE A 46 1.04 -9.99 10.87
CA ILE A 46 0.61 -10.64 9.65
C ILE A 46 1.51 -10.21 8.50
N CYS A 47 1.62 -8.89 8.34
CA CYS A 47 2.44 -8.33 7.29
C CYS A 47 3.78 -9.09 7.26
N GLU A 48 4.50 -9.00 8.37
CA GLU A 48 5.78 -9.67 8.49
C GLU A 48 5.63 -11.16 8.19
N ASP A 49 4.70 -11.78 8.89
CA ASP A 49 4.45 -13.20 8.72
C ASP A 49 4.32 -13.51 7.23
N ALA A 50 3.70 -12.58 6.52
CA ALA A 50 3.52 -12.74 5.08
C ALA A 50 4.89 -12.83 4.40
N VAL A 51 5.62 -11.73 4.47
CA VAL A 51 6.95 -11.68 3.87
C VAL A 51 7.68 -13.00 4.14
N LYS A 52 7.85 -13.29 5.42
CA LYS A 52 8.53 -14.49 5.83
C LYS A 52 8.02 -15.67 5.00
N ARG A 53 6.70 -15.69 4.82
CA ARG A 53 6.07 -16.75 4.05
C ARG A 53 6.65 -16.80 2.64
N LEU A 54 6.61 -15.67 1.97
CA LEU A 54 7.15 -15.57 0.62
C LEU A 54 8.65 -15.83 0.64
N LYS A 55 9.25 -15.50 1.77
CA LYS A 55 10.69 -15.69 1.95
C LYS A 55 10.99 -17.18 2.12
N ALA A 56 9.94 -17.92 2.47
CA ALA A 56 10.08 -19.35 2.68
C ALA A 56 9.50 -20.09 1.47
N THR A 57 8.82 -19.33 0.63
CA THR A 57 8.22 -19.90 -0.56
C THR A 57 9.29 -20.21 -1.61
N GLY A 58 10.38 -19.47 -1.52
CA GLY A 58 11.48 -19.64 -2.46
C GLY A 58 11.17 -19.00 -3.80
N LYS A 59 10.93 -17.70 -3.76
CA LYS A 59 10.61 -16.96 -4.97
C LYS A 59 11.51 -15.72 -5.05
N LYS A 60 11.02 -14.71 -5.77
CA LYS A 60 11.76 -13.48 -5.93
C LYS A 60 10.79 -12.30 -6.00
N ALA A 61 11.35 -11.11 -6.05
CA ALA A 61 10.55 -9.90 -6.12
C ALA A 61 10.71 -9.26 -7.50
N VAL A 62 9.58 -8.88 -8.08
CA VAL A 62 9.59 -8.26 -9.40
C VAL A 62 9.79 -6.76 -9.24
N LYS A 63 10.33 -6.15 -10.28
CA LYS A 63 10.58 -4.71 -10.28
C LYS A 63 9.40 -4.00 -10.95
N ALA A 64 8.61 -3.32 -10.15
CA ALA A 64 7.47 -2.59 -10.65
C ALA A 64 7.24 -1.33 -9.80
N VAL A 65 6.37 -0.47 -10.30
CA VAL A 65 6.07 0.77 -9.60
C VAL A 65 4.69 0.64 -8.92
N LEU A 66 4.70 0.78 -7.60
CA LEU A 66 3.48 0.69 -6.83
C LEU A 66 2.80 2.06 -6.79
N TRP A 67 1.60 2.11 -7.34
CA TRP A 67 0.84 3.34 -7.38
C TRP A 67 -0.18 3.29 -6.24
N VAL A 68 -0.46 4.46 -5.69
CA VAL A 68 -1.42 4.57 -4.59
C VAL A 68 -2.43 5.67 -4.92
N SER A 69 -3.70 5.29 -4.92
CA SER A 69 -4.77 6.23 -5.20
C SER A 69 -5.99 5.92 -4.34
N ALA A 70 -6.83 6.93 -4.18
CA ALA A 70 -8.04 6.77 -3.38
C ALA A 70 -8.86 5.60 -3.93
N ASP A 71 -8.66 5.32 -5.20
CA ASP A 71 -9.36 4.22 -5.85
C ASP A 71 -8.72 2.90 -5.46
N GLY A 72 -7.60 3.01 -4.74
CA GLY A 72 -6.88 1.83 -4.30
C GLY A 72 -5.41 1.90 -4.72
N LEU A 73 -4.90 0.77 -5.18
CA LEU A 73 -3.51 0.70 -5.61
C LEU A 73 -3.45 0.17 -7.05
N ARG A 74 -2.24 0.16 -7.59
CA ARG A 74 -2.04 -0.33 -8.94
C ARG A 74 -0.58 -0.74 -9.15
N VAL A 75 -0.36 -2.04 -9.18
CA VAL A 75 0.97 -2.57 -9.37
C VAL A 75 1.33 -2.54 -10.85
N VAL A 76 1.93 -1.43 -11.26
CA VAL A 76 2.33 -1.27 -12.64
C VAL A 76 3.63 -2.02 -12.90
N ASP A 77 3.81 -2.43 -14.15
CA ASP A 77 5.02 -3.17 -14.53
C ASP A 77 5.99 -2.21 -15.23
N GLU A 78 7.01 -1.81 -14.49
CA GLU A 78 8.01 -0.91 -15.02
C GLU A 78 8.31 -1.25 -16.48
N LYS A 79 8.16 -2.53 -16.79
CA LYS A 79 8.41 -2.99 -18.15
C LYS A 79 7.80 -2.02 -19.15
N THR A 80 6.49 -2.08 -19.26
CA THR A 80 5.77 -1.21 -20.18
C THR A 80 4.80 -0.32 -19.41
N LYS A 81 5.01 -0.24 -18.10
CA LYS A 81 4.17 0.56 -17.25
C LYS A 81 2.77 -0.07 -17.17
N ASP A 82 2.66 -1.25 -17.74
CA ASP A 82 1.40 -1.97 -17.75
C ASP A 82 0.96 -2.23 -16.31
N LEU A 83 -0.28 -2.67 -16.17
CA LEU A 83 -0.83 -2.96 -14.86
C LEU A 83 -0.66 -4.45 -14.55
N ILE A 84 0.02 -4.71 -13.44
CA ILE A 84 0.25 -6.09 -13.03
C ILE A 84 -0.91 -6.57 -12.17
N VAL A 85 -1.33 -5.70 -11.26
CA VAL A 85 -2.44 -6.03 -10.37
C VAL A 85 -3.29 -4.78 -10.15
N ASP A 86 -4.55 -5.02 -9.79
CA ASP A 86 -5.47 -3.93 -9.55
C ASP A 86 -6.19 -4.16 -8.21
N GLN A 87 -5.77 -3.40 -7.21
CA GLN A 87 -6.35 -3.51 -5.88
C GLN A 87 -7.16 -2.25 -5.56
N THR A 88 -8.21 -2.46 -4.79
CA THR A 88 -9.08 -1.35 -4.39
C THR A 88 -8.94 -1.08 -2.89
N ILE A 89 -8.89 0.20 -2.56
CA ILE A 89 -8.77 0.60 -1.17
C ILE A 89 -9.89 -0.05 -0.36
N GLU A 90 -10.98 -0.33 -1.04
CA GLU A 90 -12.13 -0.95 -0.38
C GLU A 90 -11.70 -2.25 0.31
N LYS A 91 -11.31 -3.22 -0.50
CA LYS A 91 -10.89 -4.50 0.02
C LYS A 91 -9.90 -4.28 1.17
N VAL A 92 -8.95 -3.38 0.92
CA VAL A 92 -7.95 -3.07 1.93
C VAL A 92 -8.65 -2.77 3.26
N SER A 93 -8.70 -3.80 4.11
CA SER A 93 -9.32 -3.66 5.41
C SER A 93 -8.30 -3.15 6.43
N PHE A 94 -7.13 -3.75 6.39
CA PHE A 94 -6.07 -3.37 7.31
C PHE A 94 -4.72 -3.28 6.58
N CYS A 95 -3.86 -2.41 7.09
CA CYS A 95 -2.54 -2.23 6.51
C CYS A 95 -1.60 -1.68 7.59
N ALA A 96 -0.62 -2.50 7.94
CA ALA A 96 0.35 -2.12 8.95
C ALA A 96 1.76 -2.22 8.37
N PRO A 97 2.68 -1.44 8.98
CA PRO A 97 4.07 -1.45 8.54
C PRO A 97 4.79 -2.73 8.98
N ASP A 98 6.11 -2.67 8.91
CA ASP A 98 6.92 -3.82 9.30
C ASP A 98 7.90 -3.39 10.40
N ARG A 99 8.67 -4.36 10.86
CA ARG A 99 9.65 -4.10 11.91
C ARG A 99 10.87 -5.00 11.73
N ASN A 100 10.60 -6.28 11.51
CA ASN A 100 11.67 -7.24 11.32
C ASN A 100 12.59 -6.77 10.18
N PHE A 101 11.96 -6.45 9.06
CA PHE A 101 12.70 -5.98 7.89
C PHE A 101 12.89 -4.46 7.94
N ASP A 102 13.34 -3.93 6.82
CA ASP A 102 13.58 -2.50 6.71
C ASP A 102 12.60 -1.90 5.69
N ARG A 103 12.37 -2.66 4.63
CA ARG A 103 11.47 -2.23 3.58
C ARG A 103 10.54 -3.37 3.17
N ALA A 104 9.60 -3.69 4.07
CA ALA A 104 8.66 -4.76 3.81
C ALA A 104 7.26 -4.29 4.22
N PHE A 105 6.49 -3.88 3.22
CA PHE A 105 5.14 -3.41 3.47
C PHE A 105 4.10 -4.39 2.89
N SER A 106 3.01 -4.54 3.62
CA SER A 106 1.94 -5.44 3.19
C SER A 106 0.60 -4.93 3.73
N TYR A 107 -0.46 -5.45 3.13
CA TYR A 107 -1.81 -5.07 3.53
C TYR A 107 -2.80 -6.22 3.29
N ILE A 108 -3.71 -6.37 4.24
CA ILE A 108 -4.72 -7.42 4.15
C ILE A 108 -5.91 -6.90 3.36
N CYS A 109 -6.52 -7.81 2.62
CA CYS A 109 -7.68 -7.46 1.81
C CYS A 109 -8.48 -8.73 1.55
N ARG A 110 -9.71 -8.54 1.08
CA ARG A 110 -10.59 -9.65 0.78
C ARG A 110 -10.73 -9.84 -0.74
N ASP A 111 -9.92 -10.75 -1.27
CA ASP A 111 -9.95 -11.03 -2.69
C ASP A 111 -11.38 -11.31 -3.12
N GLY A 112 -11.69 -10.92 -4.36
CA GLY A 112 -13.01 -11.13 -4.91
C GLY A 112 -12.99 -12.17 -6.02
N THR A 113 -11.89 -12.19 -6.76
CA THR A 113 -11.72 -13.12 -7.86
C THR A 113 -11.65 -14.55 -7.33
N THR A 114 -10.98 -14.70 -6.19
CA THR A 114 -10.83 -16.01 -5.58
C THR A 114 -11.86 -16.19 -4.46
N ARG A 115 -12.25 -15.07 -3.87
CA ARG A 115 -13.22 -15.09 -2.79
C ARG A 115 -12.56 -15.52 -1.49
N ARG A 116 -11.40 -14.93 -1.23
CA ARG A 116 -10.66 -15.23 -0.02
C ARG A 116 -9.74 -14.05 0.36
N TRP A 117 -9.16 -14.15 1.54
CA TRP A 117 -8.27 -13.11 2.02
C TRP A 117 -6.89 -13.34 1.38
N ILE A 118 -6.36 -12.27 0.81
CA ILE A 118 -5.07 -12.33 0.17
C ILE A 118 -4.17 -11.22 0.72
N CYS A 119 -2.99 -11.62 1.17
CA CYS A 119 -2.04 -10.67 1.72
C CYS A 119 -1.05 -10.29 0.62
N HIS A 120 -0.94 -8.99 0.39
CA HIS A 120 -0.04 -8.48 -0.63
C HIS A 120 1.14 -7.76 0.03
N CYS A 121 2.32 -8.32 -0.18
CA CYS A 121 3.53 -7.75 0.40
C CYS A 121 4.30 -7.03 -0.72
N PHE A 122 5.09 -6.06 -0.30
CA PHE A 122 5.88 -5.28 -1.25
C PHE A 122 7.19 -4.80 -0.62
N MET A 123 8.29 -5.26 -1.19
CA MET A 123 9.60 -4.88 -0.70
C MET A 123 10.08 -3.57 -1.32
N ALA A 124 9.86 -2.48 -0.61
CA ALA A 124 10.26 -1.17 -1.09
C ALA A 124 11.65 -1.27 -1.72
N VAL A 125 11.89 -0.40 -2.68
CA VAL A 125 13.17 -0.37 -3.37
C VAL A 125 14.17 0.43 -2.54
N LYS A 126 13.92 1.73 -2.47
CA LYS A 126 14.79 2.63 -1.72
C LYS A 126 13.94 3.46 -0.75
N ASP A 127 13.04 2.77 -0.07
CA ASP A 127 12.16 3.43 0.88
C ASP A 127 11.85 2.48 2.03
N THR A 128 11.18 3.02 3.04
CA THR A 128 10.81 2.23 4.20
C THR A 128 9.30 1.99 4.23
N GLY A 129 8.93 0.82 4.71
CA GLY A 129 7.53 0.45 4.80
C GLY A 129 6.70 1.63 5.30
N GLU A 130 7.23 2.31 6.31
CA GLU A 130 6.55 3.45 6.89
C GLU A 130 5.86 4.27 5.80
N ARG A 131 6.67 4.81 4.91
CA ARG A 131 6.15 5.62 3.81
C ARG A 131 5.04 4.87 3.08
N LEU A 132 5.33 3.63 2.74
CA LEU A 132 4.36 2.80 2.04
C LEU A 132 3.08 2.72 2.87
N SER A 133 3.26 2.64 4.18
CA SER A 133 2.12 2.56 5.09
C SER A 133 1.38 3.89 5.12
N HIS A 134 2.07 4.93 4.68
CA HIS A 134 1.49 6.26 4.64
C HIS A 134 0.60 6.40 3.41
N ALA A 135 1.23 6.26 2.25
CA ALA A 135 0.50 6.37 1.00
C ALA A 135 -0.81 5.60 1.10
N VAL A 136 -0.70 4.35 1.48
CA VAL A 136 -1.87 3.49 1.63
C VAL A 136 -2.82 4.11 2.65
N GLY A 137 -2.23 4.76 3.65
CA GLY A 137 -3.00 5.39 4.70
C GLY A 137 -3.52 6.76 4.24
N CYS A 138 -3.06 7.18 3.08
CA CYS A 138 -3.47 8.45 2.52
C CYS A 138 -4.78 8.25 1.76
N ALA A 139 -4.71 7.40 0.75
CA ALA A 139 -5.88 7.10 -0.06
C ALA A 139 -7.07 6.78 0.84
N PHE A 140 -6.78 5.97 1.86
CA PHE A 140 -7.81 5.57 2.81
C PHE A 140 -8.54 6.79 3.37
N ALA A 141 -7.78 7.63 4.07
CA ALA A 141 -8.35 8.83 4.66
C ALA A 141 -9.16 9.58 3.59
N ALA A 142 -8.74 9.41 2.35
CA ALA A 142 -9.42 10.06 1.24
C ALA A 142 -10.70 9.29 0.90
N CYS A 143 -10.50 8.10 0.36
CA CYS A 143 -11.64 7.25 -0.01
C CYS A 143 -12.65 7.27 1.14
N LEU A 144 -12.13 7.17 2.36
CA LEU A 144 -12.98 7.18 3.53
C LEU A 144 -13.60 8.56 3.69
N GLU A 145 -12.79 9.58 3.43
CA GLU A 145 -13.25 10.95 3.54
C GLU A 145 -14.56 11.14 2.77
N ARG A 146 -14.80 10.22 1.85
CA ARG A 146 -16.01 10.27 1.04
C ARG A 146 -17.17 9.62 1.79
N LYS A 147 -16.82 8.72 2.69
CA LYS A 147 -17.83 8.02 3.48
C LYS A 147 -17.93 8.66 4.86
N GLN A 148 -16.76 8.92 5.44
CA GLN A 148 -16.70 9.53 6.76
C GLN A 148 -16.20 10.97 6.66
N LYS A 149 -16.20 11.65 7.80
CA LYS A 149 -15.75 13.03 7.84
C LYS A 149 -14.34 13.07 8.43
N ARG A 150 -13.75 14.26 8.41
CA ARG A 150 -12.42 14.45 8.93
C ARG A 150 -12.44 15.41 10.12
N SER A 151 -11.73 15.03 11.18
CA SER A 151 -11.67 15.84 12.38
C SER A 151 -10.61 15.29 13.33
N GLY A 152 -9.42 15.88 13.24
CA GLY A 152 -8.32 15.44 14.09
C GLY A 152 -6.97 15.72 13.41
N PRO A 153 -6.20 16.65 14.02
CA PRO A 153 -4.89 17.01 13.48
C PRO A 153 -3.86 15.91 13.77
N SER A 154 -2.68 16.10 13.21
CA SER A 154 -1.60 15.14 13.41
C SER A 154 -0.29 15.71 12.86
N SER A 155 0.31 16.58 13.66
CA SER A 155 1.58 17.20 13.28
C SER A 155 2.73 16.60 14.08
N GLY A 156 3.17 15.43 13.64
CA GLY A 156 4.27 14.75 14.31
C GLY A 156 3.80 13.41 14.88
N GLY A 1 -20.18 15.71 -6.82
CA GLY A 1 -19.21 15.59 -5.75
C GLY A 1 -18.05 16.56 -5.95
N SER A 2 -17.21 16.64 -4.94
CA SER A 2 -16.06 17.52 -4.98
C SER A 2 -14.77 16.75 -4.69
N SER A 3 -13.69 17.17 -5.33
CA SER A 3 -12.41 16.52 -5.15
C SER A 3 -11.29 17.57 -5.15
N GLY A 4 -10.91 17.98 -6.35
CA GLY A 4 -9.86 18.97 -6.50
C GLY A 4 -10.12 20.19 -5.61
N SER A 5 -9.04 20.88 -5.28
CA SER A 5 -9.13 22.06 -4.44
C SER A 5 -7.75 22.44 -3.91
N SER A 6 -7.13 21.47 -3.26
CA SER A 6 -5.80 21.69 -2.70
C SER A 6 -4.80 21.98 -3.81
N GLY A 7 -4.06 23.07 -3.62
CA GLY A 7 -3.07 23.47 -4.61
C GLY A 7 -1.81 22.61 -4.50
N ALA A 8 -0.84 23.13 -3.77
CA ALA A 8 0.41 22.42 -3.58
C ALA A 8 1.32 23.22 -2.63
N SER A 9 2.19 22.51 -1.94
CA SER A 9 3.10 23.13 -1.01
C SER A 9 4.43 22.37 -0.97
N ARG A 10 5.20 22.54 -2.04
CA ARG A 10 6.49 21.87 -2.14
C ARG A 10 6.31 20.35 -1.99
N PRO A 11 7.36 19.61 -2.42
CA PRO A 11 7.34 18.16 -2.34
C PRO A 11 7.54 17.69 -0.90
N HIS A 12 7.91 16.42 -0.77
CA HIS A 12 8.14 15.83 0.53
C HIS A 12 8.47 14.35 0.38
N GLN A 13 8.43 13.64 1.50
CA GLN A 13 8.72 12.21 1.51
C GLN A 13 7.44 11.41 1.76
N TRP A 14 6.58 11.97 2.60
CA TRP A 14 5.33 11.32 2.94
C TRP A 14 4.20 12.16 2.33
N GLN A 15 4.27 13.45 2.56
CA GLN A 15 3.26 14.36 2.05
C GLN A 15 3.11 14.21 0.54
N THR A 16 4.25 13.97 -0.11
CA THR A 16 4.27 13.79 -1.55
C THR A 16 3.35 12.63 -1.95
N ASP A 17 3.16 11.72 -1.00
CA ASP A 17 2.32 10.55 -1.25
C ASP A 17 0.87 10.89 -0.89
N GLU A 18 0.70 12.04 -0.26
CA GLU A 18 -0.63 12.49 0.14
C GLU A 18 -1.22 13.41 -0.93
N GLU A 19 -0.36 13.88 -1.82
CA GLU A 19 -0.77 14.76 -2.88
C GLU A 19 -1.08 13.95 -4.15
N GLY A 20 -0.22 12.97 -4.41
CA GLY A 20 -0.38 12.13 -5.58
C GLY A 20 -1.60 11.20 -5.44
N VAL A 21 -2.21 11.28 -4.26
CA VAL A 21 -3.38 10.45 -3.97
C VAL A 21 -4.64 11.28 -4.21
N ARG A 22 -4.46 12.59 -4.24
CA ARG A 22 -5.58 13.50 -4.45
C ARG A 22 -5.64 13.93 -5.92
N THR A 23 -4.49 13.85 -6.57
CA THR A 23 -4.40 14.23 -7.97
C THR A 23 -4.30 12.99 -8.85
N GLY A 24 -3.62 11.98 -8.32
CA GLY A 24 -3.44 10.73 -9.04
C GLY A 24 -2.01 10.62 -9.59
N LYS A 25 -1.06 10.49 -8.69
CA LYS A 25 0.33 10.38 -9.07
C LYS A 25 1.17 10.02 -7.84
N CYS A 26 0.56 9.25 -6.95
CA CYS A 26 1.24 8.84 -5.73
C CYS A 26 1.75 7.41 -5.94
N SER A 27 2.88 7.32 -6.63
CA SER A 27 3.49 6.04 -6.91
C SER A 27 4.99 6.09 -6.58
N PHE A 28 5.50 4.98 -6.08
CA PHE A 28 6.90 4.89 -5.72
C PHE A 28 7.49 3.55 -6.18
N PRO A 29 8.85 3.50 -6.20
CA PRO A 29 9.55 2.29 -6.60
C PRO A 29 9.50 1.23 -5.50
N VAL A 30 8.86 0.12 -5.82
CA VAL A 30 8.74 -0.98 -4.88
C VAL A 30 8.90 -2.31 -5.61
N LYS A 31 8.84 -3.39 -4.84
CA LYS A 31 8.97 -4.72 -5.41
C LYS A 31 7.74 -5.55 -5.03
N TYR A 32 7.33 -6.39 -5.97
CA TYR A 32 6.18 -7.25 -5.75
C TYR A 32 6.60 -8.64 -5.26
N LEU A 33 6.41 -8.86 -3.97
CA LEU A 33 6.77 -10.14 -3.37
C LEU A 33 5.78 -11.21 -3.83
N GLY A 34 4.50 -10.86 -3.74
CA GLY A 34 3.44 -11.78 -4.13
C GLY A 34 2.23 -11.65 -3.21
N HIS A 35 1.44 -12.73 -3.17
CA HIS A 35 0.26 -12.75 -2.34
C HIS A 35 0.25 -14.02 -1.50
N VAL A 36 -0.16 -13.87 -0.24
CA VAL A 36 -0.22 -15.00 0.67
C VAL A 36 -1.60 -15.03 1.33
N GLU A 37 -1.91 -16.19 1.90
CA GLU A 37 -3.19 -16.38 2.56
C GLU A 37 -3.08 -15.99 4.03
N VAL A 38 -4.12 -15.33 4.52
CA VAL A 38 -4.16 -14.90 5.90
C VAL A 38 -5.21 -15.72 6.66
N ASP A 39 -5.38 -15.39 7.93
CA ASP A 39 -6.35 -16.07 8.76
C ASP A 39 -7.16 -15.04 9.55
N GLU A 40 -6.45 -14.06 10.09
CA GLU A 40 -7.09 -13.02 10.87
C GLU A 40 -7.62 -11.91 9.94
N SER A 41 -6.78 -11.52 9.01
CA SER A 41 -7.15 -10.49 8.05
C SER A 41 -6.85 -9.10 8.64
N ARG A 42 -6.31 -9.12 9.86
CA ARG A 42 -5.97 -7.88 10.53
C ARG A 42 -4.97 -8.15 11.66
N GLY A 43 -3.84 -7.48 11.56
CA GLY A 43 -2.79 -7.63 12.55
C GLY A 43 -1.41 -7.33 11.96
N MET A 44 -0.67 -6.48 12.66
CA MET A 44 0.65 -6.09 12.21
C MET A 44 1.56 -7.33 12.09
N HIS A 45 1.25 -8.33 12.88
CA HIS A 45 2.03 -9.57 12.87
C HIS A 45 1.69 -10.38 11.61
N ILE A 46 0.60 -9.97 10.96
CA ILE A 46 0.15 -10.65 9.76
C ILE A 46 1.07 -10.27 8.60
N CYS A 47 1.14 -8.97 8.35
CA CYS A 47 1.98 -8.47 7.27
C CYS A 47 3.36 -9.12 7.38
N GLU A 48 3.88 -9.13 8.60
CA GLU A 48 5.18 -9.72 8.85
C GLU A 48 5.18 -11.20 8.48
N ASP A 49 4.27 -11.94 9.12
CA ASP A 49 4.16 -13.36 8.86
C ASP A 49 3.99 -13.59 7.35
N ALA A 50 3.41 -12.59 6.70
CA ALA A 50 3.19 -12.68 5.26
C ALA A 50 4.53 -12.71 4.54
N VAL A 51 5.28 -11.63 4.69
CA VAL A 51 6.58 -11.53 4.06
C VAL A 51 7.38 -12.80 4.33
N LYS A 52 7.62 -13.06 5.61
CA LYS A 52 8.37 -14.23 6.01
C LYS A 52 7.92 -15.43 5.17
N ARG A 53 6.61 -15.58 5.08
CA ARG A 53 6.04 -16.69 4.32
C ARG A 53 6.66 -16.74 2.92
N LEU A 54 6.53 -15.63 2.20
CA LEU A 54 7.08 -15.54 0.86
C LEU A 54 8.60 -15.77 0.92
N LYS A 55 9.19 -15.32 2.02
CA LYS A 55 10.62 -15.47 2.20
C LYS A 55 10.97 -16.95 2.30
N ALA A 56 9.99 -17.74 2.72
CA ALA A 56 10.17 -19.16 2.86
C ALA A 56 9.58 -19.88 1.65
N THR A 57 8.66 -19.18 0.99
CA THR A 57 8.00 -19.73 -0.19
C THR A 57 9.00 -19.85 -1.35
N GLY A 58 10.13 -19.18 -1.18
CA GLY A 58 11.16 -19.21 -2.20
C GLY A 58 10.65 -18.61 -3.51
N LYS A 59 10.30 -17.34 -3.45
CA LYS A 59 9.79 -16.64 -4.62
C LYS A 59 10.81 -15.60 -5.07
N LYS A 60 10.30 -14.50 -5.63
CA LYS A 60 11.15 -13.43 -6.10
C LYS A 60 10.34 -12.14 -6.18
N ALA A 61 11.06 -11.03 -6.13
CA ALA A 61 10.42 -9.72 -6.19
C ALA A 61 10.61 -9.13 -7.59
N VAL A 62 9.56 -8.48 -8.07
CA VAL A 62 9.59 -7.87 -9.38
C VAL A 62 9.87 -6.37 -9.24
N LYS A 63 10.32 -5.79 -10.33
CA LYS A 63 10.63 -4.36 -10.35
C LYS A 63 9.47 -3.60 -11.00
N ALA A 64 8.57 -3.12 -10.16
CA ALA A 64 7.42 -2.37 -10.63
C ALA A 64 7.19 -1.15 -9.74
N VAL A 65 6.33 -0.26 -10.21
CA VAL A 65 6.03 0.95 -9.47
C VAL A 65 4.65 0.80 -8.80
N LEU A 66 4.65 0.97 -7.49
CA LEU A 66 3.42 0.85 -6.73
C LEU A 66 2.72 2.22 -6.70
N TRP A 67 1.54 2.25 -7.32
CA TRP A 67 0.76 3.47 -7.37
C TRP A 67 -0.25 3.43 -6.24
N VAL A 68 -0.54 4.61 -5.70
CA VAL A 68 -1.48 4.73 -4.60
C VAL A 68 -2.51 5.81 -4.93
N SER A 69 -3.77 5.42 -4.89
CA SER A 69 -4.85 6.35 -5.18
C SER A 69 -6.06 6.05 -4.28
N ALA A 70 -6.93 7.05 -4.16
CA ALA A 70 -8.12 6.90 -3.34
C ALA A 70 -8.92 5.69 -3.82
N ASP A 71 -8.73 5.37 -5.10
CA ASP A 71 -9.43 4.24 -5.69
C ASP A 71 -8.76 2.94 -5.27
N GLY A 72 -7.62 3.10 -4.62
CA GLY A 72 -6.85 1.94 -4.15
C GLY A 72 -5.40 2.03 -4.58
N LEU A 73 -4.89 0.92 -5.10
CA LEU A 73 -3.52 0.85 -5.56
C LEU A 73 -3.49 0.32 -6.99
N ARG A 74 -2.29 0.31 -7.56
CA ARG A 74 -2.11 -0.17 -8.91
C ARG A 74 -0.64 -0.58 -9.14
N VAL A 75 -0.44 -1.89 -9.20
CA VAL A 75 0.90 -2.43 -9.41
C VAL A 75 1.23 -2.39 -10.90
N VAL A 76 1.87 -1.29 -11.30
CA VAL A 76 2.24 -1.11 -12.69
C VAL A 76 3.55 -1.85 -12.95
N ASP A 77 3.75 -2.21 -14.21
CA ASP A 77 4.97 -2.92 -14.61
C ASP A 77 5.93 -1.93 -15.27
N GLU A 78 6.95 -1.56 -14.51
CA GLU A 78 7.95 -0.63 -15.00
C GLU A 78 8.28 -0.93 -16.47
N LYS A 79 8.14 -2.20 -16.82
CA LYS A 79 8.42 -2.64 -18.18
C LYS A 79 7.81 -1.63 -19.17
N THR A 80 6.49 -1.71 -19.31
CA THR A 80 5.78 -0.82 -20.21
C THR A 80 4.74 -0.01 -19.45
N LYS A 81 4.92 0.05 -18.14
CA LYS A 81 4.00 0.78 -17.29
C LYS A 81 2.65 0.06 -17.25
N ASP A 82 2.63 -1.12 -17.86
CA ASP A 82 1.42 -1.91 -17.91
C ASP A 82 0.87 -2.07 -16.49
N LEU A 83 -0.26 -2.77 -16.41
CA LEU A 83 -0.91 -2.99 -15.12
C LEU A 83 -0.71 -4.45 -14.71
N ILE A 84 -0.10 -4.62 -13.55
CA ILE A 84 0.15 -5.95 -13.03
C ILE A 84 -1.02 -6.39 -12.15
N VAL A 85 -1.39 -5.50 -11.25
CA VAL A 85 -2.50 -5.77 -10.34
C VAL A 85 -3.30 -4.49 -10.12
N ASP A 86 -4.58 -4.68 -9.80
CA ASP A 86 -5.46 -3.56 -9.57
C ASP A 86 -6.21 -3.76 -8.25
N GLN A 87 -5.63 -3.23 -7.19
CA GLN A 87 -6.23 -3.36 -5.87
C GLN A 87 -7.04 -2.10 -5.54
N THR A 88 -8.15 -2.31 -4.85
CA THR A 88 -9.03 -1.22 -4.47
C THR A 88 -8.93 -0.96 -2.96
N ILE A 89 -8.95 0.31 -2.61
CA ILE A 89 -8.85 0.71 -1.22
C ILE A 89 -9.99 0.05 -0.43
N GLU A 90 -11.08 -0.20 -1.13
CA GLU A 90 -12.24 -0.83 -0.52
C GLU A 90 -11.84 -2.13 0.16
N LYS A 91 -11.48 -3.11 -0.68
CA LYS A 91 -11.07 -4.41 -0.18
C LYS A 91 -10.09 -4.22 0.98
N VAL A 92 -8.99 -3.55 0.68
CA VAL A 92 -7.97 -3.29 1.69
C VAL A 92 -8.64 -2.95 3.02
N SER A 93 -8.36 -3.77 4.02
CA SER A 93 -8.93 -3.57 5.34
C SER A 93 -7.86 -3.01 6.28
N PHE A 94 -6.69 -3.62 6.26
CA PHE A 94 -5.59 -3.19 7.09
C PHE A 94 -4.26 -3.24 6.34
N CYS A 95 -3.30 -2.50 6.85
CA CYS A 95 -1.98 -2.45 6.23
C CYS A 95 -0.97 -2.05 7.29
N ALA A 96 0.06 -2.87 7.43
CA ALA A 96 1.11 -2.61 8.41
C ALA A 96 2.42 -2.32 7.67
N PRO A 97 3.30 -1.53 8.35
CA PRO A 97 4.59 -1.17 7.79
C PRO A 97 5.56 -2.36 7.84
N ASP A 98 6.29 -2.44 8.94
CA ASP A 98 7.25 -3.51 9.13
C ASP A 98 7.90 -3.36 10.51
N ARG A 99 8.91 -4.20 10.75
CA ARG A 99 9.62 -4.16 12.01
C ARG A 99 10.58 -5.35 12.10
N ASN A 100 11.24 -5.62 10.99
CA ASN A 100 12.19 -6.72 10.93
C ASN A 100 13.10 -6.55 9.71
N PHE A 101 12.47 -6.20 8.59
CA PHE A 101 13.20 -6.00 7.35
C PHE A 101 13.64 -4.54 7.21
N ASP A 102 14.13 -4.22 6.01
CA ASP A 102 14.59 -2.87 5.74
C ASP A 102 13.44 -2.06 5.13
N ARG A 103 12.58 -2.76 4.41
CA ARG A 103 11.44 -2.12 3.77
C ARG A 103 10.49 -3.17 3.21
N ALA A 104 9.68 -3.74 4.10
CA ALA A 104 8.73 -4.76 3.71
C ALA A 104 7.33 -4.34 4.17
N PHE A 105 6.55 -3.82 3.22
CA PHE A 105 5.20 -3.39 3.51
C PHE A 105 4.17 -4.29 2.84
N SER A 106 3.19 -4.70 3.62
CA SER A 106 2.14 -5.58 3.11
C SER A 106 0.79 -5.15 3.69
N TYR A 107 -0.25 -5.36 2.89
CA TYR A 107 -1.60 -5.00 3.31
C TYR A 107 -2.57 -6.16 3.06
N ILE A 108 -3.53 -6.30 3.97
CA ILE A 108 -4.51 -7.35 3.86
C ILE A 108 -5.68 -6.87 3.00
N CYS A 109 -6.25 -7.79 2.24
CA CYS A 109 -7.38 -7.48 1.38
C CYS A 109 -8.15 -8.76 1.10
N ARG A 110 -9.32 -8.59 0.51
CA ARG A 110 -10.17 -9.72 0.17
C ARG A 110 -10.17 -9.97 -1.34
N ASP A 111 -9.38 -10.95 -1.74
CA ASP A 111 -9.27 -11.30 -3.15
C ASP A 111 -10.68 -11.52 -3.72
N GLY A 112 -10.80 -11.32 -5.02
CA GLY A 112 -12.07 -11.51 -5.69
C GLY A 112 -12.05 -12.73 -6.61
N THR A 113 -10.84 -13.27 -6.77
CA THR A 113 -10.67 -14.45 -7.61
C THR A 113 -10.64 -15.72 -6.76
N THR A 114 -9.80 -15.69 -5.74
CA THR A 114 -9.68 -16.83 -4.84
C THR A 114 -10.92 -16.94 -3.95
N ARG A 115 -11.60 -15.82 -3.79
CA ARG A 115 -12.80 -15.78 -2.97
C ARG A 115 -12.44 -15.97 -1.50
N ARG A 116 -11.33 -15.36 -1.11
CA ARG A 116 -10.86 -15.46 0.26
C ARG A 116 -10.06 -14.21 0.63
N TRP A 117 -9.42 -14.28 1.80
CA TRP A 117 -8.61 -13.18 2.28
C TRP A 117 -7.18 -13.41 1.80
N ILE A 118 -6.61 -12.36 1.21
CA ILE A 118 -5.25 -12.44 0.70
C ILE A 118 -4.48 -11.19 1.14
N CYS A 119 -3.19 -11.37 1.36
CA CYS A 119 -2.34 -10.27 1.79
C CYS A 119 -1.28 -10.05 0.71
N HIS A 120 -1.06 -8.78 0.39
CA HIS A 120 -0.09 -8.41 -0.62
C HIS A 120 1.11 -7.73 0.04
N CYS A 121 2.27 -8.32 -0.18
CA CYS A 121 3.51 -7.79 0.39
C CYS A 121 4.26 -7.05 -0.71
N PHE A 122 5.07 -6.09 -0.28
CA PHE A 122 5.85 -5.30 -1.22
C PHE A 122 7.17 -4.85 -0.58
N MET A 123 8.26 -5.15 -1.29
CA MET A 123 9.58 -4.78 -0.81
C MET A 123 10.05 -3.47 -1.44
N ALA A 124 9.87 -2.39 -0.69
CA ALA A 124 10.27 -1.08 -1.16
C ALA A 124 11.63 -1.18 -1.86
N VAL A 125 11.91 -0.19 -2.70
CA VAL A 125 13.15 -0.16 -3.43
C VAL A 125 14.15 0.74 -2.70
N LYS A 126 13.83 2.02 -2.67
CA LYS A 126 14.69 2.99 -2.01
C LYS A 126 13.90 3.68 -0.89
N ASP A 127 12.63 3.34 -0.82
CA ASP A 127 11.75 3.91 0.19
C ASP A 127 11.65 2.94 1.38
N THR A 128 10.96 3.41 2.41
CA THR A 128 10.78 2.59 3.60
C THR A 128 9.31 2.16 3.74
N GLY A 129 9.12 0.92 4.15
CA GLY A 129 7.79 0.38 4.32
C GLY A 129 6.87 1.39 5.00
N GLU A 130 7.49 2.21 5.85
CA GLU A 130 6.73 3.22 6.57
C GLU A 130 6.06 4.19 5.60
N ARG A 131 6.86 4.69 4.66
CA ARG A 131 6.36 5.62 3.67
C ARG A 131 5.22 4.99 2.87
N LEU A 132 5.34 3.68 2.68
CA LEU A 132 4.33 2.94 1.94
C LEU A 132 3.03 2.90 2.74
N SER A 133 3.18 2.69 4.04
CA SER A 133 2.03 2.63 4.93
C SER A 133 1.31 3.98 4.94
N HIS A 134 2.05 5.02 4.59
CA HIS A 134 1.50 6.36 4.56
C HIS A 134 0.68 6.55 3.28
N ALA A 135 1.31 6.22 2.15
CA ALA A 135 0.65 6.34 0.87
C ALA A 135 -0.65 5.54 0.88
N VAL A 136 -0.51 4.27 1.22
CA VAL A 136 -1.67 3.39 1.28
C VAL A 136 -2.64 3.90 2.34
N GLY A 137 -2.08 4.53 3.37
CA GLY A 137 -2.88 5.06 4.45
C GLY A 137 -3.43 6.44 4.09
N CYS A 138 -2.97 6.95 2.96
CA CYS A 138 -3.40 8.26 2.50
C CYS A 138 -4.71 8.09 1.72
N ALA A 139 -4.67 7.18 0.76
CA ALA A 139 -5.84 6.91 -0.06
C ALA A 139 -6.99 6.47 0.85
N PHE A 140 -6.66 5.62 1.80
CA PHE A 140 -7.65 5.11 2.73
C PHE A 140 -8.40 6.25 3.41
N ALA A 141 -7.62 7.19 3.95
CA ALA A 141 -8.20 8.34 4.64
C ALA A 141 -9.04 9.15 3.65
N ALA A 142 -8.53 9.25 2.44
CA ALA A 142 -9.23 9.99 1.39
C ALA A 142 -10.53 9.26 1.04
N CYS A 143 -10.39 7.98 0.78
CA CYS A 143 -11.54 7.16 0.43
C CYS A 143 -12.53 7.20 1.59
N LEU A 144 -12.01 6.92 2.77
CA LEU A 144 -12.83 6.92 3.97
C LEU A 144 -13.45 8.31 4.17
N GLU A 145 -12.73 9.30 3.66
CA GLU A 145 -13.20 10.68 3.78
C GLU A 145 -14.49 10.87 2.99
N ARG A 146 -14.70 9.98 2.02
CA ARG A 146 -15.89 10.05 1.19
C ARG A 146 -16.96 9.09 1.73
N LYS A 147 -16.50 8.07 2.42
CA LYS A 147 -17.40 7.09 3.00
C LYS A 147 -17.82 7.54 4.40
N GLN A 148 -16.81 7.74 5.24
CA GLN A 148 -17.06 8.17 6.61
C GLN A 148 -17.86 9.48 6.61
N LYS A 149 -17.12 10.58 6.54
CA LYS A 149 -17.75 11.90 6.54
C LYS A 149 -17.16 12.73 5.39
N ARG A 150 -18.03 13.06 4.44
CA ARG A 150 -17.61 13.86 3.31
C ARG A 150 -16.94 15.15 3.77
N SER A 151 -16.01 15.63 2.96
CA SER A 151 -15.29 16.85 3.27
C SER A 151 -14.04 16.96 2.41
N GLY A 152 -14.04 17.92 1.51
CA GLY A 152 -12.91 18.13 0.63
C GLY A 152 -11.85 18.99 1.30
N PRO A 153 -10.62 18.39 1.42
CA PRO A 153 -9.51 19.09 2.05
C PRO A 153 -8.94 20.16 1.12
N SER A 154 -8.01 20.93 1.65
CA SER A 154 -7.37 21.99 0.89
C SER A 154 -6.23 22.61 1.69
N SER A 155 -5.12 21.88 1.74
CA SER A 155 -3.96 22.35 2.46
C SER A 155 -3.74 23.84 2.20
N GLY A 156 -3.63 24.17 0.92
CA GLY A 156 -3.41 25.55 0.53
C GLY A 156 -2.21 25.67 -0.41
N GLY A 1 -14.57 13.50 1.91
CA GLY A 1 -13.73 13.38 0.73
C GLY A 1 -12.53 14.32 0.80
N SER A 2 -12.51 15.28 -0.11
CA SER A 2 -11.44 16.25 -0.17
C SER A 2 -11.31 16.96 1.18
N SER A 3 -10.19 17.66 1.34
CA SER A 3 -9.95 18.39 2.57
C SER A 3 -9.50 19.82 2.25
N GLY A 4 -8.39 19.92 1.53
CA GLY A 4 -7.86 21.22 1.15
C GLY A 4 -6.34 21.25 1.32
N SER A 5 -5.85 22.40 1.76
CA SER A 5 -4.43 22.58 1.97
C SER A 5 -4.00 21.94 3.29
N SER A 6 -2.69 21.89 3.50
CA SER A 6 -2.14 21.30 4.71
C SER A 6 -1.32 22.33 5.47
N GLY A 7 -0.86 21.94 6.64
CA GLY A 7 -0.06 22.82 7.47
C GLY A 7 1.43 22.63 7.18
N ALA A 8 2.25 23.15 8.09
CA ALA A 8 3.69 23.04 7.95
C ALA A 8 4.27 22.31 9.16
N SER A 9 4.67 21.06 8.91
CA SER A 9 5.24 20.24 9.97
C SER A 9 5.78 18.93 9.38
N ARG A 10 6.64 18.30 10.15
CA ARG A 10 7.23 17.03 9.72
C ARG A 10 7.92 17.20 8.36
N PRO A 11 8.76 16.20 8.01
CA PRO A 11 9.48 16.22 6.76
C PRO A 11 8.55 15.89 5.59
N HIS A 12 9.16 15.52 4.47
CA HIS A 12 8.40 15.18 3.28
C HIS A 12 8.53 13.69 3.00
N GLN A 13 8.14 13.30 1.79
CA GLN A 13 8.22 11.90 1.39
C GLN A 13 6.93 11.18 1.79
N TRP A 14 6.21 11.78 2.72
CA TRP A 14 4.97 11.20 3.19
C TRP A 14 3.81 12.02 2.62
N GLN A 15 3.78 13.29 3.00
CA GLN A 15 2.74 14.18 2.54
C GLN A 15 2.57 14.07 1.02
N THR A 16 3.71 14.02 0.34
CA THR A 16 3.70 13.90 -1.11
C THR A 16 2.76 12.78 -1.55
N ASP A 17 2.82 11.68 -0.83
CA ASP A 17 1.98 10.53 -1.14
C ASP A 17 0.52 10.89 -0.88
N GLU A 18 0.33 11.83 0.03
CA GLU A 18 -1.02 12.28 0.37
C GLU A 18 -1.63 13.07 -0.79
N GLU A 19 -0.76 13.51 -1.69
CA GLU A 19 -1.19 14.27 -2.84
C GLU A 19 -1.38 13.35 -4.05
N GLY A 20 -0.27 12.76 -4.48
CA GLY A 20 -0.31 11.86 -5.62
C GLY A 20 -1.51 10.91 -5.54
N VAL A 21 -2.00 10.74 -4.32
CA VAL A 21 -3.13 9.86 -4.09
C VAL A 21 -4.42 10.58 -4.53
N ARG A 22 -4.56 11.80 -4.05
CA ARG A 22 -5.74 12.60 -4.38
C ARG A 22 -5.60 13.18 -5.80
N THR A 23 -4.37 13.46 -6.17
CA THR A 23 -4.09 14.02 -7.49
C THR A 23 -3.94 12.89 -8.51
N GLY A 24 -2.83 12.17 -8.40
CA GLY A 24 -2.56 11.08 -9.32
C GLY A 24 -1.07 10.99 -9.64
N LYS A 25 -0.28 10.79 -8.60
CA LYS A 25 1.16 10.68 -8.75
C LYS A 25 1.79 10.24 -7.44
N CYS A 26 1.13 9.28 -6.80
CA CYS A 26 1.61 8.76 -5.53
C CYS A 26 2.16 7.35 -5.76
N SER A 27 3.15 7.28 -6.63
CA SER A 27 3.77 6.01 -6.95
C SER A 27 5.27 6.05 -6.62
N PHE A 28 5.80 4.89 -6.25
CA PHE A 28 7.20 4.79 -5.90
C PHE A 28 7.77 3.44 -6.34
N PRO A 29 9.13 3.36 -6.32
CA PRO A 29 9.82 2.14 -6.72
C PRO A 29 9.71 1.08 -5.63
N VAL A 30 9.01 0.00 -5.96
CA VAL A 30 8.83 -1.09 -5.02
C VAL A 30 8.78 -2.42 -5.79
N LYS A 31 9.26 -3.47 -5.12
CA LYS A 31 9.28 -4.78 -5.72
C LYS A 31 8.07 -5.58 -5.25
N TYR A 32 7.48 -6.33 -6.18
CA TYR A 32 6.31 -7.13 -5.87
C TYR A 32 6.72 -8.52 -5.37
N LEU A 33 6.35 -8.81 -4.14
CA LEU A 33 6.68 -10.10 -3.54
C LEU A 33 5.64 -11.13 -3.99
N GLY A 34 4.38 -10.78 -3.79
CA GLY A 34 3.29 -11.67 -4.16
C GLY A 34 2.09 -11.49 -3.23
N HIS A 35 1.32 -12.56 -3.09
CA HIS A 35 0.14 -12.53 -2.24
C HIS A 35 0.10 -13.79 -1.37
N VAL A 36 -0.37 -13.62 -0.15
CA VAL A 36 -0.47 -14.72 0.78
C VAL A 36 -1.80 -14.65 1.53
N GLU A 37 -2.32 -15.82 1.86
CA GLU A 37 -3.58 -15.90 2.57
C GLU A 37 -3.35 -15.71 4.08
N VAL A 38 -3.90 -14.62 4.59
CA VAL A 38 -3.77 -14.31 6.00
C VAL A 38 -4.46 -15.39 6.83
N ASP A 39 -4.58 -15.13 8.12
CA ASP A 39 -5.23 -16.07 9.03
C ASP A 39 -6.23 -15.33 9.90
N GLU A 40 -5.79 -14.16 10.39
CA GLU A 40 -6.64 -13.35 11.25
C GLU A 40 -7.26 -12.20 10.44
N SER A 41 -6.52 -11.76 9.44
CA SER A 41 -6.99 -10.68 8.58
C SER A 41 -6.69 -9.33 9.25
N ARG A 42 -6.07 -9.41 10.42
CA ARG A 42 -5.73 -8.21 11.17
C ARG A 42 -4.62 -8.50 12.16
N GLY A 43 -3.63 -7.60 12.18
CA GLY A 43 -2.50 -7.76 13.08
C GLY A 43 -1.21 -7.24 12.43
N MET A 44 -0.56 -6.32 13.13
CA MET A 44 0.68 -5.74 12.64
C MET A 44 1.73 -6.83 12.41
N HIS A 45 1.60 -7.91 13.16
CA HIS A 45 2.53 -9.02 13.04
C HIS A 45 2.12 -9.92 11.89
N ILE A 46 0.91 -9.69 11.39
CA ILE A 46 0.39 -10.47 10.29
C ILE A 46 1.08 -10.03 9.00
N CYS A 47 0.90 -8.76 8.68
CA CYS A 47 1.50 -8.20 7.47
C CYS A 47 2.91 -8.77 7.32
N GLU A 48 3.72 -8.55 8.35
CA GLU A 48 5.09 -9.04 8.35
C GLU A 48 5.11 -10.55 8.12
N ASP A 49 4.35 -11.25 8.96
CA ASP A 49 4.28 -12.70 8.86
C ASP A 49 4.14 -13.10 7.38
N ALA A 50 3.47 -12.25 6.63
CA ALA A 50 3.26 -12.50 5.22
C ALA A 50 4.61 -12.58 4.52
N VAL A 51 5.34 -11.47 4.55
CA VAL A 51 6.65 -11.42 3.93
C VAL A 51 7.39 -12.73 4.18
N LYS A 52 7.67 -12.99 5.44
CA LYS A 52 8.36 -14.21 5.82
C LYS A 52 7.82 -15.38 5.00
N ARG A 53 6.51 -15.40 4.85
CA ARG A 53 5.85 -16.45 4.09
C ARG A 53 6.43 -16.52 2.67
N LEU A 54 6.34 -15.39 1.99
CA LEU A 54 6.85 -15.31 0.62
C LEU A 54 8.36 -15.52 0.62
N LYS A 55 8.94 -15.36 1.81
CA LYS A 55 10.37 -15.53 1.97
C LYS A 55 10.70 -17.02 2.06
N ALA A 56 9.69 -17.79 2.44
CA ALA A 56 9.86 -19.22 2.59
C ALA A 56 9.23 -19.92 1.38
N THR A 57 8.47 -19.15 0.62
CA THR A 57 7.82 -19.68 -0.56
C THR A 57 8.84 -19.98 -1.66
N GLY A 58 10.00 -19.36 -1.54
CA GLY A 58 11.06 -19.56 -2.50
C GLY A 58 10.69 -18.97 -3.86
N LYS A 59 10.52 -17.66 -3.88
CA LYS A 59 10.16 -16.96 -5.10
C LYS A 59 11.13 -15.81 -5.33
N LYS A 60 10.62 -14.76 -5.97
CA LYS A 60 11.44 -13.60 -6.26
C LYS A 60 10.54 -12.35 -6.33
N ALA A 61 11.18 -11.20 -6.23
CA ALA A 61 10.45 -9.94 -6.28
C ALA A 61 10.64 -9.30 -7.66
N VAL A 62 9.54 -8.83 -8.22
CA VAL A 62 9.55 -8.20 -9.52
C VAL A 62 9.77 -6.69 -9.35
N LYS A 63 10.39 -6.10 -10.36
CA LYS A 63 10.66 -4.67 -10.34
C LYS A 63 9.51 -3.93 -11.03
N ALA A 64 8.72 -3.25 -10.23
CA ALA A 64 7.59 -2.49 -10.74
C ALA A 64 7.36 -1.26 -9.88
N VAL A 65 6.51 -0.37 -10.37
CA VAL A 65 6.20 0.86 -9.66
C VAL A 65 4.83 0.71 -8.97
N LEU A 66 4.85 0.88 -7.66
CA LEU A 66 3.63 0.77 -6.88
C LEU A 66 2.93 2.14 -6.85
N TRP A 67 1.74 2.16 -7.43
CA TRP A 67 0.95 3.39 -7.47
C TRP A 67 -0.07 3.33 -6.33
N VAL A 68 -0.39 4.52 -5.81
CA VAL A 68 -1.36 4.62 -4.73
C VAL A 68 -2.37 5.71 -5.06
N SER A 69 -3.63 5.31 -5.11
CA SER A 69 -4.70 6.24 -5.42
C SER A 69 -5.91 5.96 -4.52
N ALA A 70 -6.71 6.99 -4.33
CA ALA A 70 -7.90 6.87 -3.50
C ALA A 70 -8.77 5.74 -4.03
N ASP A 71 -8.64 5.48 -5.32
CA ASP A 71 -9.41 4.43 -5.96
C ASP A 71 -8.77 3.08 -5.64
N GLY A 72 -7.62 3.13 -4.99
CA GLY A 72 -6.91 1.92 -4.61
C GLY A 72 -5.44 2.00 -5.03
N LEU A 73 -4.85 0.83 -5.23
CA LEU A 73 -3.46 0.75 -5.64
C LEU A 73 -3.38 0.25 -7.08
N ARG A 74 -2.16 0.25 -7.61
CA ARG A 74 -1.94 -0.20 -8.98
C ARG A 74 -0.48 -0.62 -9.17
N VAL A 75 -0.31 -1.92 -9.39
CA VAL A 75 1.03 -2.45 -9.58
C VAL A 75 1.39 -2.39 -11.07
N VAL A 76 2.07 -1.32 -11.44
CA VAL A 76 2.47 -1.14 -12.83
C VAL A 76 3.78 -1.89 -13.08
N ASP A 77 3.98 -2.25 -14.34
CA ASP A 77 5.19 -2.97 -14.72
C ASP A 77 6.17 -2.00 -15.38
N GLU A 78 7.19 -1.63 -14.60
CA GLU A 78 8.20 -0.71 -15.09
C GLU A 78 8.53 -1.01 -16.56
N LYS A 79 8.39 -2.28 -16.91
CA LYS A 79 8.67 -2.71 -18.27
C LYS A 79 8.08 -1.69 -19.26
N THR A 80 6.77 -1.74 -19.40
CA THR A 80 6.08 -0.83 -20.31
C THR A 80 5.07 0.02 -19.54
N LYS A 81 5.25 0.04 -18.22
CA LYS A 81 4.36 0.81 -17.36
C LYS A 81 2.97 0.18 -17.37
N ASP A 82 2.89 -1.00 -17.98
CA ASP A 82 1.63 -1.71 -18.07
C ASP A 82 1.05 -1.88 -16.67
N LEU A 83 -0.02 -2.66 -16.59
CA LEU A 83 -0.68 -2.90 -15.32
C LEU A 83 -0.49 -4.37 -14.93
N ILE A 84 0.16 -4.57 -13.79
CA ILE A 84 0.41 -5.92 -13.30
C ILE A 84 -0.79 -6.38 -12.46
N VAL A 85 -1.21 -5.51 -11.56
CA VAL A 85 -2.33 -5.81 -10.69
C VAL A 85 -3.15 -4.53 -10.45
N ASP A 86 -4.41 -4.73 -10.08
CA ASP A 86 -5.29 -3.60 -9.82
C ASP A 86 -5.96 -3.81 -8.46
N GLN A 87 -5.36 -3.19 -7.45
CA GLN A 87 -5.89 -3.29 -6.10
C GLN A 87 -6.81 -2.10 -5.80
N THR A 88 -7.91 -2.41 -5.12
CA THR A 88 -8.88 -1.38 -4.77
C THR A 88 -8.80 -1.07 -3.27
N ILE A 89 -8.84 0.21 -2.96
CA ILE A 89 -8.78 0.65 -1.58
C ILE A 89 -9.91 -0.03 -0.79
N GLU A 90 -10.90 -0.51 -1.52
CA GLU A 90 -12.04 -1.18 -0.90
C GLU A 90 -11.58 -2.47 -0.23
N LYS A 91 -11.17 -3.42 -1.05
CA LYS A 91 -10.71 -4.71 -0.55
C LYS A 91 -9.82 -4.49 0.68
N VAL A 92 -8.80 -3.67 0.48
CA VAL A 92 -7.87 -3.36 1.57
C VAL A 92 -8.66 -3.11 2.85
N SER A 93 -8.23 -3.77 3.91
CA SER A 93 -8.88 -3.63 5.20
C SER A 93 -7.90 -3.08 6.23
N PHE A 94 -6.68 -3.62 6.19
CA PHE A 94 -5.64 -3.20 7.11
C PHE A 94 -4.29 -3.13 6.41
N CYS A 95 -3.40 -2.32 6.96
CA CYS A 95 -2.07 -2.15 6.41
C CYS A 95 -1.13 -1.68 7.53
N ALA A 96 -0.11 -2.48 7.77
CA ALA A 96 0.86 -2.16 8.80
C ALA A 96 2.26 -2.25 8.22
N PRO A 97 3.20 -1.50 8.85
CA PRO A 97 4.59 -1.49 8.40
C PRO A 97 5.30 -2.76 8.81
N ASP A 98 6.63 -2.71 8.77
CA ASP A 98 7.44 -3.86 9.14
C ASP A 98 8.52 -3.42 10.13
N ARG A 99 9.32 -4.39 10.54
CA ARG A 99 10.40 -4.12 11.48
C ARG A 99 11.58 -5.06 11.24
N ASN A 100 11.25 -6.32 11.05
CA ASN A 100 12.27 -7.34 10.80
C ASN A 100 13.12 -6.90 9.60
N PHE A 101 12.43 -6.46 8.56
CA PHE A 101 13.10 -6.02 7.35
C PHE A 101 13.34 -4.50 7.38
N ASP A 102 13.91 -4.01 6.28
CA ASP A 102 14.19 -2.59 6.17
C ASP A 102 13.17 -1.93 5.24
N ARG A 103 12.71 -2.72 4.28
CA ARG A 103 11.73 -2.23 3.33
C ARG A 103 10.76 -3.35 2.94
N ALA A 104 9.85 -3.65 3.84
CA ALA A 104 8.87 -4.70 3.61
C ALA A 104 7.49 -4.19 4.04
N PHE A 105 6.69 -3.84 3.05
CA PHE A 105 5.34 -3.34 3.30
C PHE A 105 4.29 -4.33 2.79
N SER A 106 3.38 -4.69 3.68
CA SER A 106 2.33 -5.62 3.33
C SER A 106 1.00 -5.16 3.95
N TYR A 107 -0.07 -5.39 3.21
CA TYR A 107 -1.40 -5.01 3.66
C TYR A 107 -2.41 -6.12 3.42
N ILE A 108 -3.41 -6.17 4.28
CA ILE A 108 -4.44 -7.18 4.17
C ILE A 108 -5.63 -6.61 3.39
N CYS A 109 -6.26 -7.49 2.61
CA CYS A 109 -7.40 -7.08 1.81
C CYS A 109 -8.26 -8.32 1.54
N ARG A 110 -9.55 -8.08 1.35
CA ARG A 110 -10.48 -9.17 1.08
C ARG A 110 -10.64 -9.37 -0.43
N ASP A 111 -9.82 -10.26 -0.96
CA ASP A 111 -9.86 -10.57 -2.38
C ASP A 111 -11.30 -10.70 -2.83
N GLY A 112 -11.54 -10.36 -4.09
CA GLY A 112 -12.87 -10.45 -4.66
C GLY A 112 -12.95 -11.54 -5.73
N THR A 113 -11.93 -11.57 -6.58
CA THR A 113 -11.87 -12.55 -7.64
C THR A 113 -11.74 -13.96 -7.06
N THR A 114 -10.86 -14.09 -6.08
CA THR A 114 -10.63 -15.36 -5.44
C THR A 114 -11.70 -15.63 -4.38
N ARG A 115 -12.29 -14.55 -3.90
CA ARG A 115 -13.33 -14.64 -2.89
C ARG A 115 -12.74 -15.14 -1.57
N ARG A 116 -11.73 -14.40 -1.10
CA ARG A 116 -11.08 -14.75 0.15
C ARG A 116 -10.16 -13.61 0.59
N TRP A 117 -9.49 -13.83 1.73
CA TRP A 117 -8.58 -12.84 2.27
C TRP A 117 -7.20 -13.08 1.66
N ILE A 118 -6.65 -12.01 1.08
CA ILE A 118 -5.35 -12.10 0.45
C ILE A 118 -4.50 -10.92 0.91
N CYS A 119 -3.28 -11.23 1.34
CA CYS A 119 -2.36 -10.21 1.82
C CYS A 119 -1.27 -10.01 0.76
N HIS A 120 -1.02 -8.76 0.44
CA HIS A 120 -0.01 -8.43 -0.56
C HIS A 120 1.19 -7.78 0.14
N CYS A 121 2.38 -8.25 -0.25
CA CYS A 121 3.60 -7.73 0.32
C CYS A 121 4.39 -7.01 -0.78
N PHE A 122 5.13 -6.00 -0.37
CA PHE A 122 5.92 -5.22 -1.32
C PHE A 122 7.25 -4.80 -0.68
N MET A 123 8.32 -5.16 -1.37
CA MET A 123 9.67 -4.83 -0.90
C MET A 123 10.14 -3.51 -1.51
N ALA A 124 9.90 -2.43 -0.78
CA ALA A 124 10.30 -1.12 -1.24
C ALA A 124 11.71 -1.19 -1.83
N VAL A 125 11.94 -0.34 -2.83
CA VAL A 125 13.23 -0.30 -3.49
C VAL A 125 14.21 0.51 -2.64
N LYS A 126 13.92 1.81 -2.55
CA LYS A 126 14.76 2.70 -1.78
C LYS A 126 13.91 3.49 -0.80
N ASP A 127 12.98 2.77 -0.16
CA ASP A 127 12.08 3.39 0.80
C ASP A 127 11.82 2.41 1.95
N THR A 128 11.15 2.92 2.97
CA THR A 128 10.83 2.10 4.13
C THR A 128 9.36 1.74 4.13
N GLY A 129 9.08 0.51 4.53
CA GLY A 129 7.71 0.02 4.58
C GLY A 129 6.78 1.07 5.17
N GLU A 130 7.33 1.87 6.08
CA GLU A 130 6.57 2.92 6.73
C GLU A 130 5.90 3.81 5.68
N ARG A 131 6.73 4.52 4.93
CA ARG A 131 6.24 5.41 3.90
C ARG A 131 5.05 4.77 3.16
N LEU A 132 5.29 3.56 2.68
CA LEU A 132 4.25 2.84 1.96
C LEU A 132 2.96 2.85 2.79
N SER A 133 3.11 2.52 4.07
CA SER A 133 1.96 2.49 4.97
C SER A 133 1.20 3.80 4.89
N HIS A 134 1.96 4.89 4.74
CA HIS A 134 1.37 6.21 4.65
C HIS A 134 0.57 6.32 3.35
N ALA A 135 1.24 6.03 2.25
CA ALA A 135 0.60 6.11 0.94
C ALA A 135 -0.69 5.30 0.97
N VAL A 136 -0.55 4.02 1.27
CA VAL A 136 -1.70 3.13 1.34
C VAL A 136 -2.67 3.62 2.42
N GLY A 137 -2.10 4.28 3.42
CA GLY A 137 -2.89 4.82 4.51
C GLY A 137 -3.50 6.17 4.15
N CYS A 138 -3.08 6.67 3.00
CA CYS A 138 -3.57 7.96 2.53
C CYS A 138 -4.86 7.73 1.75
N ALA A 139 -4.74 7.00 0.64
CA ALA A 139 -5.88 6.70 -0.20
C ALA A 139 -7.03 6.18 0.68
N PHE A 140 -6.67 5.30 1.61
CA PHE A 140 -7.66 4.74 2.52
C PHE A 140 -8.43 5.83 3.24
N ALA A 141 -7.69 6.78 3.80
CA ALA A 141 -8.29 7.89 4.52
C ALA A 141 -9.09 8.75 3.55
N ALA A 142 -8.53 8.92 2.36
CA ALA A 142 -9.17 9.72 1.33
C ALA A 142 -10.47 9.04 0.90
N CYS A 143 -10.35 7.76 0.57
CA CYS A 143 -11.51 7.00 0.14
C CYS A 143 -12.53 6.99 1.29
N LEU A 144 -12.03 6.68 2.48
CA LEU A 144 -12.89 6.63 3.65
C LEU A 144 -13.49 8.01 3.89
N GLU A 145 -12.66 9.03 3.71
CA GLU A 145 -13.10 10.40 3.91
C GLU A 145 -14.49 10.60 3.30
N ARG A 146 -14.71 9.94 2.18
CA ARG A 146 -15.98 10.04 1.48
C ARG A 146 -17.09 9.41 2.32
N LYS A 147 -16.74 8.30 2.97
CA LYS A 147 -17.70 7.59 3.80
C LYS A 147 -17.65 8.17 5.22
N GLN A 148 -16.48 8.08 5.82
CA GLN A 148 -16.28 8.58 7.17
C GLN A 148 -15.61 9.95 7.14
N LYS A 149 -15.47 10.54 8.32
CA LYS A 149 -14.85 11.85 8.44
C LYS A 149 -13.59 11.73 9.29
N ARG A 150 -12.48 12.18 8.72
CA ARG A 150 -11.20 12.13 9.42
C ARG A 150 -10.78 13.54 9.84
N SER A 151 -9.71 13.58 10.62
CA SER A 151 -9.19 14.86 11.10
C SER A 151 -7.69 14.93 10.84
N GLY A 152 -7.17 16.15 10.98
CA GLY A 152 -5.74 16.37 10.75
C GLY A 152 -5.15 17.22 11.88
N PRO A 153 -4.69 16.51 12.95
CA PRO A 153 -4.09 17.18 14.08
C PRO A 153 -2.67 17.67 13.75
N SER A 154 -1.92 17.96 14.80
CA SER A 154 -0.56 18.44 14.65
C SER A 154 0.07 18.72 16.01
N SER A 155 0.34 17.64 16.73
CA SER A 155 0.94 17.76 18.05
C SER A 155 2.41 17.40 18.00
N GLY A 156 3.21 18.39 17.61
CA GLY A 156 4.66 18.19 17.50
C GLY A 156 4.99 17.11 16.47
N GLY A 1 -17.76 18.64 7.15
CA GLY A 1 -16.51 18.60 6.41
C GLY A 1 -15.44 17.84 7.20
N SER A 2 -14.20 18.29 7.04
CA SER A 2 -13.09 17.66 7.73
C SER A 2 -11.78 18.34 7.33
N SER A 3 -11.51 18.33 6.03
CA SER A 3 -10.30 18.93 5.51
C SER A 3 -10.08 20.30 6.16
N GLY A 4 -8.82 20.69 6.22
CA GLY A 4 -8.45 21.97 6.82
C GLY A 4 -7.40 22.69 5.99
N SER A 5 -6.91 23.80 6.54
CA SER A 5 -5.90 24.59 5.85
C SER A 5 -4.59 24.58 6.65
N SER A 6 -3.49 24.40 5.94
CA SER A 6 -2.19 24.37 6.58
C SER A 6 -1.11 24.82 5.59
N GLY A 7 -0.99 24.05 4.51
CA GLY A 7 0.00 24.36 3.48
C GLY A 7 -0.68 24.56 2.13
N ALA A 8 0.10 25.07 1.19
CA ALA A 8 -0.41 25.32 -0.15
C ALA A 8 0.49 24.61 -1.17
N SER A 9 0.41 23.28 -1.15
CA SER A 9 1.20 22.47 -2.05
C SER A 9 2.68 22.68 -1.78
N ARG A 10 3.39 21.55 -1.65
CA ARG A 10 4.82 21.59 -1.39
C ARG A 10 5.42 20.19 -1.53
N PRO A 11 6.75 20.17 -1.83
CA PRO A 11 7.46 18.92 -2.00
C PRO A 11 7.71 18.24 -0.64
N HIS A 12 8.09 16.97 -0.71
CA HIS A 12 8.37 16.21 0.49
C HIS A 12 8.60 14.74 0.14
N GLN A 13 8.41 13.89 1.12
CA GLN A 13 8.60 12.46 0.93
C GLN A 13 7.33 11.70 1.34
N TRP A 14 6.74 12.14 2.43
CA TRP A 14 5.54 11.52 2.94
C TRP A 14 4.33 12.32 2.44
N GLN A 15 4.24 13.54 2.93
CA GLN A 15 3.15 14.42 2.53
C GLN A 15 2.92 14.34 1.02
N THR A 16 4.03 14.43 0.28
CA THR A 16 3.97 14.37 -1.16
C THR A 16 3.07 13.22 -1.62
N ASP A 17 3.15 12.13 -0.88
CA ASP A 17 2.35 10.95 -1.19
C ASP A 17 0.88 11.25 -0.90
N GLU A 18 0.66 12.05 0.12
CA GLU A 18 -0.68 12.43 0.50
C GLU A 18 -1.37 13.18 -0.64
N GLU A 19 -0.57 13.63 -1.57
CA GLU A 19 -1.08 14.37 -2.72
C GLU A 19 -1.29 13.41 -3.90
N GLY A 20 -0.20 12.80 -4.32
CA GLY A 20 -0.25 11.88 -5.44
C GLY A 20 -1.51 11.01 -5.38
N VAL A 21 -2.02 10.84 -4.18
CA VAL A 21 -3.21 10.03 -3.97
C VAL A 21 -4.42 10.79 -4.51
N ARG A 22 -4.55 12.04 -4.09
CA ARG A 22 -5.65 12.88 -4.53
C ARG A 22 -5.38 13.41 -5.94
N THR A 23 -4.15 13.84 -6.14
CA THR A 23 -3.75 14.39 -7.44
C THR A 23 -3.69 13.27 -8.48
N GLY A 24 -2.83 12.30 -8.21
CA GLY A 24 -2.67 11.17 -9.11
C GLY A 24 -1.20 10.97 -9.48
N LYS A 25 -0.37 10.84 -8.45
CA LYS A 25 1.05 10.66 -8.65
C LYS A 25 1.69 10.18 -7.35
N CYS A 26 0.98 9.29 -6.67
CA CYS A 26 1.47 8.74 -5.42
C CYS A 26 2.03 7.35 -5.68
N SER A 27 2.94 7.29 -6.64
CA SER A 27 3.58 6.04 -7.00
C SER A 27 5.07 6.08 -6.68
N PHE A 28 5.57 4.97 -6.15
CA PHE A 28 6.96 4.88 -5.79
C PHE A 28 7.57 3.55 -6.27
N PRO A 29 8.93 3.52 -6.29
CA PRO A 29 9.63 2.32 -6.73
C PRO A 29 9.59 1.24 -5.66
N VAL A 30 8.96 0.12 -6.01
CA VAL A 30 8.83 -0.99 -5.09
C VAL A 30 8.95 -2.30 -5.86
N LYS A 31 8.99 -3.40 -5.11
CA LYS A 31 9.10 -4.71 -5.72
C LYS A 31 7.90 -5.57 -5.29
N TYR A 32 7.46 -6.42 -6.20
CA TYR A 32 6.33 -7.29 -5.94
C TYR A 32 6.80 -8.66 -5.43
N LEU A 33 6.48 -8.94 -4.18
CA LEU A 33 6.87 -10.21 -3.57
C LEU A 33 5.90 -11.30 -4.03
N GLY A 34 4.62 -10.98 -3.95
CA GLY A 34 3.59 -11.92 -4.35
C GLY A 34 2.32 -11.72 -3.53
N HIS A 35 1.59 -12.82 -3.35
CA HIS A 35 0.35 -12.78 -2.59
C HIS A 35 0.22 -14.06 -1.76
N VAL A 36 0.09 -13.87 -0.46
CA VAL A 36 -0.04 -15.00 0.46
C VAL A 36 -1.33 -14.83 1.28
N GLU A 37 -2.06 -15.93 1.42
CA GLU A 37 -3.29 -15.92 2.17
C GLU A 37 -3.05 -15.39 3.59
N VAL A 38 -3.67 -14.26 3.87
CA VAL A 38 -3.53 -13.64 5.18
C VAL A 38 -3.67 -14.71 6.27
N ASP A 39 -3.21 -14.35 7.47
CA ASP A 39 -3.28 -15.28 8.59
C ASP A 39 -4.64 -15.14 9.27
N GLU A 40 -4.95 -13.92 9.68
CA GLU A 40 -6.22 -13.66 10.34
C GLU A 40 -7.01 -12.61 9.56
N SER A 41 -6.52 -11.39 9.58
CA SER A 41 -7.17 -10.30 8.88
C SER A 41 -6.78 -8.96 9.49
N ARG A 42 -6.36 -9.03 10.75
CA ARG A 42 -5.95 -7.84 11.47
C ARG A 42 -4.84 -8.17 12.48
N GLY A 43 -3.70 -7.54 12.28
CA GLY A 43 -2.56 -7.77 13.16
C GLY A 43 -1.27 -7.26 12.52
N MET A 44 -0.58 -6.39 13.26
CA MET A 44 0.67 -5.83 12.77
C MET A 44 1.72 -6.92 12.59
N HIS A 45 1.49 -8.04 13.24
CA HIS A 45 2.41 -9.16 13.17
C HIS A 45 2.01 -10.07 12.00
N ILE A 46 0.82 -9.82 11.48
CA ILE A 46 0.31 -10.60 10.37
C ILE A 46 1.03 -10.18 9.08
N CYS A 47 0.91 -8.90 8.77
CA CYS A 47 1.54 -8.35 7.57
C CYS A 47 2.92 -9.00 7.43
N GLU A 48 3.70 -8.93 8.50
CA GLU A 48 5.03 -9.50 8.51
C GLU A 48 4.97 -10.98 8.14
N ASP A 49 4.17 -11.72 8.90
CA ASP A 49 4.03 -13.14 8.66
C ASP A 49 3.91 -13.40 7.15
N ALA A 50 3.34 -12.43 6.46
CA ALA A 50 3.17 -12.54 5.03
C ALA A 50 4.54 -12.59 4.36
N VAL A 51 5.26 -11.48 4.46
CA VAL A 51 6.59 -11.39 3.87
C VAL A 51 7.35 -12.68 4.13
N LYS A 52 7.61 -12.95 5.39
CA LYS A 52 8.33 -14.14 5.79
C LYS A 52 7.85 -15.32 4.92
N ARG A 53 6.53 -15.50 4.91
CA ARG A 53 5.94 -16.57 4.13
C ARG A 53 6.62 -16.67 2.76
N LEU A 54 6.71 -15.53 2.10
CA LEU A 54 7.33 -15.48 0.78
C LEU A 54 8.83 -15.76 0.92
N LYS A 55 9.43 -15.11 1.91
CA LYS A 55 10.85 -15.27 2.15
C LYS A 55 11.17 -16.76 2.29
N ALA A 56 10.17 -17.52 2.71
CA ALA A 56 10.34 -18.95 2.88
C ALA A 56 9.92 -19.66 1.60
N THR A 57 9.06 -18.99 0.84
CA THR A 57 8.59 -19.56 -0.42
C THR A 57 9.72 -19.60 -1.45
N GLY A 58 10.76 -18.84 -1.17
CA GLY A 58 11.91 -18.78 -2.06
C GLY A 58 11.50 -18.31 -3.46
N LYS A 59 11.03 -17.06 -3.51
CA LYS A 59 10.60 -16.47 -4.77
C LYS A 59 11.55 -15.34 -5.14
N LYS A 60 10.99 -14.34 -5.81
CA LYS A 60 11.76 -13.18 -6.23
C LYS A 60 10.84 -11.97 -6.32
N ALA A 61 11.44 -10.80 -6.15
CA ALA A 61 10.69 -9.56 -6.21
C ALA A 61 10.84 -8.94 -7.60
N VAL A 62 9.71 -8.63 -8.21
CA VAL A 62 9.70 -8.04 -9.53
C VAL A 62 9.92 -6.53 -9.42
N LYS A 63 10.33 -5.93 -10.53
CA LYS A 63 10.57 -4.50 -10.57
C LYS A 63 9.36 -3.80 -11.18
N ALA A 64 8.56 -3.18 -10.32
CA ALA A 64 7.38 -2.47 -10.77
C ALA A 64 7.17 -1.23 -9.90
N VAL A 65 6.28 -0.37 -10.35
CA VAL A 65 5.97 0.85 -9.63
C VAL A 65 4.64 0.69 -8.91
N LEU A 66 4.67 0.90 -7.60
CA LEU A 66 3.47 0.79 -6.79
C LEU A 66 2.75 2.13 -6.76
N TRP A 67 1.56 2.13 -7.33
CA TRP A 67 0.76 3.35 -7.38
C TRP A 67 -0.25 3.29 -6.23
N VAL A 68 -0.57 4.46 -5.71
CA VAL A 68 -1.52 4.57 -4.61
C VAL A 68 -2.54 5.66 -4.92
N SER A 69 -3.78 5.26 -5.03
CA SER A 69 -4.85 6.20 -5.32
C SER A 69 -6.06 5.92 -4.42
N ALA A 70 -6.93 6.92 -4.32
CA ALA A 70 -8.12 6.78 -3.49
C ALA A 70 -8.91 5.55 -3.93
N ASP A 71 -8.73 5.19 -5.20
CA ASP A 71 -9.41 4.03 -5.75
C ASP A 71 -8.76 2.75 -5.23
N GLY A 72 -7.60 2.94 -4.61
CA GLY A 72 -6.87 1.81 -4.06
C GLY A 72 -5.39 1.86 -4.48
N LEU A 73 -4.91 0.72 -4.95
CA LEU A 73 -3.53 0.62 -5.40
C LEU A 73 -3.49 0.06 -6.81
N ARG A 74 -2.30 0.07 -7.39
CA ARG A 74 -2.11 -0.44 -8.73
C ARG A 74 -0.65 -0.82 -8.96
N VAL A 75 -0.43 -2.12 -9.11
CA VAL A 75 0.92 -2.62 -9.34
C VAL A 75 1.23 -2.58 -10.83
N VAL A 76 1.81 -1.45 -11.25
CA VAL A 76 2.17 -1.26 -12.65
C VAL A 76 3.46 -2.03 -12.94
N ASP A 77 3.60 -2.43 -14.20
CA ASP A 77 4.78 -3.17 -14.62
C ASP A 77 5.72 -2.22 -15.36
N GLU A 78 6.79 -1.84 -14.66
CA GLU A 78 7.78 -0.95 -15.24
C GLU A 78 8.02 -1.29 -16.70
N LYS A 79 7.83 -2.56 -17.03
CA LYS A 79 8.02 -3.03 -18.39
C LYS A 79 7.40 -2.01 -19.36
N THR A 80 6.08 -2.02 -19.41
CA THR A 80 5.36 -1.12 -20.29
C THR A 80 4.44 -0.21 -19.47
N LYS A 81 4.68 -0.17 -18.18
CA LYS A 81 3.87 0.64 -17.28
C LYS A 81 2.47 0.04 -17.18
N ASP A 82 2.31 -1.13 -17.79
CA ASP A 82 1.04 -1.82 -17.76
C ASP A 82 0.61 -2.07 -16.32
N LEU A 83 -0.53 -2.73 -16.16
CA LEU A 83 -1.05 -3.03 -14.83
C LEU A 83 -0.82 -4.51 -14.54
N ILE A 84 -0.19 -4.76 -13.40
CA ILE A 84 0.09 -6.13 -12.98
C ILE A 84 -1.05 -6.62 -12.09
N VAL A 85 -1.41 -5.80 -11.12
CA VAL A 85 -2.48 -6.14 -10.20
C VAL A 85 -3.35 -4.90 -9.96
N ASP A 86 -4.58 -5.17 -9.54
CA ASP A 86 -5.52 -4.09 -9.26
C ASP A 86 -6.17 -4.33 -7.90
N GLN A 87 -5.93 -3.38 -6.99
CA GLN A 87 -6.48 -3.47 -5.65
C GLN A 87 -7.24 -2.20 -5.30
N THR A 88 -8.34 -2.38 -4.58
CA THR A 88 -9.15 -1.24 -4.18
C THR A 88 -8.99 -0.97 -2.68
N ILE A 89 -8.90 0.31 -2.35
CA ILE A 89 -8.74 0.72 -0.97
C ILE A 89 -9.85 0.09 -0.12
N GLU A 90 -10.98 -0.17 -0.77
CA GLU A 90 -12.11 -0.77 -0.09
C GLU A 90 -11.71 -2.11 0.52
N LYS A 91 -11.43 -3.07 -0.35
CA LYS A 91 -11.03 -4.39 0.10
C LYS A 91 -10.00 -4.26 1.22
N VAL A 92 -8.94 -3.52 0.92
CA VAL A 92 -7.87 -3.31 1.89
C VAL A 92 -8.49 -3.11 3.28
N SER A 93 -8.42 -4.17 4.08
CA SER A 93 -8.97 -4.12 5.42
C SER A 93 -7.98 -3.43 6.36
N PHE A 94 -6.74 -3.90 6.30
CA PHE A 94 -5.70 -3.34 7.15
C PHE A 94 -4.36 -3.31 6.40
N CYS A 95 -3.47 -2.44 6.87
CA CYS A 95 -2.15 -2.30 6.27
C CYS A 95 -1.20 -1.72 7.31
N ALA A 96 -0.25 -2.54 7.72
CA ALA A 96 0.72 -2.13 8.71
C ALA A 96 2.13 -2.26 8.11
N PRO A 97 3.06 -1.45 8.67
CA PRO A 97 4.44 -1.47 8.21
C PRO A 97 5.18 -2.71 8.73
N ASP A 98 6.50 -2.64 8.67
CA ASP A 98 7.32 -3.75 9.13
C ASP A 98 8.54 -3.21 9.87
N ARG A 99 9.24 -4.11 10.54
CA ARG A 99 10.42 -3.73 11.29
C ARG A 99 11.57 -4.68 10.98
N ASN A 100 11.24 -5.97 10.94
CA ASN A 100 12.24 -6.99 10.66
C ASN A 100 13.12 -6.53 9.51
N PHE A 101 12.48 -6.22 8.40
CA PHE A 101 13.19 -5.76 7.22
C PHE A 101 13.33 -4.23 7.21
N ASP A 102 13.90 -3.73 6.13
CA ASP A 102 14.09 -2.29 5.98
C ASP A 102 13.07 -1.75 4.98
N ARG A 103 12.80 -2.55 3.97
CA ARG A 103 11.84 -2.17 2.94
C ARG A 103 10.86 -3.30 2.67
N ALA A 104 10.01 -3.55 3.65
CA ALA A 104 9.01 -4.60 3.54
C ALA A 104 7.66 -4.08 4.03
N PHE A 105 6.67 -4.17 3.16
CA PHE A 105 5.33 -3.72 3.50
C PHE A 105 4.27 -4.60 2.84
N SER A 106 3.26 -4.93 3.63
CA SER A 106 2.17 -5.77 3.13
C SER A 106 0.84 -5.32 3.75
N TYR A 107 -0.23 -5.65 3.05
CA TYR A 107 -1.56 -5.29 3.52
C TYR A 107 -2.55 -6.44 3.30
N ILE A 108 -3.65 -6.37 4.04
CA ILE A 108 -4.67 -7.40 3.95
C ILE A 108 -5.82 -6.89 3.08
N CYS A 109 -6.40 -7.81 2.31
CA CYS A 109 -7.50 -7.46 1.43
C CYS A 109 -8.31 -8.73 1.15
N ARG A 110 -9.45 -8.54 0.52
CA ARG A 110 -10.33 -9.65 0.19
C ARG A 110 -10.36 -9.88 -1.33
N ASP A 111 -9.47 -10.75 -1.78
CA ASP A 111 -9.38 -11.06 -3.20
C ASP A 111 -10.78 -11.39 -3.73
N GLY A 112 -10.86 -11.50 -5.05
CA GLY A 112 -12.13 -11.81 -5.69
C GLY A 112 -11.99 -13.02 -6.61
N THR A 113 -10.92 -13.02 -7.39
CA THR A 113 -10.66 -14.10 -8.32
C THR A 113 -10.74 -15.45 -7.60
N THR A 114 -10.43 -15.41 -6.31
CA THR A 114 -10.46 -16.61 -5.50
C THR A 114 -11.56 -16.51 -4.43
N ARG A 115 -12.01 -15.29 -4.21
CA ARG A 115 -13.05 -15.04 -3.24
C ARG A 115 -12.56 -15.40 -1.83
N ARG A 116 -11.46 -14.75 -1.45
CA ARG A 116 -10.87 -15.00 -0.14
C ARG A 116 -9.97 -13.83 0.26
N TRP A 117 -9.35 -13.97 1.42
CA TRP A 117 -8.46 -12.94 1.92
C TRP A 117 -7.05 -13.26 1.44
N ILE A 118 -6.47 -12.30 0.73
CA ILE A 118 -5.12 -12.47 0.22
C ILE A 118 -4.22 -11.38 0.77
N CYS A 119 -3.04 -11.79 1.21
CA CYS A 119 -2.08 -10.85 1.78
C CYS A 119 -1.09 -10.47 0.67
N HIS A 120 -0.94 -9.17 0.47
CA HIS A 120 -0.03 -8.67 -0.55
C HIS A 120 1.15 -7.95 0.14
N CYS A 121 2.34 -8.33 -0.27
CA CYS A 121 3.55 -7.75 0.28
C CYS A 121 4.28 -7.02 -0.85
N PHE A 122 5.10 -6.05 -0.45
CA PHE A 122 5.86 -5.27 -1.41
C PHE A 122 7.19 -4.82 -0.81
N MET A 123 8.27 -5.21 -1.48
CA MET A 123 9.60 -4.86 -1.03
C MET A 123 10.06 -3.54 -1.66
N ALA A 124 9.85 -2.46 -0.93
CA ALA A 124 10.24 -1.14 -1.40
C ALA A 124 11.63 -1.22 -2.04
N VAL A 125 11.90 -0.28 -2.92
CA VAL A 125 13.18 -0.22 -3.61
C VAL A 125 14.14 0.67 -2.83
N LYS A 126 13.74 1.93 -2.70
CA LYS A 126 14.55 2.90 -1.98
C LYS A 126 13.67 3.64 -0.97
N ASP A 127 12.80 2.88 -0.32
CA ASP A 127 11.91 3.45 0.68
C ASP A 127 11.72 2.45 1.82
N THR A 128 10.92 2.86 2.79
CA THR A 128 10.64 2.01 3.94
C THR A 128 9.15 1.69 4.03
N GLY A 129 8.86 0.47 4.47
CA GLY A 129 7.48 0.04 4.60
C GLY A 129 6.61 1.13 5.22
N GLU A 130 7.19 1.84 6.18
CA GLU A 130 6.48 2.91 6.85
C GLU A 130 5.85 3.86 5.82
N ARG A 131 6.70 4.37 4.93
CA ARG A 131 6.24 5.28 3.90
C ARG A 131 5.06 4.66 3.15
N LEU A 132 5.27 3.44 2.67
CA LEU A 132 4.23 2.74 1.93
C LEU A 132 2.94 2.75 2.74
N SER A 133 3.10 2.72 4.06
CA SER A 133 1.95 2.72 4.95
C SER A 133 1.25 4.08 4.90
N HIS A 134 2.05 5.11 4.70
CA HIS A 134 1.53 6.47 4.64
C HIS A 134 0.63 6.61 3.41
N ALA A 135 1.24 6.43 2.25
CA ALA A 135 0.50 6.54 1.00
C ALA A 135 -0.81 5.75 1.12
N VAL A 136 -0.66 4.46 1.34
CA VAL A 136 -1.82 3.59 1.47
C VAL A 136 -2.74 4.14 2.56
N GLY A 137 -2.12 4.74 3.57
CA GLY A 137 -2.88 5.31 4.68
C GLY A 137 -3.47 6.67 4.30
N CYS A 138 -3.09 7.13 3.11
CA CYS A 138 -3.58 8.41 2.62
C CYS A 138 -4.81 8.15 1.75
N ALA A 139 -4.65 7.20 0.83
CA ALA A 139 -5.74 6.85 -0.07
C ALA A 139 -6.94 6.37 0.75
N PHE A 140 -6.64 5.59 1.78
CA PHE A 140 -7.67 5.05 2.64
C PHE A 140 -8.39 6.18 3.39
N ALA A 141 -7.59 6.98 4.09
CA ALA A 141 -8.14 8.09 4.85
C ALA A 141 -8.82 9.07 3.90
N ALA A 142 -8.44 8.97 2.64
CA ALA A 142 -9.01 9.85 1.63
C ALA A 142 -10.34 9.27 1.14
N CYS A 143 -10.29 8.00 0.78
CA CYS A 143 -11.49 7.32 0.29
C CYS A 143 -12.56 7.39 1.38
N LEU A 144 -12.14 7.09 2.59
CA LEU A 144 -13.05 7.11 3.73
C LEU A 144 -13.56 8.54 3.94
N GLU A 145 -12.70 9.50 3.60
CA GLU A 145 -13.05 10.89 3.74
C GLU A 145 -14.15 11.27 2.74
N ARG A 146 -14.36 10.39 1.78
CA ARG A 146 -15.37 10.62 0.76
C ARG A 146 -16.68 9.94 1.15
N LYS A 147 -16.55 8.88 1.96
CA LYS A 147 -17.72 8.14 2.41
C LYS A 147 -18.11 8.63 3.79
N GLN A 148 -17.13 8.68 4.68
CA GLN A 148 -17.37 9.13 6.05
C GLN A 148 -17.87 10.57 6.05
N LYS A 149 -17.05 11.45 5.49
CA LYS A 149 -17.41 12.86 5.43
C LYS A 149 -18.02 13.29 6.76
N ARG A 150 -17.40 12.84 7.84
CA ARG A 150 -17.87 13.17 9.18
C ARG A 150 -16.99 14.25 9.80
N SER A 151 -17.53 14.87 10.84
CA SER A 151 -16.80 15.92 11.54
C SER A 151 -15.34 15.49 11.75
N GLY A 152 -15.19 14.30 12.32
CA GLY A 152 -13.87 13.77 12.59
C GLY A 152 -12.92 14.87 13.10
N PRO A 153 -12.85 14.98 14.45
CA PRO A 153 -11.99 15.98 15.07
C PRO A 153 -10.53 15.57 15.00
N SER A 154 -9.66 16.58 14.98
CA SER A 154 -8.23 16.33 14.91
C SER A 154 -7.47 17.53 15.49
N SER A 155 -7.42 17.57 16.81
CA SER A 155 -6.74 18.65 17.50
C SER A 155 -5.30 18.77 16.99
N GLY A 156 -4.56 17.66 17.12
CA GLY A 156 -3.18 17.63 16.67
C GLY A 156 -2.22 17.88 17.83
N GLY A 1 -21.12 16.54 -2.68
CA GLY A 1 -20.12 15.87 -1.86
C GLY A 1 -19.07 16.86 -1.35
N SER A 2 -18.19 16.34 -0.50
CA SER A 2 -17.15 17.16 0.08
C SER A 2 -15.85 16.36 0.20
N SER A 3 -15.07 16.39 -0.88
CA SER A 3 -13.81 15.66 -0.91
C SER A 3 -12.64 16.65 -0.75
N GLY A 4 -11.63 16.19 -0.03
CA GLY A 4 -10.45 17.01 0.20
C GLY A 4 -9.82 16.70 1.56
N SER A 5 -8.51 16.51 1.55
CA SER A 5 -7.78 16.21 2.76
C SER A 5 -7.17 17.48 3.33
N SER A 6 -7.27 17.62 4.65
CA SER A 6 -6.73 18.78 5.33
C SER A 6 -5.23 18.60 5.57
N GLY A 7 -4.91 17.56 6.33
CA GLY A 7 -3.52 17.27 6.64
C GLY A 7 -2.96 18.24 7.67
N ALA A 8 -1.92 17.79 8.36
CA ALA A 8 -1.29 18.62 9.39
C ALA A 8 0.09 18.04 9.71
N SER A 9 1.07 18.47 8.94
CA SER A 9 2.44 18.01 9.14
C SER A 9 3.37 18.70 8.15
N ARG A 10 4.63 18.81 8.55
CA ARG A 10 5.63 19.45 7.70
C ARG A 10 5.40 19.07 6.24
N PRO A 11 5.88 19.97 5.33
CA PRO A 11 5.74 19.74 3.91
C PRO A 11 6.72 18.66 3.42
N HIS A 12 6.43 18.15 2.24
CA HIS A 12 7.27 17.12 1.64
C HIS A 12 7.40 15.95 2.63
N GLN A 13 8.20 14.97 2.22
CA GLN A 13 8.42 13.79 3.05
C GLN A 13 7.09 13.28 3.60
N TRP A 14 6.54 12.27 2.93
CA TRP A 14 5.28 11.69 3.35
C TRP A 14 4.15 12.60 2.85
N GLN A 15 4.54 13.77 2.37
CA GLN A 15 3.58 14.74 1.87
C GLN A 15 3.39 14.56 0.36
N THR A 16 4.50 14.30 -0.32
CA THR A 16 4.48 14.11 -1.76
C THR A 16 3.54 12.95 -2.12
N ASP A 17 3.55 11.94 -1.28
CA ASP A 17 2.72 10.77 -1.50
C ASP A 17 1.33 11.01 -0.89
N GLU A 18 1.22 12.14 -0.19
CA GLU A 18 -0.04 12.49 0.44
C GLU A 18 -0.95 13.21 -0.56
N GLU A 19 -0.32 13.83 -1.55
CA GLU A 19 -1.05 14.55 -2.57
C GLU A 19 -1.35 13.64 -3.76
N GLY A 20 -0.33 12.88 -4.16
CA GLY A 20 -0.46 11.97 -5.27
C GLY A 20 -1.60 10.98 -5.04
N VAL A 21 -2.05 10.92 -3.79
CA VAL A 21 -3.13 10.02 -3.43
C VAL A 21 -4.47 10.72 -3.67
N ARG A 22 -4.43 12.04 -3.59
CA ARG A 22 -5.64 12.83 -3.79
C ARG A 22 -5.63 13.47 -5.19
N THR A 23 -4.43 13.54 -5.75
CA THR A 23 -4.27 14.12 -7.07
C THR A 23 -4.18 13.02 -8.13
N GLY A 24 -3.21 12.14 -7.97
CA GLY A 24 -3.02 11.04 -8.90
C GLY A 24 -1.55 10.96 -9.36
N LYS A 25 -0.70 10.59 -8.43
CA LYS A 25 0.72 10.47 -8.72
C LYS A 25 1.47 10.07 -7.45
N CYS A 26 0.85 9.18 -6.69
CA CYS A 26 1.43 8.71 -5.45
C CYS A 26 2.01 7.31 -5.70
N SER A 27 2.98 7.25 -6.59
CA SER A 27 3.62 5.99 -6.93
C SER A 27 5.11 6.05 -6.59
N PHE A 28 5.62 4.92 -6.13
CA PHE A 28 7.03 4.82 -5.76
C PHE A 28 7.63 3.50 -6.24
N PRO A 29 8.99 3.47 -6.27
CA PRO A 29 9.70 2.28 -6.69
C PRO A 29 9.66 1.20 -5.60
N VAL A 30 9.00 0.09 -5.93
CA VAL A 30 8.88 -1.01 -4.99
C VAL A 30 8.99 -2.33 -5.76
N LYS A 31 9.02 -3.42 -5.00
CA LYS A 31 9.12 -4.74 -5.59
C LYS A 31 7.88 -5.56 -5.22
N TYR A 32 7.44 -6.35 -6.18
CA TYR A 32 6.27 -7.19 -5.97
C TYR A 32 6.67 -8.60 -5.52
N LEU A 33 6.44 -8.85 -4.24
CA LEU A 33 6.77 -10.15 -3.68
C LEU A 33 5.74 -11.19 -4.15
N GLY A 34 4.48 -10.84 -3.97
CA GLY A 34 3.40 -11.72 -4.38
C GLY A 34 2.20 -11.60 -3.43
N HIS A 35 1.44 -12.68 -3.34
CA HIS A 35 0.27 -12.70 -2.47
C HIS A 35 0.28 -13.97 -1.63
N VAL A 36 -0.02 -13.80 -0.35
CA VAL A 36 -0.04 -14.92 0.57
C VAL A 36 -1.41 -14.98 1.26
N GLU A 37 -1.72 -16.15 1.79
CA GLU A 37 -2.99 -16.36 2.46
C GLU A 37 -2.85 -16.07 3.97
N VAL A 38 -3.87 -15.43 4.51
CA VAL A 38 -3.87 -15.09 5.92
C VAL A 38 -4.91 -15.94 6.65
N ASP A 39 -5.10 -15.63 7.92
CA ASP A 39 -6.05 -16.37 8.74
C ASP A 39 -6.91 -15.37 9.53
N GLU A 40 -6.25 -14.38 10.10
CA GLU A 40 -6.93 -13.37 10.87
C GLU A 40 -7.46 -12.26 9.96
N SER A 41 -6.60 -11.83 9.05
CA SER A 41 -6.96 -10.79 8.11
C SER A 41 -6.73 -9.42 8.74
N ARG A 42 -6.17 -9.43 9.94
CA ARG A 42 -5.88 -8.20 10.66
C ARG A 42 -4.84 -8.45 11.74
N GLY A 43 -3.76 -7.67 11.67
CA GLY A 43 -2.69 -7.80 12.64
C GLY A 43 -1.40 -7.16 12.11
N MET A 44 -0.90 -6.20 12.86
CA MET A 44 0.32 -5.51 12.49
C MET A 44 1.47 -6.50 12.27
N HIS A 45 1.37 -7.63 12.96
CA HIS A 45 2.38 -8.67 12.85
C HIS A 45 2.04 -9.60 11.69
N ILE A 46 0.77 -9.58 11.31
CA ILE A 46 0.30 -10.43 10.22
C ILE A 46 1.00 -10.01 8.92
N CYS A 47 0.85 -8.75 8.58
CA CYS A 47 1.44 -8.21 7.37
C CYS A 47 2.86 -8.80 7.24
N GLU A 48 3.65 -8.59 8.29
CA GLU A 48 5.02 -9.09 8.30
C GLU A 48 5.03 -10.60 8.07
N ASP A 49 4.22 -11.29 8.86
CA ASP A 49 4.13 -12.74 8.75
C ASP A 49 3.95 -13.13 7.28
N ALA A 50 3.39 -12.19 6.53
CA ALA A 50 3.16 -12.42 5.11
C ALA A 50 4.49 -12.54 4.38
N VAL A 51 5.30 -11.50 4.52
CA VAL A 51 6.60 -11.47 3.89
C VAL A 51 7.34 -12.78 4.17
N LYS A 52 7.56 -13.02 5.46
CA LYS A 52 8.24 -14.23 5.88
C LYS A 52 7.75 -15.42 5.04
N ARG A 53 6.44 -15.50 4.92
CA ARG A 53 5.83 -16.58 4.15
C ARG A 53 6.49 -16.67 2.77
N LEU A 54 6.53 -15.55 2.08
CA LEU A 54 7.13 -15.49 0.76
C LEU A 54 8.63 -15.76 0.87
N LYS A 55 9.18 -15.43 2.03
CA LYS A 55 10.59 -15.62 2.28
C LYS A 55 10.88 -17.12 2.42
N ALA A 56 9.82 -17.86 2.75
CA ALA A 56 9.94 -19.30 2.93
C ALA A 56 9.39 -20.00 1.69
N THR A 57 8.65 -19.24 0.90
CA THR A 57 8.05 -19.78 -0.31
C THR A 57 9.14 -20.03 -1.37
N GLY A 58 10.26 -19.37 -1.18
CA GLY A 58 11.38 -19.51 -2.10
C GLY A 58 11.03 -18.92 -3.47
N LYS A 59 10.78 -17.62 -3.47
CA LYS A 59 10.43 -16.92 -4.69
C LYS A 59 11.38 -15.73 -4.88
N LYS A 60 10.86 -14.69 -5.50
CA LYS A 60 11.64 -13.49 -5.74
C LYS A 60 10.70 -12.28 -5.85
N ALA A 61 11.31 -11.13 -6.11
CA ALA A 61 10.54 -9.91 -6.24
C ALA A 61 10.74 -9.33 -7.64
N VAL A 62 9.69 -8.69 -8.13
CA VAL A 62 9.73 -8.09 -9.45
C VAL A 62 9.95 -6.58 -9.32
N LYS A 63 10.41 -5.97 -10.41
CA LYS A 63 10.66 -4.55 -10.44
C LYS A 63 9.47 -3.83 -11.08
N ALA A 64 8.70 -3.15 -10.24
CA ALA A 64 7.53 -2.43 -10.72
C ALA A 64 7.31 -1.19 -9.84
N VAL A 65 6.44 -0.32 -10.31
CA VAL A 65 6.13 0.89 -9.58
C VAL A 65 4.76 0.74 -8.91
N LEU A 66 4.76 0.90 -7.59
CA LEU A 66 3.54 0.78 -6.82
C LEU A 66 2.85 2.14 -6.76
N TRP A 67 1.66 2.20 -7.34
CA TRP A 67 0.89 3.44 -7.35
C TRP A 67 -0.12 3.37 -6.21
N VAL A 68 -0.52 4.55 -5.75
CA VAL A 68 -1.48 4.65 -4.67
C VAL A 68 -2.49 5.76 -4.98
N SER A 69 -3.75 5.38 -4.94
CA SER A 69 -4.82 6.33 -5.22
C SER A 69 -6.04 6.03 -4.33
N ALA A 70 -6.95 6.98 -4.28
CA ALA A 70 -8.15 6.84 -3.47
C ALA A 70 -8.87 5.56 -3.89
N ASP A 71 -8.64 5.17 -5.13
CA ASP A 71 -9.28 3.97 -5.66
C ASP A 71 -8.57 2.73 -5.10
N GLY A 72 -7.47 2.98 -4.39
CA GLY A 72 -6.70 1.91 -3.79
C GLY A 72 -5.23 1.99 -4.22
N LEU A 73 -4.75 0.89 -4.77
CA LEU A 73 -3.37 0.82 -5.23
C LEU A 73 -3.33 0.27 -6.65
N ARG A 74 -2.14 0.28 -7.23
CA ARG A 74 -1.96 -0.21 -8.59
C ARG A 74 -0.50 -0.60 -8.82
N VAL A 75 -0.29 -1.88 -9.06
CA VAL A 75 1.04 -2.39 -9.29
C VAL A 75 1.34 -2.35 -10.80
N VAL A 76 1.96 -1.25 -11.21
CA VAL A 76 2.31 -1.08 -12.61
C VAL A 76 3.67 -1.75 -12.88
N ASP A 77 3.84 -2.15 -14.13
CA ASP A 77 5.08 -2.80 -14.53
C ASP A 77 5.98 -1.78 -15.22
N GLU A 78 6.98 -1.31 -14.47
CA GLU A 78 7.92 -0.34 -15.00
C GLU A 78 8.24 -0.64 -16.46
N LYS A 79 8.22 -1.93 -16.78
CA LYS A 79 8.51 -2.37 -18.14
C LYS A 79 7.82 -1.43 -19.13
N THR A 80 6.52 -1.60 -19.25
CA THR A 80 5.74 -0.77 -20.16
C THR A 80 4.71 0.05 -19.38
N LYS A 81 4.92 0.12 -18.07
CA LYS A 81 4.02 0.87 -17.20
C LYS A 81 2.66 0.17 -17.17
N ASP A 82 2.62 -1.02 -17.74
CA ASP A 82 1.39 -1.80 -17.78
C ASP A 82 0.85 -1.95 -16.35
N LEU A 83 -0.20 -2.75 -16.24
CA LEU A 83 -0.83 -2.98 -14.95
C LEU A 83 -0.61 -4.44 -14.53
N ILE A 84 0.04 -4.60 -13.40
CA ILE A 84 0.32 -5.93 -12.88
C ILE A 84 -0.82 -6.37 -11.96
N VAL A 85 -1.12 -5.52 -10.99
CA VAL A 85 -2.19 -5.80 -10.05
C VAL A 85 -3.02 -4.54 -9.82
N ASP A 86 -4.28 -4.75 -9.47
CA ASP A 86 -5.18 -3.65 -9.23
C ASP A 86 -5.87 -3.84 -7.87
N GLN A 87 -5.25 -3.25 -6.86
CA GLN A 87 -5.78 -3.35 -5.51
C GLN A 87 -6.64 -2.13 -5.19
N THR A 88 -7.81 -2.41 -4.62
CA THR A 88 -8.75 -1.35 -4.27
C THR A 88 -8.75 -1.12 -2.75
N ILE A 89 -8.74 0.14 -2.37
CA ILE A 89 -8.74 0.50 -0.96
C ILE A 89 -9.86 -0.26 -0.25
N GLU A 90 -10.99 -0.38 -0.94
CA GLU A 90 -12.14 -1.08 -0.39
C GLU A 90 -11.70 -2.40 0.23
N LYS A 91 -11.32 -3.33 -0.63
CA LYS A 91 -10.87 -4.64 -0.18
C LYS A 91 -9.83 -4.46 0.93
N VAL A 92 -8.80 -3.68 0.62
CA VAL A 92 -7.73 -3.43 1.58
C VAL A 92 -8.34 -3.27 2.97
N SER A 93 -8.29 -4.35 3.73
CA SER A 93 -8.81 -4.35 5.08
C SER A 93 -7.89 -3.55 6.01
N PHE A 94 -6.62 -3.93 5.99
CA PHE A 94 -5.63 -3.27 6.81
C PHE A 94 -4.27 -3.23 6.11
N CYS A 95 -3.41 -2.33 6.59
CA CYS A 95 -2.08 -2.19 6.03
C CYS A 95 -1.16 -1.64 7.11
N ALA A 96 -0.22 -2.48 7.53
CA ALA A 96 0.73 -2.08 8.55
C ALA A 96 2.16 -2.28 8.03
N PRO A 97 3.10 -1.53 8.65
CA PRO A 97 4.50 -1.62 8.26
C PRO A 97 5.14 -2.91 8.77
N ASP A 98 6.46 -2.92 8.76
CA ASP A 98 7.20 -4.09 9.22
C ASP A 98 8.16 -3.68 10.34
N ARG A 99 8.82 -4.67 10.91
CA ARG A 99 9.78 -4.43 11.98
C ARG A 99 10.81 -5.55 12.06
N ASN A 100 11.45 -5.78 10.92
CA ASN A 100 12.46 -6.82 10.84
C ASN A 100 13.32 -6.61 9.59
N PHE A 101 12.64 -6.30 8.49
CA PHE A 101 13.32 -6.06 7.23
C PHE A 101 13.72 -4.60 7.08
N ASP A 102 14.35 -4.30 5.96
CA ASP A 102 14.79 -2.94 5.69
C ASP A 102 13.63 -2.14 5.10
N ARG A 103 12.86 -2.82 4.27
CA ARG A 103 11.71 -2.19 3.64
C ARG A 103 10.76 -3.25 3.09
N ALA A 104 9.86 -3.71 3.95
CA ALA A 104 8.89 -4.72 3.56
C ALA A 104 7.49 -4.27 4.01
N PHE A 105 6.73 -3.80 3.04
CA PHE A 105 5.37 -3.34 3.32
C PHE A 105 4.34 -4.27 2.68
N SER A 106 3.44 -4.77 3.52
CA SER A 106 2.39 -5.66 3.04
C SER A 106 1.06 -5.28 3.68
N TYR A 107 0.00 -5.50 2.92
CA TYR A 107 -1.34 -5.18 3.39
C TYR A 107 -2.31 -6.33 3.10
N ILE A 108 -3.37 -6.38 3.88
CA ILE A 108 -4.37 -7.42 3.73
C ILE A 108 -5.49 -6.91 2.81
N CYS A 109 -6.10 -7.85 2.11
CA CYS A 109 -7.19 -7.50 1.19
C CYS A 109 -8.05 -8.75 0.98
N ARG A 110 -9.33 -8.52 0.74
CA ARG A 110 -10.26 -9.61 0.51
C ARG A 110 -10.19 -10.09 -0.94
N ASP A 111 -9.36 -11.10 -1.16
CA ASP A 111 -9.19 -11.65 -2.48
C ASP A 111 -10.57 -11.78 -3.16
N GLY A 112 -10.73 -11.04 -4.24
CA GLY A 112 -11.98 -11.05 -4.98
C GLY A 112 -11.87 -11.96 -6.21
N THR A 113 -10.97 -12.92 -6.12
CA THR A 113 -10.75 -13.85 -7.21
C THR A 113 -11.37 -15.22 -6.87
N THR A 114 -10.97 -15.74 -5.72
CA THR A 114 -11.47 -17.03 -5.27
C THR A 114 -12.64 -16.83 -4.29
N ARG A 115 -12.30 -16.72 -3.02
CA ARG A 115 -13.31 -16.53 -1.99
C ARG A 115 -12.66 -16.61 -0.61
N ARG A 116 -11.55 -15.91 -0.47
CA ARG A 116 -10.83 -15.89 0.80
C ARG A 116 -10.09 -14.56 0.97
N TRP A 117 -9.31 -14.48 2.04
CA TRP A 117 -8.54 -13.28 2.33
C TRP A 117 -7.11 -13.51 1.84
N ILE A 118 -6.54 -12.45 1.30
CA ILE A 118 -5.16 -12.53 0.79
C ILE A 118 -4.40 -11.29 1.25
N CYS A 119 -3.09 -11.46 1.40
CA CYS A 119 -2.24 -10.37 1.83
C CYS A 119 -1.17 -10.14 0.75
N HIS A 120 -0.99 -8.88 0.42
CA HIS A 120 -0.01 -8.50 -0.59
C HIS A 120 1.22 -7.87 0.08
N CYS A 121 2.38 -8.35 -0.33
CA CYS A 121 3.63 -7.84 0.22
C CYS A 121 4.36 -7.08 -0.87
N PHE A 122 5.13 -6.08 -0.45
CA PHE A 122 5.89 -5.27 -1.37
C PHE A 122 7.21 -4.82 -0.77
N MET A 123 8.29 -5.18 -1.44
CA MET A 123 9.62 -4.83 -0.98
C MET A 123 10.10 -3.52 -1.61
N ALA A 124 10.02 -2.45 -0.84
CA ALA A 124 10.43 -1.15 -1.31
C ALA A 124 11.78 -1.27 -2.01
N VAL A 125 12.06 -0.30 -2.86
CA VAL A 125 13.30 -0.28 -3.62
C VAL A 125 14.32 0.57 -2.87
N LYS A 126 14.02 1.86 -2.76
CA LYS A 126 14.89 2.78 -2.08
C LYS A 126 14.09 3.58 -1.05
N ASP A 127 13.10 2.91 -0.48
CA ASP A 127 12.25 3.55 0.52
C ASP A 127 11.98 2.56 1.66
N THR A 128 11.30 3.05 2.69
CA THR A 128 10.97 2.23 3.83
C THR A 128 9.51 1.80 3.78
N GLY A 129 9.28 0.54 4.12
CA GLY A 129 7.93 -0.01 4.13
C GLY A 129 6.94 0.97 4.78
N GLU A 130 7.48 1.76 5.69
CA GLU A 130 6.66 2.74 6.41
C GLU A 130 5.96 3.66 5.40
N ARG A 131 6.77 4.47 4.72
CA ARG A 131 6.25 5.40 3.75
C ARG A 131 5.20 4.71 2.86
N LEU A 132 5.49 3.48 2.51
CA LEU A 132 4.59 2.70 1.67
C LEU A 132 3.21 2.64 2.34
N SER A 133 3.23 2.27 3.61
CA SER A 133 1.99 2.18 4.37
C SER A 133 1.39 3.56 4.58
N HIS A 134 2.25 4.57 4.47
CA HIS A 134 1.82 5.94 4.64
C HIS A 134 0.94 6.37 3.46
N ALA A 135 0.92 5.51 2.45
CA ALA A 135 0.12 5.78 1.26
C ALA A 135 -1.23 5.10 1.40
N VAL A 136 -1.21 3.78 1.42
CA VAL A 136 -2.43 3.00 1.54
C VAL A 136 -3.39 3.71 2.49
N GLY A 137 -2.85 4.07 3.65
CA GLY A 137 -3.64 4.77 4.66
C GLY A 137 -4.22 6.07 4.11
N CYS A 138 -3.36 6.84 3.47
CA CYS A 138 -3.76 8.11 2.90
C CYS A 138 -5.03 7.88 2.07
N ALA A 139 -4.86 7.14 0.98
CA ALA A 139 -5.97 6.83 0.09
C ALA A 139 -7.19 6.45 0.94
N PHE A 140 -6.93 5.65 1.97
CA PHE A 140 -8.00 5.21 2.85
C PHE A 140 -8.75 6.41 3.45
N ALA A 141 -8.02 7.19 4.22
CA ALA A 141 -8.59 8.37 4.86
C ALA A 141 -9.33 9.20 3.80
N ALA A 142 -8.87 9.06 2.56
CA ALA A 142 -9.48 9.79 1.47
C ALA A 142 -10.76 9.08 1.03
N CYS A 143 -10.59 7.87 0.53
CA CYS A 143 -11.71 7.08 0.07
C CYS A 143 -12.78 7.07 1.18
N LEU A 144 -12.29 6.96 2.41
CA LEU A 144 -13.18 6.93 3.55
C LEU A 144 -13.77 8.33 3.77
N GLU A 145 -12.92 9.33 3.57
CA GLU A 145 -13.34 10.71 3.74
C GLU A 145 -14.68 10.96 3.03
N ARG A 146 -14.95 10.12 2.04
CA ARG A 146 -16.18 10.23 1.28
C ARG A 146 -17.35 9.63 2.07
N LYS A 147 -17.05 8.56 2.79
CA LYS A 147 -18.05 7.89 3.59
C LYS A 147 -18.04 8.47 5.01
N GLN A 148 -16.88 8.39 5.63
CA GLN A 148 -16.72 8.90 6.98
C GLN A 148 -15.73 10.07 7.00
N LYS A 149 -16.23 11.21 7.46
CA LYS A 149 -15.40 12.41 7.53
C LYS A 149 -14.17 12.11 8.38
N ARG A 150 -13.10 12.83 8.07
CA ARG A 150 -11.85 12.66 8.79
C ARG A 150 -11.57 13.88 9.66
N SER A 151 -11.28 13.62 10.93
CA SER A 151 -11.00 14.68 11.88
C SER A 151 -9.70 15.39 11.50
N GLY A 152 -9.82 16.68 11.22
CA GLY A 152 -8.67 17.48 10.85
C GLY A 152 -8.08 18.21 12.05
N PRO A 153 -7.58 19.44 11.80
CA PRO A 153 -6.99 20.25 12.84
C PRO A 153 -8.08 20.84 13.75
N SER A 154 -7.63 21.50 14.80
CA SER A 154 -8.54 22.13 15.75
C SER A 154 -8.09 23.55 16.05
N SER A 155 -6.88 23.65 16.61
CA SER A 155 -6.33 24.94 16.95
C SER A 155 -4.80 24.86 16.98
N GLY A 156 -4.19 25.46 15.97
CA GLY A 156 -2.74 25.45 15.86
C GLY A 156 -2.19 24.03 15.94
N GLY A 1 -14.71 15.66 -3.58
CA GLY A 1 -15.18 17.01 -3.33
C GLY A 1 -14.00 17.95 -3.05
N SER A 2 -14.33 19.11 -2.51
CA SER A 2 -13.32 20.11 -2.18
C SER A 2 -12.98 20.05 -0.69
N SER A 3 -11.94 20.78 -0.33
CA SER A 3 -11.51 20.81 1.07
C SER A 3 -10.48 21.93 1.26
N GLY A 4 -10.99 23.10 1.61
CA GLY A 4 -10.14 24.26 1.83
C GLY A 4 -9.28 24.55 0.61
N SER A 5 -8.35 25.47 0.78
CA SER A 5 -7.46 25.86 -0.30
C SER A 5 -6.10 26.28 0.25
N SER A 6 -6.13 27.29 1.10
CA SER A 6 -4.91 27.79 1.72
C SER A 6 -3.98 28.34 0.65
N GLY A 7 -2.98 29.08 1.09
CA GLY A 7 -2.01 29.66 0.19
C GLY A 7 -0.64 29.00 0.34
N ALA A 8 -0.63 27.69 0.11
CA ALA A 8 0.60 26.91 0.22
C ALA A 8 0.31 25.45 -0.14
N SER A 9 1.19 24.90 -0.96
CA SER A 9 1.05 23.52 -1.39
C SER A 9 2.41 22.95 -1.79
N ARG A 10 3.07 22.34 -0.82
CA ARG A 10 4.37 21.75 -1.05
C ARG A 10 4.43 20.33 -0.47
N PRO A 11 5.24 19.47 -1.14
CA PRO A 11 5.39 18.09 -0.71
C PRO A 11 6.26 18.00 0.54
N HIS A 12 6.63 16.78 0.88
CA HIS A 12 7.46 16.54 2.05
C HIS A 12 7.75 15.04 2.18
N GLN A 13 7.93 14.41 1.04
CA GLN A 13 8.21 12.98 1.01
C GLN A 13 6.94 12.18 1.33
N TRP A 14 6.39 12.47 2.49
CA TRP A 14 5.17 11.80 2.94
C TRP A 14 3.97 12.55 2.36
N GLN A 15 3.93 13.83 2.64
CA GLN A 15 2.84 14.68 2.17
C GLN A 15 2.59 14.42 0.67
N THR A 16 3.69 14.31 -0.06
CA THR A 16 3.61 14.07 -1.49
C THR A 16 2.80 12.81 -1.77
N ASP A 17 2.65 11.99 -0.74
CA ASP A 17 1.90 10.75 -0.86
C ASP A 17 0.44 11.00 -0.48
N GLU A 18 0.19 12.21 -0.01
CA GLU A 18 -1.16 12.59 0.39
C GLU A 18 -1.87 13.29 -0.76
N GLU A 19 -1.08 13.92 -1.62
CA GLU A 19 -1.62 14.63 -2.77
C GLU A 19 -1.64 13.72 -4.00
N GLY A 20 -0.51 13.07 -4.22
CA GLY A 20 -0.37 12.17 -5.35
C GLY A 20 -1.46 11.09 -5.33
N VAL A 21 -2.12 10.98 -4.19
CA VAL A 21 -3.17 10.01 -4.02
C VAL A 21 -4.49 10.58 -4.57
N ARG A 22 -4.52 11.90 -4.67
CA ARG A 22 -5.70 12.58 -5.17
C ARG A 22 -5.47 13.03 -6.61
N THR A 23 -4.21 13.20 -6.95
CA THR A 23 -3.85 13.63 -8.30
C THR A 23 -3.57 12.41 -9.18
N GLY A 24 -2.47 11.73 -8.87
CA GLY A 24 -2.09 10.56 -9.62
C GLY A 24 -0.56 10.50 -9.80
N LYS A 25 0.13 10.46 -8.68
CA LYS A 25 1.58 10.40 -8.70
C LYS A 25 2.09 9.97 -7.32
N CYS A 26 1.27 9.19 -6.64
CA CYS A 26 1.61 8.70 -5.31
C CYS A 26 2.14 7.27 -5.45
N SER A 27 3.14 7.12 -6.32
CA SER A 27 3.74 5.82 -6.55
C SER A 27 5.23 5.86 -6.20
N PHE A 28 5.76 4.70 -5.86
CA PHE A 28 7.16 4.59 -5.50
C PHE A 28 7.76 3.27 -6.00
N PRO A 29 9.12 3.21 -6.01
CA PRO A 29 9.81 2.02 -6.44
C PRO A 29 9.74 0.91 -5.39
N VAL A 30 9.08 -0.18 -5.77
CA VAL A 30 8.93 -1.31 -4.86
C VAL A 30 9.07 -2.60 -5.66
N LYS A 31 8.99 -3.71 -4.94
CA LYS A 31 9.11 -5.02 -5.56
C LYS A 31 7.89 -5.87 -5.18
N TYR A 32 7.29 -6.47 -6.20
CA TYR A 32 6.12 -7.31 -5.99
C TYR A 32 6.52 -8.70 -5.51
N LEU A 33 6.22 -8.96 -4.25
CA LEU A 33 6.54 -10.25 -3.66
C LEU A 33 5.49 -11.28 -4.08
N GLY A 34 4.24 -10.93 -3.83
CA GLY A 34 3.13 -11.81 -4.19
C GLY A 34 1.99 -11.67 -3.18
N HIS A 35 1.23 -12.75 -3.03
CA HIS A 35 0.11 -12.77 -2.11
C HIS A 35 0.14 -14.04 -1.28
N VAL A 36 -0.47 -13.96 -0.10
CA VAL A 36 -0.51 -15.10 0.80
C VAL A 36 -1.88 -15.14 1.48
N GLU A 37 -2.17 -16.29 2.08
CA GLU A 37 -3.44 -16.49 2.76
C GLU A 37 -3.26 -16.31 4.27
N VAL A 38 -3.71 -15.16 4.76
CA VAL A 38 -3.61 -14.86 6.17
C VAL A 38 -4.45 -15.86 6.97
N ASP A 39 -4.59 -15.57 8.26
CA ASP A 39 -5.36 -16.43 9.14
C ASP A 39 -6.27 -15.57 10.02
N GLU A 40 -5.71 -14.48 10.51
CA GLU A 40 -6.45 -13.57 11.35
C GLU A 40 -7.01 -12.40 10.54
N SER A 41 -6.36 -12.16 9.41
CA SER A 41 -6.78 -11.08 8.52
C SER A 41 -6.56 -9.73 9.21
N ARG A 42 -5.87 -9.78 10.34
CA ARG A 42 -5.59 -8.57 11.09
C ARG A 42 -4.43 -8.81 12.07
N GLY A 43 -3.52 -7.86 12.09
CA GLY A 43 -2.36 -7.95 12.96
C GLY A 43 -1.14 -7.29 12.33
N MET A 44 -0.55 -6.35 13.07
CA MET A 44 0.61 -5.64 12.60
C MET A 44 1.77 -6.60 12.33
N HIS A 45 1.70 -7.76 12.97
CA HIS A 45 2.74 -8.77 12.82
C HIS A 45 2.35 -9.73 11.68
N ILE A 46 1.07 -9.71 11.36
CA ILE A 46 0.56 -10.57 10.29
C ILE A 46 1.18 -10.14 8.96
N CYS A 47 0.88 -8.91 8.57
CA CYS A 47 1.40 -8.37 7.33
C CYS A 47 2.86 -8.81 7.19
N GLU A 48 3.66 -8.44 8.19
CA GLU A 48 5.07 -8.79 8.19
C GLU A 48 5.25 -10.29 8.02
N ASP A 49 4.61 -11.04 8.92
CA ASP A 49 4.69 -12.49 8.88
C ASP A 49 4.44 -12.97 7.46
N ALA A 50 3.64 -12.20 6.73
CA ALA A 50 3.32 -12.54 5.36
C ALA A 50 4.60 -12.58 4.53
N VAL A 51 5.33 -11.47 4.57
CA VAL A 51 6.57 -11.36 3.83
C VAL A 51 7.37 -12.66 4.00
N LYS A 52 7.74 -12.94 5.24
CA LYS A 52 8.50 -14.14 5.56
C LYS A 52 7.94 -15.31 4.75
N ARG A 53 6.63 -15.30 4.58
CA ARG A 53 5.96 -16.36 3.83
C ARG A 53 6.44 -16.37 2.37
N LEU A 54 6.25 -15.23 1.71
CA LEU A 54 6.66 -15.09 0.32
C LEU A 54 8.18 -15.24 0.23
N LYS A 55 8.82 -15.16 1.38
CA LYS A 55 10.27 -15.29 1.45
C LYS A 55 10.65 -16.76 1.60
N ALA A 56 9.67 -17.54 2.03
CA ALA A 56 9.89 -18.96 2.24
C ALA A 56 9.13 -19.75 1.15
N THR A 57 8.42 -19.00 0.33
CA THR A 57 7.65 -19.61 -0.75
C THR A 57 8.58 -20.16 -1.83
N GLY A 58 9.79 -19.61 -1.85
CA GLY A 58 10.79 -20.03 -2.83
C GLY A 58 10.50 -19.41 -4.20
N LYS A 59 10.34 -18.09 -4.20
CA LYS A 59 10.06 -17.37 -5.42
C LYS A 59 11.00 -16.16 -5.52
N LYS A 60 10.47 -15.08 -6.08
CA LYS A 60 11.24 -13.87 -6.23
C LYS A 60 10.30 -12.68 -6.34
N ALA A 61 10.88 -11.50 -6.46
CA ALA A 61 10.11 -10.27 -6.58
C ALA A 61 10.32 -9.67 -7.97
N VAL A 62 9.38 -8.81 -8.36
CA VAL A 62 9.45 -8.16 -9.65
C VAL A 62 9.72 -6.66 -9.45
N LYS A 63 10.38 -6.08 -10.44
CA LYS A 63 10.69 -4.65 -10.38
C LYS A 63 9.56 -3.86 -11.03
N ALA A 64 8.73 -3.27 -10.17
CA ALA A 64 7.61 -2.49 -10.64
C ALA A 64 7.40 -1.29 -9.71
N VAL A 65 6.57 -0.36 -10.16
CA VAL A 65 6.28 0.83 -9.37
C VAL A 65 4.90 0.68 -8.72
N LEU A 66 4.88 0.80 -7.41
CA LEU A 66 3.65 0.69 -6.65
C LEU A 66 2.95 2.04 -6.60
N TRP A 67 1.78 2.10 -7.21
CA TRP A 67 1.01 3.33 -7.25
C TRP A 67 -0.03 3.26 -6.13
N VAL A 68 -0.38 4.44 -5.60
CA VAL A 68 -1.35 4.52 -4.54
C VAL A 68 -2.37 5.62 -4.87
N SER A 69 -3.64 5.23 -4.86
CA SER A 69 -4.71 6.16 -5.16
C SER A 69 -5.94 5.85 -4.31
N ALA A 70 -6.82 6.83 -4.19
CA ALA A 70 -8.03 6.67 -3.41
C ALA A 70 -8.77 5.42 -3.90
N ASP A 71 -8.67 5.18 -5.19
CA ASP A 71 -9.33 4.02 -5.78
C ASP A 71 -8.68 2.74 -5.26
N GLY A 72 -7.50 2.91 -4.67
CA GLY A 72 -6.77 1.78 -4.13
C GLY A 72 -5.29 1.86 -4.48
N LEU A 73 -4.82 0.82 -5.16
CA LEU A 73 -3.43 0.76 -5.57
C LEU A 73 -3.35 0.25 -7.01
N ARG A 74 -2.12 0.23 -7.53
CA ARG A 74 -1.90 -0.23 -8.89
C ARG A 74 -0.44 -0.66 -9.06
N VAL A 75 -0.26 -1.95 -9.33
CA VAL A 75 1.07 -2.49 -9.52
C VAL A 75 1.44 -2.41 -11.01
N VAL A 76 2.07 -1.31 -11.38
CA VAL A 76 2.47 -1.10 -12.76
C VAL A 76 3.78 -1.85 -13.01
N ASP A 77 3.98 -2.21 -14.27
CA ASP A 77 5.19 -2.93 -14.66
C ASP A 77 6.18 -1.95 -15.30
N GLU A 78 7.19 -1.59 -14.53
CA GLU A 78 8.21 -0.67 -15.01
C GLU A 78 8.54 -0.96 -16.47
N LYS A 79 8.39 -2.22 -16.84
CA LYS A 79 8.67 -2.64 -18.20
C LYS A 79 8.08 -1.63 -19.18
N THR A 80 6.77 -1.69 -19.33
CA THR A 80 6.07 -0.78 -20.22
C THR A 80 5.08 0.08 -19.44
N LYS A 81 5.25 0.09 -18.13
CA LYS A 81 4.38 0.86 -17.27
C LYS A 81 2.98 0.24 -17.26
N ASP A 82 2.89 -0.93 -17.89
CA ASP A 82 1.63 -1.64 -17.96
C ASP A 82 1.06 -1.82 -16.55
N LEU A 83 0.00 -2.61 -16.47
CA LEU A 83 -0.64 -2.87 -15.19
C LEU A 83 -0.47 -4.34 -14.83
N ILE A 84 0.15 -4.57 -13.68
CA ILE A 84 0.38 -5.92 -13.20
C ILE A 84 -0.81 -6.37 -12.34
N VAL A 85 -1.20 -5.49 -11.44
CA VAL A 85 -2.31 -5.78 -10.54
C VAL A 85 -3.09 -4.49 -10.27
N ASP A 86 -4.36 -4.66 -9.96
CA ASP A 86 -5.23 -3.53 -9.68
C ASP A 86 -5.98 -3.78 -8.37
N GLN A 87 -5.43 -3.27 -7.29
CA GLN A 87 -6.03 -3.44 -5.98
C GLN A 87 -6.91 -2.23 -5.64
N THR A 88 -7.95 -2.48 -4.88
CA THR A 88 -8.87 -1.43 -4.48
C THR A 88 -8.76 -1.16 -2.97
N ILE A 89 -8.92 0.10 -2.61
CA ILE A 89 -8.83 0.50 -1.22
C ILE A 89 -9.95 -0.20 -0.43
N GLU A 90 -10.99 -0.58 -1.15
CA GLU A 90 -12.11 -1.26 -0.54
C GLU A 90 -11.65 -2.54 0.16
N LYS A 91 -11.25 -3.49 -0.65
CA LYS A 91 -10.78 -4.78 -0.14
C LYS A 91 -9.85 -4.52 1.05
N VAL A 92 -8.82 -3.74 0.79
CA VAL A 92 -7.85 -3.41 1.82
C VAL A 92 -8.57 -3.14 3.14
N SER A 93 -8.48 -4.12 4.04
CA SER A 93 -9.13 -3.99 5.33
C SER A 93 -8.13 -3.49 6.37
N PHE A 94 -6.94 -4.05 6.32
CA PHE A 94 -5.89 -3.66 7.25
C PHE A 94 -4.55 -3.51 6.53
N CYS A 95 -3.68 -2.68 7.11
CA CYS A 95 -2.37 -2.44 6.54
C CYS A 95 -1.44 -1.98 7.66
N ALA A 96 -0.27 -2.62 7.71
CA ALA A 96 0.71 -2.29 8.72
C ALA A 96 2.08 -2.12 8.06
N PRO A 97 2.94 -1.31 8.71
CA PRO A 97 4.27 -1.05 8.20
C PRO A 97 5.19 -2.26 8.44
N ASP A 98 6.48 -2.02 8.32
CA ASP A 98 7.47 -3.06 8.53
C ASP A 98 7.72 -3.24 10.03
N ARG A 99 8.77 -3.98 10.34
CA ARG A 99 9.12 -4.24 11.72
C ARG A 99 10.24 -5.28 11.80
N ASN A 100 10.17 -6.25 10.90
CA ASN A 100 11.17 -7.31 10.86
C ASN A 100 12.21 -6.97 9.79
N PHE A 101 11.72 -6.55 8.64
CA PHE A 101 12.59 -6.20 7.54
C PHE A 101 12.96 -4.71 7.58
N ASP A 102 14.02 -4.38 6.86
CA ASP A 102 14.48 -3.00 6.81
C ASP A 102 13.43 -2.13 6.13
N ARG A 103 12.87 -2.67 5.05
CA ARG A 103 11.84 -1.96 4.30
C ARG A 103 10.86 -2.95 3.68
N ALA A 104 9.87 -3.32 4.47
CA ALA A 104 8.85 -4.25 4.02
C ALA A 104 7.47 -3.72 4.38
N PHE A 105 6.56 -3.82 3.43
CA PHE A 105 5.19 -3.35 3.64
C PHE A 105 4.18 -4.31 3.00
N SER A 106 3.20 -4.69 3.80
CA SER A 106 2.16 -5.60 3.33
C SER A 106 0.81 -5.18 3.89
N TYR A 107 -0.24 -5.50 3.13
CA TYR A 107 -1.58 -5.16 3.54
C TYR A 107 -2.54 -6.31 3.26
N ILE A 108 -3.55 -6.43 4.13
CA ILE A 108 -4.53 -7.49 4.00
C ILE A 108 -5.71 -6.98 3.17
N CYS A 109 -6.33 -7.89 2.43
CA CYS A 109 -7.47 -7.54 1.60
C CYS A 109 -8.29 -8.81 1.35
N ARG A 110 -9.59 -8.62 1.23
CA ARG A 110 -10.49 -9.73 0.99
C ARG A 110 -10.60 -10.01 -0.51
N ASP A 111 -9.75 -10.91 -0.99
CA ASP A 111 -9.75 -11.27 -2.39
C ASP A 111 -11.18 -11.41 -2.88
N GLY A 112 -11.52 -10.60 -3.87
CA GLY A 112 -12.85 -10.62 -4.45
C GLY A 112 -12.89 -11.43 -5.74
N THR A 113 -12.17 -12.55 -5.72
CA THR A 113 -12.10 -13.41 -6.89
C THR A 113 -12.31 -14.87 -6.48
N THR A 114 -11.61 -15.26 -5.43
CA THR A 114 -11.70 -16.62 -4.93
C THR A 114 -12.62 -16.68 -3.71
N ARG A 115 -13.01 -15.50 -3.23
CA ARG A 115 -13.88 -15.40 -2.09
C ARG A 115 -13.14 -15.82 -0.81
N ARG A 116 -11.97 -15.23 -0.62
CA ARG A 116 -11.15 -15.54 0.54
C ARG A 116 -10.37 -14.29 0.97
N TRP A 117 -9.45 -14.52 1.90
CA TRP A 117 -8.62 -13.44 2.42
C TRP A 117 -7.23 -13.57 1.81
N ILE A 118 -6.73 -12.46 1.28
CA ILE A 118 -5.42 -12.44 0.66
C ILE A 118 -4.64 -11.21 1.15
N CYS A 119 -3.37 -11.43 1.42
CA CYS A 119 -2.51 -10.36 1.89
C CYS A 119 -1.40 -10.14 0.87
N HIS A 120 -1.29 -8.89 0.42
CA HIS A 120 -0.28 -8.55 -0.57
C HIS A 120 0.93 -7.93 0.15
N CYS A 121 2.11 -8.37 -0.28
CA CYS A 121 3.34 -7.87 0.30
C CYS A 121 4.08 -7.04 -0.77
N PHE A 122 4.82 -6.04 -0.28
CA PHE A 122 5.56 -5.18 -1.17
C PHE A 122 6.85 -4.68 -0.50
N MET A 123 7.97 -5.03 -1.10
CA MET A 123 9.27 -4.62 -0.57
C MET A 123 9.71 -3.30 -1.19
N ALA A 124 10.30 -2.46 -0.35
CA ALA A 124 10.79 -1.16 -0.80
C ALA A 124 12.11 -1.35 -1.56
N VAL A 125 12.30 -0.51 -2.57
CA VAL A 125 13.51 -0.57 -3.37
C VAL A 125 14.58 0.32 -2.74
N LYS A 126 14.24 1.59 -2.58
CA LYS A 126 15.15 2.55 -1.99
C LYS A 126 14.40 3.42 -0.98
N ASP A 127 13.35 2.85 -0.43
CA ASP A 127 12.54 3.56 0.55
C ASP A 127 12.36 2.68 1.79
N THR A 128 11.34 3.01 2.56
CA THR A 128 11.05 2.26 3.77
C THR A 128 9.54 2.00 3.89
N GLY A 129 9.22 0.83 4.42
CA GLY A 129 7.82 0.45 4.59
C GLY A 129 6.99 1.63 5.12
N GLU A 130 7.57 2.33 6.08
CA GLU A 130 6.89 3.48 6.67
C GLU A 130 6.17 4.28 5.60
N ARG A 131 6.96 4.86 4.70
CA ARG A 131 6.42 5.65 3.62
C ARG A 131 5.32 4.87 2.89
N LEU A 132 5.61 3.60 2.65
CA LEU A 132 4.66 2.74 1.96
C LEU A 132 3.37 2.66 2.76
N SER A 133 3.53 2.66 4.08
CA SER A 133 2.38 2.58 4.97
C SER A 133 1.60 3.89 4.92
N HIS A 134 2.26 4.93 4.43
CA HIS A 134 1.65 6.24 4.32
C HIS A 134 0.74 6.29 3.08
N ALA A 135 1.37 6.09 1.93
CA ALA A 135 0.64 6.11 0.67
C ALA A 135 -0.66 5.31 0.83
N VAL A 136 -0.50 4.08 1.27
CA VAL A 136 -1.65 3.21 1.47
C VAL A 136 -2.62 3.87 2.45
N GLY A 137 -2.04 4.58 3.41
CA GLY A 137 -2.83 5.27 4.42
C GLY A 137 -3.38 6.59 3.89
N CYS A 138 -2.90 6.95 2.71
CA CYS A 138 -3.32 8.20 2.08
C CYS A 138 -4.67 7.94 1.38
N ALA A 139 -4.64 6.99 0.47
CA ALA A 139 -5.85 6.64 -0.28
C ALA A 139 -6.97 6.30 0.71
N PHE A 140 -6.63 5.47 1.67
CA PHE A 140 -7.60 5.05 2.68
C PHE A 140 -8.30 6.27 3.29
N ALA A 141 -7.50 7.15 3.86
CA ALA A 141 -8.03 8.35 4.48
C ALA A 141 -8.92 9.09 3.47
N ALA A 142 -8.48 9.08 2.23
CA ALA A 142 -9.22 9.74 1.17
C ALA A 142 -10.54 8.99 0.93
N CYS A 143 -10.40 7.74 0.52
CA CYS A 143 -11.56 6.90 0.25
C CYS A 143 -12.50 6.98 1.45
N LEU A 144 -11.93 6.78 2.63
CA LEU A 144 -12.70 6.83 3.87
C LEU A 144 -13.32 8.21 4.01
N GLU A 145 -12.57 9.21 3.56
CA GLU A 145 -13.04 10.58 3.65
C GLU A 145 -14.28 10.77 2.76
N ARG A 146 -14.52 9.79 1.93
CA ARG A 146 -15.66 9.82 1.02
C ARG A 146 -16.87 9.15 1.66
N LYS A 147 -16.59 8.23 2.57
CA LYS A 147 -17.65 7.50 3.26
C LYS A 147 -17.84 8.10 4.65
N GLN A 148 -16.74 8.22 5.37
CA GLN A 148 -16.78 8.78 6.71
C GLN A 148 -17.42 10.16 6.70
N LYS A 149 -17.44 10.78 7.86
CA LYS A 149 -18.01 12.11 8.00
C LYS A 149 -16.91 13.16 7.83
N ARG A 150 -17.33 14.41 7.72
CA ARG A 150 -16.40 15.51 7.57
C ARG A 150 -15.67 15.78 8.89
N SER A 151 -14.62 16.59 8.79
CA SER A 151 -13.82 16.93 9.96
C SER A 151 -13.18 15.67 10.55
N GLY A 152 -12.00 15.87 11.13
CA GLY A 152 -11.27 14.77 11.73
C GLY A 152 -10.01 15.26 12.43
N PRO A 153 -9.29 14.31 13.08
CA PRO A 153 -8.08 14.64 13.79
C PRO A 153 -6.92 14.89 12.82
N SER A 154 -5.79 15.30 13.38
CA SER A 154 -4.61 15.58 12.58
C SER A 154 -3.38 14.91 13.21
N SER A 155 -3.13 15.26 14.46
CA SER A 155 -2.00 14.70 15.18
C SER A 155 -0.69 15.15 14.52
N GLY A 156 -0.17 16.26 15.04
CA GLY A 156 1.07 16.81 14.52
C GLY A 156 1.58 17.94 15.40
N GLY A 1 1.14 8.05 18.19
CA GLY A 1 0.98 9.48 17.97
C GLY A 1 -0.33 9.79 17.25
N SER A 2 -0.40 9.34 16.00
CA SER A 2 -1.58 9.56 15.20
C SER A 2 -1.62 11.01 14.72
N SER A 3 -1.64 11.92 15.69
CA SER A 3 -1.68 13.33 15.39
C SER A 3 -2.98 13.67 14.65
N GLY A 4 -3.24 14.97 14.55
CA GLY A 4 -4.44 15.44 13.88
C GLY A 4 -4.48 16.97 13.82
N SER A 5 -3.83 17.50 12.80
CA SER A 5 -3.78 18.94 12.63
C SER A 5 -3.46 19.29 11.18
N SER A 6 -4.35 20.05 10.56
CA SER A 6 -4.17 20.45 9.17
C SER A 6 -2.96 21.38 9.05
N GLY A 7 -2.23 21.20 7.96
CA GLY A 7 -1.05 22.01 7.71
C GLY A 7 -0.20 21.42 6.59
N ALA A 8 -0.23 22.10 5.45
CA ALA A 8 0.52 21.65 4.29
C ALA A 8 1.89 22.34 4.28
N SER A 9 2.89 21.61 4.73
CA SER A 9 4.25 22.14 4.78
C SER A 9 5.22 21.04 5.23
N ARG A 10 5.74 20.33 4.25
CA ARG A 10 6.69 19.26 4.53
C ARG A 10 7.45 18.88 3.25
N PRO A 11 8.57 18.12 3.45
CA PRO A 11 9.38 17.69 2.33
C PRO A 11 8.71 16.55 1.57
N HIS A 12 9.43 16.02 0.60
CA HIS A 12 8.92 14.92 -0.21
C HIS A 12 9.38 13.59 0.37
N GLN A 13 8.42 12.80 0.81
CA GLN A 13 8.73 11.50 1.39
C GLN A 13 7.44 10.83 1.89
N TRP A 14 6.54 11.67 2.40
CA TRP A 14 5.28 11.17 2.92
C TRP A 14 4.16 12.08 2.40
N GLN A 15 4.37 13.38 2.58
CA GLN A 15 3.40 14.37 2.14
C GLN A 15 3.14 14.21 0.64
N THR A 16 4.22 13.99 -0.09
CA THR A 16 4.12 13.83 -1.54
C THR A 16 3.14 12.70 -1.89
N ASP A 17 2.94 11.82 -0.91
CA ASP A 17 2.04 10.70 -1.10
C ASP A 17 0.60 11.15 -0.80
N GLU A 18 0.50 12.33 -0.22
CA GLU A 18 -0.80 12.88 0.13
C GLU A 18 -1.40 13.61 -1.08
N GLU A 19 -0.53 14.21 -1.86
CA GLU A 19 -0.96 14.94 -3.05
C GLU A 19 -1.17 13.98 -4.21
N GLY A 20 -0.21 13.08 -4.39
CA GLY A 20 -0.28 12.11 -5.45
C GLY A 20 -1.53 11.23 -5.31
N VAL A 21 -2.04 11.18 -4.09
CA VAL A 21 -3.23 10.38 -3.81
C VAL A 21 -4.47 11.27 -3.98
N ARG A 22 -4.23 12.56 -4.10
CA ARG A 22 -5.32 13.50 -4.26
C ARG A 22 -5.45 13.92 -5.72
N THR A 23 -4.31 13.96 -6.40
CA THR A 23 -4.29 14.33 -7.80
C THR A 23 -4.23 13.09 -8.69
N GLY A 24 -3.49 12.10 -8.22
CA GLY A 24 -3.34 10.85 -8.95
C GLY A 24 -1.92 10.71 -9.50
N LYS A 25 -0.99 10.47 -8.59
CA LYS A 25 0.40 10.30 -8.97
C LYS A 25 1.23 9.96 -7.74
N CYS A 26 0.63 9.18 -6.85
CA CYS A 26 1.30 8.77 -5.63
C CYS A 26 1.85 7.35 -5.82
N SER A 27 2.93 7.28 -6.57
CA SER A 27 3.56 6.00 -6.84
C SER A 27 5.06 6.08 -6.55
N PHE A 28 5.62 4.94 -6.17
CA PHE A 28 7.03 4.86 -5.85
C PHE A 28 7.63 3.53 -6.32
N PRO A 29 8.99 3.49 -6.33
CA PRO A 29 9.70 2.28 -6.75
C PRO A 29 9.65 1.22 -5.65
N VAL A 30 9.03 0.10 -5.99
CA VAL A 30 8.91 -1.00 -5.04
C VAL A 30 9.00 -2.32 -5.79
N LYS A 31 8.96 -3.41 -5.04
CA LYS A 31 9.05 -4.74 -5.62
C LYS A 31 7.80 -5.53 -5.22
N TYR A 32 7.39 -6.41 -6.14
CA TYR A 32 6.21 -7.24 -5.90
C TYR A 32 6.62 -8.65 -5.45
N LEU A 33 6.40 -8.91 -4.17
CA LEU A 33 6.72 -10.20 -3.60
C LEU A 33 5.70 -11.24 -4.07
N GLY A 34 4.43 -10.91 -3.85
CA GLY A 34 3.35 -11.80 -4.25
C GLY A 34 2.12 -11.60 -3.35
N HIS A 35 1.37 -12.68 -3.19
CA HIS A 35 0.17 -12.64 -2.36
C HIS A 35 0.05 -13.94 -1.58
N VAL A 36 -0.33 -13.81 -0.33
CA VAL A 36 -0.50 -14.97 0.54
C VAL A 36 -1.87 -14.91 1.22
N GLU A 37 -2.32 -16.07 1.69
CA GLU A 37 -3.61 -16.15 2.36
C GLU A 37 -3.47 -15.75 3.82
N VAL A 38 -4.57 -15.23 4.36
CA VAL A 38 -4.59 -14.80 5.75
C VAL A 38 -5.62 -15.62 6.52
N ASP A 39 -5.58 -15.47 7.83
CA ASP A 39 -6.51 -16.18 8.70
C ASP A 39 -7.29 -15.18 9.56
N GLU A 40 -6.61 -14.09 9.89
CA GLU A 40 -7.22 -13.06 10.70
C GLU A 40 -7.70 -11.90 9.82
N SER A 41 -6.94 -11.65 8.77
CA SER A 41 -7.28 -10.59 7.84
C SER A 41 -6.63 -9.27 8.29
N ARG A 42 -6.43 -9.17 9.59
CA ARG A 42 -5.81 -7.98 10.17
C ARG A 42 -4.80 -8.37 11.25
N GLY A 43 -3.77 -7.55 11.38
CA GLY A 43 -2.74 -7.79 12.35
C GLY A 43 -1.39 -7.24 11.88
N MET A 44 -0.81 -6.39 12.72
CA MET A 44 0.48 -5.78 12.40
C MET A 44 1.57 -6.86 12.25
N HIS A 45 1.43 -7.91 13.05
CA HIS A 45 2.39 -9.00 13.01
C HIS A 45 2.05 -9.94 11.85
N ILE A 46 0.81 -9.83 11.39
CA ILE A 46 0.35 -10.67 10.30
C ILE A 46 1.10 -10.31 9.03
N CYS A 47 0.85 -9.10 8.54
CA CYS A 47 1.49 -8.62 7.34
C CYS A 47 2.96 -9.08 7.36
N GLU A 48 3.62 -8.77 8.48
CA GLU A 48 5.01 -9.14 8.64
C GLU A 48 5.20 -10.64 8.41
N ASP A 49 4.32 -11.41 9.05
CA ASP A 49 4.38 -12.86 8.93
C ASP A 49 4.20 -13.26 7.45
N ALA A 50 3.51 -12.39 6.72
CA ALA A 50 3.27 -12.64 5.31
C ALA A 50 4.61 -12.66 4.57
N VAL A 51 5.36 -11.57 4.72
CA VAL A 51 6.65 -11.46 4.07
C VAL A 51 7.44 -12.75 4.29
N LYS A 52 7.69 -13.06 5.56
CA LYS A 52 8.43 -14.26 5.90
C LYS A 52 7.92 -15.43 5.05
N ARG A 53 6.60 -15.50 4.90
CA ARG A 53 5.99 -16.54 4.12
C ARG A 53 6.56 -16.57 2.70
N LEU A 54 6.49 -15.41 2.06
CA LEU A 54 7.01 -15.28 0.71
C LEU A 54 8.53 -15.36 0.73
N LYS A 55 9.07 -15.37 1.94
CA LYS A 55 10.51 -15.44 2.11
C LYS A 55 10.94 -16.91 2.21
N ALA A 56 9.95 -17.75 2.52
CA ALA A 56 10.21 -19.17 2.64
C ALA A 56 9.46 -19.92 1.53
N THR A 57 8.73 -19.16 0.73
CA THR A 57 7.97 -19.73 -0.36
C THR A 57 8.91 -20.13 -1.50
N GLY A 58 10.07 -19.51 -1.52
CA GLY A 58 11.06 -19.81 -2.55
C GLY A 58 10.73 -19.06 -3.84
N LYS A 59 10.50 -17.77 -3.71
CA LYS A 59 10.18 -16.93 -4.85
C LYS A 59 11.12 -15.72 -4.88
N LYS A 60 10.75 -14.75 -5.70
CA LYS A 60 11.55 -13.54 -5.83
C LYS A 60 10.62 -12.34 -5.94
N ALA A 61 11.23 -11.17 -6.12
CA ALA A 61 10.47 -9.93 -6.24
C ALA A 61 10.65 -9.38 -7.66
N VAL A 62 9.60 -8.72 -8.13
CA VAL A 62 9.63 -8.13 -9.46
C VAL A 62 9.86 -6.62 -9.34
N LYS A 63 10.39 -6.04 -10.41
CA LYS A 63 10.67 -4.62 -10.44
C LYS A 63 9.49 -3.89 -11.08
N ALA A 64 8.70 -3.26 -10.22
CA ALA A 64 7.54 -2.52 -10.69
C ALA A 64 7.33 -1.29 -9.80
N VAL A 65 6.47 -0.39 -10.27
CA VAL A 65 6.18 0.82 -9.53
C VAL A 65 4.80 0.70 -8.87
N LEU A 66 4.79 0.91 -7.55
CA LEU A 66 3.55 0.82 -6.80
C LEU A 66 2.86 2.18 -6.82
N TRP A 67 1.63 2.18 -7.32
CA TRP A 67 0.86 3.40 -7.39
C TRP A 67 -0.17 3.38 -6.25
N VAL A 68 -0.42 4.55 -5.70
CA VAL A 68 -1.37 4.68 -4.61
C VAL A 68 -2.41 5.73 -4.98
N SER A 69 -3.67 5.31 -4.92
CA SER A 69 -4.77 6.19 -5.25
C SER A 69 -5.97 5.89 -4.35
N ALA A 70 -6.84 6.88 -4.21
CA ALA A 70 -8.03 6.73 -3.38
C ALA A 70 -8.81 5.51 -3.85
N ASP A 71 -8.69 5.21 -5.14
CA ASP A 71 -9.38 4.08 -5.72
C ASP A 71 -8.69 2.78 -5.27
N GLY A 72 -7.50 2.95 -4.70
CA GLY A 72 -6.74 1.81 -4.22
C GLY A 72 -5.28 1.92 -4.66
N LEU A 73 -4.77 0.81 -5.17
CA LEU A 73 -3.38 0.76 -5.63
C LEU A 73 -3.34 0.19 -7.05
N ARG A 74 -2.14 0.17 -7.61
CA ARG A 74 -1.96 -0.34 -8.95
C ARG A 74 -0.49 -0.77 -9.16
N VAL A 75 -0.31 -2.07 -9.28
CA VAL A 75 1.03 -2.61 -9.48
C VAL A 75 1.38 -2.55 -10.97
N VAL A 76 2.00 -1.44 -11.35
CA VAL A 76 2.40 -1.25 -12.73
C VAL A 76 3.71 -2.00 -12.99
N ASP A 77 3.90 -2.35 -14.25
CA ASP A 77 5.11 -3.07 -14.65
C ASP A 77 6.08 -2.10 -15.31
N GLU A 78 7.10 -1.72 -14.55
CA GLU A 78 8.10 -0.80 -15.06
C GLU A 78 8.42 -1.11 -16.52
N LYS A 79 8.27 -2.38 -16.88
CA LYS A 79 8.54 -2.81 -18.23
C LYS A 79 7.94 -1.79 -19.22
N THR A 80 6.63 -1.84 -19.34
CA THR A 80 5.93 -0.94 -20.23
C THR A 80 4.92 -0.10 -19.46
N LYS A 81 5.10 -0.07 -18.15
CA LYS A 81 4.22 0.70 -17.28
C LYS A 81 2.85 0.05 -17.26
N ASP A 82 2.77 -1.12 -17.88
CA ASP A 82 1.51 -1.86 -17.95
C ASP A 82 0.96 -2.03 -16.52
N LEU A 83 -0.13 -2.79 -16.45
CA LEU A 83 -0.77 -3.04 -15.16
C LEU A 83 -0.59 -4.51 -14.78
N ILE A 84 0.06 -4.72 -13.65
CA ILE A 84 0.31 -6.07 -13.17
C ILE A 84 -0.87 -6.52 -12.31
N VAL A 85 -1.27 -5.65 -11.39
CA VAL A 85 -2.38 -5.94 -10.50
C VAL A 85 -3.16 -4.65 -10.23
N ASP A 86 -4.43 -4.84 -9.87
CA ASP A 86 -5.29 -3.71 -9.58
C ASP A 86 -6.00 -3.94 -8.24
N GLN A 87 -5.45 -3.30 -7.21
CA GLN A 87 -6.02 -3.44 -5.88
C GLN A 87 -6.86 -2.20 -5.54
N THR A 88 -7.99 -2.46 -4.89
CA THR A 88 -8.89 -1.38 -4.50
C THR A 88 -8.82 -1.14 -3.00
N ILE A 89 -8.79 0.13 -2.63
CA ILE A 89 -8.71 0.51 -1.23
C ILE A 89 -9.85 -0.17 -0.46
N GLU A 90 -10.91 -0.48 -1.20
CA GLU A 90 -12.06 -1.13 -0.61
C GLU A 90 -11.66 -2.44 0.06
N LYS A 91 -11.26 -3.39 -0.76
CA LYS A 91 -10.85 -4.69 -0.27
C LYS A 91 -9.88 -4.51 0.91
N VAL A 92 -8.80 -3.78 0.63
CA VAL A 92 -7.81 -3.51 1.65
C VAL A 92 -8.51 -3.20 2.97
N SER A 93 -8.33 -4.11 3.92
CA SER A 93 -8.93 -3.95 5.24
C SER A 93 -7.92 -3.34 6.21
N PHE A 94 -6.72 -3.93 6.19
CA PHE A 94 -5.66 -3.46 7.06
C PHE A 94 -4.33 -3.36 6.30
N CYS A 95 -3.46 -2.50 6.81
CA CYS A 95 -2.16 -2.30 6.20
C CYS A 95 -1.20 -1.77 7.27
N ALA A 96 -0.13 -2.53 7.49
CA ALA A 96 0.86 -2.14 8.47
C ALA A 96 2.26 -2.39 7.90
N PRO A 97 3.24 -1.60 8.41
CA PRO A 97 4.62 -1.72 7.96
C PRO A 97 5.27 -2.97 8.55
N ASP A 98 6.59 -3.02 8.42
CA ASP A 98 7.34 -4.15 8.95
C ASP A 98 8.54 -3.63 9.74
N ARG A 99 9.03 -4.48 10.63
CA ARG A 99 10.17 -4.12 11.46
C ARG A 99 11.35 -5.07 11.19
N ASN A 100 11.03 -6.36 11.14
CA ASN A 100 12.04 -7.37 10.89
C ASN A 100 12.95 -6.90 9.75
N PHE A 101 12.31 -6.42 8.69
CA PHE A 101 13.04 -5.93 7.53
C PHE A 101 13.23 -4.42 7.58
N ASP A 102 13.53 -3.85 6.43
CA ASP A 102 13.75 -2.42 6.33
C ASP A 102 12.75 -1.83 5.33
N ARG A 103 12.58 -2.54 4.23
CA ARG A 103 11.66 -2.10 3.18
C ARG A 103 10.71 -3.24 2.79
N ALA A 104 9.81 -3.56 3.72
CA ALA A 104 8.85 -4.61 3.48
C ALA A 104 7.46 -4.14 3.93
N PHE A 105 6.68 -3.72 2.95
CA PHE A 105 5.33 -3.24 3.23
C PHE A 105 4.28 -4.18 2.63
N SER A 106 3.47 -4.74 3.51
CA SER A 106 2.43 -5.66 3.09
C SER A 106 1.07 -5.22 3.67
N TYR A 107 0.02 -5.49 2.92
CA TYR A 107 -1.32 -5.13 3.33
C TYR A 107 -2.31 -6.26 3.03
N ILE A 108 -3.32 -6.35 3.87
CA ILE A 108 -4.34 -7.36 3.71
C ILE A 108 -5.53 -6.78 2.95
N CYS A 109 -6.17 -7.62 2.15
CA CYS A 109 -7.32 -7.20 1.37
C CYS A 109 -8.15 -8.44 1.04
N ARG A 110 -9.43 -8.20 0.82
CA ARG A 110 -10.35 -9.29 0.49
C ARG A 110 -10.33 -9.56 -1.01
N ASP A 111 -9.55 -10.56 -1.38
CA ASP A 111 -9.43 -10.94 -2.79
C ASP A 111 -10.82 -10.93 -3.43
N GLY A 112 -11.01 -9.99 -4.35
CA GLY A 112 -12.28 -9.86 -5.04
C GLY A 112 -12.30 -10.73 -6.30
N THR A 113 -11.65 -11.88 -6.20
CA THR A 113 -11.58 -12.80 -7.32
C THR A 113 -12.22 -14.14 -6.95
N THR A 114 -11.74 -14.70 -5.84
CA THR A 114 -12.26 -15.97 -5.36
C THR A 114 -13.39 -15.75 -4.36
N ARG A 115 -13.04 -15.82 -3.09
CA ARG A 115 -14.01 -15.63 -2.03
C ARG A 115 -13.34 -15.75 -0.66
N ARG A 116 -12.15 -15.18 -0.57
CA ARG A 116 -11.39 -15.21 0.67
C ARG A 116 -10.59 -13.93 0.84
N TRP A 117 -9.73 -13.93 1.85
CA TRP A 117 -8.89 -12.77 2.13
C TRP A 117 -7.46 -13.11 1.72
N ILE A 118 -6.82 -12.14 1.08
CA ILE A 118 -5.45 -12.32 0.63
C ILE A 118 -4.59 -11.15 1.12
N CYS A 119 -3.32 -11.44 1.33
CA CYS A 119 -2.39 -10.43 1.80
C CYS A 119 -1.35 -10.19 0.72
N HIS A 120 -1.00 -8.93 0.55
CA HIS A 120 -0.01 -8.55 -0.46
C HIS A 120 1.21 -7.94 0.23
N CYS A 121 2.37 -8.29 -0.28
CA CYS A 121 3.62 -7.79 0.27
C CYS A 121 4.38 -7.05 -0.85
N PHE A 122 5.13 -6.03 -0.44
CA PHE A 122 5.90 -5.25 -1.39
C PHE A 122 7.22 -4.82 -0.77
N MET A 123 8.31 -5.21 -1.44
CA MET A 123 9.64 -4.87 -0.97
C MET A 123 10.13 -3.58 -1.63
N ALA A 124 9.94 -2.48 -0.93
CA ALA A 124 10.35 -1.18 -1.43
C ALA A 124 11.71 -1.32 -2.12
N VAL A 125 12.00 -0.37 -3.00
CA VAL A 125 13.25 -0.38 -3.73
C VAL A 125 14.29 0.45 -2.97
N LYS A 126 14.03 1.74 -2.90
CA LYS A 126 14.93 2.65 -2.21
C LYS A 126 14.13 3.53 -1.25
N ASP A 127 13.39 2.88 -0.37
CA ASP A 127 12.57 3.60 0.59
C ASP A 127 12.14 2.63 1.71
N THR A 128 11.76 3.22 2.83
CA THR A 128 11.33 2.42 3.97
C THR A 128 9.87 1.99 3.81
N GLY A 129 9.53 0.92 4.51
CA GLY A 129 8.17 0.41 4.45
C GLY A 129 7.24 1.19 5.39
N GLU A 130 7.80 2.22 6.00
CA GLU A 130 7.04 3.05 6.93
C GLU A 130 6.22 4.08 6.15
N ARG A 131 6.86 4.65 5.13
CA ARG A 131 6.20 5.66 4.31
C ARG A 131 5.22 4.99 3.35
N LEU A 132 5.53 3.74 3.01
CA LEU A 132 4.67 2.99 2.10
C LEU A 132 3.30 2.80 2.73
N SER A 133 3.29 2.70 4.05
CA SER A 133 2.05 2.52 4.78
C SER A 133 1.29 3.84 4.85
N HIS A 134 2.02 4.93 4.67
CA HIS A 134 1.43 6.26 4.70
C HIS A 134 0.56 6.46 3.46
N ALA A 135 1.10 6.03 2.32
CA ALA A 135 0.39 6.16 1.07
C ALA A 135 -0.89 5.33 1.12
N VAL A 136 -0.72 4.04 1.33
CA VAL A 136 -1.86 3.14 1.41
C VAL A 136 -2.81 3.61 2.51
N GLY A 137 -2.22 4.18 3.55
CA GLY A 137 -3.00 4.68 4.67
C GLY A 137 -3.53 6.08 4.39
N CYS A 138 -3.08 6.64 3.28
CA CYS A 138 -3.50 7.97 2.89
C CYS A 138 -4.77 7.85 2.05
N ALA A 139 -4.65 7.10 0.97
CA ALA A 139 -5.78 6.89 0.07
C ALA A 139 -6.99 6.44 0.89
N PHE A 140 -6.73 5.55 1.83
CA PHE A 140 -7.78 5.03 2.69
C PHE A 140 -8.57 6.16 3.34
N ALA A 141 -7.86 7.01 4.07
CA ALA A 141 -8.49 8.13 4.73
C ALA A 141 -9.32 8.93 3.73
N ALA A 142 -8.80 9.01 2.52
CA ALA A 142 -9.49 9.73 1.46
C ALA A 142 -10.79 9.00 1.11
N CYS A 143 -10.63 7.79 0.58
CA CYS A 143 -11.77 6.98 0.20
C CYS A 143 -12.76 6.97 1.37
N LEU A 144 -12.24 6.70 2.55
CA LEU A 144 -13.06 6.66 3.75
C LEU A 144 -13.76 8.00 3.92
N GLU A 145 -12.95 9.06 3.87
CA GLU A 145 -13.47 10.41 4.03
C GLU A 145 -14.84 10.53 3.34
N ARG A 146 -14.84 10.31 2.03
CA ARG A 146 -16.06 10.39 1.26
C ARG A 146 -17.24 9.84 2.07
N LYS A 147 -16.99 8.71 2.72
CA LYS A 147 -18.02 8.07 3.52
C LYS A 147 -18.03 8.71 4.92
N GLN A 148 -16.88 8.65 5.58
CA GLN A 148 -16.76 9.21 6.91
C GLN A 148 -17.13 10.70 6.90
N LYS A 149 -16.92 11.34 8.03
CA LYS A 149 -17.23 12.75 8.16
C LYS A 149 -18.73 12.97 7.95
N ARG A 150 -19.19 14.14 8.34
CA ARG A 150 -20.59 14.49 8.20
C ARG A 150 -20.75 15.94 7.76
N SER A 151 -21.79 16.18 6.97
CA SER A 151 -22.06 17.52 6.47
C SER A 151 -23.55 17.83 6.59
N GLY A 152 -24.36 16.87 6.19
CA GLY A 152 -25.80 17.03 6.24
C GLY A 152 -26.42 16.07 7.25
N PRO A 153 -26.71 14.83 6.76
CA PRO A 153 -27.30 13.81 7.60
C PRO A 153 -26.27 13.22 8.56
N SER A 154 -26.69 12.22 9.31
CA SER A 154 -25.82 11.55 10.27
C SER A 154 -26.13 10.06 10.31
N SER A 155 -27.39 9.76 10.61
CA SER A 155 -27.81 8.37 10.69
C SER A 155 -29.35 8.30 10.72
N GLY A 156 -29.92 8.98 11.69
CA GLY A 156 -31.37 9.00 11.84
C GLY A 156 -31.81 10.15 12.76
N GLY A 1 -7.75 27.32 -18.58
CA GLY A 1 -7.53 25.91 -18.30
C GLY A 1 -6.04 25.56 -18.39
N SER A 2 -5.78 24.27 -18.57
CA SER A 2 -4.41 23.79 -18.68
C SER A 2 -4.40 22.34 -19.15
N SER A 3 -3.24 21.91 -19.62
CA SER A 3 -3.08 20.55 -20.10
C SER A 3 -1.60 20.17 -20.12
N GLY A 4 -1.35 18.91 -19.77
CA GLY A 4 0.02 18.41 -19.74
C GLY A 4 0.49 18.20 -18.30
N SER A 5 1.10 17.04 -18.08
CA SER A 5 1.59 16.70 -16.75
C SER A 5 2.39 15.41 -16.80
N SER A 6 3.71 15.55 -16.63
CA SER A 6 4.59 14.39 -16.66
C SER A 6 5.86 14.70 -15.86
N GLY A 7 6.51 13.63 -15.42
CA GLY A 7 7.73 13.76 -14.64
C GLY A 7 7.75 12.77 -13.48
N ALA A 8 8.91 12.15 -13.29
CA ALA A 8 9.07 11.19 -12.21
C ALA A 8 10.03 11.75 -11.17
N SER A 9 9.59 12.83 -10.53
CA SER A 9 10.39 13.47 -9.51
C SER A 9 9.61 14.62 -8.87
N ARG A 10 9.38 14.50 -7.57
CA ARG A 10 8.65 15.52 -6.83
C ARG A 10 9.24 15.70 -5.44
N PRO A 11 8.95 16.88 -4.83
CA PRO A 11 9.45 17.19 -3.50
C PRO A 11 8.67 16.41 -2.43
N HIS A 12 9.02 16.70 -1.19
CA HIS A 12 8.37 16.03 -0.07
C HIS A 12 8.70 14.54 -0.10
N GLN A 13 8.09 13.81 0.83
CA GLN A 13 8.31 12.38 0.92
C GLN A 13 7.01 11.67 1.29
N TRP A 14 6.43 12.12 2.40
CA TRP A 14 5.18 11.53 2.87
C TRP A 14 4.02 12.37 2.31
N GLN A 15 4.04 13.65 2.65
CA GLN A 15 3.01 14.56 2.19
C GLN A 15 2.76 14.37 0.70
N THR A 16 3.86 14.21 -0.04
CA THR A 16 3.78 14.03 -1.47
C THR A 16 2.90 12.83 -1.82
N ASP A 17 2.69 11.99 -0.80
CA ASP A 17 1.86 10.81 -0.98
C ASP A 17 0.41 11.14 -0.64
N GLU A 18 0.23 12.27 0.03
CA GLU A 18 -1.09 12.71 0.42
C GLU A 18 -1.75 13.48 -0.73
N GLU A 19 -0.92 14.01 -1.61
CA GLU A 19 -1.40 14.76 -2.75
C GLU A 19 -1.52 13.85 -3.97
N GLY A 20 -0.48 13.06 -4.19
CA GLY A 20 -0.46 12.13 -5.31
C GLY A 20 -1.64 11.18 -5.25
N VAL A 21 -2.28 11.14 -4.10
CA VAL A 21 -3.43 10.27 -3.90
C VAL A 21 -4.70 11.01 -4.32
N ARG A 22 -4.64 12.32 -4.22
CA ARG A 22 -5.79 13.16 -4.57
C ARG A 22 -5.56 13.81 -5.94
N THR A 23 -4.33 13.69 -6.43
CA THR A 23 -3.98 14.25 -7.72
C THR A 23 -3.78 13.14 -8.75
N GLY A 24 -2.80 12.28 -8.46
CA GLY A 24 -2.51 11.18 -9.35
C GLY A 24 -1.00 11.07 -9.62
N LYS A 25 -0.28 10.66 -8.59
CA LYS A 25 1.16 10.53 -8.70
C LYS A 25 1.72 10.11 -7.33
N CYS A 26 0.98 9.26 -6.66
CA CYS A 26 1.40 8.78 -5.35
C CYS A 26 1.97 7.37 -5.51
N SER A 27 2.87 7.24 -6.47
CA SER A 27 3.50 5.96 -6.75
C SER A 27 5.00 6.04 -6.44
N PHE A 28 5.55 4.90 -6.07
CA PHE A 28 6.96 4.82 -5.75
C PHE A 28 7.57 3.50 -6.21
N PRO A 29 8.93 3.46 -6.25
CA PRO A 29 9.63 2.25 -6.68
C PRO A 29 9.61 1.20 -5.58
N VAL A 30 8.97 0.09 -5.90
CA VAL A 30 8.87 -1.02 -4.95
C VAL A 30 8.99 -2.34 -5.70
N LYS A 31 9.16 -3.41 -4.93
CA LYS A 31 9.30 -4.73 -5.51
C LYS A 31 8.05 -5.57 -5.16
N TYR A 32 7.66 -6.41 -6.10
CA TYR A 32 6.50 -7.26 -5.90
C TYR A 32 6.92 -8.66 -5.47
N LEU A 33 6.69 -8.96 -4.20
CA LEU A 33 7.05 -10.26 -3.66
C LEU A 33 6.06 -11.31 -4.18
N GLY A 34 4.78 -10.97 -4.10
CA GLY A 34 3.73 -11.87 -4.57
C GLY A 34 2.44 -11.67 -3.78
N HIS A 35 1.73 -12.77 -3.58
CA HIS A 35 0.48 -12.72 -2.84
C HIS A 35 0.30 -14.01 -2.05
N VAL A 36 0.14 -13.85 -0.74
CA VAL A 36 -0.04 -14.99 0.15
C VAL A 36 -1.41 -14.91 0.80
N GLU A 37 -1.73 -15.94 1.56
CA GLU A 37 -3.00 -16.00 2.26
C GLU A 37 -2.86 -15.49 3.69
N VAL A 38 -3.58 -14.42 3.98
CA VAL A 38 -3.55 -13.83 5.31
C VAL A 38 -3.80 -14.92 6.36
N ASP A 39 -3.85 -14.49 7.61
CA ASP A 39 -4.09 -15.41 8.71
C ASP A 39 -5.36 -15.00 9.45
N GLU A 40 -5.51 -13.70 9.62
CA GLU A 40 -6.67 -13.16 10.32
C GLU A 40 -7.44 -12.21 9.40
N SER A 41 -6.89 -11.02 9.23
CA SER A 41 -7.52 -10.01 8.39
C SER A 41 -7.07 -8.62 8.82
N ARG A 42 -6.63 -8.53 10.07
CA ARG A 42 -6.17 -7.27 10.61
C ARG A 42 -5.16 -7.50 11.74
N GLY A 43 -3.98 -6.94 11.54
CA GLY A 43 -2.91 -7.08 12.52
C GLY A 43 -1.56 -6.72 11.92
N MET A 44 -0.77 -6.01 12.71
CA MET A 44 0.56 -5.60 12.27
C MET A 44 1.49 -6.80 12.12
N HIS A 45 1.31 -7.76 13.02
CA HIS A 45 2.13 -8.96 13.00
C HIS A 45 1.67 -9.88 11.86
N ILE A 46 0.55 -9.50 11.26
CA ILE A 46 0.01 -10.27 10.16
C ILE A 46 0.72 -9.88 8.85
N CYS A 47 0.68 -8.58 8.57
CA CYS A 47 1.31 -8.07 7.37
C CYS A 47 2.69 -8.71 7.24
N GLU A 48 3.46 -8.60 8.31
CA GLU A 48 4.80 -9.17 8.33
C GLU A 48 4.74 -10.67 8.06
N ASP A 49 3.87 -11.34 8.80
CA ASP A 49 3.70 -12.77 8.65
C ASP A 49 3.73 -13.14 7.17
N ALA A 50 3.07 -12.30 6.37
CA ALA A 50 3.01 -12.52 4.94
C ALA A 50 4.44 -12.59 4.38
N VAL A 51 5.14 -11.48 4.51
CA VAL A 51 6.51 -11.40 4.03
C VAL A 51 7.23 -12.71 4.33
N LYS A 52 7.32 -13.02 5.61
CA LYS A 52 7.98 -14.25 6.03
C LYS A 52 7.56 -15.40 5.12
N ARG A 53 6.25 -15.59 5.03
CA ARG A 53 5.70 -16.65 4.20
C ARG A 53 6.46 -16.72 2.88
N LEU A 54 6.52 -15.58 2.20
CA LEU A 54 7.20 -15.51 0.92
C LEU A 54 8.70 -15.74 1.14
N LYS A 55 9.18 -15.31 2.29
CA LYS A 55 10.58 -15.47 2.63
C LYS A 55 10.90 -16.95 2.81
N ALA A 56 9.85 -17.72 3.03
CA ALA A 56 10.00 -19.16 3.22
C ALA A 56 9.64 -19.88 1.91
N THR A 57 8.93 -19.16 1.06
CA THR A 57 8.51 -19.72 -0.22
C THR A 57 9.71 -19.85 -1.15
N GLY A 58 10.76 -19.09 -0.84
CA GLY A 58 11.96 -19.11 -1.63
C GLY A 58 11.68 -18.69 -3.08
N LYS A 59 11.35 -17.42 -3.23
CA LYS A 59 11.04 -16.88 -4.54
C LYS A 59 11.89 -15.62 -4.78
N LYS A 60 11.36 -14.73 -5.60
CA LYS A 60 12.05 -13.50 -5.92
C LYS A 60 11.02 -12.36 -6.04
N ALA A 61 11.55 -11.15 -6.22
CA ALA A 61 10.69 -9.99 -6.36
C ALA A 61 10.81 -9.43 -7.78
N VAL A 62 9.85 -8.59 -8.14
CA VAL A 62 9.83 -8.00 -9.46
C VAL A 62 10.02 -6.49 -9.33
N LYS A 63 10.51 -5.90 -10.42
CA LYS A 63 10.76 -4.46 -10.45
C LYS A 63 9.55 -3.76 -11.06
N ALA A 64 8.76 -3.14 -10.21
CA ALA A 64 7.57 -2.43 -10.66
C ALA A 64 7.33 -1.22 -9.75
N VAL A 65 6.44 -0.35 -10.20
CA VAL A 65 6.11 0.86 -9.46
C VAL A 65 4.74 0.68 -8.81
N LEU A 66 4.71 0.89 -7.50
CA LEU A 66 3.47 0.76 -6.76
C LEU A 66 2.75 2.11 -6.75
N TRP A 67 1.53 2.10 -7.26
CA TRP A 67 0.73 3.32 -7.32
C TRP A 67 -0.29 3.26 -6.17
N VAL A 68 -0.59 4.44 -5.64
CA VAL A 68 -1.53 4.54 -4.55
C VAL A 68 -2.54 5.65 -4.85
N SER A 69 -3.81 5.27 -4.88
CA SER A 69 -4.87 6.22 -5.16
C SER A 69 -6.11 5.88 -4.33
N ALA A 70 -7.00 6.86 -4.23
CA ALA A 70 -8.23 6.67 -3.46
C ALA A 70 -8.96 5.43 -3.97
N ASP A 71 -8.77 5.16 -5.24
CA ASP A 71 -9.41 4.00 -5.86
C ASP A 71 -8.75 2.72 -5.33
N GLY A 72 -7.58 2.90 -4.74
CA GLY A 72 -6.85 1.77 -4.19
C GLY A 72 -5.37 1.83 -4.59
N LEU A 73 -4.88 0.70 -5.09
CA LEU A 73 -3.50 0.61 -5.52
C LEU A 73 -3.44 0.09 -6.96
N ARG A 74 -2.25 0.12 -7.51
CA ARG A 74 -2.05 -0.34 -8.88
C ARG A 74 -0.58 -0.73 -9.10
N VAL A 75 -0.35 -2.03 -9.16
CA VAL A 75 0.99 -2.54 -9.36
C VAL A 75 1.33 -2.50 -10.85
N VAL A 76 1.97 -1.41 -11.25
CA VAL A 76 2.36 -1.24 -12.64
C VAL A 76 3.66 -1.99 -12.91
N ASP A 77 3.83 -2.38 -14.16
CA ASP A 77 5.03 -3.10 -14.56
C ASP A 77 5.98 -2.16 -15.28
N GLU A 78 7.02 -1.76 -14.56
CA GLU A 78 8.01 -0.85 -15.13
C GLU A 78 8.28 -1.19 -16.60
N LYS A 79 8.11 -2.47 -16.91
CA LYS A 79 8.33 -2.93 -18.27
C LYS A 79 7.73 -1.93 -19.25
N THR A 80 6.41 -1.94 -19.34
CA THR A 80 5.70 -1.03 -20.23
C THR A 80 4.71 -0.18 -19.44
N LYS A 81 4.93 -0.13 -18.14
CA LYS A 81 4.07 0.66 -17.26
C LYS A 81 2.70 -0.01 -17.17
N ASP A 82 2.60 -1.19 -17.78
CA ASP A 82 1.36 -1.94 -17.79
C ASP A 82 0.88 -2.14 -16.35
N LEU A 83 -0.15 -2.96 -16.21
CA LEU A 83 -0.70 -3.23 -14.89
C LEU A 83 -0.46 -4.70 -14.55
N ILE A 84 0.16 -4.91 -13.39
CA ILE A 84 0.45 -6.26 -12.93
C ILE A 84 -0.69 -6.75 -12.04
N VAL A 85 -1.16 -5.86 -11.18
CA VAL A 85 -2.24 -6.19 -10.28
C VAL A 85 -3.13 -4.97 -10.08
N ASP A 86 -4.37 -5.22 -9.72
CA ASP A 86 -5.33 -4.15 -9.49
C ASP A 86 -6.04 -4.38 -8.15
N GLN A 87 -5.77 -3.47 -7.22
CA GLN A 87 -6.37 -3.56 -5.90
C GLN A 87 -7.13 -2.27 -5.58
N THR A 88 -8.25 -2.45 -4.90
CA THR A 88 -9.08 -1.30 -4.52
C THR A 88 -8.97 -1.05 -3.02
N ILE A 89 -8.96 0.24 -2.67
CA ILE A 89 -8.87 0.63 -1.28
C ILE A 89 -10.01 -0.02 -0.49
N GLU A 90 -11.14 -0.18 -1.17
CA GLU A 90 -12.30 -0.77 -0.54
C GLU A 90 -11.93 -2.12 0.10
N LYS A 91 -11.53 -3.05 -0.75
CA LYS A 91 -11.15 -4.37 -0.29
C LYS A 91 -10.17 -4.24 0.88
N VAL A 92 -9.09 -3.52 0.61
CA VAL A 92 -8.06 -3.31 1.63
C VAL A 92 -8.74 -3.07 2.98
N SER A 93 -8.37 -3.89 3.94
CA SER A 93 -8.92 -3.78 5.28
C SER A 93 -7.93 -3.08 6.21
N PHE A 94 -6.70 -3.62 6.22
CA PHE A 94 -5.66 -3.07 7.06
C PHE A 94 -4.30 -3.15 6.36
N CYS A 95 -3.37 -2.34 6.84
CA CYS A 95 -2.03 -2.31 6.27
C CYS A 95 -1.07 -1.77 7.34
N ALA A 96 0.03 -2.48 7.51
CA ALA A 96 1.04 -2.09 8.48
C ALA A 96 2.43 -2.24 7.86
N PRO A 97 3.36 -1.36 8.32
CA PRO A 97 4.73 -1.37 7.83
C PRO A 97 5.50 -2.57 8.41
N ASP A 98 6.81 -2.46 8.32
CA ASP A 98 7.68 -3.52 8.84
C ASP A 98 8.95 -2.89 9.41
N ARG A 99 9.40 -3.45 10.53
CA ARG A 99 10.60 -2.96 11.18
C ARG A 99 11.62 -4.10 11.34
N ASN A 100 11.20 -5.28 10.91
CA ASN A 100 12.07 -6.45 11.00
C ASN A 100 12.89 -6.57 9.71
N PHE A 101 12.37 -5.98 8.66
CA PHE A 101 13.04 -6.01 7.37
C PHE A 101 13.50 -4.62 6.95
N ASP A 102 14.34 -4.58 5.92
CA ASP A 102 14.86 -3.31 5.42
C ASP A 102 13.69 -2.47 4.91
N ARG A 103 12.86 -3.09 4.10
CA ARG A 103 11.71 -2.40 3.52
C ARG A 103 10.69 -3.42 2.98
N ALA A 104 9.76 -3.78 3.84
CA ALA A 104 8.73 -4.74 3.46
C ALA A 104 7.36 -4.22 3.91
N PHE A 105 6.48 -4.05 2.94
CA PHE A 105 5.15 -3.56 3.21
C PHE A 105 4.08 -4.48 2.61
N SER A 106 3.09 -4.80 3.42
CA SER A 106 2.01 -5.66 2.98
C SER A 106 0.68 -5.17 3.54
N TYR A 107 -0.40 -5.65 2.93
CA TYR A 107 -1.74 -5.27 3.37
C TYR A 107 -2.74 -6.38 3.08
N ILE A 108 -3.78 -6.42 3.90
CA ILE A 108 -4.82 -7.43 3.76
C ILE A 108 -5.94 -6.87 2.88
N CYS A 109 -6.57 -7.76 2.13
CA CYS A 109 -7.65 -7.38 1.25
C CYS A 109 -8.50 -8.62 0.96
N ARG A 110 -9.80 -8.41 0.92
CA ARG A 110 -10.74 -9.50 0.65
C ARG A 110 -10.71 -9.86 -0.83
N ASP A 111 -10.94 -11.14 -1.10
CA ASP A 111 -10.95 -11.63 -2.46
C ASP A 111 -12.20 -12.49 -2.69
N GLY A 112 -12.72 -12.42 -3.90
CA GLY A 112 -13.91 -13.18 -4.25
C GLY A 112 -13.58 -14.26 -5.29
N THR A 113 -13.29 -15.45 -4.78
CA THR A 113 -12.95 -16.57 -5.64
C THR A 113 -12.70 -17.82 -4.81
N THR A 114 -11.68 -17.74 -3.96
CA THR A 114 -11.33 -18.86 -3.11
C THR A 114 -12.03 -18.75 -1.76
N ARG A 115 -12.72 -17.63 -1.58
CA ARG A 115 -13.43 -17.38 -0.34
C ARG A 115 -12.45 -17.08 0.79
N ARG A 116 -11.57 -16.12 0.52
CA ARG A 116 -10.57 -15.73 1.51
C ARG A 116 -9.97 -14.37 1.14
N TRP A 117 -8.98 -13.96 1.92
CA TRP A 117 -8.32 -12.69 1.70
C TRP A 117 -6.87 -12.97 1.30
N ILE A 118 -6.34 -12.11 0.46
CA ILE A 118 -4.97 -12.26 -0.01
C ILE A 118 -4.10 -11.19 0.65
N CYS A 119 -2.90 -11.60 1.05
CA CYS A 119 -1.96 -10.70 1.68
C CYS A 119 -0.89 -10.31 0.67
N HIS A 120 -1.02 -9.10 0.14
CA HIS A 120 -0.07 -8.61 -0.84
C HIS A 120 1.12 -7.96 -0.12
N CYS A 121 2.31 -8.44 -0.46
CA CYS A 121 3.53 -7.93 0.14
C CYS A 121 4.29 -7.16 -0.93
N PHE A 122 5.09 -6.21 -0.48
CA PHE A 122 5.90 -5.39 -1.37
C PHE A 122 7.20 -4.96 -0.72
N MET A 123 8.29 -5.20 -1.42
CA MET A 123 9.61 -4.83 -0.91
C MET A 123 10.09 -3.52 -1.53
N ALA A 124 9.85 -2.44 -0.80
CA ALA A 124 10.26 -1.12 -1.26
C ALA A 124 11.64 -1.22 -1.91
N VAL A 125 11.82 -0.41 -2.95
CA VAL A 125 13.08 -0.39 -3.67
C VAL A 125 14.11 0.40 -2.87
N LYS A 126 13.88 1.71 -2.79
CA LYS A 126 14.78 2.58 -2.06
C LYS A 126 13.97 3.39 -1.04
N ASP A 127 12.99 2.73 -0.44
CA ASP A 127 12.14 3.37 0.54
C ASP A 127 11.93 2.42 1.72
N THR A 128 11.22 2.91 2.72
CA THR A 128 10.94 2.12 3.90
C THR A 128 9.46 1.74 3.95
N GLY A 129 9.20 0.53 4.45
CA GLY A 129 7.84 0.05 4.56
C GLY A 129 6.91 1.13 5.12
N GLU A 130 7.50 2.03 5.89
CA GLU A 130 6.74 3.12 6.49
C GLU A 130 6.11 3.99 5.41
N ARG A 131 6.97 4.66 4.65
CA ARG A 131 6.51 5.52 3.58
C ARG A 131 5.36 4.85 2.81
N LEU A 132 5.47 3.54 2.67
CA LEU A 132 4.45 2.78 1.97
C LEU A 132 3.14 2.82 2.76
N SER A 133 3.25 2.48 4.03
CA SER A 133 2.08 2.47 4.91
C SER A 133 1.38 3.83 4.83
N HIS A 134 2.15 4.84 4.45
CA HIS A 134 1.61 6.18 4.32
C HIS A 134 0.70 6.28 3.10
N ALA A 135 1.33 6.16 1.94
CA ALA A 135 0.59 6.22 0.69
C ALA A 135 -0.70 5.41 0.81
N VAL A 136 -0.54 4.13 1.09
CA VAL A 136 -1.68 3.24 1.24
C VAL A 136 -2.61 3.79 2.32
N GLY A 137 -2.00 4.45 3.30
CA GLY A 137 -2.76 5.03 4.39
C GLY A 137 -3.35 6.39 4.00
N CYS A 138 -2.95 6.84 2.82
CA CYS A 138 -3.41 8.13 2.32
C CYS A 138 -4.75 7.90 1.61
N ALA A 139 -4.69 7.09 0.56
CA ALA A 139 -5.89 6.78 -0.21
C ALA A 139 -7.01 6.36 0.73
N PHE A 140 -6.64 5.58 1.73
CA PHE A 140 -7.60 5.10 2.71
C PHE A 140 -8.31 6.27 3.40
N ALA A 141 -7.52 7.19 3.92
CA ALA A 141 -8.06 8.36 4.59
C ALA A 141 -8.93 9.15 3.62
N ALA A 142 -8.49 9.16 2.37
CA ALA A 142 -9.20 9.88 1.33
C ALA A 142 -10.51 9.15 1.02
N CYS A 143 -10.38 7.87 0.70
CA CYS A 143 -11.54 7.05 0.38
C CYS A 143 -12.49 7.08 1.58
N LEU A 144 -11.91 6.92 2.76
CA LEU A 144 -12.69 6.94 3.98
C LEU A 144 -13.26 8.34 4.21
N GLU A 145 -12.47 9.33 3.85
CA GLU A 145 -12.87 10.72 4.00
C GLU A 145 -14.30 10.91 3.48
N ARG A 146 -14.66 10.10 2.50
CA ARG A 146 -15.99 10.17 1.92
C ARG A 146 -17.03 9.59 2.88
N LYS A 147 -16.61 8.54 3.60
CA LYS A 147 -17.48 7.89 4.55
C LYS A 147 -17.37 8.60 5.90
N GLN A 148 -16.16 8.66 6.41
CA GLN A 148 -15.92 9.31 7.69
C GLN A 148 -15.22 10.66 7.47
N LYS A 149 -14.95 11.33 8.58
CA LYS A 149 -14.30 12.62 8.53
C LYS A 149 -12.97 12.55 9.28
N ARG A 150 -11.91 12.96 8.60
CA ARG A 150 -10.58 12.94 9.19
C ARG A 150 -10.29 14.27 9.88
N SER A 151 -9.30 14.24 10.75
CA SER A 151 -8.90 15.44 11.49
C SER A 151 -7.39 15.44 11.70
N GLY A 152 -6.83 16.64 11.66
CA GLY A 152 -5.40 16.81 11.86
C GLY A 152 -4.71 17.20 10.54
N PRO A 153 -4.71 18.53 10.26
CA PRO A 153 -4.10 19.05 9.05
C PRO A 153 -2.58 19.04 9.17
N SER A 154 -1.93 19.44 8.08
CA SER A 154 -0.48 19.48 8.04
C SER A 154 -0.01 20.37 6.90
N SER A 155 -0.06 21.67 7.14
CA SER A 155 0.36 22.64 6.14
C SER A 155 1.61 22.15 5.42
N GLY A 156 2.66 21.91 6.22
CA GLY A 156 3.91 21.43 5.67
C GLY A 156 4.59 22.51 4.82
#